data_7F93
#
_entry.id   7F93
#
_cell.length_a   1.00
_cell.length_b   1.00
_cell.length_c   1.00
_cell.angle_alpha   90.00
_cell.angle_beta   90.00
_cell.angle_gamma   90.00
#
_symmetry.space_group_name_H-M   'P 1'
#
loop_
_entity.id
_entity.type
_entity.pdbx_description
1 polymer 'Gap junction alpha-1 protein'
2 non-polymer TETRADECANE
#
_entity_poly.entity_id   1
_entity_poly.type   'polypeptide(L)'
_entity_poly.pdbx_seq_one_letter_code
;MGDWSALGKLLDKVQAYSTAGGKVWLSVLFIFRILLLGTAVESAWGDEQSAFRCNTQQPGCENVCYDKSFPISHVRFWVL
QIIFVSVPTLLYLAHVFYVMRKEEKLNKKEEELKVAQTDGVNVDMHLKQIEIKKFKYGIEEHGKVKMRGGLLRTYIISIL
FKSIFEVAFLLIQWYIYGFSLSAVYTCKRDPCPHQVDCFLSRPTEKTIFIIFMLVVSLVSLALNIIELFYVFFKGVKDRV
KGKSDPYHATSGALSPAKDCGSQKYAYFNGCSSPTAPLSPMSPPGYKLVTGDRNNSSCRNYNKQASEQNWANYSAEQNRM
GQAGSTISNSHAQPFDFPDDNQNSKKLAAGHELQPLAIVDQRPSSRASSRASSRPRPDDLEI
;
_entity_poly.pdbx_strand_id   A,B,C,D,E,F,G,H,I,J,K,L
#
loop_
_chem_comp.id
_chem_comp.type
_chem_comp.name
_chem_comp.formula
C14 non-polymer TETRADECANE 'C14 H30'
#
# COMPACT_ATOMS: atom_id res chain seq x y z
N GLY A 2 -45.19 -36.34 34.13
CA GLY A 2 -45.51 -37.55 34.87
C GLY A 2 -45.01 -38.81 34.19
N ASP A 3 -44.62 -38.66 32.93
CA ASP A 3 -44.11 -39.77 32.13
C ASP A 3 -42.62 -39.96 32.30
N TRP A 4 -42.04 -39.49 33.39
CA TRP A 4 -40.66 -39.76 33.75
C TRP A 4 -40.53 -41.05 34.54
N SER A 5 -41.66 -41.67 34.89
CA SER A 5 -41.63 -42.91 35.66
C SER A 5 -41.14 -44.07 34.81
N ALA A 6 -41.44 -44.04 33.51
CA ALA A 6 -40.90 -45.06 32.62
C ALA A 6 -39.44 -44.80 32.32
N LEU A 7 -39.02 -43.53 32.35
CA LEU A 7 -37.61 -43.21 32.13
C LEU A 7 -36.79 -43.62 33.34
N GLY A 8 -37.42 -43.73 34.51
CA GLY A 8 -36.70 -44.18 35.69
C GLY A 8 -36.30 -45.64 35.62
N LYS A 9 -37.08 -46.44 34.89
CA LYS A 9 -36.73 -47.85 34.71
C LYS A 9 -35.60 -48.00 33.72
N LEU A 10 -35.53 -47.10 32.74
CA LEU A 10 -34.50 -47.21 31.72
C LEU A 10 -33.14 -46.77 32.24
N LEU A 11 -33.11 -45.75 33.10
CA LEU A 11 -31.84 -45.29 33.64
C LEU A 11 -31.36 -46.17 34.79
N ASP A 12 -32.24 -47.04 35.30
CA ASP A 12 -31.79 -47.99 36.30
C ASP A 12 -31.13 -49.20 35.66
N LYS A 13 -31.68 -49.70 34.56
CA LYS A 13 -31.19 -50.95 34.00
C LYS A 13 -29.91 -50.74 33.21
N VAL A 14 -29.64 -49.53 32.76
CA VAL A 14 -28.42 -49.27 32.00
C VAL A 14 -27.21 -49.27 32.92
N GLN A 15 -27.40 -48.86 34.18
CA GLN A 15 -26.30 -48.75 35.13
C GLN A 15 -26.46 -49.72 36.30
N ALA A 16 -27.05 -50.89 36.05
CA ALA A 16 -27.21 -51.86 37.13
C ALA A 16 -25.92 -52.60 37.43
N TYR A 17 -24.96 -52.56 36.52
CA TYR A 17 -23.69 -53.25 36.70
C TYR A 17 -22.56 -52.31 37.11
N SER A 18 -22.81 -51.01 37.17
CA SER A 18 -21.75 -50.06 37.49
C SER A 18 -21.72 -49.78 38.99
N THR A 19 -20.60 -49.21 39.42
CA THR A 19 -20.41 -48.89 40.83
C THR A 19 -21.14 -47.60 41.20
N ALA A 20 -21.12 -47.28 42.49
CA ALA A 20 -21.74 -46.06 42.96
C ALA A 20 -20.89 -44.83 42.73
N GLY A 21 -19.65 -45.00 42.31
CA GLY A 21 -18.75 -43.89 42.13
C GLY A 21 -18.49 -43.48 40.70
N GLY A 22 -18.80 -44.34 39.73
CA GLY A 22 -18.53 -44.01 38.35
C GLY A 22 -19.65 -43.23 37.70
N LYS A 23 -20.88 -43.52 38.09
CA LYS A 23 -22.01 -42.82 37.50
C LYS A 23 -22.15 -41.38 38.01
N VAL A 24 -21.45 -41.02 39.07
CA VAL A 24 -21.50 -39.67 39.61
C VAL A 24 -20.28 -38.88 39.17
N TRP A 25 -19.19 -39.58 38.88
CA TRP A 25 -17.97 -38.88 38.52
C TRP A 25 -17.82 -38.77 37.00
N LEU A 26 -18.18 -39.82 36.26
CA LEU A 26 -18.04 -39.75 34.82
C LEU A 26 -19.12 -38.90 34.18
N SER A 27 -20.36 -38.96 34.68
CA SER A 27 -21.43 -38.14 34.15
C SER A 27 -21.18 -36.66 34.34
N VAL A 28 -20.55 -36.27 35.44
CA VAL A 28 -20.10 -34.90 35.59
C VAL A 28 -18.91 -34.63 34.68
N LEU A 29 -18.06 -35.64 34.47
CA LEU A 29 -16.91 -35.45 33.59
C LEU A 29 -17.33 -35.31 32.13
N PHE A 30 -18.47 -35.88 31.76
CA PHE A 30 -18.97 -35.65 30.40
C PHE A 30 -19.53 -34.23 30.27
N ILE A 31 -20.17 -33.73 31.31
CA ILE A 31 -20.67 -32.36 31.30
C ILE A 31 -19.52 -31.37 31.35
N PHE A 32 -18.44 -31.74 32.05
CA PHE A 32 -17.29 -30.85 32.16
C PHE A 32 -16.57 -30.71 30.83
N ARG A 33 -16.36 -31.83 30.13
CA ARG A 33 -15.57 -31.79 28.90
C ARG A 33 -16.32 -31.08 27.78
N ILE A 34 -17.64 -31.17 27.75
CA ILE A 34 -18.43 -30.42 26.79
C ILE A 34 -18.36 -28.93 27.08
N LEU A 35 -18.52 -28.56 28.35
CA LEU A 35 -18.60 -27.15 28.71
C LEU A 35 -17.25 -26.46 28.59
N LEU A 36 -16.16 -27.22 28.74
CA LEU A 36 -14.85 -26.64 28.47
C LEU A 36 -14.62 -26.46 26.98
N LEU A 37 -15.15 -27.38 26.17
CA LEU A 37 -14.82 -27.40 24.76
C LEU A 37 -15.58 -26.35 23.98
N GLY A 38 -16.89 -26.27 24.17
CA GLY A 38 -17.72 -25.46 23.29
C GLY A 38 -17.89 -24.03 23.74
N THR A 39 -17.40 -23.71 24.93
CA THR A 39 -17.59 -22.38 25.49
C THR A 39 -16.28 -21.64 25.68
N ALA A 40 -15.28 -22.29 26.26
CA ALA A 40 -14.03 -21.60 26.56
C ALA A 40 -13.04 -21.70 25.42
N VAL A 41 -12.73 -22.92 24.95
CA VAL A 41 -11.60 -23.11 24.05
C VAL A 41 -11.97 -23.04 22.58
N GLU A 42 -13.25 -23.05 22.24
CA GLU A 42 -13.63 -22.88 20.85
C GLU A 42 -13.32 -21.49 20.33
N SER A 43 -13.62 -20.45 21.10
CA SER A 43 -13.27 -19.10 20.74
C SER A 43 -11.77 -18.84 20.74
N ALA A 44 -10.98 -19.66 21.45
CA ALA A 44 -9.55 -19.45 21.50
C ALA A 44 -8.89 -19.82 20.18
N TRP A 45 -9.40 -20.85 19.51
CA TRP A 45 -8.86 -21.26 18.23
C TRP A 45 -9.59 -20.64 17.06
N GLY A 46 -10.16 -19.45 17.25
CA GLY A 46 -10.89 -18.81 16.18
C GLY A 46 -9.99 -18.32 15.08
N ASP A 47 -8.97 -17.56 15.44
CA ASP A 47 -8.02 -17.04 14.46
C ASP A 47 -6.76 -17.91 14.42
N GLU A 48 -6.95 -19.19 14.11
CA GLU A 48 -5.80 -20.05 13.98
C GLU A 48 -5.07 -19.83 12.67
N GLN A 49 -5.75 -19.31 11.65
CA GLN A 49 -5.11 -19.03 10.38
C GLN A 49 -4.95 -17.54 10.09
N SER A 50 -5.87 -16.70 10.54
CA SER A 50 -5.83 -15.29 10.20
C SER A 50 -4.72 -14.53 10.91
N ALA A 51 -4.08 -15.11 11.91
CA ALA A 51 -2.98 -14.47 12.60
C ALA A 51 -1.63 -15.11 12.29
N PHE A 52 -1.64 -16.25 11.61
CA PHE A 52 -0.44 -16.98 11.27
C PHE A 52 0.35 -16.22 10.21
N ARG A 53 1.40 -15.52 10.61
CA ARG A 53 2.19 -14.76 9.67
C ARG A 53 3.57 -15.38 9.50
N CYS A 54 4.06 -15.34 8.27
CA CYS A 54 5.36 -15.89 7.95
C CYS A 54 6.25 -14.78 7.43
N ASN A 55 7.55 -15.03 7.41
CA ASN A 55 8.53 -14.01 7.10
C ASN A 55 9.00 -14.12 5.66
N THR A 56 8.07 -13.93 4.72
CA THR A 56 8.45 -14.01 3.31
C THR A 56 7.50 -13.19 2.45
N GLN A 57 7.90 -13.01 1.20
CA GLN A 57 7.08 -12.37 0.19
C GLN A 57 6.52 -13.37 -0.81
N GLN A 58 6.89 -14.63 -0.69
CA GLN A 58 6.47 -15.63 -1.65
C GLN A 58 4.98 -15.90 -1.49
N PRO A 59 4.18 -15.64 -2.53
CA PRO A 59 2.72 -15.74 -2.37
C PRO A 59 2.29 -17.20 -2.22
N GLY A 60 1.45 -17.46 -1.24
CA GLY A 60 1.03 -18.80 -0.94
C GLY A 60 1.93 -19.57 -0.01
N CYS A 61 3.10 -19.01 0.34
CA CYS A 61 3.99 -19.69 1.27
C CYS A 61 3.39 -19.79 2.66
N GLU A 62 2.50 -18.86 3.03
CA GLU A 62 1.82 -18.98 4.31
C GLU A 62 0.70 -20.01 4.25
N ASN A 63 0.25 -20.35 3.04
CA ASN A 63 -0.79 -21.37 2.93
C ASN A 63 -0.21 -22.76 3.10
N VAL A 64 0.95 -23.02 2.50
CA VAL A 64 1.49 -24.37 2.56
C VAL A 64 2.31 -24.58 3.81
N CYS A 65 2.75 -23.51 4.47
CA CYS A 65 3.51 -23.71 5.70
C CYS A 65 2.61 -23.87 6.90
N TYR A 66 1.42 -23.26 6.86
CA TYR A 66 0.49 -23.42 7.97
C TYR A 66 0.01 -24.85 8.06
N ASP A 67 -0.12 -25.51 6.92
CA ASP A 67 -0.64 -26.87 6.91
C ASP A 67 0.33 -27.85 7.52
N LYS A 68 1.62 -27.66 7.29
CA LYS A 68 2.61 -28.57 7.84
C LYS A 68 2.65 -28.48 9.35
N SER A 69 2.36 -27.31 9.90
CA SER A 69 2.31 -27.16 11.35
C SER A 69 1.03 -27.76 11.91
N PHE A 70 -0.09 -27.61 11.20
CA PHE A 70 -1.38 -28.08 11.67
C PHE A 70 -2.06 -28.93 10.61
N PRO A 71 -1.75 -30.22 10.51
CA PRO A 71 -2.56 -31.08 9.65
C PRO A 71 -4.00 -31.18 10.10
N ILE A 72 -4.25 -31.17 11.39
CA ILE A 72 -5.61 -31.11 11.91
C ILE A 72 -5.56 -30.36 13.22
N SER A 73 -6.41 -29.35 13.35
CA SER A 73 -6.35 -28.47 14.50
C SER A 73 -6.85 -29.21 15.74
N HIS A 74 -6.43 -28.72 16.90
CA HIS A 74 -6.71 -29.42 18.15
C HIS A 74 -8.19 -29.39 18.49
N VAL A 75 -8.91 -28.36 18.06
CA VAL A 75 -10.34 -28.25 18.36
C VAL A 75 -11.14 -29.28 17.61
N ARG A 76 -10.92 -29.42 16.31
CA ARG A 76 -11.59 -30.46 15.56
C ARG A 76 -11.02 -31.83 15.85
N PHE A 77 -9.87 -31.90 16.53
CA PHE A 77 -9.41 -33.17 17.07
C PHE A 77 -10.23 -33.58 18.28
N TRP A 78 -10.41 -32.67 19.23
CA TRP A 78 -11.07 -33.02 20.48
C TRP A 78 -12.57 -33.22 20.28
N VAL A 79 -13.15 -32.58 19.27
CA VAL A 79 -14.52 -32.87 18.92
C VAL A 79 -14.60 -34.26 18.27
N LEU A 80 -13.58 -34.62 17.49
CA LEU A 80 -13.54 -35.95 16.91
C LEU A 80 -13.34 -37.02 17.97
N GLN A 81 -12.65 -36.66 19.06
CA GLN A 81 -12.42 -37.62 20.13
C GLN A 81 -13.67 -37.84 20.95
N ILE A 82 -14.40 -36.76 21.26
CA ILE A 82 -15.47 -36.85 22.26
C ILE A 82 -16.68 -37.61 21.72
N ILE A 83 -16.88 -37.62 20.40
CA ILE A 83 -17.97 -38.43 19.86
C ILE A 83 -17.60 -39.90 19.91
N PHE A 84 -16.32 -40.21 19.69
CA PHE A 84 -15.90 -41.61 19.71
C PHE A 84 -15.89 -42.21 21.10
N VAL A 85 -15.70 -41.40 22.15
CA VAL A 85 -15.80 -41.92 23.50
C VAL A 85 -17.26 -41.99 23.94
N SER A 86 -18.13 -41.17 23.35
CA SER A 86 -19.53 -41.18 23.76
C SER A 86 -20.32 -42.23 23.00
N VAL A 87 -19.89 -42.58 21.78
CA VAL A 87 -20.68 -43.51 20.95
C VAL A 87 -20.82 -44.92 21.50
N PRO A 88 -19.86 -45.52 22.26
CA PRO A 88 -20.20 -46.83 22.82
C PRO A 88 -21.23 -46.75 23.93
N THR A 89 -21.34 -45.61 24.61
CA THR A 89 -22.38 -45.47 25.61
C THR A 89 -23.72 -45.26 24.95
N LEU A 90 -23.74 -44.52 23.84
CA LEU A 90 -25.00 -44.27 23.13
C LEU A 90 -25.50 -45.55 22.47
N LEU A 91 -24.59 -46.36 21.95
CA LEU A 91 -24.99 -47.61 21.31
C LEU A 91 -25.53 -48.60 22.32
N TYR A 92 -24.97 -48.60 23.53
CA TYR A 92 -25.50 -49.46 24.58
C TYR A 92 -26.84 -48.94 25.07
N LEU A 93 -27.04 -47.62 24.98
CA LEU A 93 -28.31 -47.05 25.42
C LEU A 93 -29.42 -47.38 24.45
N ALA A 94 -29.13 -47.35 23.14
CA ALA A 94 -30.16 -47.64 22.17
C ALA A 94 -30.51 -49.11 22.13
N HIS A 95 -29.53 -49.97 22.43
CA HIS A 95 -29.79 -51.40 22.42
C HIS A 95 -30.64 -51.81 23.62
N VAL A 96 -30.37 -51.22 24.79
CA VAL A 96 -31.07 -51.63 26.00
C VAL A 96 -32.49 -51.11 26.01
N PHE A 97 -32.78 -50.09 25.19
CA PHE A 97 -34.15 -49.61 25.10
C PHE A 97 -35.03 -50.60 24.35
N TYR A 98 -34.53 -51.11 23.21
CA TYR A 98 -35.32 -52.04 22.43
C TYR A 98 -35.41 -53.41 23.11
N VAL A 99 -34.40 -53.76 23.91
CA VAL A 99 -34.48 -54.98 24.69
C VAL A 99 -35.56 -54.86 25.76
N MET A 100 -35.67 -53.69 26.38
CA MET A 100 -36.73 -53.45 27.35
C MET A 100 -38.11 -53.45 26.70
N ARG A 101 -38.22 -52.92 25.49
CA ARG A 101 -39.50 -52.90 24.80
C ARG A 101 -39.93 -54.30 24.39
N LYS A 102 -38.98 -55.16 24.06
CA LYS A 102 -39.29 -56.53 23.68
C LYS A 102 -39.87 -57.31 24.86
N GLU A 103 -39.40 -57.01 26.06
CA GLU A 103 -39.91 -57.72 27.22
C GLU A 103 -41.19 -57.11 27.76
N GLU A 104 -41.51 -55.88 27.40
CA GLU A 104 -42.78 -55.32 27.83
C GLU A 104 -43.93 -55.90 27.03
N LYS A 105 -43.67 -56.33 25.79
CA LYS A 105 -44.67 -57.00 24.98
C LYS A 105 -44.65 -58.51 25.13
N LEU A 106 -44.15 -59.02 26.26
CA LEU A 106 -44.14 -60.44 26.56
C LEU A 106 -44.93 -60.80 27.80
N ASN A 107 -44.85 -59.99 28.86
CA ASN A 107 -45.46 -60.32 30.14
C ASN A 107 -46.90 -59.84 30.26
N LYS A 108 -47.46 -59.27 29.19
CA LYS A 108 -48.85 -58.88 29.20
C LYS A 108 -49.70 -59.74 28.27
N LYS A 109 -49.10 -60.75 27.64
CA LYS A 109 -49.81 -61.62 26.72
C LYS A 109 -49.07 -62.95 26.54
N ARG A 148 -29.75 -64.92 31.60
CA ARG A 148 -28.54 -64.50 32.28
C ARG A 148 -27.33 -64.50 31.33
N GLY A 149 -26.66 -63.36 31.26
CA GLY A 149 -25.44 -63.21 30.48
C GLY A 149 -25.64 -62.56 29.12
N GLY A 150 -26.86 -62.30 28.71
CA GLY A 150 -27.10 -61.77 27.38
C GLY A 150 -26.84 -60.28 27.28
N LEU A 151 -27.21 -59.55 28.33
CA LEU A 151 -27.01 -58.12 28.39
C LEU A 151 -25.61 -57.74 28.84
N LEU A 152 -24.94 -58.62 29.56
CA LEU A 152 -23.72 -58.28 30.26
C LEU A 152 -22.51 -58.19 29.34
N ARG A 153 -22.48 -59.00 28.29
CA ARG A 153 -21.31 -59.04 27.39
C ARG A 153 -21.14 -57.73 26.66
N THR A 154 -22.22 -57.17 26.14
CA THR A 154 -22.10 -55.90 25.43
C THR A 154 -21.87 -54.75 26.40
N TYR A 155 -22.20 -54.92 27.67
CA TYR A 155 -21.83 -53.90 28.65
C TYR A 155 -20.33 -53.89 28.87
N ILE A 156 -19.70 -55.06 28.83
CA ILE A 156 -18.25 -55.12 28.97
C ILE A 156 -17.58 -54.50 27.76
N ILE A 157 -18.05 -54.85 26.56
CA ILE A 157 -17.48 -54.36 25.31
C ILE A 157 -17.65 -52.84 25.20
N SER A 158 -18.72 -52.31 25.79
CA SER A 158 -18.98 -50.88 25.70
C SER A 158 -17.97 -50.07 26.51
N ILE A 159 -17.38 -50.66 27.54
CA ILE A 159 -16.37 -49.92 28.30
C ILE A 159 -14.98 -50.15 27.72
N LEU A 160 -14.78 -51.28 27.03
CA LEU A 160 -13.48 -51.54 26.41
C LEU A 160 -13.19 -50.53 25.31
N PHE A 161 -14.16 -50.31 24.43
CA PHE A 161 -13.94 -49.40 23.31
C PHE A 161 -13.95 -47.95 23.75
N LYS A 162 -14.44 -47.67 24.96
CA LYS A 162 -14.27 -46.34 25.52
C LYS A 162 -12.81 -46.06 25.84
N SER A 163 -12.12 -47.02 26.45
CA SER A 163 -10.71 -46.81 26.73
C SER A 163 -9.85 -46.98 25.48
N ILE A 164 -10.19 -47.94 24.63
CA ILE A 164 -9.31 -48.32 23.52
C ILE A 164 -9.24 -47.19 22.49
N PHE A 165 -10.37 -46.53 22.24
CA PHE A 165 -10.35 -45.33 21.42
C PHE A 165 -9.64 -44.18 22.12
N GLU A 166 -9.68 -44.17 23.45
CA GLU A 166 -9.08 -43.05 24.19
C GLU A 166 -7.56 -43.15 24.20
N VAL A 167 -7.02 -44.37 24.33
CA VAL A 167 -5.58 -44.57 24.21
C VAL A 167 -5.14 -44.30 22.78
N ALA A 168 -6.00 -44.62 21.82
CA ALA A 168 -5.64 -44.45 20.41
C ALA A 168 -5.51 -42.99 20.03
N PHE A 169 -6.36 -42.13 20.59
CA PHE A 169 -6.30 -40.72 20.21
C PHE A 169 -5.19 -40.01 20.96
N LEU A 170 -4.76 -40.54 22.10
CA LEU A 170 -3.69 -39.89 22.84
C LEU A 170 -2.35 -40.05 22.14
N LEU A 171 -2.02 -41.28 21.75
CA LEU A 171 -0.70 -41.55 21.19
C LEU A 171 -0.54 -40.94 19.82
N ILE A 172 -1.65 -40.73 19.11
CA ILE A 172 -1.60 -40.03 17.83
C ILE A 172 -1.16 -38.59 18.05
N GLN A 173 -1.64 -37.97 19.13
CA GLN A 173 -1.25 -36.61 19.44
C GLN A 173 0.22 -36.55 19.85
N TRP A 174 0.69 -37.57 20.55
CA TRP A 174 2.12 -37.65 20.86
C TRP A 174 2.93 -37.92 19.61
N TYR A 175 2.39 -38.70 18.67
CA TYR A 175 3.11 -38.97 17.45
C TYR A 175 3.16 -37.75 16.55
N ILE A 176 2.18 -36.84 16.66
CA ILE A 176 2.10 -35.72 15.73
C ILE A 176 2.47 -34.41 16.41
N TYR A 177 1.69 -34.01 17.42
CA TYR A 177 1.79 -32.66 17.97
C TYR A 177 2.59 -32.60 19.25
N GLY A 178 2.69 -33.71 19.97
CA GLY A 178 3.34 -33.67 21.26
C GLY A 178 2.36 -33.21 22.32
N PHE A 179 2.83 -32.43 23.28
CA PHE A 179 1.91 -31.84 24.25
C PHE A 179 2.28 -30.41 24.57
N SER A 180 2.69 -29.66 23.54
CA SER A 180 3.15 -28.30 23.73
C SER A 180 3.04 -27.59 22.39
N LEU A 181 3.42 -26.32 22.37
CA LEU A 181 3.50 -25.56 21.14
C LEU A 181 4.63 -24.57 21.24
N SER A 182 5.52 -24.59 20.25
CA SER A 182 6.63 -23.66 20.21
C SER A 182 6.22 -22.40 19.48
N ALA A 183 6.82 -21.28 19.89
CA ALA A 183 6.37 -19.99 19.41
C ALA A 183 6.95 -19.62 18.06
N VAL A 184 7.89 -20.42 17.55
CA VAL A 184 8.46 -20.20 16.23
C VAL A 184 8.52 -21.54 15.52
N TYR A 185 7.95 -21.60 14.32
CA TYR A 185 8.06 -22.77 13.47
C TYR A 185 8.94 -22.45 12.28
N THR A 186 9.85 -23.37 11.97
CA THR A 186 10.71 -23.28 10.80
C THR A 186 10.12 -24.20 9.75
N CYS A 187 9.83 -23.65 8.57
CA CYS A 187 9.10 -24.36 7.53
C CYS A 187 10.00 -24.60 6.33
N LYS A 188 9.90 -25.78 5.74
CA LYS A 188 10.72 -26.15 4.59
C LYS A 188 9.90 -26.89 3.55
N ARG A 189 8.73 -26.37 3.22
CA ARG A 189 7.90 -26.97 2.17
C ARG A 189 8.05 -26.14 0.91
N ASP A 190 7.39 -26.60 -0.15
CA ASP A 190 7.39 -25.92 -1.43
C ASP A 190 6.09 -25.17 -1.65
N PRO A 191 6.10 -24.03 -2.34
CA PRO A 191 7.15 -23.35 -3.10
C PRO A 191 7.85 -22.24 -2.36
N CYS A 192 8.03 -22.38 -1.06
CA CYS A 192 8.80 -21.41 -0.33
C CYS A 192 10.29 -21.53 -0.69
N PRO A 193 11.09 -20.52 -0.41
CA PRO A 193 12.55 -20.68 -0.52
C PRO A 193 13.13 -21.55 0.59
N HIS A 194 14.46 -21.53 0.73
CA HIS A 194 15.25 -22.46 1.55
C HIS A 194 14.66 -22.76 2.93
N GLN A 195 14.50 -21.75 3.77
CA GLN A 195 13.83 -21.93 5.05
C GLN A 195 13.19 -20.62 5.46
N VAL A 196 11.93 -20.69 5.90
CA VAL A 196 11.20 -19.51 6.32
C VAL A 196 10.77 -19.67 7.77
N ASP A 197 10.61 -18.55 8.45
CA ASP A 197 10.18 -18.52 9.84
C ASP A 197 8.71 -18.15 9.92
N CYS A 198 7.90 -19.02 10.51
CA CYS A 198 6.48 -18.75 10.67
C CYS A 198 6.15 -18.72 12.15
N PHE A 199 5.44 -17.68 12.56
CA PHE A 199 5.12 -17.43 13.95
C PHE A 199 3.66 -17.77 14.20
N LEU A 200 3.41 -18.64 15.18
CA LEU A 200 2.07 -19.12 15.44
C LEU A 200 1.21 -18.04 16.09
N SER A 201 -0.04 -18.40 16.36
CA SER A 201 -0.97 -17.51 17.02
C SER A 201 -1.30 -18.07 18.38
N ARG A 202 -0.90 -17.35 19.43
CA ARG A 202 -1.04 -17.71 20.84
C ARG A 202 -0.55 -19.10 21.18
N PRO A 203 0.76 -19.37 21.21
CA PRO A 203 1.23 -20.69 21.65
C PRO A 203 0.94 -21.01 23.12
N THR A 204 1.08 -20.05 24.03
CA THR A 204 0.93 -20.35 25.45
C THR A 204 -0.52 -20.56 25.85
N GLU A 205 -1.45 -19.78 25.30
CA GLU A 205 -2.87 -20.02 25.58
C GLU A 205 -3.33 -21.33 24.97
N LYS A 206 -2.75 -21.72 23.85
CA LYS A 206 -3.06 -23.04 23.33
C LYS A 206 -2.33 -24.14 24.10
N THR A 207 -1.28 -23.78 24.84
CA THR A 207 -0.57 -24.80 25.62
C THR A 207 -1.37 -25.23 26.83
N ILE A 208 -2.01 -24.28 27.51
CA ILE A 208 -2.69 -24.59 28.76
C ILE A 208 -3.94 -25.42 28.51
N PHE A 209 -4.65 -25.14 27.42
CA PHE A 209 -5.84 -25.91 27.15
C PHE A 209 -5.51 -27.28 26.55
N ILE A 210 -4.28 -27.48 26.08
CA ILE A 210 -3.89 -28.82 25.66
C ILE A 210 -3.69 -29.71 26.88
N ILE A 211 -3.04 -29.17 27.91
CA ILE A 211 -2.76 -29.94 29.11
C ILE A 211 -4.03 -30.25 29.88
N PHE A 212 -5.01 -29.35 29.82
CA PHE A 212 -6.33 -29.67 30.38
C PHE A 212 -7.01 -30.77 29.60
N MET A 213 -6.82 -30.78 28.29
CA MET A 213 -7.41 -31.85 27.51
C MET A 213 -6.60 -33.14 27.63
N LEU A 214 -5.36 -33.05 28.10
CA LEU A 214 -4.63 -34.28 28.43
C LEU A 214 -5.04 -34.81 29.80
N VAL A 215 -5.18 -33.91 30.78
CA VAL A 215 -5.46 -34.33 32.15
C VAL A 215 -6.89 -34.87 32.26
N VAL A 216 -7.85 -34.16 31.67
CA VAL A 216 -9.25 -34.57 31.79
C VAL A 216 -9.51 -35.83 30.97
N SER A 217 -8.75 -36.05 29.91
CA SER A 217 -8.84 -37.33 29.22
C SER A 217 -8.16 -38.44 30.01
N LEU A 218 -7.07 -38.12 30.71
CA LEU A 218 -6.37 -39.14 31.47
C LEU A 218 -7.13 -39.55 32.72
N VAL A 219 -7.81 -38.59 33.35
CA VAL A 219 -8.63 -38.95 34.50
C VAL A 219 -9.89 -39.66 34.03
N SER A 220 -10.27 -39.46 32.76
CA SER A 220 -11.34 -40.27 32.19
C SER A 220 -10.86 -41.70 31.97
N LEU A 221 -9.63 -41.85 31.51
CA LEU A 221 -9.10 -43.18 31.17
C LEU A 221 -8.94 -44.04 32.42
N ALA A 222 -8.47 -43.44 33.51
CA ALA A 222 -8.34 -44.18 34.76
C ALA A 222 -9.69 -44.47 35.38
N LEU A 223 -10.68 -43.61 35.12
CA LEU A 223 -11.99 -43.80 35.74
C LEU A 223 -12.78 -44.89 35.02
N ASN A 224 -12.38 -45.26 33.81
CA ASN A 224 -13.03 -46.40 33.16
C ASN A 224 -12.33 -47.70 33.52
N ILE A 225 -11.02 -47.63 33.78
CA ILE A 225 -10.24 -48.81 34.13
C ILE A 225 -10.67 -49.35 35.48
N ILE A 226 -11.00 -48.45 36.41
CA ILE A 226 -11.39 -48.85 37.75
C ILE A 226 -12.76 -49.52 37.74
N GLU A 227 -13.60 -49.15 36.77
CA GLU A 227 -14.83 -49.91 36.55
C GLU A 227 -14.52 -51.28 35.98
N LEU A 228 -13.50 -51.37 35.13
CA LEU A 228 -13.23 -52.60 34.41
C LEU A 228 -12.69 -53.67 35.34
N PHE A 229 -12.01 -53.27 36.41
CA PHE A 229 -11.59 -54.25 37.41
C PHE A 229 -12.77 -54.72 38.22
N TYR A 230 -13.73 -53.83 38.47
CA TYR A 230 -14.83 -54.14 39.38
C TYR A 230 -15.80 -55.12 38.75
N VAL A 231 -15.95 -55.09 37.43
CA VAL A 231 -16.87 -56.01 36.77
C VAL A 231 -16.23 -57.40 36.67
N PHE A 232 -14.91 -57.47 36.52
CA PHE A 232 -14.24 -58.77 36.47
C PHE A 232 -14.13 -59.38 37.86
N PHE A 233 -13.74 -58.60 38.86
CA PHE A 233 -13.52 -59.09 40.21
C PHE A 233 -14.81 -59.40 40.97
N LYS A 234 -15.97 -59.10 40.39
CA LYS A 234 -17.23 -59.56 40.99
C LYS A 234 -17.36 -61.07 40.85
N GLY A 235 -16.71 -61.64 39.83
CA GLY A 235 -16.73 -63.07 39.62
C GLY A 235 -16.63 -63.43 38.15
N GLY B 2 -47.23 -37.78 29.18
CA GLY B 2 -48.00 -39.01 29.20
C GLY B 2 -48.54 -39.39 27.83
N ASP B 3 -48.47 -38.43 26.91
CA ASP B 3 -48.94 -38.64 25.54
C ASP B 3 -47.88 -39.22 24.64
N TRP B 4 -46.87 -39.89 25.21
CA TRP B 4 -45.88 -40.65 24.45
C TRP B 4 -46.35 -42.06 24.20
N SER B 5 -47.50 -42.46 24.76
CA SER B 5 -48.01 -43.81 24.57
C SER B 5 -48.53 -43.99 23.16
N ALA B 6 -49.08 -42.93 22.57
CA ALA B 6 -49.50 -43.00 21.17
C ALA B 6 -48.30 -42.97 20.24
N LEU B 7 -47.22 -42.30 20.66
CA LEU B 7 -46.02 -42.26 19.85
C LEU B 7 -45.32 -43.62 19.87
N GLY B 8 -45.57 -44.42 20.91
CA GLY B 8 -44.99 -45.74 20.97
C GLY B 8 -45.56 -46.68 19.92
N LYS B 9 -46.82 -46.46 19.54
CA LYS B 9 -47.42 -47.28 18.50
C LYS B 9 -46.90 -46.88 17.13
N LEU B 10 -46.56 -45.60 16.95
CA LEU B 10 -46.10 -45.14 15.65
C LEU B 10 -44.67 -45.58 15.39
N LEU B 11 -43.83 -45.59 16.42
CA LEU B 11 -42.44 -46.00 16.22
C LEU B 11 -42.32 -47.51 16.17
N ASP B 12 -43.36 -48.24 16.56
CA ASP B 12 -43.33 -49.68 16.42
C ASP B 12 -43.70 -50.11 15.00
N LYS B 13 -44.71 -49.45 14.41
CA LYS B 13 -45.21 -49.92 13.12
C LYS B 13 -44.31 -49.49 11.97
N VAL B 14 -43.50 -48.46 12.17
CA VAL B 14 -42.61 -48.01 11.10
C VAL B 14 -41.45 -48.99 10.94
N GLN B 15 -41.03 -49.64 12.02
CA GLN B 15 -39.88 -50.54 12.00
C GLN B 15 -40.28 -51.97 12.29
N ALA B 16 -41.49 -52.38 11.91
CA ALA B 16 -41.91 -53.75 12.15
C ALA B 16 -41.28 -54.73 11.18
N TYR B 17 -40.75 -54.24 10.06
CA TYR B 17 -40.14 -55.09 9.06
C TYR B 17 -38.63 -55.09 9.11
N SER B 18 -38.03 -54.26 9.98
CA SER B 18 -36.58 -54.16 10.02
C SER B 18 -36.00 -55.11 11.06
N THR B 19 -34.70 -55.34 10.94
CA THR B 19 -34.01 -56.25 11.85
C THR B 19 -33.71 -55.55 13.17
N ALA B 20 -33.18 -56.33 14.11
CA ALA B 20 -32.82 -55.79 15.41
C ALA B 20 -31.50 -55.05 15.39
N GLY B 21 -30.75 -55.13 14.30
CA GLY B 21 -29.44 -54.50 14.21
C GLY B 21 -29.37 -53.24 13.40
N GLY B 22 -30.36 -52.97 12.56
CA GLY B 22 -30.32 -51.80 11.72
C GLY B 22 -30.87 -50.57 12.41
N LYS B 23 -31.89 -50.75 13.24
CA LYS B 23 -32.49 -49.62 13.92
C LYS B 23 -31.61 -49.09 15.06
N VAL B 24 -30.59 -49.83 15.46
CA VAL B 24 -29.69 -49.38 16.52
C VAL B 24 -28.40 -48.84 15.93
N TRP B 25 -28.06 -49.31 14.73
CA TRP B 25 -26.80 -48.88 14.13
C TRP B 25 -27.00 -47.70 13.19
N LEU B 26 -28.09 -47.72 12.41
CA LEU B 26 -28.32 -46.61 11.47
C LEU B 26 -28.81 -45.36 12.18
N SER B 27 -29.65 -45.49 13.20
CA SER B 27 -30.13 -44.35 13.95
C SER B 27 -29.01 -43.63 14.68
N VAL B 28 -28.01 -44.37 15.16
CA VAL B 28 -26.82 -43.72 15.70
C VAL B 28 -25.98 -43.15 14.56
N LEU B 29 -25.98 -43.81 13.40
CA LEU B 29 -25.22 -43.29 12.26
C LEU B 29 -25.83 -42.01 11.71
N PHE B 30 -27.13 -41.82 11.87
CA PHE B 30 -27.72 -40.56 11.48
C PHE B 30 -27.35 -39.44 12.44
N ILE B 31 -27.26 -39.77 13.74
CA ILE B 31 -26.85 -38.79 14.74
C ILE B 31 -25.37 -38.49 14.59
N PHE B 32 -24.58 -39.49 14.17
CA PHE B 32 -23.15 -39.29 14.00
C PHE B 32 -22.85 -38.36 12.83
N ARG B 33 -23.53 -38.58 11.70
CA ARG B 33 -23.23 -37.81 10.50
C ARG B 33 -23.65 -36.36 10.64
N ILE B 34 -24.73 -36.09 11.37
CA ILE B 34 -25.13 -34.72 11.64
C ILE B 34 -24.12 -34.04 12.55
N LEU B 35 -23.70 -34.73 13.61
CA LEU B 35 -22.83 -34.11 14.60
C LEU B 35 -21.43 -33.90 14.07
N LEU B 36 -21.01 -34.72 13.12
CA LEU B 36 -19.73 -34.47 12.46
C LEU B 36 -19.83 -33.29 11.50
N LEU B 37 -20.97 -33.13 10.85
CA LEU B 37 -21.09 -32.15 9.79
C LEU B 37 -21.26 -30.74 10.31
N GLY B 38 -22.17 -30.53 11.26
CA GLY B 38 -22.55 -29.19 11.64
C GLY B 38 -21.71 -28.60 12.76
N THR B 39 -20.85 -29.41 13.35
CA THR B 39 -20.05 -28.97 14.50
C THR B 39 -18.56 -28.95 14.21
N ALA B 40 -18.04 -30.02 13.62
CA ALA B 40 -16.60 -30.10 13.40
C ALA B 40 -16.19 -29.53 12.05
N VAL B 41 -16.80 -30.01 10.96
CA VAL B 41 -16.27 -29.70 9.64
C VAL B 41 -16.89 -28.47 9.00
N GLU B 42 -17.97 -27.93 9.56
CA GLU B 42 -18.51 -26.69 9.02
C GLU B 42 -17.59 -25.51 9.24
N SER B 43 -17.00 -25.39 10.43
CA SER B 43 -16.02 -24.36 10.69
C SER B 43 -14.72 -24.55 9.93
N ALA B 44 -14.43 -25.76 9.46
CA ALA B 44 -13.20 -25.99 8.73
C ALA B 44 -13.25 -25.39 7.34
N TRP B 45 -14.41 -25.40 6.71
CA TRP B 45 -14.57 -24.81 5.39
C TRP B 45 -15.05 -23.38 5.45
N GLY B 46 -14.74 -22.66 6.51
CA GLY B 46 -15.20 -21.30 6.64
C GLY B 46 -14.50 -20.36 5.67
N ASP B 47 -13.17 -20.40 5.68
CA ASP B 47 -12.39 -19.56 4.78
C ASP B 47 -11.95 -20.35 3.54
N GLU B 48 -12.93 -20.87 2.81
CA GLU B 48 -12.60 -21.57 1.58
C GLU B 48 -12.24 -20.62 0.47
N GLN B 49 -12.71 -19.38 0.53
CA GLN B 49 -12.37 -18.38 -0.49
C GLN B 49 -11.45 -17.29 0.01
N SER B 50 -11.55 -16.90 1.26
CA SER B 50 -10.76 -15.78 1.76
C SER B 50 -9.29 -16.10 1.93
N ALA B 51 -8.89 -17.36 1.84
CA ALA B 51 -7.48 -17.73 1.93
C ALA B 51 -6.91 -18.19 0.60
N PHE B 52 -7.77 -18.39 -0.40
CA PHE B 52 -7.37 -18.86 -1.71
C PHE B 52 -6.59 -17.78 -2.43
N ARG B 53 -5.28 -17.90 -2.46
CA ARG B 53 -4.45 -16.89 -3.12
C ARG B 53 -3.81 -17.46 -4.38
N CYS B 54 -3.73 -16.62 -5.40
CA CYS B 54 -3.14 -17.02 -6.66
C CYS B 54 -1.93 -16.13 -6.94
N ASN B 55 -1.09 -16.59 -7.86
CA ASN B 55 0.19 -15.95 -8.11
C ASN B 55 0.11 -15.04 -9.33
N THR B 56 -0.73 -14.01 -9.25
CA THR B 56 -0.84 -13.08 -10.37
C THR B 56 -1.31 -11.71 -9.90
N GLN B 57 -1.20 -10.75 -10.81
CA GLN B 57 -1.71 -9.41 -10.60
C GLN B 57 -2.98 -9.15 -11.38
N GLN B 58 -3.42 -10.10 -12.19
CA GLN B 58 -4.57 -9.90 -13.03
C GLN B 58 -5.84 -9.85 -12.19
N PRO B 59 -6.56 -8.73 -12.19
CA PRO B 59 -7.70 -8.57 -11.27
C PRO B 59 -8.85 -9.47 -11.68
N GLY B 60 -9.39 -10.19 -10.70
CA GLY B 60 -10.44 -11.15 -10.96
C GLY B 60 -9.96 -12.53 -11.33
N CYS B 61 -8.65 -12.72 -11.53
CA CYS B 61 -8.13 -14.03 -11.85
C CYS B 61 -8.30 -15.00 -10.70
N GLU B 62 -8.33 -14.51 -9.46
CA GLU B 62 -8.60 -15.39 -8.34
C GLU B 62 -10.07 -15.71 -8.23
N ASN B 63 -10.93 -14.92 -8.87
CA ASN B 63 -12.36 -15.22 -8.84
C ASN B 63 -12.71 -16.35 -9.80
N VAL B 64 -12.12 -16.33 -11.00
CA VAL B 64 -12.49 -17.32 -11.99
C VAL B 64 -11.66 -18.59 -11.83
N CYS B 65 -10.53 -18.52 -11.14
CA CYS B 65 -9.76 -19.75 -10.95
C CYS B 65 -10.23 -20.54 -9.76
N TYR B 66 -10.79 -19.86 -8.75
CA TYR B 66 -11.31 -20.58 -7.60
C TYR B 66 -12.51 -21.43 -8.00
N ASP B 67 -13.29 -20.94 -8.95
CA ASP B 67 -14.49 -21.65 -9.35
C ASP B 67 -14.18 -22.94 -10.07
N LYS B 68 -13.14 -22.95 -10.88
CA LYS B 68 -12.78 -24.15 -11.62
C LYS B 68 -12.30 -25.25 -10.67
N SER B 69 -11.69 -24.86 -9.55
CA SER B 69 -11.27 -25.85 -8.57
C SER B 69 -12.47 -26.35 -7.76
N PHE B 70 -13.40 -25.46 -7.45
CA PHE B 70 -14.56 -25.82 -6.63
C PHE B 70 -15.85 -25.38 -7.30
N PRO B 71 -16.41 -26.19 -8.21
CA PRO B 71 -17.76 -25.88 -8.68
C PRO B 71 -18.79 -25.95 -7.60
N ILE B 72 -18.66 -26.87 -6.66
CA ILE B 72 -19.54 -26.90 -5.50
C ILE B 72 -18.72 -27.43 -4.34
N SER B 73 -18.73 -26.70 -3.22
CA SER B 73 -17.88 -27.05 -2.11
C SER B 73 -18.38 -28.32 -1.43
N HIS B 74 -17.47 -28.99 -0.73
CA HIS B 74 -17.78 -30.29 -0.17
C HIS B 74 -18.81 -30.20 0.95
N VAL B 75 -18.86 -29.06 1.65
CA VAL B 75 -19.81 -28.91 2.76
C VAL B 75 -21.23 -28.78 2.24
N ARG B 76 -21.46 -27.94 1.25
CA ARG B 76 -22.79 -27.87 0.66
C ARG B 76 -23.08 -29.08 -0.21
N PHE B 77 -22.08 -29.89 -0.53
CA PHE B 77 -22.35 -31.18 -1.13
C PHE B 77 -22.90 -32.17 -0.11
N TRP B 78 -22.25 -32.27 1.05
CA TRP B 78 -22.65 -33.27 2.03
C TRP B 78 -23.96 -32.91 2.70
N VAL B 79 -24.28 -31.62 2.77
CA VAL B 79 -25.61 -31.22 3.23
C VAL B 79 -26.65 -31.58 2.17
N LEU B 80 -26.29 -31.44 0.90
CA LEU B 80 -27.19 -31.84 -0.17
C LEU B 80 -27.39 -33.34 -0.19
N GLN B 81 -26.38 -34.10 0.23
CA GLN B 81 -26.50 -35.55 0.25
C GLN B 81 -27.38 -36.01 1.39
N ILE B 82 -27.22 -35.42 2.57
CA ILE B 82 -27.83 -35.97 3.78
C ILE B 82 -29.34 -35.77 3.78
N ILE B 83 -29.84 -34.73 3.10
CA ILE B 83 -31.29 -34.58 3.01
C ILE B 83 -31.86 -35.62 2.07
N PHE B 84 -31.13 -35.94 0.99
CA PHE B 84 -31.62 -36.90 0.03
C PHE B 84 -31.62 -38.32 0.56
N VAL B 85 -30.74 -38.65 1.50
CA VAL B 85 -30.78 -39.97 2.11
C VAL B 85 -31.81 -40.00 3.23
N SER B 86 -32.14 -38.86 3.82
CA SER B 86 -33.11 -38.85 4.90
C SER B 86 -34.54 -38.76 4.38
N VAL B 87 -34.73 -38.15 3.20
CA VAL B 87 -36.09 -37.91 2.68
C VAL B 87 -36.88 -39.17 2.38
N PRO B 88 -36.31 -40.33 1.95
CA PRO B 88 -37.22 -41.49 1.83
C PRO B 88 -37.68 -42.04 3.15
N THR B 89 -36.91 -41.82 4.22
CA THR B 89 -37.37 -42.25 5.54
C THR B 89 -38.44 -41.30 6.05
N LEU B 90 -38.30 -40.01 5.77
CA LEU B 90 -39.28 -39.04 6.21
C LEU B 90 -40.59 -39.22 5.47
N LEU B 91 -40.51 -39.55 4.17
CA LEU B 91 -41.72 -39.74 3.38
C LEU B 91 -42.46 -40.99 3.82
N TYR B 92 -41.72 -42.02 4.22
CA TYR B 92 -42.38 -43.22 4.73
C TYR B 92 -42.96 -42.97 6.11
N LEU B 93 -42.36 -42.04 6.85
CA LEU B 93 -42.87 -41.72 8.17
C LEU B 93 -44.17 -40.94 8.09
N ALA B 94 -44.27 -40.02 7.13
CA ALA B 94 -45.47 -39.22 7.00
C ALA B 94 -46.62 -40.03 6.43
N HIS B 95 -46.30 -41.00 5.59
CA HIS B 95 -47.36 -41.82 5.00
C HIS B 95 -47.94 -42.78 6.03
N VAL B 96 -47.09 -43.35 6.89
CA VAL B 96 -47.55 -44.36 7.82
C VAL B 96 -48.33 -43.71 8.96
N PHE B 97 -48.16 -42.40 9.16
CA PHE B 97 -48.96 -41.73 10.18
C PHE B 97 -50.40 -41.58 9.73
N TYR B 98 -50.60 -41.15 8.48
CA TYR B 98 -51.96 -40.96 8.00
C TYR B 98 -52.66 -42.28 7.76
N VAL B 99 -51.89 -43.34 7.46
CA VAL B 99 -52.48 -44.68 7.36
C VAL B 99 -52.97 -45.14 8.72
N MET B 100 -52.19 -44.86 9.77
CA MET B 100 -52.62 -45.21 11.11
C MET B 100 -53.83 -44.41 11.56
N ARG B 101 -53.92 -43.14 11.16
CA ARG B 101 -55.05 -42.31 11.53
C ARG B 101 -56.32 -42.77 10.81
N LYS B 102 -56.18 -43.28 9.58
CA LYS B 102 -57.34 -43.77 8.84
C LYS B 102 -57.93 -45.00 9.50
N GLU B 103 -57.10 -45.83 10.11
CA GLU B 103 -57.60 -47.03 10.75
C GLU B 103 -58.10 -46.76 12.16
N GLU B 104 -57.70 -45.64 12.77
CA GLU B 104 -58.23 -45.33 14.09
C GLU B 104 -59.66 -44.83 14.00
N LYS B 105 -60.03 -44.23 12.87
CA LYS B 105 -61.40 -43.80 12.63
C LYS B 105 -62.23 -44.86 11.93
N LEU B 106 -61.86 -46.13 12.06
CA LEU B 106 -62.62 -47.24 11.50
C LEU B 106 -63.12 -48.22 12.54
N ASN B 107 -62.32 -48.52 13.56
CA ASN B 107 -62.64 -49.55 14.53
C ASN B 107 -63.42 -49.02 15.72
N LYS B 108 -63.79 -47.73 15.71
CA LYS B 108 -64.64 -47.17 16.75
C LYS B 108 -66.02 -46.83 16.24
N LYS B 109 -66.33 -47.11 14.98
CA LYS B 109 -67.62 -46.79 14.40
C LYS B 109 -67.88 -47.64 13.16
N ARG B 148 -53.00 -57.09 3.58
CA ARG B 148 -51.64 -57.62 3.48
C ARG B 148 -50.97 -57.18 2.19
N GLY B 149 -49.78 -56.58 2.32
CA GLY B 149 -48.98 -56.17 1.19
C GLY B 149 -49.08 -54.71 0.81
N GLY B 150 -49.98 -53.96 1.43
CA GLY B 150 -50.18 -52.58 1.05
C GLY B 150 -49.12 -51.65 1.59
N LEU B 151 -48.71 -51.90 2.83
CA LEU B 151 -47.69 -51.10 3.49
C LEU B 151 -46.28 -51.52 3.11
N LEU B 152 -46.10 -52.77 2.69
CA LEU B 152 -44.79 -53.36 2.56
C LEU B 152 -44.05 -52.89 1.32
N ARG B 153 -44.77 -52.61 0.23
CA ARG B 153 -44.13 -52.23 -1.02
C ARG B 153 -43.40 -50.91 -0.90
N THR B 154 -44.03 -49.92 -0.27
CA THR B 154 -43.37 -48.63 -0.12
C THR B 154 -42.26 -48.69 0.91
N TYR B 155 -42.29 -49.68 1.80
CA TYR B 155 -41.15 -49.86 2.70
C TYR B 155 -39.95 -50.37 1.94
N ILE B 156 -40.18 -51.21 0.92
CA ILE B 156 -39.07 -51.68 0.11
C ILE B 156 -38.49 -50.54 -0.71
N ILE B 157 -39.37 -49.76 -1.34
CA ILE B 157 -38.96 -48.63 -2.19
C ILE B 157 -38.23 -47.59 -1.37
N SER B 158 -38.57 -47.45 -0.09
CA SER B 158 -37.95 -46.44 0.76
C SER B 158 -36.48 -46.77 1.04
N ILE B 159 -36.12 -48.04 1.02
CA ILE B 159 -34.72 -48.40 1.26
C ILE B 159 -33.94 -48.42 -0.06
N LEU B 160 -34.63 -48.64 -1.18
CA LEU B 160 -33.95 -48.63 -2.47
C LEU B 160 -33.41 -47.25 -2.79
N PHE B 161 -34.25 -46.23 -2.63
CA PHE B 161 -33.83 -44.88 -2.97
C PHE B 161 -32.86 -44.30 -1.95
N LYS B 162 -32.76 -44.93 -0.78
CA LYS B 162 -31.69 -44.57 0.14
C LYS B 162 -30.34 -44.97 -0.39
N SER B 163 -30.23 -46.18 -0.93
CA SER B 163 -28.95 -46.58 -1.51
C SER B 163 -28.71 -45.95 -2.87
N ILE B 164 -29.75 -45.82 -3.68
CA ILE B 164 -29.59 -45.42 -5.08
C ILE B 164 -29.13 -43.98 -5.17
N PHE B 165 -29.67 -43.11 -4.30
CA PHE B 165 -29.15 -41.76 -4.20
C PHE B 165 -27.75 -41.74 -3.60
N GLU B 166 -27.42 -42.73 -2.76
CA GLU B 166 -26.12 -42.73 -2.10
C GLU B 166 -25.02 -43.15 -3.06
N VAL B 167 -25.30 -44.12 -3.93
CA VAL B 167 -24.33 -44.48 -4.97
C VAL B 167 -24.20 -43.34 -5.97
N ALA B 168 -25.30 -42.61 -6.20
CA ALA B 168 -25.29 -41.54 -7.18
C ALA B 168 -24.41 -40.38 -6.73
N PHE B 169 -24.42 -40.08 -5.45
CA PHE B 169 -23.64 -38.93 -4.99
C PHE B 169 -22.16 -39.30 -4.83
N LEU B 170 -21.87 -40.58 -4.67
CA LEU B 170 -20.48 -40.99 -4.53
C LEU B 170 -19.72 -40.87 -5.85
N LEU B 171 -20.30 -41.41 -6.92
CA LEU B 171 -19.59 -41.46 -8.20
C LEU B 171 -19.45 -40.09 -8.82
N ILE B 172 -20.37 -39.17 -8.47
CA ILE B 172 -20.24 -37.80 -8.91
C ILE B 172 -19.00 -37.16 -8.30
N GLN B 173 -18.72 -37.49 -7.04
CA GLN B 173 -17.53 -36.96 -6.38
C GLN B 173 -16.27 -37.56 -6.98
N TRP B 174 -16.33 -38.84 -7.37
CA TRP B 174 -15.21 -39.44 -8.08
C TRP B 174 -15.07 -38.86 -9.47
N TYR B 175 -16.19 -38.51 -10.11
CA TYR B 175 -16.11 -37.92 -11.44
C TYR B 175 -15.57 -36.50 -11.39
N ILE B 176 -15.76 -35.80 -10.27
CA ILE B 176 -15.39 -34.40 -10.20
C ILE B 176 -14.16 -34.17 -9.33
N TYR B 177 -14.26 -34.50 -8.04
CA TYR B 177 -13.25 -34.11 -7.08
C TYR B 177 -12.27 -35.22 -6.73
N GLY B 178 -12.67 -36.47 -6.93
CA GLY B 178 -11.81 -37.57 -6.52
C GLY B 178 -12.03 -37.85 -5.05
N PHE B 179 -10.95 -38.20 -4.34
CA PHE B 179 -11.07 -38.35 -2.89
C PHE B 179 -9.86 -37.78 -2.18
N SER B 180 -9.37 -36.65 -2.66
CA SER B 180 -8.15 -36.05 -2.13
C SER B 180 -8.16 -34.58 -2.51
N LEU B 181 -7.12 -33.87 -2.10
CA LEU B 181 -6.93 -32.50 -2.50
C LEU B 181 -5.44 -32.21 -2.62
N SER B 182 -5.03 -31.68 -3.76
CA SER B 182 -3.65 -31.34 -3.98
C SER B 182 -3.38 -29.91 -3.51
N ALA B 183 -2.17 -29.67 -3.05
CA ALA B 183 -1.87 -28.40 -2.40
C ALA B 183 -1.56 -27.29 -3.39
N VAL B 184 -1.44 -27.61 -4.68
CA VAL B 184 -1.20 -26.62 -5.72
C VAL B 184 -2.14 -26.93 -6.87
N TYR B 185 -2.91 -25.93 -7.29
CA TYR B 185 -3.74 -26.05 -8.47
C TYR B 185 -3.18 -25.16 -9.57
N THR B 186 -3.11 -25.70 -10.77
CA THR B 186 -2.71 -24.96 -11.96
C THR B 186 -3.97 -24.60 -12.73
N CYS B 187 -4.16 -23.31 -12.99
CA CYS B 187 -5.40 -22.80 -13.54
C CYS B 187 -5.16 -22.25 -14.94
N LYS B 188 -6.08 -22.52 -15.85
CA LYS B 188 -5.97 -22.07 -17.23
C LYS B 188 -7.31 -21.56 -17.74
N ARG B 189 -7.98 -20.72 -16.98
CA ARG B 189 -9.22 -20.11 -17.42
C ARG B 189 -8.96 -18.68 -17.86
N ASP B 190 -9.99 -18.03 -18.34
CA ASP B 190 -9.90 -16.64 -18.77
C ASP B 190 -10.52 -15.73 -17.73
N PRO B 191 -10.02 -14.49 -17.57
CA PRO B 191 -9.00 -13.75 -18.31
C PRO B 191 -7.62 -13.77 -17.71
N CYS B 192 -7.23 -14.88 -17.10
CA CYS B 192 -5.87 -15.01 -16.62
C CYS B 192 -4.92 -15.15 -17.80
N PRO B 193 -3.62 -14.91 -17.60
CA PRO B 193 -2.63 -15.27 -18.63
C PRO B 193 -2.42 -16.77 -18.73
N HIS B 194 -1.35 -17.17 -19.45
CA HIS B 194 -1.10 -18.54 -19.89
C HIS B 194 -1.37 -19.62 -18.86
N GLN B 195 -0.67 -19.59 -17.73
CA GLN B 195 -0.98 -20.52 -16.65
C GLN B 195 -0.59 -19.87 -15.33
N VAL B 196 -1.48 -19.95 -14.34
CA VAL B 196 -1.23 -19.37 -13.04
C VAL B 196 -1.28 -20.47 -11.98
N ASP B 197 -0.57 -20.24 -10.89
CA ASP B 197 -0.52 -21.17 -9.77
C ASP B 197 -1.41 -20.67 -8.65
N CYS B 198 -2.40 -21.46 -8.25
CA CYS B 198 -3.28 -21.09 -7.16
C CYS B 198 -3.15 -22.11 -6.05
N PHE B 199 -2.96 -21.61 -4.83
CA PHE B 199 -2.70 -22.42 -3.65
C PHE B 199 -3.96 -22.49 -2.80
N LEU B 200 -4.41 -23.71 -2.51
CA LEU B 200 -5.66 -23.90 -1.78
C LEU B 200 -5.51 -23.52 -0.32
N SER B 201 -6.61 -23.65 0.41
CA SER B 201 -6.62 -23.39 1.84
C SER B 201 -6.86 -24.69 2.58
N ARG B 202 -5.86 -25.12 3.35
CA ARG B 202 -5.83 -26.37 4.11
C ARG B 202 -6.19 -27.60 3.30
N PRO B 203 -5.34 -28.09 2.38
CA PRO B 203 -5.65 -29.34 1.70
C PRO B 203 -5.68 -30.57 2.59
N THR B 204 -4.79 -30.70 3.57
CA THR B 204 -4.72 -31.92 4.37
C THR B 204 -5.84 -32.03 5.38
N GLU B 205 -6.24 -30.91 6.00
CA GLU B 205 -7.38 -30.93 6.90
C GLU B 205 -8.67 -31.19 6.13
N LYS B 206 -8.75 -30.73 4.90
CA LYS B 206 -9.89 -31.08 4.08
C LYS B 206 -9.78 -32.50 3.56
N THR B 207 -8.59 -33.08 3.55
CA THR B 207 -8.45 -34.45 3.07
C THR B 207 -9.01 -35.44 4.07
N ILE B 208 -8.76 -35.22 5.35
CA ILE B 208 -9.14 -36.20 6.37
C ILE B 208 -10.65 -36.25 6.53
N PHE B 209 -11.31 -35.09 6.45
CA PHE B 209 -12.75 -35.09 6.60
C PHE B 209 -13.46 -35.55 5.34
N ILE B 210 -12.76 -35.61 4.20
CA ILE B 210 -13.35 -36.21 3.01
C ILE B 210 -13.42 -37.72 3.19
N ILE B 211 -12.35 -38.31 3.69
CA ILE B 211 -12.27 -39.76 3.85
C ILE B 211 -13.23 -40.24 4.94
N PHE B 212 -13.47 -39.41 5.95
CA PHE B 212 -14.52 -39.73 6.92
C PHE B 212 -15.89 -39.67 6.29
N MET B 213 -16.09 -38.72 5.37
CA MET B 213 -17.37 -38.67 4.70
C MET B 213 -17.48 -39.74 3.63
N LEU B 214 -16.36 -40.33 3.21
CA LEU B 214 -16.44 -41.50 2.34
C LEU B 214 -16.73 -42.76 3.14
N VAL B 215 -16.05 -42.91 4.27
CA VAL B 215 -16.17 -44.14 5.07
C VAL B 215 -17.55 -44.22 5.72
N VAL B 216 -18.02 -43.13 6.30
CA VAL B 216 -19.29 -43.15 7.00
C VAL B 216 -20.45 -43.25 6.02
N SER B 217 -20.27 -42.77 4.80
CA SER B 217 -21.27 -43.02 3.77
C SER B 217 -21.21 -44.45 3.27
N LEU B 218 -20.02 -45.04 3.22
CA LEU B 218 -19.88 -46.40 2.72
C LEU B 218 -20.39 -47.41 3.73
N VAL B 219 -20.19 -47.14 5.02
CA VAL B 219 -20.73 -48.04 6.03
C VAL B 219 -22.23 -47.84 6.13
N SER B 220 -22.73 -46.68 5.69
CA SER B 220 -24.16 -46.50 5.57
C SER B 220 -24.71 -47.33 4.41
N LEU B 221 -23.97 -47.36 3.30
CA LEU B 221 -24.44 -48.04 2.11
C LEU B 221 -24.51 -49.55 2.32
N ALA B 222 -23.52 -50.12 3.01
CA ALA B 222 -23.54 -51.54 3.30
C ALA B 222 -24.59 -51.88 4.35
N LEU B 223 -24.90 -50.92 5.23
CA LEU B 223 -25.86 -51.20 6.30
C LEU B 223 -27.29 -51.16 5.77
N ASN B 224 -27.51 -50.57 4.60
CA ASN B 224 -28.84 -50.65 4.02
C ASN B 224 -28.98 -51.87 3.13
N ILE B 225 -27.87 -52.32 2.54
CA ILE B 225 -27.89 -53.49 1.68
C ILE B 225 -28.20 -54.74 2.49
N ILE B 226 -27.68 -54.81 3.72
CA ILE B 226 -27.88 -55.98 4.56
C ILE B 226 -29.33 -56.06 5.02
N GLU B 227 -29.99 -54.92 5.13
CA GLU B 227 -31.43 -54.94 5.34
C GLU B 227 -32.16 -55.43 4.11
N LEU B 228 -31.65 -55.08 2.94
CA LEU B 228 -32.35 -55.37 1.70
C LEU B 228 -32.34 -56.85 1.38
N PHE B 229 -31.30 -57.56 1.82
CA PHE B 229 -31.31 -59.01 1.68
C PHE B 229 -32.29 -59.64 2.65
N TYR B 230 -32.43 -59.06 3.83
CA TYR B 230 -33.22 -59.68 4.88
C TYR B 230 -34.70 -59.60 4.58
N VAL B 231 -35.14 -58.55 3.89
CA VAL B 231 -36.55 -58.42 3.56
C VAL B 231 -36.92 -59.34 2.40
N PHE B 232 -35.98 -59.59 1.48
CA PHE B 232 -36.26 -60.50 0.37
C PHE B 232 -36.18 -61.95 0.84
N PHE B 233 -35.16 -62.30 1.63
CA PHE B 233 -34.94 -63.67 2.05
C PHE B 233 -35.91 -64.15 3.12
N LYS B 234 -36.77 -63.26 3.63
CA LYS B 234 -37.85 -63.70 4.51
C LYS B 234 -38.88 -64.50 3.73
N GLY B 235 -38.98 -64.24 2.43
CA GLY B 235 -39.90 -64.96 1.57
C GLY B 235 -40.42 -64.10 0.43
N GLY C 2 -51.09 -34.56 26.63
CA GLY C 2 -52.41 -35.16 26.47
C GLY C 2 -53.38 -34.25 25.76
N ASP C 3 -53.01 -32.97 25.64
CA ASP C 3 -53.84 -31.97 24.98
C ASP C 3 -53.59 -31.91 23.48
N TRP C 4 -53.06 -32.98 22.89
CA TRP C 4 -52.95 -33.11 21.45
C TRP C 4 -54.21 -33.70 20.83
N SER C 5 -55.17 -34.10 21.66
CA SER C 5 -56.40 -34.69 21.15
C SER C 5 -57.27 -33.63 20.50
N ALA C 6 -57.22 -32.40 21.02
CA ALA C 6 -57.95 -31.31 20.38
C ALA C 6 -57.24 -30.86 19.11
N LEU C 7 -55.91 -31.00 19.07
CA LEU C 7 -55.17 -30.65 17.86
C LEU C 7 -55.42 -31.66 16.76
N GLY C 8 -55.82 -32.88 17.14
CA GLY C 8 -56.13 -33.88 16.13
C GLY C 8 -57.39 -33.56 15.36
N LYS C 9 -58.32 -32.85 16.00
CA LYS C 9 -59.54 -32.44 15.29
C LYS C 9 -59.24 -31.28 14.35
N LEU C 10 -58.29 -30.44 14.69
CA LEU C 10 -57.99 -29.28 13.87
C LEU C 10 -57.22 -29.68 12.62
N LEU C 11 -56.32 -30.65 12.74
CA LEU C 11 -55.55 -31.08 11.57
C LEU C 11 -56.34 -32.01 10.68
N ASP C 12 -57.47 -32.51 11.17
CA ASP C 12 -58.34 -33.32 10.32
C ASP C 12 -59.23 -32.44 9.46
N LYS C 13 -59.77 -31.36 10.03
CA LYS C 13 -60.76 -30.58 9.30
C LYS C 13 -60.11 -29.66 8.28
N VAL C 14 -58.83 -29.34 8.46
CA VAL C 14 -58.16 -28.46 7.49
C VAL C 14 -57.87 -29.21 6.19
N GLN C 15 -57.66 -30.52 6.28
CA GLN C 15 -57.31 -31.33 5.11
C GLN C 15 -58.38 -32.35 4.80
N ALA C 16 -59.65 -32.04 5.06
CA ALA C 16 -60.71 -32.99 4.76
C ALA C 16 -61.05 -33.01 3.28
N TYR C 17 -60.65 -31.99 2.53
CA TYR C 17 -60.93 -31.91 1.11
C TYR C 17 -59.75 -32.30 0.24
N SER C 18 -58.59 -32.55 0.83
CA SER C 18 -57.40 -32.86 0.05
C SER C 18 -57.25 -34.36 -0.15
N THR C 19 -56.41 -34.72 -1.12
CA THR C 19 -56.18 -36.11 -1.44
C THR C 19 -55.21 -36.74 -0.46
N ALA C 20 -55.02 -38.05 -0.60
CA ALA C 20 -54.09 -38.76 0.26
C ALA C 20 -52.64 -38.58 -0.16
N GLY C 21 -52.40 -37.99 -1.32
CA GLY C 21 -51.05 -37.83 -1.83
C GLY C 21 -50.45 -36.46 -1.71
N GLY C 22 -51.27 -35.43 -1.50
CA GLY C 22 -50.76 -34.08 -1.43
C GLY C 22 -50.30 -33.70 -0.04
N LYS C 23 -50.98 -34.21 0.98
CA LYS C 23 -50.60 -33.88 2.35
C LYS C 23 -49.32 -34.59 2.79
N VAL C 24 -48.87 -35.58 2.04
CA VAL C 24 -47.64 -36.31 2.38
C VAL C 24 -46.49 -35.81 1.53
N TRP C 25 -46.80 -35.28 0.36
CA TRP C 25 -45.74 -34.86 -0.54
C TRP C 25 -45.44 -33.37 -0.40
N LEU C 26 -46.49 -32.55 -0.23
CA LEU C 26 -46.26 -31.12 -0.10
C LEU C 26 -45.71 -30.75 1.28
N SER C 27 -46.19 -31.40 2.34
CA SER C 27 -45.68 -31.15 3.68
C SER C 27 -44.22 -31.50 3.82
N VAL C 28 -43.76 -32.55 3.15
CA VAL C 28 -42.33 -32.81 3.09
C VAL C 28 -41.64 -31.80 2.19
N LEU C 29 -42.32 -31.33 1.14
CA LEU C 29 -41.73 -30.34 0.26
C LEU C 29 -41.58 -28.99 0.94
N PHE C 30 -42.43 -28.69 1.93
CA PHE C 30 -42.24 -27.46 2.68
C PHE C 30 -41.05 -27.60 3.62
N ILE C 31 -40.86 -28.78 4.20
CA ILE C 31 -39.71 -29.01 5.07
C ILE C 31 -38.42 -29.05 4.25
N PHE C 32 -38.51 -29.54 3.00
CA PHE C 32 -37.33 -29.61 2.16
C PHE C 32 -36.87 -28.22 1.74
N ARG C 33 -37.80 -27.36 1.33
CA ARG C 33 -37.43 -26.06 0.81
C ARG C 33 -36.87 -25.15 1.91
N ILE C 34 -37.36 -25.29 3.14
CA ILE C 34 -36.78 -24.55 4.26
C ILE C 34 -35.38 -25.04 4.56
N LEU C 35 -35.19 -26.35 4.60
CA LEU C 35 -33.90 -26.90 5.01
C LEU C 35 -32.84 -26.69 3.95
N LEU C 36 -33.24 -26.59 2.68
CA LEU C 36 -32.28 -26.24 1.65
C LEU C 36 -31.91 -24.76 1.74
N LEU C 37 -32.86 -23.92 2.10
CA LEU C 37 -32.65 -22.48 2.03
C LEU C 37 -31.82 -21.95 3.19
N GLY C 38 -32.15 -22.32 4.41
CA GLY C 38 -31.55 -21.68 5.57
C GLY C 38 -30.29 -22.34 6.05
N THR C 39 -29.94 -23.49 5.48
CA THR C 39 -28.79 -24.25 5.94
C THR C 39 -27.70 -24.36 4.88
N ALA C 40 -28.07 -24.71 3.66
CA ALA C 40 -27.08 -24.93 2.62
C ALA C 40 -26.76 -23.65 1.85
N VAL C 41 -27.79 -22.99 1.30
CA VAL C 41 -27.55 -21.92 0.32
C VAL C 41 -27.47 -20.55 0.93
N GLU C 42 -27.83 -20.38 2.21
CA GLU C 42 -27.66 -19.09 2.84
C GLU C 42 -26.21 -18.72 3.04
N SER C 43 -25.38 -19.66 3.48
CA SER C 43 -23.95 -19.44 3.59
C SER C 43 -23.26 -19.28 2.24
N ALA C 44 -23.86 -19.76 1.15
CA ALA C 44 -23.23 -19.63 -0.16
C ALA C 44 -23.28 -18.21 -0.66
N TRP C 45 -24.35 -17.48 -0.36
CA TRP C 45 -24.46 -16.08 -0.77
C TRP C 45 -23.98 -15.13 0.30
N GLY C 46 -23.04 -15.54 1.13
CA GLY C 46 -22.56 -14.68 2.19
C GLY C 46 -21.72 -13.54 1.66
N ASP C 47 -20.73 -13.86 0.86
CA ASP C 47 -19.86 -12.85 0.26
C ASP C 47 -20.30 -12.52 -1.16
N GLU C 48 -21.55 -12.08 -1.29
CA GLU C 48 -22.01 -11.68 -2.60
C GLU C 48 -21.46 -10.32 -3.01
N GLN C 49 -21.08 -9.49 -2.05
CA GLN C 49 -20.51 -8.19 -2.36
C GLN C 49 -19.02 -8.08 -2.05
N SER C 50 -18.55 -8.76 -1.01
CA SER C 50 -17.16 -8.60 -0.60
C SER C 50 -16.17 -9.26 -1.54
N ALA C 51 -16.62 -10.08 -2.49
CA ALA C 51 -15.73 -10.69 -3.45
C ALA C 51 -15.92 -10.11 -4.85
N PHE C 52 -16.95 -9.30 -5.05
CA PHE C 52 -17.24 -8.71 -6.35
C PHE C 52 -16.20 -7.67 -6.70
N ARG C 53 -15.26 -8.02 -7.56
CA ARG C 53 -14.20 -7.08 -7.94
C ARG C 53 -14.37 -6.64 -9.38
N CYS C 54 -14.07 -5.37 -9.63
CA CYS C 54 -14.18 -4.82 -10.96
C CYS C 54 -12.80 -4.32 -11.39
N ASN C 55 -12.66 -4.11 -12.69
CA ASN C 55 -11.37 -3.81 -13.29
C ASN C 55 -11.19 -2.31 -13.51
N THR C 56 -11.22 -1.54 -12.43
CA THR C 56 -11.05 -0.11 -12.56
C THR C 56 -10.48 0.50 -11.29
N GLN C 57 -10.07 1.76 -11.41
CA GLN C 57 -9.62 2.56 -10.29
C GLN C 57 -10.65 3.59 -9.87
N GLN C 58 -11.75 3.70 -10.59
CA GLN C 58 -12.74 4.73 -10.32
C GLN C 58 -13.46 4.41 -9.02
N PRO C 59 -13.36 5.27 -8.01
CA PRO C 59 -13.91 4.94 -6.69
C PRO C 59 -15.43 4.94 -6.71
N GLY C 60 -16.02 3.89 -6.16
CA GLY C 60 -17.45 3.72 -6.18
C GLY C 60 -17.98 3.03 -7.42
N CYS C 61 -17.15 2.77 -8.42
CA CYS C 61 -17.59 2.07 -9.61
C CYS C 61 -17.99 0.64 -9.30
N GLU C 62 -17.41 0.03 -8.27
CA GLU C 62 -17.84 -1.30 -7.87
C GLU C 62 -19.14 -1.26 -7.09
N ASN C 63 -19.51 -0.08 -6.56
CA ASN C 63 -20.77 0.03 -5.85
C ASN C 63 -21.94 0.13 -6.81
N VAL C 64 -21.79 0.90 -7.89
CA VAL C 64 -22.91 1.11 -8.79
C VAL C 64 -22.98 0.01 -9.84
N CYS C 65 -21.88 -0.72 -10.06
CA CYS C 65 -21.95 -1.80 -11.04
C CYS C 65 -22.49 -3.08 -10.43
N TYR C 66 -22.26 -3.29 -9.13
CA TYR C 66 -22.79 -4.48 -8.48
C TYR C 66 -24.31 -4.44 -8.46
N ASP C 67 -24.87 -3.24 -8.33
CA ASP C 67 -26.30 -3.12 -8.21
C ASP C 67 -27.01 -3.46 -9.50
N LYS C 68 -26.42 -3.09 -10.64
CA LYS C 68 -27.04 -3.37 -11.92
C LYS C 68 -27.07 -4.86 -12.19
N SER C 69 -26.08 -5.60 -11.68
CA SER C 69 -26.10 -7.05 -11.81
C SER C 69 -27.10 -7.68 -10.88
N PHE C 70 -27.23 -7.15 -9.67
CA PHE C 70 -28.11 -7.73 -8.65
C PHE C 70 -29.02 -6.66 -8.08
N PRO C 71 -30.15 -6.35 -8.71
CA PRO C 71 -31.13 -5.50 -8.04
C PRO C 71 -31.70 -6.12 -6.79
N ILE C 72 -31.88 -7.43 -6.77
CA ILE C 72 -32.28 -8.12 -5.55
C ILE C 72 -31.67 -9.51 -5.60
N SER C 73 -30.96 -9.88 -4.54
CA SER C 73 -30.23 -11.13 -4.54
C SER C 73 -31.19 -12.31 -4.49
N HIS C 74 -30.69 -13.46 -4.94
CA HIS C 74 -31.55 -14.62 -5.08
C HIS C 74 -32.00 -15.16 -3.74
N VAL C 75 -31.20 -14.97 -2.69
CA VAL C 75 -31.55 -15.48 -1.37
C VAL C 75 -32.71 -14.71 -0.77
N ARG C 76 -32.64 -13.38 -0.79
CA ARG C 76 -33.77 -12.60 -0.33
C ARG C 76 -34.94 -12.62 -1.31
N PHE C 77 -34.72 -13.12 -2.53
CA PHE C 77 -35.83 -13.42 -3.42
C PHE C 77 -36.57 -14.67 -2.96
N TRP C 78 -35.85 -15.75 -2.69
CA TRP C 78 -36.50 -17.02 -2.37
C TRP C 78 -37.11 -16.99 -0.99
N VAL C 79 -36.58 -16.16 -0.08
CA VAL C 79 -37.25 -15.96 1.20
C VAL C 79 -38.52 -15.15 0.99
N LEU C 80 -38.50 -14.20 0.06
CA LEU C 80 -39.70 -13.45 -0.26
C LEU C 80 -40.74 -14.32 -0.94
N GLN C 81 -40.29 -15.34 -1.66
CA GLN C 81 -41.23 -16.23 -2.33
C GLN C 81 -41.90 -17.17 -1.35
N ILE C 82 -41.12 -17.72 -0.42
CA ILE C 82 -41.60 -18.83 0.40
C ILE C 82 -42.65 -18.36 1.41
N ILE C 83 -42.60 -17.10 1.82
CA ILE C 83 -43.64 -16.61 2.71
C ILE C 83 -44.93 -16.41 1.94
N PHE C 84 -44.83 -15.98 0.68
CA PHE C 84 -46.02 -15.75 -0.11
C PHE C 84 -46.72 -17.03 -0.52
N VAL C 85 -45.99 -18.14 -0.64
CA VAL C 85 -46.64 -19.42 -0.93
C VAL C 85 -47.17 -20.04 0.36
N SER C 86 -46.59 -19.69 1.51
CA SER C 86 -47.07 -20.27 2.76
C SER C 86 -48.24 -19.50 3.34
N VAL C 87 -48.33 -18.19 3.04
CA VAL C 87 -49.37 -17.35 3.66
C VAL C 87 -50.80 -17.72 3.31
N PRO C 88 -51.15 -18.26 2.11
CA PRO C 88 -52.55 -18.68 1.96
C PRO C 88 -52.89 -19.92 2.77
N THR C 89 -51.91 -20.75 3.07
CA THR C 89 -52.17 -21.90 3.94
C THR C 89 -52.31 -21.45 5.38
N LEU C 90 -51.51 -20.47 5.79
CA LEU C 90 -51.59 -19.97 7.15
C LEU C 90 -52.89 -19.22 7.39
N LEU C 91 -53.35 -18.48 6.38
CA LEU C 91 -54.60 -17.73 6.51
C LEU C 91 -55.78 -18.66 6.58
N TYR C 92 -55.72 -19.77 5.85
CA TYR C 92 -56.80 -20.76 5.93
C TYR C 92 -56.74 -21.50 7.25
N LEU C 93 -55.55 -21.61 7.83
CA LEU C 93 -55.42 -22.29 9.12
C LEU C 93 -55.98 -21.44 10.24
N ALA C 94 -55.75 -20.13 10.19
CA ALA C 94 -56.25 -19.26 11.25
C ALA C 94 -57.75 -19.08 11.16
N HIS C 95 -58.30 -19.12 9.95
CA HIS C 95 -59.73 -18.96 9.80
C HIS C 95 -60.48 -20.19 10.28
N VAL C 96 -59.94 -21.39 10.01
CA VAL C 96 -60.65 -22.62 10.34
C VAL C 96 -60.59 -22.88 11.83
N PHE C 97 -59.64 -22.25 12.53
CA PHE C 97 -59.58 -22.42 13.97
C PHE C 97 -60.72 -21.66 14.64
N TYR C 98 -60.94 -20.41 14.22
CA TYR C 98 -62.00 -19.62 14.83
C TYR C 98 -63.39 -20.11 14.42
N VAL C 99 -63.49 -20.72 13.23
CA VAL C 99 -64.75 -21.34 12.83
C VAL C 99 -65.04 -22.54 13.71
N MET C 100 -64.02 -23.33 14.05
CA MET C 100 -64.20 -24.45 14.95
C MET C 100 -64.55 -24.00 16.36
N ARG C 101 -63.97 -22.90 16.81
CA ARG C 101 -64.27 -22.40 18.14
C ARG C 101 -65.69 -21.86 18.23
N LYS C 102 -66.21 -21.29 17.14
CA LYS C 102 -67.57 -20.78 17.12
C LYS C 102 -68.58 -21.91 17.23
N GLU C 103 -68.26 -23.06 16.68
CA GLU C 103 -69.20 -24.18 16.76
C GLU C 103 -69.06 -24.96 18.06
N GLU C 104 -67.94 -24.81 18.77
CA GLU C 104 -67.83 -25.49 20.05
C GLU C 104 -68.66 -24.77 21.11
N LYS C 105 -68.88 -23.47 20.95
CA LYS C 105 -69.73 -22.71 21.84
C LYS C 105 -71.19 -22.65 21.37
N LEU C 106 -71.61 -23.63 20.57
CA LEU C 106 -72.99 -23.73 20.11
C LEU C 106 -73.68 -25.01 20.54
N ASN C 107 -72.98 -26.14 20.52
CA ASN C 107 -73.58 -27.44 20.78
C ASN C 107 -73.57 -27.82 22.25
N LYS C 108 -73.10 -26.92 23.13
CA LYS C 108 -73.15 -27.16 24.56
C LYS C 108 -74.14 -26.25 25.26
N LYS C 109 -74.87 -25.42 24.52
CA LYS C 109 -75.83 -24.48 25.11
C LYS C 109 -76.84 -24.03 24.05
N ARG C 148 -73.38 -26.14 4.41
CA ARG C 148 -72.68 -26.71 3.26
C ARG C 148 -72.23 -25.61 2.28
N GLY C 149 -70.94 -25.60 1.99
CA GLY C 149 -70.38 -24.70 1.01
C GLY C 149 -69.69 -23.48 1.59
N GLY C 150 -69.77 -23.27 2.91
CA GLY C 150 -69.22 -22.07 3.51
C GLY C 150 -67.72 -22.14 3.69
N LEU C 151 -67.24 -23.31 4.06
CA LEU C 151 -65.82 -23.54 4.28
C LEU C 151 -65.08 -23.84 2.99
N LEU C 152 -65.78 -24.34 1.97
CA LEU C 152 -65.15 -24.92 0.80
C LEU C 152 -64.61 -23.87 -0.15
N ARG C 153 -65.28 -22.71 -0.24
CA ARG C 153 -64.90 -21.68 -1.20
C ARG C 153 -63.53 -21.11 -0.87
N THR C 154 -63.27 -20.82 0.39
CA THR C 154 -61.97 -20.28 0.76
C THR C 154 -60.89 -21.34 0.70
N TYR C 155 -61.27 -22.62 0.75
CA TYR C 155 -60.27 -23.67 0.53
C TYR C 155 -59.84 -23.68 -0.92
N ILE C 156 -60.76 -23.40 -1.84
CA ILE C 156 -60.40 -23.34 -3.25
C ILE C 156 -59.50 -22.14 -3.50
N ILE C 157 -59.86 -20.99 -2.96
CA ILE C 157 -59.11 -19.75 -3.15
C ILE C 157 -57.72 -19.86 -2.54
N SER C 158 -57.58 -20.65 -1.48
CA SER C 158 -56.29 -20.80 -0.81
C SER C 158 -55.28 -21.55 -1.68
N ILE C 159 -55.76 -22.42 -2.58
CA ILE C 159 -54.83 -23.13 -3.45
C ILE C 159 -54.58 -22.34 -4.73
N LEU C 160 -55.53 -21.48 -5.12
CA LEU C 160 -55.33 -20.66 -6.31
C LEU C 160 -54.19 -19.68 -6.12
N PHE C 161 -54.18 -18.98 -4.99
CA PHE C 161 -53.16 -17.97 -4.75
C PHE C 161 -51.83 -18.60 -4.41
N LYS C 162 -51.81 -19.89 -4.08
CA LYS C 162 -50.55 -20.60 -3.96
C LYS C 162 -49.88 -20.76 -5.31
N SER C 163 -50.63 -21.13 -6.33
CA SER C 163 -50.04 -21.25 -7.65
C SER C 163 -49.83 -19.89 -8.30
N ILE C 164 -50.76 -18.95 -8.11
CA ILE C 164 -50.76 -17.71 -8.86
C ILE C 164 -49.58 -16.84 -8.45
N PHE C 165 -49.27 -16.82 -7.15
CA PHE C 165 -48.05 -16.18 -6.70
C PHE C 165 -46.81 -16.93 -7.14
N GLU C 166 -46.93 -18.24 -7.34
CA GLU C 166 -45.76 -19.04 -7.71
C GLU C 166 -45.40 -18.83 -9.18
N VAL C 167 -46.40 -18.73 -10.05
CA VAL C 167 -46.14 -18.39 -11.45
C VAL C 167 -45.63 -16.96 -11.55
N ALA C 168 -46.10 -16.08 -10.66
CA ALA C 168 -45.72 -14.68 -10.72
C ALA C 168 -44.25 -14.49 -10.36
N PHE C 169 -43.74 -15.26 -9.41
CA PHE C 169 -42.35 -15.08 -9.01
C PHE C 169 -41.40 -15.76 -9.97
N LEU C 170 -41.88 -16.74 -10.72
CA LEU C 170 -41.01 -17.42 -11.68
C LEU C 170 -40.70 -16.53 -12.87
N LEU C 171 -41.73 -15.93 -13.47
CA LEU C 171 -41.55 -15.18 -14.70
C LEU C 171 -40.80 -13.89 -14.45
N ILE C 172 -40.87 -13.36 -13.23
CA ILE C 172 -40.08 -12.20 -12.85
C ILE C 172 -38.60 -12.55 -12.89
N GLN C 173 -38.25 -13.76 -12.45
CA GLN C 173 -36.87 -14.20 -12.49
C GLN C 173 -36.40 -14.40 -13.93
N TRP C 174 -37.29 -14.90 -14.78
CA TRP C 174 -36.97 -15.00 -16.20
C TRP C 174 -36.87 -13.62 -16.83
N TYR C 175 -37.69 -12.67 -16.38
CA TYR C 175 -37.62 -11.33 -16.94
C TYR C 175 -36.36 -10.62 -16.49
N ILE C 176 -35.81 -10.97 -15.33
CA ILE C 176 -34.68 -10.23 -14.78
C ILE C 176 -33.39 -11.01 -14.87
N TYR C 177 -33.33 -12.16 -14.20
CA TYR C 177 -32.07 -12.87 -14.00
C TYR C 177 -31.89 -14.04 -14.95
N GLY C 178 -32.98 -14.58 -15.48
CA GLY C 178 -32.86 -15.76 -16.30
C GLY C 178 -32.81 -16.98 -15.43
N PHE C 179 -32.01 -17.99 -15.81
CA PHE C 179 -31.81 -19.13 -14.94
C PHE C 179 -30.38 -19.58 -14.93
N SER C 180 -29.45 -18.63 -14.94
CA SER C 180 -28.04 -18.93 -15.02
C SER C 180 -27.27 -17.73 -14.49
N LEU C 181 -25.96 -17.83 -14.49
CA LEU C 181 -25.10 -16.71 -14.15
C LEU C 181 -23.82 -16.79 -14.95
N SER C 182 -23.49 -15.70 -15.63
CA SER C 182 -22.27 -15.63 -16.40
C SER C 182 -21.12 -15.15 -15.55
N ALA C 183 -19.93 -15.62 -15.86
CA ALA C 183 -18.79 -15.38 -14.99
C ALA C 183 -18.15 -14.02 -15.21
N VAL C 184 -18.57 -13.29 -16.24
CA VAL C 184 -18.08 -11.95 -16.49
C VAL C 184 -19.27 -11.06 -16.81
N TYR C 185 -19.39 -9.96 -16.08
CA TYR C 185 -20.40 -8.95 -16.37
C TYR C 185 -19.72 -7.70 -16.92
N THR C 186 -20.29 -7.16 -17.99
CA THR C 186 -19.85 -5.89 -18.57
C THR C 186 -20.81 -4.82 -18.09
N CYS C 187 -20.27 -3.78 -17.47
CA CYS C 187 -21.07 -2.75 -16.81
C CYS C 187 -20.91 -1.43 -17.53
N LYS C 188 -22.02 -0.71 -17.67
CA LYS C 188 -22.01 0.59 -18.35
C LYS C 188 -22.88 1.59 -17.60
N ARG C 189 -22.70 1.70 -16.30
CA ARG C 189 -23.41 2.68 -15.51
C ARG C 189 -22.48 3.84 -15.20
N ASP C 190 -23.02 4.85 -14.54
CA ASP C 190 -22.25 6.02 -14.14
C ASP C 190 -21.93 5.95 -12.65
N PRO C 191 -20.77 6.49 -12.22
CA PRO C 191 -19.74 7.27 -12.90
C PRO C 191 -18.55 6.49 -13.37
N CYS C 192 -18.74 5.26 -13.80
CA CYS C 192 -17.64 4.51 -14.38
C CYS C 192 -17.29 5.10 -15.75
N PRO C 193 -16.11 4.79 -16.27
CA PRO C 193 -15.82 5.11 -17.68
C PRO C 193 -16.56 4.20 -18.65
N HIS C 194 -16.17 4.25 -19.94
CA HIS C 194 -16.88 3.67 -21.07
C HIS C 194 -17.47 2.29 -20.84
N GLN C 195 -16.62 1.30 -20.54
CA GLN C 195 -17.12 -0.01 -20.17
C GLN C 195 -16.10 -0.68 -19.27
N VAL C 196 -16.58 -1.27 -18.17
CA VAL C 196 -15.71 -1.95 -17.22
C VAL C 196 -16.13 -3.40 -17.11
N ASP C 197 -15.17 -4.25 -16.75
CA ASP C 197 -15.40 -5.67 -16.57
C ASP C 197 -15.50 -5.99 -15.09
N CYS C 198 -16.62 -6.57 -14.67
CA CYS C 198 -16.80 -6.95 -13.28
C CYS C 198 -17.01 -8.45 -13.21
N PHE C 199 -16.27 -9.09 -12.31
CA PHE C 199 -16.24 -10.54 -12.16
C PHE C 199 -17.03 -10.93 -10.94
N LEU C 200 -18.01 -11.80 -11.11
CA LEU C 200 -18.90 -12.18 -10.02
C LEU C 200 -18.19 -13.08 -9.01
N SER C 201 -18.93 -13.46 -7.98
CA SER C 201 -18.42 -14.35 -6.96
C SER C 201 -19.18 -15.66 -7.03
N ARG C 202 -18.47 -16.73 -7.38
CA ARG C 202 -18.97 -18.09 -7.59
C ARG C 202 -20.18 -18.17 -8.50
N PRO C 203 -20.05 -17.98 -9.82
CA PRO C 203 -21.21 -18.19 -10.70
C PRO C 203 -21.71 -19.61 -10.78
N THR C 204 -20.85 -20.62 -10.79
CA THR C 204 -21.31 -21.99 -10.96
C THR C 204 -21.98 -22.56 -9.73
N GLU C 205 -21.47 -22.23 -8.53
CA GLU C 205 -22.13 -22.66 -7.31
C GLU C 205 -23.47 -21.97 -7.14
N LYS C 206 -23.57 -20.74 -7.62
CA LYS C 206 -24.86 -20.08 -7.61
C LYS C 206 -25.76 -20.60 -8.72
N THR C 207 -25.17 -21.23 -9.75
CA THR C 207 -26.00 -21.75 -10.83
C THR C 207 -26.75 -23.00 -10.40
N ILE C 208 -26.11 -23.88 -9.64
CA ILE C 208 -26.71 -25.16 -9.30
C ILE C 208 -27.85 -24.97 -8.32
N PHE C 209 -27.70 -24.04 -7.38
CA PHE C 209 -28.77 -23.82 -6.42
C PHE C 209 -29.92 -23.01 -7.02
N ILE C 210 -29.69 -22.35 -8.16
CA ILE C 210 -30.81 -21.70 -8.85
C ILE C 210 -31.70 -22.74 -9.48
N ILE C 211 -31.09 -23.75 -10.11
CA ILE C 211 -31.85 -24.78 -10.82
C ILE C 211 -32.59 -25.67 -9.82
N PHE C 212 -32.02 -25.87 -8.63
CA PHE C 212 -32.77 -26.55 -7.57
C PHE C 212 -33.95 -25.72 -7.11
N MET C 213 -33.78 -24.41 -7.07
CA MET C 213 -34.91 -23.59 -6.68
C MET C 213 -35.90 -23.43 -7.83
N LEU C 214 -35.48 -23.73 -9.06
CA LEU C 214 -36.46 -23.79 -10.14
C LEU C 214 -37.22 -25.11 -10.13
N VAL C 215 -36.50 -26.21 -9.92
CA VAL C 215 -37.10 -27.54 -10.00
C VAL C 215 -38.05 -27.77 -8.82
N VAL C 216 -37.61 -27.41 -7.61
CA VAL C 216 -38.43 -27.66 -6.44
C VAL C 216 -39.63 -26.73 -6.39
N SER C 217 -39.52 -25.55 -7.01
CA SER C 217 -40.69 -24.71 -7.16
C SER C 217 -41.62 -25.25 -8.25
N LEU C 218 -41.05 -25.84 -9.30
CA LEU C 218 -41.88 -26.35 -10.39
C LEU C 218 -42.60 -27.62 -9.99
N VAL C 219 -41.96 -28.47 -9.19
CA VAL C 219 -42.65 -29.66 -8.70
C VAL C 219 -43.66 -29.27 -7.63
N SER C 220 -43.47 -28.11 -7.01
CA SER C 220 -44.51 -27.57 -6.13
C SER C 220 -45.69 -27.10 -6.94
N LEU C 221 -45.44 -26.46 -8.08
CA LEU C 221 -46.50 -25.89 -8.89
C LEU C 221 -47.39 -26.97 -9.49
N ALA C 222 -46.77 -28.06 -9.96
CA ALA C 222 -47.56 -29.16 -10.50
C ALA C 222 -48.29 -29.92 -9.41
N LEU C 223 -47.74 -29.92 -8.19
CA LEU C 223 -48.37 -30.66 -7.11
C LEU C 223 -49.58 -29.92 -6.55
N ASN C 224 -49.70 -28.63 -6.82
CA ASN C 224 -50.92 -27.93 -6.43
C ASN C 224 -51.98 -28.01 -7.53
N ILE C 225 -51.54 -28.10 -8.78
CA ILE C 225 -52.46 -28.18 -9.90
C ILE C 225 -53.23 -29.50 -9.87
N ILE C 226 -52.55 -30.57 -9.47
CA ILE C 226 -53.16 -31.89 -9.44
C ILE C 226 -54.22 -31.96 -8.33
N GLU C 227 -54.03 -31.17 -7.27
CA GLU C 227 -55.09 -31.02 -6.29
C GLU C 227 -56.26 -30.24 -6.87
N LEU C 228 -55.96 -29.26 -7.71
CA LEU C 228 -56.99 -28.35 -8.20
C LEU C 228 -57.92 -29.04 -9.17
N PHE C 229 -57.43 -30.05 -9.88
CA PHE C 229 -58.32 -30.85 -10.72
C PHE C 229 -59.20 -31.74 -9.86
N TYR C 230 -58.66 -32.23 -8.75
CA TYR C 230 -59.36 -33.22 -7.96
C TYR C 230 -60.54 -32.61 -7.21
N VAL C 231 -60.43 -31.34 -6.84
CA VAL C 231 -61.53 -30.69 -6.13
C VAL C 231 -62.64 -30.32 -7.09
N PHE C 232 -62.30 -29.98 -8.34
CA PHE C 232 -63.33 -29.67 -9.32
C PHE C 232 -64.00 -30.94 -9.84
N PHE C 233 -63.22 -31.97 -10.15
CA PHE C 233 -63.75 -33.21 -10.73
C PHE C 233 -64.50 -34.08 -9.73
N LYS C 234 -64.51 -33.71 -8.45
CA LYS C 234 -65.37 -34.39 -7.49
C LYS C 234 -66.84 -34.08 -7.77
N GLY C 235 -67.09 -32.92 -8.38
CA GLY C 235 -68.44 -32.52 -8.73
C GLY C 235 -68.63 -31.01 -8.68
N GLY D 2 -52.72 -30.11 29.14
CA GLY D 2 -54.12 -30.07 29.52
C GLY D 2 -54.52 -28.74 30.15
N ASP D 3 -53.52 -27.95 30.51
CA ASP D 3 -53.74 -26.65 31.12
C ASP D 3 -53.89 -25.53 30.10
N TRP D 4 -54.26 -25.87 28.87
CA TRP D 4 -54.63 -24.91 27.86
C TRP D 4 -56.10 -24.52 27.93
N SER D 5 -56.86 -25.18 28.81
CA SER D 5 -58.28 -24.88 28.94
C SER D 5 -58.49 -23.54 29.62
N ALA D 6 -57.59 -23.18 30.54
CA ALA D 6 -57.67 -21.85 31.15
C ALA D 6 -57.18 -20.79 30.18
N LEU D 7 -56.26 -21.14 29.28
CA LEU D 7 -55.80 -20.18 28.29
C LEU D 7 -56.88 -19.93 27.24
N GLY D 8 -57.80 -20.88 27.08
CA GLY D 8 -58.89 -20.67 26.14
C GLY D 8 -59.86 -19.61 26.60
N LYS D 9 -59.99 -19.43 27.92
CA LYS D 9 -60.86 -18.38 28.43
C LYS D 9 -60.21 -17.01 28.28
N LEU D 10 -58.88 -16.97 28.35
CA LEU D 10 -58.19 -15.69 28.26
C LEU D 10 -58.15 -15.17 26.83
N LEU D 11 -58.00 -16.08 25.85
CA LEU D 11 -57.96 -15.64 24.47
C LEU D 11 -59.36 -15.37 23.93
N ASP D 12 -60.38 -15.80 24.65
CA ASP D 12 -61.74 -15.46 24.24
C ASP D 12 -62.13 -14.07 24.70
N LYS D 13 -61.76 -13.71 25.93
CA LYS D 13 -62.24 -12.45 26.49
C LYS D 13 -61.47 -11.26 25.95
N VAL D 14 -60.26 -11.48 25.45
CA VAL D 14 -59.47 -10.37 24.91
C VAL D 14 -60.03 -9.92 23.56
N GLN D 15 -60.62 -10.85 22.81
CA GLN D 15 -61.13 -10.55 21.48
C GLN D 15 -62.65 -10.70 21.40
N ALA D 16 -63.35 -10.43 22.48
CA ALA D 16 -64.81 -10.55 22.46
C ALA D 16 -65.46 -9.37 21.75
N TYR D 17 -64.74 -8.28 21.57
CA TYR D 17 -65.28 -7.09 20.93
C TYR D 17 -64.82 -6.95 19.48
N SER D 18 -63.94 -7.81 19.01
CA SER D 18 -63.41 -7.68 17.66
C SER D 18 -64.24 -8.49 16.67
N THR D 19 -64.06 -8.18 15.40
CA THR D 19 -64.78 -8.85 14.34
C THR D 19 -64.15 -10.21 14.04
N ALA D 20 -64.82 -10.94 13.15
CA ALA D 20 -64.31 -12.24 12.74
C ALA D 20 -63.21 -12.15 11.71
N GLY D 21 -62.96 -10.96 11.17
CA GLY D 21 -61.97 -10.79 10.13
C GLY D 21 -60.68 -10.15 10.54
N GLY D 22 -60.65 -9.50 11.70
CA GLY D 22 -59.44 -8.82 12.13
C GLY D 22 -58.50 -9.73 12.89
N LYS D 23 -59.05 -10.66 13.66
CA LYS D 23 -58.22 -11.57 14.42
C LYS D 23 -57.55 -12.63 13.56
N VAL D 24 -57.97 -12.79 12.32
CA VAL D 24 -57.37 -13.78 11.42
C VAL D 24 -56.43 -13.09 10.45
N TRP D 25 -56.65 -11.80 10.20
CA TRP D 25 -55.82 -11.11 9.23
C TRP D 25 -54.69 -10.36 9.91
N LEU D 26 -54.96 -9.74 11.06
CA LEU D 26 -53.90 -9.01 11.74
C LEU D 26 -52.91 -9.92 12.44
N SER D 27 -53.38 -11.02 13.04
CA SER D 27 -52.50 -11.98 13.68
C SER D 27 -51.54 -12.64 12.70
N VAL D 28 -51.99 -12.88 11.48
CA VAL D 28 -51.06 -13.33 10.45
C VAL D 28 -50.17 -12.18 10.00
N LEU D 29 -50.69 -10.95 10.01
CA LEU D 29 -49.87 -9.81 9.63
C LEU D 29 -48.79 -9.51 10.66
N PHE D 30 -49.02 -9.87 11.92
CA PHE D 30 -47.96 -9.73 12.90
C PHE D 30 -46.87 -10.78 12.69
N ILE D 31 -47.27 -11.99 12.31
CA ILE D 31 -46.31 -13.05 12.03
C ILE D 31 -45.56 -12.75 10.73
N PHE D 32 -46.24 -12.10 9.78
CA PHE D 32 -45.61 -11.77 8.51
C PHE D 32 -44.54 -10.70 8.69
N ARG D 33 -44.84 -9.64 9.46
CA ARG D 33 -43.92 -8.54 9.59
C ARG D 33 -42.68 -8.92 10.38
N ILE D 34 -42.82 -9.81 11.35
CA ILE D 34 -41.66 -10.32 12.07
C ILE D 34 -40.79 -11.17 11.16
N LEU D 35 -41.41 -12.06 10.38
CA LEU D 35 -40.64 -13.00 9.57
C LEU D 35 -39.97 -12.31 8.40
N LEU D 36 -40.55 -11.21 7.92
CA LEU D 36 -39.87 -10.44 6.90
C LEU D 36 -38.70 -9.67 7.49
N LEU D 37 -38.83 -9.21 8.72
CA LEU D 37 -37.85 -8.30 9.29
C LEU D 37 -36.60 -9.03 9.76
N GLY D 38 -36.75 -10.11 10.52
CA GLY D 38 -35.62 -10.72 11.19
C GLY D 38 -34.91 -11.78 10.38
N THR D 39 -35.48 -12.14 9.23
CA THR D 39 -34.91 -13.21 8.43
C THR D 39 -34.44 -12.73 7.07
N ALA D 40 -35.23 -11.94 6.37
CA ALA D 40 -34.87 -11.52 5.02
C ALA D 40 -34.08 -10.22 5.02
N VAL D 41 -34.62 -9.17 5.63
CA VAL D 41 -34.06 -7.83 5.46
C VAL D 41 -33.02 -7.45 6.49
N GLU D 42 -32.87 -8.21 7.56
CA GLU D 42 -31.81 -7.93 8.52
C GLU D 42 -30.44 -8.18 7.95
N SER D 43 -30.25 -9.28 7.23
CA SER D 43 -28.99 -9.55 6.55
C SER D 43 -28.71 -8.59 5.39
N ALA D 44 -29.74 -7.93 4.86
CA ALA D 44 -29.53 -7.03 3.74
C ALA D 44 -28.85 -5.75 4.20
N TRP D 45 -29.16 -5.28 5.40
CA TRP D 45 -28.53 -4.08 5.94
C TRP D 45 -27.31 -4.40 6.79
N GLY D 46 -26.63 -5.50 6.52
CA GLY D 46 -25.48 -5.87 7.31
C GLY D 46 -24.31 -4.95 7.08
N ASP D 47 -23.94 -4.76 5.83
CA ASP D 47 -22.84 -3.89 5.46
C ASP D 47 -23.35 -2.51 5.03
N GLU D 48 -24.07 -1.86 5.94
CA GLU D 48 -24.53 -0.51 5.63
C GLU D 48 -23.42 0.51 5.74
N GLN D 49 -22.38 0.21 6.54
CA GLN D 49 -21.25 1.13 6.66
C GLN D 49 -19.97 0.62 6.01
N SER D 50 -19.74 -0.68 6.00
CA SER D 50 -18.49 -1.21 5.50
C SER D 50 -18.36 -1.13 3.99
N ALA D 51 -19.43 -0.83 3.27
CA ALA D 51 -19.37 -0.68 1.83
C ALA D 51 -19.53 0.77 1.38
N PHE D 52 -19.88 1.66 2.30
CA PHE D 52 -20.10 3.07 2.01
C PHE D 52 -18.77 3.73 1.70
N ARG D 53 -18.48 3.95 0.42
CA ARG D 53 -17.22 4.57 0.04
C ARG D 53 -17.46 5.97 -0.51
N CYS D 54 -16.55 6.87 -0.19
CA CYS D 54 -16.64 8.24 -0.64
C CYS D 54 -15.42 8.56 -1.49
N ASN D 55 -15.51 9.64 -2.25
CA ASN D 55 -14.51 9.98 -3.23
C ASN D 55 -13.55 11.04 -2.70
N THR D 56 -12.83 10.72 -1.63
CA THR D 56 -11.88 11.67 -1.08
C THR D 56 -10.76 10.96 -0.33
N GLN D 57 -9.75 11.74 0.00
CA GLN D 57 -8.63 11.30 0.82
C GLN D 57 -8.70 11.85 2.22
N GLN D 58 -9.67 12.71 2.51
CA GLN D 58 -9.74 13.36 3.80
C GLN D 58 -10.14 12.35 4.86
N PRO D 59 -9.30 12.11 5.86
CA PRO D 59 -9.58 11.04 6.83
C PRO D 59 -10.75 11.39 7.72
N GLY D 60 -11.68 10.47 7.87
CA GLY D 60 -12.88 10.70 8.64
C GLY D 60 -14.01 11.32 7.85
N CYS D 61 -13.78 11.72 6.60
CA CYS D 61 -14.85 12.28 5.79
C CYS D 61 -15.92 11.25 5.48
N GLU D 62 -15.56 9.97 5.45
CA GLU D 62 -16.58 8.94 5.26
C GLU D 62 -17.35 8.67 6.54
N ASN D 63 -16.79 9.09 7.69
CA ASN D 63 -17.51 8.91 8.94
C ASN D 63 -18.59 9.95 9.11
N VAL D 64 -18.30 11.21 8.77
CA VAL D 64 -19.27 12.26 9.00
C VAL D 64 -20.24 12.38 7.83
N CYS D 65 -19.89 11.85 6.66
CA CYS D 65 -20.84 11.93 5.57
C CYS D 65 -21.83 10.80 5.59
N TYR D 66 -21.46 9.65 6.13
CA TYR D 66 -22.39 8.54 6.24
C TYR D 66 -23.52 8.89 7.19
N ASP D 67 -23.21 9.66 8.22
CA ASP D 67 -24.21 9.97 9.23
C ASP D 67 -25.29 10.90 8.68
N LYS D 68 -24.90 11.84 7.83
CA LYS D 68 -25.88 12.77 7.28
C LYS D 68 -26.85 12.05 6.36
N SER D 69 -26.40 10.99 5.70
CA SER D 69 -27.30 10.20 4.87
C SER D 69 -28.20 9.32 5.73
N PHE D 70 -27.67 8.76 6.80
CA PHE D 70 -28.43 7.85 7.65
C PHE D 70 -28.34 8.28 9.11
N PRO D 71 -29.19 9.20 9.57
CA PRO D 71 -29.26 9.46 11.01
C PRO D 71 -29.74 8.25 11.78
N ILE D 72 -30.65 7.47 11.24
CA ILE D 72 -31.04 6.22 11.85
C ILE D 72 -31.41 5.26 10.74
N SER D 73 -30.82 4.07 10.77
CA SER D 73 -30.99 3.12 9.68
C SER D 73 -32.40 2.58 9.68
N HIS D 74 -32.83 2.09 8.52
CA HIS D 74 -34.21 1.67 8.35
C HIS D 74 -34.53 0.42 9.17
N VAL D 75 -33.53 -0.43 9.42
CA VAL D 75 -33.76 -1.65 10.16
C VAL D 75 -34.03 -1.36 11.62
N ARG D 76 -33.20 -0.54 12.26
CA ARG D 76 -33.48 -0.14 13.62
C ARG D 76 -34.64 0.84 13.72
N PHE D 77 -35.08 1.39 12.59
CA PHE D 77 -36.34 2.12 12.57
C PHE D 77 -37.52 1.18 12.65
N TRP D 78 -37.53 0.14 11.82
CA TRP D 78 -38.69 -0.74 11.74
C TRP D 78 -38.80 -1.63 12.97
N VAL D 79 -37.67 -1.91 13.63
CA VAL D 79 -37.74 -2.59 14.92
C VAL D 79 -38.29 -1.64 15.97
N LEU D 80 -37.93 -0.36 15.89
CA LEU D 80 -38.50 0.62 16.81
C LEU D 80 -39.98 0.81 16.58
N GLN D 81 -40.43 0.63 15.33
CA GLN D 81 -41.85 0.79 15.03
C GLN D 81 -42.66 -0.39 15.55
N ILE D 82 -42.15 -1.61 15.36
CA ILE D 82 -42.96 -2.80 15.58
C ILE D 82 -43.22 -3.03 17.07
N ILE D 83 -42.33 -2.57 17.94
CA ILE D 83 -42.61 -2.69 19.37
C ILE D 83 -43.68 -1.70 19.78
N PHE D 84 -43.67 -0.51 19.17
CA PHE D 84 -44.65 0.50 19.52
C PHE D 84 -46.05 0.17 19.04
N VAL D 85 -46.18 -0.59 17.95
CA VAL D 85 -47.49 -1.03 17.52
C VAL D 85 -47.94 -2.26 18.29
N SER D 86 -47.00 -3.03 18.83
CA SER D 86 -47.38 -4.23 19.57
C SER D 86 -47.66 -3.91 21.03
N VAL D 87 -47.05 -2.86 21.57
CA VAL D 87 -47.19 -2.57 23.01
C VAL D 87 -48.59 -2.21 23.47
N PRO D 88 -49.49 -1.56 22.67
CA PRO D 88 -50.84 -1.40 23.21
C PRO D 88 -51.63 -2.70 23.27
N THR D 89 -51.28 -3.67 22.42
CA THR D 89 -51.94 -4.97 22.53
C THR D 89 -51.41 -5.75 23.72
N LEU D 90 -50.11 -5.62 23.99
CA LEU D 90 -49.53 -6.32 25.13
C LEU D 90 -50.02 -5.74 26.43
N LEU D 91 -50.19 -4.42 26.48
CA LEU D 91 -50.67 -3.77 27.70
C LEU D 91 -52.12 -4.13 27.98
N TYR D 92 -52.92 -4.28 26.92
CA TYR D 92 -54.29 -4.72 27.12
C TYR D 92 -54.35 -6.18 27.50
N LEU D 93 -53.35 -6.95 27.08
CA LEU D 93 -53.32 -8.37 27.43
C LEU D 93 -52.96 -8.56 28.89
N ALA D 94 -52.02 -7.76 29.40
CA ALA D 94 -51.61 -7.91 30.79
C ALA D 94 -52.67 -7.39 31.74
N HIS D 95 -53.43 -6.38 31.31
CA HIS D 95 -54.48 -5.84 32.16
C HIS D 95 -55.65 -6.80 32.27
N VAL D 96 -56.01 -7.45 31.16
CA VAL D 96 -57.20 -8.31 31.16
C VAL D 96 -56.92 -9.61 31.89
N PHE D 97 -55.64 -9.95 32.07
CA PHE D 97 -55.32 -11.15 32.83
C PHE D 97 -55.57 -10.93 34.32
N TYR D 98 -55.12 -9.79 34.85
CA TYR D 98 -55.31 -9.52 36.26
C TYR D 98 -56.75 -9.20 36.59
N VAL D 99 -57.50 -8.66 35.62
CA VAL D 99 -58.93 -8.46 35.81
C VAL D 99 -59.64 -9.80 35.91
N MET D 100 -59.23 -10.76 35.08
CA MET D 100 -59.81 -12.10 35.16
C MET D 100 -59.45 -12.80 36.46
N ARG D 101 -58.23 -12.59 36.95
CA ARG D 101 -57.83 -13.21 38.20
C ARG D 101 -58.57 -12.63 39.39
N LYS D 102 -58.91 -11.33 39.32
CA LYS D 102 -59.66 -10.69 40.40
C LYS D 102 -61.07 -11.25 40.51
N GLU D 103 -61.65 -11.63 39.38
CA GLU D 103 -63.00 -12.17 39.42
C GLU D 103 -63.01 -13.66 39.71
N GLU D 104 -61.89 -14.35 39.55
CA GLU D 104 -61.87 -15.77 39.92
C GLU D 104 -61.81 -15.93 41.44
N LYS D 105 -61.25 -14.94 42.14
CA LYS D 105 -61.24 -14.95 43.59
C LYS D 105 -62.43 -14.23 44.20
N LEU D 106 -63.54 -14.14 43.48
CA LEU D 106 -64.77 -13.55 43.97
C LEU D 106 -65.95 -14.51 43.99
N ASN D 107 -66.08 -15.36 42.98
CA ASN D 107 -67.24 -16.22 42.82
C ASN D 107 -67.07 -17.57 43.51
N LYS D 108 -65.96 -17.77 44.23
CA LYS D 108 -65.77 -18.98 45.01
C LYS D 108 -65.81 -18.71 46.50
N LYS D 109 -66.07 -17.49 46.92
CA LYS D 109 -66.10 -17.12 48.34
C LYS D 109 -66.88 -15.84 48.54
N ARG D 148 -70.54 -3.16 33.42
CA ARG D 148 -70.64 -2.82 32.00
C ARG D 148 -69.91 -1.51 31.71
N GLY D 149 -68.99 -1.56 30.74
CA GLY D 149 -68.27 -0.40 30.28
C GLY D 149 -66.88 -0.24 30.85
N GLY D 150 -66.48 -1.08 31.82
CA GLY D 150 -65.20 -0.90 32.46
C GLY D 150 -64.04 -1.42 31.62
N LEU D 151 -64.26 -2.55 30.96
CA LEU D 151 -63.26 -3.17 30.12
C LEU D 151 -63.21 -2.55 28.73
N LEU D 152 -64.29 -1.94 28.28
CA LEU D 152 -64.45 -1.56 26.89
C LEU D 152 -63.67 -0.31 26.53
N ARG D 153 -63.53 0.62 27.48
CA ARG D 153 -62.87 1.90 27.19
C ARG D 153 -61.40 1.70 26.86
N THR D 154 -60.71 0.86 27.62
CA THR D 154 -59.30 0.63 27.34
C THR D 154 -59.12 -0.23 26.10
N TYR D 155 -60.15 -0.97 25.70
CA TYR D 155 -60.06 -1.68 24.42
C TYR D 155 -60.12 -0.70 23.27
N ILE D 156 -60.89 0.37 23.41
CA ILE D 156 -60.94 1.39 22.37
C ILE D 156 -59.61 2.12 22.28
N ILE D 157 -59.07 2.51 23.44
CA ILE D 157 -57.81 3.25 23.52
C ILE D 157 -56.66 2.41 22.98
N SER D 158 -56.74 1.09 23.13
CA SER D 158 -55.67 0.20 22.69
C SER D 158 -55.57 0.16 21.17
N ILE D 159 -56.68 0.40 20.46
CA ILE D 159 -56.61 0.41 19.00
C ILE D 159 -56.29 1.81 18.48
N LEU D 160 -56.61 2.85 19.26
CA LEU D 160 -56.27 4.21 18.83
C LEU D 160 -54.77 4.41 18.77
N PHE D 161 -54.06 4.00 19.82
CA PHE D 161 -52.63 4.22 19.87
C PHE D 161 -51.89 3.26 18.93
N LYS D 162 -52.55 2.21 18.47
CA LYS D 162 -51.97 1.40 17.41
C LYS D 162 -51.90 2.17 16.10
N SER D 163 -52.96 2.87 15.74
CA SER D 163 -52.92 3.66 14.52
C SER D 163 -52.12 4.94 14.70
N ILE D 164 -52.24 5.58 15.87
CA ILE D 164 -51.69 6.92 16.05
C ILE D 164 -50.17 6.88 16.04
N PHE D 165 -49.60 5.84 16.65
CA PHE D 165 -48.16 5.63 16.52
C PHE D 165 -47.77 5.22 15.11
N GLU D 166 -48.68 4.58 14.38
CA GLU D 166 -48.36 4.11 13.05
C GLU D 166 -48.34 5.25 12.04
N VAL D 167 -49.27 6.19 12.17
CA VAL D 167 -49.23 7.39 11.34
C VAL D 167 -48.02 8.24 11.71
N ALA D 168 -47.64 8.23 12.98
CA ALA D 168 -46.53 9.06 13.44
C ALA D 168 -45.21 8.58 12.87
N PHE D 169 -45.03 7.27 12.74
CA PHE D 169 -43.75 6.77 12.25
C PHE D 169 -43.67 6.86 10.73
N LEU D 170 -44.81 6.92 10.06
CA LEU D 170 -44.79 7.01 8.61
C LEU D 170 -44.35 8.39 8.14
N LEU D 171 -44.93 9.44 8.72
CA LEU D 171 -44.66 10.79 8.25
C LEU D 171 -43.26 11.25 8.61
N ILE D 172 -42.70 10.66 9.68
CA ILE D 172 -41.31 10.92 10.02
C ILE D 172 -40.39 10.40 8.92
N GLN D 173 -40.72 9.25 8.36
CA GLN D 173 -39.93 8.69 7.27
C GLN D 173 -40.06 9.53 6.02
N TRP D 174 -41.26 10.07 5.78
CA TRP D 174 -41.44 11.00 4.67
C TRP D 174 -40.71 12.31 4.94
N TYR D 175 -40.67 12.74 6.20
CA TYR D 175 -39.97 13.98 6.50
C TYR D 175 -38.46 13.81 6.39
N ILE D 176 -37.95 12.59 6.58
CA ILE D 176 -36.51 12.39 6.61
C ILE D 176 -36.01 11.67 5.37
N TYR D 177 -36.46 10.43 5.16
CA TYR D 177 -35.87 9.57 4.15
C TYR D 177 -36.67 9.52 2.86
N GLY D 178 -37.95 9.82 2.91
CA GLY D 178 -38.77 9.67 1.73
C GLY D 178 -39.23 8.25 1.60
N PHE D 179 -39.30 7.74 0.38
CA PHE D 179 -39.61 6.32 0.20
C PHE D 179 -38.77 5.72 -0.91
N SER D 180 -37.51 6.10 -0.98
CA SER D 180 -36.62 5.65 -2.04
C SER D 180 -35.20 5.84 -1.55
N LEU D 181 -34.24 5.48 -2.40
CA LEU D 181 -32.84 5.72 -2.13
C LEU D 181 -32.12 5.99 -3.43
N SER D 182 -31.40 7.09 -3.48
CA SER D 182 -30.63 7.44 -4.66
C SER D 182 -29.23 6.84 -4.57
N ALA D 183 -28.68 6.51 -5.73
CA ALA D 183 -27.44 5.75 -5.76
C ALA D 183 -26.22 6.62 -5.58
N VAL D 184 -26.37 7.94 -5.56
CA VAL D 184 -25.27 8.85 -5.34
C VAL D 184 -25.74 9.91 -4.35
N TYR D 185 -24.99 10.08 -3.27
CA TYR D 185 -25.24 11.15 -2.32
C TYR D 185 -24.13 12.18 -2.40
N THR D 186 -24.52 13.45 -2.44
CA THR D 186 -23.58 14.57 -2.40
C THR D 186 -23.56 15.10 -0.99
N CYS D 187 -22.38 15.16 -0.39
CA CYS D 187 -22.21 15.47 1.02
C CYS D 187 -21.49 16.79 1.18
N LYS D 188 -21.95 17.61 2.13
CA LYS D 188 -21.36 18.91 2.37
C LYS D 188 -21.23 19.18 3.87
N ARG D 189 -20.70 18.22 4.61
CA ARG D 189 -20.46 18.41 6.04
C ARG D 189 -18.98 18.68 6.25
N ASP D 190 -18.63 18.93 7.50
CA ASP D 190 -17.25 19.18 7.88
C ASP D 190 -16.64 17.95 8.55
N PRO D 191 -15.34 17.69 8.40
CA PRO D 191 -14.27 18.46 7.78
C PRO D 191 -13.93 18.06 6.36
N CYS D 192 -14.93 17.66 5.58
CA CYS D 192 -14.67 17.39 4.18
C CYS D 192 -14.42 18.69 3.44
N PRO D 193 -13.82 18.63 2.24
CA PRO D 193 -13.78 19.83 1.38
C PRO D 193 -15.13 20.16 0.77
N HIS D 194 -15.13 21.06 -0.23
CA HIS D 194 -16.31 21.72 -0.79
C HIS D 194 -17.52 20.82 -1.00
N GLN D 195 -17.38 19.79 -1.84
CA GLN D 195 -18.44 18.81 -1.99
C GLN D 195 -17.82 17.48 -2.40
N VAL D 196 -18.26 16.40 -1.76
CA VAL D 196 -17.75 15.07 -2.04
C VAL D 196 -18.89 14.18 -2.47
N ASP D 197 -18.56 13.17 -3.27
CA ASP D 197 -19.53 12.20 -3.76
C ASP D 197 -19.41 10.92 -2.96
N CYS D 198 -20.50 10.50 -2.33
CA CYS D 198 -20.51 9.26 -1.57
C CYS D 198 -21.54 8.31 -2.18
N PHE D 199 -21.11 7.08 -2.41
CA PHE D 199 -21.91 6.07 -3.08
C PHE D 199 -22.43 5.08 -2.06
N LEU D 200 -23.74 4.88 -2.02
CA LEU D 200 -24.36 4.04 -1.02
C LEU D 200 -24.09 2.56 -1.30
N SER D 201 -24.61 1.72 -0.43
CA SER D 201 -24.48 0.27 -0.57
C SER D 201 -25.86 -0.31 -0.84
N ARG D 202 -26.04 -0.87 -2.03
CA ARG D 202 -27.28 -1.44 -2.55
C ARG D 202 -28.48 -0.54 -2.42
N PRO D 203 -28.61 0.54 -3.21
CA PRO D 203 -29.84 1.34 -3.15
C PRO D 203 -31.09 0.63 -3.61
N THR D 204 -31.04 -0.19 -4.66
CA THR D 204 -32.23 -0.81 -5.21
C THR D 204 -32.77 -1.94 -4.34
N GLU D 205 -31.87 -2.75 -3.76
CA GLU D 205 -32.32 -3.78 -2.83
C GLU D 205 -32.89 -3.18 -1.56
N LYS D 206 -32.36 -2.02 -1.15
CA LYS D 206 -32.96 -1.34 -0.03
C LYS D 206 -34.24 -0.62 -0.44
N THR D 207 -34.43 -0.38 -1.74
CA THR D 207 -35.65 0.30 -2.18
C THR D 207 -36.85 -0.62 -2.10
N ILE D 208 -36.67 -1.88 -2.48
CA ILE D 208 -37.81 -2.80 -2.57
C ILE D 208 -38.31 -3.16 -1.18
N PHE D 209 -37.41 -3.32 -0.23
CA PHE D 209 -37.85 -3.66 1.12
C PHE D 209 -38.40 -2.45 1.86
N ILE D 210 -38.14 -1.24 1.37
CA ILE D 210 -38.78 -0.07 1.97
C ILE D 210 -40.26 -0.05 1.58
N ILE D 211 -40.54 -0.32 0.30
CA ILE D 211 -41.91 -0.27 -0.20
C ILE D 211 -42.73 -1.41 0.39
N PHE D 212 -42.12 -2.55 0.69
CA PHE D 212 -42.82 -3.59 1.42
C PHE D 212 -43.11 -3.17 2.85
N MET D 213 -42.20 -2.42 3.45
CA MET D 213 -42.47 -1.94 4.79
C MET D 213 -43.44 -0.76 4.76
N LEU D 214 -43.62 -0.12 3.61
CA LEU D 214 -44.67 0.88 3.51
C LEU D 214 -46.03 0.23 3.28
N VAL D 215 -46.08 -0.78 2.41
CA VAL D 215 -47.34 -1.41 2.04
C VAL D 215 -47.90 -2.22 3.21
N VAL D 216 -47.04 -3.00 3.87
CA VAL D 216 -47.50 -3.87 4.95
C VAL D 216 -47.87 -3.04 6.19
N SER D 217 -47.25 -1.88 6.35
CA SER D 217 -47.69 -0.97 7.40
C SER D 217 -48.99 -0.28 7.02
N LEU D 218 -49.18 0.02 5.73
CA LEU D 218 -50.39 0.70 5.31
C LEU D 218 -51.59 -0.23 5.33
N VAL D 219 -51.39 -1.50 4.99
CA VAL D 219 -52.49 -2.44 5.09
C VAL D 219 -52.76 -2.78 6.55
N SER D 220 -51.78 -2.57 7.42
CA SER D 220 -52.02 -2.66 8.85
C SER D 220 -52.87 -1.49 9.32
N LEU D 221 -52.58 -0.30 8.80
CA LEU D 221 -53.27 0.90 9.25
C LEU D 221 -54.74 0.88 8.85
N ALA D 222 -55.03 0.42 7.64
CA ALA D 222 -56.43 0.32 7.21
C ALA D 222 -57.15 -0.81 7.93
N LEU D 223 -56.42 -1.84 8.34
CA LEU D 223 -57.06 -2.98 8.99
C LEU D 223 -57.41 -2.66 10.44
N ASN D 224 -56.81 -1.62 11.01
CA ASN D 224 -57.22 -1.21 12.35
C ASN D 224 -58.35 -0.21 12.29
N ILE D 225 -58.40 0.59 11.22
CA ILE D 225 -59.44 1.58 11.04
C ILE D 225 -60.80 0.92 10.84
N ILE D 226 -60.81 -0.21 10.13
CA ILE D 226 -62.05 -0.92 9.84
C ILE D 226 -62.60 -1.55 11.10
N GLU D 227 -61.73 -1.89 12.04
CA GLU D 227 -62.21 -2.30 13.36
C GLU D 227 -62.78 -1.12 14.12
N LEU D 228 -62.18 0.06 13.92
CA LEU D 228 -62.56 1.22 14.72
C LEU D 228 -63.94 1.72 14.34
N PHE D 229 -64.34 1.52 13.09
CA PHE D 229 -65.70 1.86 12.71
C PHE D 229 -66.68 0.86 13.30
N TYR D 230 -66.28 -0.39 13.39
CA TYR D 230 -67.20 -1.46 13.78
C TYR D 230 -67.54 -1.36 15.27
N VAL D 231 -66.61 -0.88 16.09
CA VAL D 231 -66.88 -0.76 17.51
C VAL D 231 -67.77 0.45 17.80
N PHE D 232 -67.63 1.51 16.99
CA PHE D 232 -68.49 2.68 17.18
C PHE D 232 -69.89 2.43 16.62
N PHE D 233 -69.98 1.84 15.43
CA PHE D 233 -71.26 1.63 14.76
C PHE D 233 -72.09 0.51 15.36
N LYS D 234 -71.54 -0.22 16.34
CA LYS D 234 -72.37 -1.16 17.09
C LYS D 234 -73.38 -0.44 17.96
N GLY D 235 -73.04 0.80 18.35
CA GLY D 235 -73.92 1.62 19.16
C GLY D 235 -73.16 2.55 20.09
N GLY E 2 -50.74 -28.28 34.13
CA GLY E 2 -51.69 -28.22 35.23
C GLY E 2 -51.05 -27.79 36.53
N ASP E 3 -49.72 -27.80 36.55
CA ASP E 3 -48.95 -27.41 37.72
C ASP E 3 -48.67 -25.92 37.77
N TRP E 4 -49.48 -25.11 37.07
CA TRP E 4 -49.43 -23.66 37.18
C TRP E 4 -50.30 -23.16 38.31
N SER E 5 -51.05 -24.04 38.97
CA SER E 5 -51.92 -23.63 40.06
C SER E 5 -51.10 -23.27 41.30
N ALA E 6 -49.97 -23.94 41.50
CA ALA E 6 -49.09 -23.57 42.59
C ALA E 6 -48.33 -22.29 42.26
N LEU E 7 -48.08 -22.04 40.98
CA LEU E 7 -47.40 -20.81 40.59
C LEU E 7 -48.34 -19.62 40.73
N GLY E 8 -49.65 -19.87 40.71
CA GLY E 8 -50.61 -18.80 40.90
C GLY E 8 -50.60 -18.25 42.32
N LYS E 9 -50.24 -19.10 43.28
CA LYS E 9 -50.15 -18.65 44.67
C LYS E 9 -48.89 -17.84 44.88
N LEU E 10 -47.83 -18.17 44.14
CA LEU E 10 -46.56 -17.47 44.32
C LEU E 10 -46.59 -16.09 43.69
N LEU E 11 -47.26 -15.94 42.56
CA LEU E 11 -47.33 -14.64 41.92
C LEU E 11 -48.37 -13.74 42.56
N ASP E 12 -49.23 -14.31 43.41
CA ASP E 12 -50.16 -13.48 44.15
C ASP E 12 -49.51 -12.88 45.39
N LYS E 13 -48.70 -13.67 46.10
CA LYS E 13 -48.17 -13.21 47.38
C LYS E 13 -47.01 -12.24 47.20
N VAL E 14 -46.35 -12.28 46.04
CA VAL E 14 -45.23 -11.37 45.81
C VAL E 14 -45.74 -9.95 45.57
N GLN E 15 -46.93 -9.82 44.99
CA GLN E 15 -47.49 -8.51 44.64
C GLN E 15 -48.75 -8.20 45.42
N ALA E 16 -48.85 -8.69 46.66
CA ALA E 16 -50.03 -8.41 47.46
C ALA E 16 -50.02 -7.01 48.04
N TYR E 17 -48.86 -6.36 48.06
CA TYR E 17 -48.72 -5.02 48.61
C TYR E 17 -48.66 -3.95 47.52
N SER E 18 -48.63 -4.33 46.25
CA SER E 18 -48.49 -3.35 45.19
C SER E 18 -49.85 -2.92 44.66
N THR E 19 -49.86 -1.80 43.94
CA THR E 19 -51.08 -1.26 43.40
C THR E 19 -51.49 -2.01 42.14
N ALA E 20 -52.66 -1.65 41.62
CA ALA E 20 -53.15 -2.27 40.39
C ALA E 20 -52.51 -1.68 39.15
N GLY E 21 -51.76 -0.59 39.28
CA GLY E 21 -51.18 0.07 38.14
C GLY E 21 -49.70 -0.16 37.94
N GLY E 22 -48.99 -0.62 38.96
CA GLY E 22 -47.55 -0.80 38.84
C GLY E 22 -47.19 -2.15 38.26
N LYS E 23 -47.97 -3.18 38.58
CA LYS E 23 -47.67 -4.50 38.07
C LYS E 23 -48.01 -4.66 36.60
N VAL E 24 -48.75 -3.73 36.02
CA VAL E 24 -49.11 -3.80 34.60
C VAL E 24 -48.22 -2.87 33.80
N TRP E 25 -47.70 -1.83 34.44
CA TRP E 25 -46.90 -0.86 33.71
C TRP E 25 -45.41 -1.16 33.82
N LEU E 26 -44.96 -1.59 35.00
CA LEU E 26 -43.55 -1.90 35.15
C LEU E 26 -43.16 -3.21 34.50
N SER E 27 -44.01 -4.24 34.59
CA SER E 27 -43.75 -5.51 33.95
C SER E 27 -43.66 -5.39 32.43
N VAL E 28 -44.46 -4.53 31.84
CA VAL E 28 -44.29 -4.24 30.42
C VAL E 28 -43.04 -3.40 30.20
N LEU E 29 -42.70 -2.53 31.16
CA LEU E 29 -41.50 -1.72 31.01
C LEU E 29 -40.23 -2.56 31.14
N PHE E 30 -40.29 -3.68 31.86
CA PHE E 30 -39.15 -4.57 31.88
C PHE E 30 -39.01 -5.31 30.56
N ILE E 31 -40.13 -5.68 29.94
CA ILE E 31 -40.09 -6.33 28.65
C ILE E 31 -39.67 -5.35 27.57
N PHE E 32 -40.05 -4.07 27.73
CA PHE E 32 -39.69 -3.06 26.75
C PHE E 32 -38.20 -2.78 26.76
N ARG E 33 -37.62 -2.64 27.95
CA ARG E 33 -36.21 -2.27 28.04
C ARG E 33 -35.29 -3.38 27.57
N ILE E 34 -35.68 -4.64 27.78
CA ILE E 34 -34.91 -5.76 27.26
C ILE E 34 -34.98 -5.79 25.74
N LEU E 35 -36.18 -5.62 25.19
CA LEU E 35 -36.37 -5.76 23.75
C LEU E 35 -35.76 -4.60 22.98
N LEU E 36 -35.67 -3.44 23.61
CA LEU E 36 -34.94 -2.35 22.98
C LEU E 36 -33.44 -2.58 23.02
N LEU E 37 -32.95 -3.20 24.09
CA LEU E 37 -31.52 -3.29 24.30
C LEU E 37 -30.87 -4.38 23.46
N GLY E 38 -31.45 -5.58 23.46
CA GLY E 38 -30.77 -6.71 22.86
C GLY E 38 -31.07 -6.93 21.40
N THR E 39 -32.01 -6.16 20.86
CA THR E 39 -32.43 -6.34 19.48
C THR E 39 -32.12 -5.13 18.61
N ALA E 40 -32.44 -3.93 19.08
CA ALA E 40 -32.26 -2.74 18.26
C ALA E 40 -30.89 -2.12 18.44
N VAL E 41 -30.51 -1.81 19.69
CA VAL E 41 -29.33 -0.97 19.93
C VAL E 41 -28.06 -1.76 20.12
N GLU E 42 -28.12 -3.08 20.29
CA GLU E 42 -26.90 -3.86 20.38
C GLU E 42 -26.14 -3.91 19.07
N SER E 43 -26.84 -4.09 17.95
CA SER E 43 -26.21 -4.02 16.64
C SER E 43 -25.73 -2.63 16.27
N ALA E 44 -26.27 -1.58 16.89
CA ALA E 44 -25.83 -0.23 16.56
C ALA E 44 -24.45 0.06 17.08
N TRP E 45 -24.09 -0.48 18.24
CA TRP E 45 -22.76 -0.30 18.81
C TRP E 45 -21.81 -1.40 18.42
N GLY E 46 -22.01 -2.04 17.28
CA GLY E 46 -21.15 -3.13 16.88
C GLY E 46 -19.77 -2.66 16.49
N ASP E 47 -19.70 -1.67 15.60
CA ASP E 47 -18.43 -1.12 15.17
C ASP E 47 -18.12 0.17 15.92
N GLU E 48 -18.04 0.06 17.25
CA GLU E 48 -17.67 1.23 18.03
C GLU E 48 -16.19 1.52 17.95
N GLN E 49 -15.37 0.51 17.65
CA GLN E 49 -13.94 0.71 17.52
C GLN E 49 -13.43 0.60 16.10
N SER E 50 -14.03 -0.26 15.27
CA SER E 50 -13.52 -0.50 13.93
C SER E 50 -13.76 0.66 12.98
N ALA E 51 -14.58 1.64 13.35
CA ALA E 51 -14.81 2.80 12.51
C ALA E 51 -14.19 4.07 13.08
N PHE E 52 -13.70 4.01 14.31
CA PHE E 52 -13.10 5.15 14.99
C PHE E 52 -11.77 5.49 14.34
N ARG E 53 -11.74 6.52 13.51
CA ARG E 53 -10.51 6.90 12.83
C ARG E 53 -10.01 8.23 13.36
N CYS E 54 -8.69 8.33 13.47
CA CYS E 54 -8.06 9.55 13.96
C CYS E 54 -7.15 10.10 12.87
N ASN E 55 -6.78 11.35 13.02
CA ASN E 55 -6.06 12.08 11.99
C ASN E 55 -4.57 12.12 12.28
N THR E 56 -3.94 10.94 12.32
CA THR E 56 -2.50 10.90 12.58
C THR E 56 -1.88 9.64 11.99
N GLN E 57 -0.56 9.64 11.97
CA GLN E 57 0.23 8.49 11.57
C GLN E 57 0.87 7.80 12.74
N GLN E 58 0.71 8.34 13.95
CA GLN E 58 1.37 7.79 15.12
C GLN E 58 0.74 6.46 15.48
N PRO E 59 1.49 5.36 15.46
CA PRO E 59 0.90 4.03 15.65
C PRO E 59 0.45 3.85 17.09
N GLY E 60 -0.77 3.36 17.26
CA GLY E 60 -1.35 3.22 18.58
C GLY E 60 -2.05 4.45 19.10
N CYS E 61 -1.96 5.59 18.41
CA CYS E 61 -2.65 6.79 18.85
C CYS E 61 -4.15 6.63 18.78
N GLU E 62 -4.65 5.78 17.89
CA GLU E 62 -6.09 5.52 17.85
C GLU E 62 -6.50 4.56 18.97
N ASN E 63 -5.54 3.83 19.53
CA ASN E 63 -5.87 2.94 20.64
C ASN E 63 -6.04 3.71 21.94
N VAL E 64 -5.15 4.68 22.20
CA VAL E 64 -5.21 5.36 23.47
C VAL E 64 -6.17 6.54 23.41
N CYS E 65 -6.52 7.02 22.22
CA CYS E 65 -7.47 8.12 22.16
C CYS E 65 -8.90 7.63 22.20
N TYR E 66 -9.16 6.41 21.70
CA TYR E 66 -10.51 5.87 21.77
C TYR E 66 -10.91 5.62 23.21
N ASP E 67 -9.96 5.25 24.04
CA ASP E 67 -10.27 4.92 25.42
C ASP E 67 -10.68 6.15 26.22
N LYS E 68 -10.04 7.29 25.96
CA LYS E 68 -10.38 8.50 26.68
C LYS E 68 -11.78 8.96 26.35
N SER E 69 -12.25 8.69 25.13
CA SER E 69 -13.61 9.04 24.76
C SER E 69 -14.60 8.07 25.37
N PHE E 70 -14.25 6.79 25.43
CA PHE E 70 -15.15 5.75 25.93
C PHE E 70 -14.46 4.91 26.98
N PRO E 71 -14.44 5.33 28.24
CA PRO E 71 -13.97 4.41 29.29
C PRO E 71 -14.85 3.20 29.43
N ILE E 72 -16.16 3.34 29.25
CA ILE E 72 -17.04 2.18 29.22
C ILE E 72 -18.18 2.51 28.27
N SER E 73 -18.43 1.62 27.32
CA SER E 73 -19.39 1.90 26.27
C SER E 73 -20.80 1.88 26.85
N HIS E 74 -21.71 2.55 26.15
CA HIS E 74 -23.05 2.74 26.67
C HIS E 74 -23.84 1.43 26.71
N VAL E 75 -23.51 0.49 25.82
CA VAL E 75 -24.22 -0.78 25.78
C VAL E 75 -23.88 -1.64 26.98
N ARG E 76 -22.60 -1.79 27.29
CA ARG E 76 -22.23 -2.51 28.49
C ARG E 76 -22.51 -1.71 29.76
N PHE E 77 -22.80 -0.42 29.63
CA PHE E 77 -23.32 0.33 30.75
C PHE E 77 -24.78 -0.04 31.03
N TRP E 78 -25.61 -0.05 29.99
CA TRP E 78 -27.03 -0.28 30.20
C TRP E 78 -27.34 -1.72 30.55
N VAL E 79 -26.48 -2.65 30.12
CA VAL E 79 -26.60 -4.03 30.58
C VAL E 79 -26.19 -4.11 32.05
N LEU E 80 -25.18 -3.33 32.45
CA LEU E 80 -24.79 -3.29 33.85
C LEU E 80 -25.87 -2.65 34.71
N GLN E 81 -26.63 -1.73 34.14
CA GLN E 81 -27.69 -1.08 34.90
C GLN E 81 -28.88 -2.01 35.09
N ILE E 82 -29.26 -2.74 34.04
CA ILE E 82 -30.54 -3.45 34.05
C ILE E 82 -30.49 -4.66 34.99
N ILE E 83 -29.31 -5.23 35.22
CA ILE E 83 -29.23 -6.32 36.18
C ILE E 83 -29.36 -5.77 37.60
N PHE E 84 -28.80 -4.58 37.84
CA PHE E 84 -28.86 -4.00 39.17
C PHE E 84 -30.25 -3.52 39.54
N VAL E 85 -31.06 -3.14 38.57
CA VAL E 85 -32.45 -2.78 38.89
C VAL E 85 -33.32 -4.03 38.99
N SER E 86 -32.91 -5.12 38.34
CA SER E 86 -33.73 -6.32 38.41
C SER E 86 -33.39 -7.17 39.63
N VAL E 87 -32.15 -7.07 40.13
CA VAL E 87 -31.72 -7.94 41.23
C VAL E 87 -32.45 -7.74 42.55
N PRO E 88 -32.96 -6.54 42.94
CA PRO E 88 -33.76 -6.53 44.17
C PRO E 88 -35.11 -7.20 44.01
N THR E 89 -35.65 -7.25 42.79
CA THR E 89 -36.89 -7.97 42.58
C THR E 89 -36.65 -9.46 42.59
N LEU E 90 -35.51 -9.89 42.03
CA LEU E 90 -35.19 -11.31 42.00
C LEU E 90 -34.89 -11.82 43.40
N LEU E 91 -34.22 -11.00 44.22
CA LEU E 91 -33.89 -11.41 45.57
C LEU E 91 -35.13 -11.51 46.43
N TYR E 92 -36.10 -10.63 46.20
CA TYR E 92 -37.36 -10.72 46.93
C TYR E 92 -38.17 -11.91 46.44
N LEU E 93 -37.98 -12.30 45.18
CA LEU E 93 -38.72 -13.44 44.65
C LEU E 93 -38.17 -14.74 45.22
N ALA E 94 -36.85 -14.83 45.37
CA ALA E 94 -36.26 -16.07 45.89
C ALA E 94 -36.53 -16.22 47.37
N HIS E 95 -36.62 -15.11 48.09
CA HIS E 95 -36.88 -15.18 49.52
C HIS E 95 -38.32 -15.58 49.81
N VAL E 96 -39.26 -15.07 49.02
CA VAL E 96 -40.67 -15.32 49.29
C VAL E 96 -41.05 -16.74 48.89
N PHE E 97 -40.23 -17.39 48.06
CA PHE E 97 -40.51 -18.77 47.70
C PHE E 97 -40.18 -19.68 48.86
N TYR E 98 -39.02 -19.49 49.50
CA TYR E 98 -38.65 -20.34 50.61
C TYR E 98 -39.49 -20.06 51.85
N VAL E 99 -39.97 -18.82 51.99
CA VAL E 99 -40.90 -18.51 53.07
C VAL E 99 -42.20 -19.25 52.88
N MET E 100 -42.69 -19.32 51.63
CA MET E 100 -43.90 -20.07 51.34
C MET E 100 -43.70 -21.57 51.55
N ARG E 101 -42.52 -22.08 51.23
CA ARG E 101 -42.27 -23.50 51.42
C ARG E 101 -42.18 -23.86 52.89
N LYS E 102 -41.69 -22.94 53.72
CA LYS E 102 -41.60 -23.19 55.16
C LYS E 102 -42.98 -23.29 55.79
N GLU E 103 -43.95 -22.53 55.26
CA GLU E 103 -45.27 -22.59 55.82
C GLU E 103 -46.11 -23.72 55.25
N GLU E 104 -45.70 -24.30 54.11
CA GLU E 104 -46.43 -25.45 53.59
C GLU E 104 -46.09 -26.70 54.40
N LYS E 105 -44.91 -26.75 54.99
CA LYS E 105 -44.52 -27.85 55.85
C LYS E 105 -44.85 -27.60 57.32
N LEU E 106 -45.82 -26.74 57.59
CA LEU E 106 -46.28 -26.47 58.95
C LEU E 106 -47.74 -26.80 59.17
N ASN E 107 -48.61 -26.53 58.20
CA ASN E 107 -50.05 -26.69 58.36
C ASN E 107 -50.54 -28.08 57.99
N LYS E 108 -49.64 -28.99 57.65
CA LYS E 108 -50.00 -30.37 57.39
C LYS E 108 -49.50 -31.32 58.45
N LYS E 109 -48.85 -30.82 59.49
CA LYS E 109 -48.30 -31.65 60.56
C LYS E 109 -48.08 -30.83 61.82
N ARG E 148 -47.21 -10.79 61.39
CA ARG E 148 -47.44 -9.49 60.77
C ARG E 148 -46.18 -8.63 60.82
N GLY E 149 -45.76 -8.15 59.65
CA GLY E 149 -44.63 -7.24 59.53
C GLY E 149 -43.33 -7.89 59.11
N GLY E 150 -43.28 -9.22 59.03
CA GLY E 150 -42.03 -9.89 58.73
C GLY E 150 -41.67 -9.86 57.27
N LEU E 151 -42.69 -10.00 56.41
CA LEU E 151 -42.50 -9.97 54.97
C LEU E 151 -42.44 -8.56 54.41
N LEU E 152 -43.04 -7.60 55.12
CA LEU E 152 -43.28 -6.28 54.56
C LEU E 152 -42.04 -5.42 54.52
N ARG E 153 -41.13 -5.59 55.49
CA ARG E 153 -39.94 -4.73 55.57
C ARG E 153 -39.03 -4.94 54.37
N THR E 154 -38.80 -6.19 53.99
CA THR E 154 -37.94 -6.45 52.85
C THR E 154 -38.63 -6.09 51.55
N TYR E 155 -39.96 -6.01 51.54
CA TYR E 155 -40.64 -5.50 50.35
C TYR E 155 -40.39 -4.02 50.18
N ILE E 156 -40.31 -3.29 51.30
CA ILE E 156 -40.01 -1.87 51.22
C ILE E 156 -38.58 -1.66 50.74
N ILE E 157 -37.64 -2.40 51.31
CA ILE E 157 -36.22 -2.29 50.97
C ILE E 157 -35.98 -2.67 49.52
N SER E 158 -36.80 -3.58 48.98
CA SER E 158 -36.62 -4.04 47.61
C SER E 158 -36.95 -2.94 46.60
N ILE E 159 -37.83 -2.01 46.97
CA ILE E 159 -38.16 -0.93 46.05
C ILE E 159 -37.21 0.26 46.25
N LEU E 160 -36.63 0.39 47.45
CA LEU E 160 -35.68 1.47 47.70
C LEU E 160 -34.44 1.30 46.85
N PHE E 161 -33.87 0.09 46.85
CA PHE E 161 -32.63 -0.13 46.11
C PHE E 161 -32.87 -0.20 44.62
N LYS E 162 -34.12 -0.33 44.19
CA LYS E 162 -34.43 -0.18 42.78
C LYS E 162 -34.25 1.26 42.34
N SER E 163 -34.75 2.21 43.12
CA SER E 163 -34.55 3.60 42.77
C SER E 163 -33.14 4.08 43.05
N ILE E 164 -32.55 3.63 44.16
CA ILE E 164 -31.29 4.19 44.63
C ILE E 164 -30.16 3.82 43.68
N PHE E 165 -30.18 2.59 43.17
CA PHE E 165 -29.23 2.23 42.11
C PHE E 165 -29.55 2.95 40.81
N GLU E 166 -30.81 3.31 40.59
CA GLU E 166 -31.19 3.94 39.34
C GLU E 166 -30.75 5.40 39.31
N VAL E 167 -30.87 6.11 40.44
CA VAL E 167 -30.33 7.47 40.52
C VAL E 167 -28.82 7.44 40.46
N ALA E 168 -28.21 6.38 40.99
CA ALA E 168 -26.76 6.29 41.02
C ALA E 168 -26.17 6.12 39.63
N PHE E 169 -26.85 5.37 38.76
CA PHE E 169 -26.29 5.14 37.44
C PHE E 169 -26.57 6.32 36.51
N LEU E 170 -27.58 7.13 36.83
CA LEU E 170 -27.88 8.27 35.98
C LEU E 170 -26.83 9.36 36.14
N LEU E 171 -26.51 9.72 37.39
CA LEU E 171 -25.63 10.85 37.63
C LEU E 171 -24.20 10.53 37.24
N ILE E 172 -23.83 9.24 37.24
CA ILE E 172 -22.54 8.82 36.74
C ILE E 172 -22.43 9.12 35.25
N GLN E 173 -23.52 8.90 34.52
CA GLN E 173 -23.53 9.19 33.09
C GLN E 173 -23.44 10.69 32.85
N TRP E 174 -24.09 11.48 33.71
CA TRP E 174 -23.96 12.93 33.62
C TRP E 174 -22.56 13.37 34.01
N TYR E 175 -21.95 12.68 34.97
CA TYR E 175 -20.60 13.05 35.38
C TYR E 175 -19.58 12.68 34.30
N ILE E 176 -19.87 11.67 33.47
CA ILE E 176 -18.88 11.19 32.53
C ILE E 176 -19.25 11.57 31.10
N TYR E 177 -20.38 11.07 30.61
CA TYR E 177 -20.70 11.16 29.19
C TYR E 177 -21.67 12.28 28.86
N GLY E 178 -22.46 12.72 29.83
CA GLY E 178 -23.46 13.71 29.54
C GLY E 178 -24.70 13.03 29.00
N PHE E 179 -25.38 13.65 28.03
CA PHE E 179 -26.50 12.99 27.39
C PHE E 179 -26.50 13.25 25.90
N SER E 180 -25.33 13.25 25.29
CA SER E 180 -25.18 13.57 23.88
C SER E 180 -23.86 12.99 23.40
N LEU E 181 -23.57 13.19 22.12
CA LEU E 181 -22.29 12.81 21.57
C LEU E 181 -21.91 13.79 20.47
N SER E 182 -20.72 14.35 20.58
CA SER E 182 -20.22 15.28 19.58
C SER E 182 -19.50 14.52 18.48
N ALA E 183 -19.57 15.06 17.27
CA ALA E 183 -19.09 14.34 16.11
C ALA E 183 -17.59 14.45 15.92
N VAL E 184 -16.92 15.29 16.71
CA VAL E 184 -15.47 15.43 16.65
C VAL E 184 -14.96 15.44 18.07
N TYR E 185 -14.00 14.57 18.36
CA TYR E 185 -13.32 14.57 19.64
C TYR E 185 -11.88 15.02 19.45
N THR E 186 -11.43 15.91 20.32
CA THR E 186 -10.04 16.36 20.35
C THR E 186 -9.34 15.62 21.47
N CYS E 187 -8.25 14.94 21.14
CA CYS E 187 -7.58 14.03 22.07
C CYS E 187 -6.21 14.57 22.40
N LYS E 188 -5.83 14.46 23.67
CA LYS E 188 -4.54 14.95 24.15
C LYS E 188 -3.90 13.95 25.10
N ARG E 189 -3.88 12.68 24.74
CA ARG E 189 -3.22 11.67 25.55
C ARG E 189 -1.87 11.33 24.93
N ASP E 190 -1.13 10.47 25.61
CA ASP E 190 0.16 10.02 25.13
C ASP E 190 0.06 8.61 24.54
N PRO E 191 0.86 8.28 23.52
CA PRO E 191 1.98 8.98 22.89
C PRO E 191 1.63 9.72 21.63
N CYS E 192 0.45 10.29 21.55
CA CYS E 192 0.11 11.11 20.40
C CYS E 192 0.90 12.42 20.47
N PRO E 193 1.01 13.15 19.35
CA PRO E 193 1.53 14.52 19.42
C PRO E 193 0.54 15.50 20.04
N HIS E 194 0.82 16.80 19.90
CA HIS E 194 0.16 17.90 20.61
C HIS E 194 -1.35 17.78 20.74
N GLN E 195 -2.06 17.75 19.63
CA GLN E 195 -3.50 17.50 19.66
C GLN E 195 -3.92 16.84 18.37
N VAL E 196 -4.72 15.79 18.46
CA VAL E 196 -5.20 15.07 17.29
C VAL E 196 -6.72 15.11 17.27
N ASP E 197 -7.27 15.00 16.06
CA ASP E 197 -8.71 14.99 15.86
C ASP E 197 -9.17 13.57 15.60
N CYS E 198 -10.09 13.09 16.43
CA CYS E 198 -10.64 11.76 16.26
C CYS E 198 -12.14 11.87 16.03
N PHE E 199 -12.61 11.18 14.99
CA PHE E 199 -13.99 11.24 14.55
C PHE E 199 -14.72 9.98 14.97
N LEU E 200 -15.83 10.14 15.69
CA LEU E 200 -16.54 9.00 16.23
C LEU E 200 -17.28 8.24 15.14
N SER E 201 -17.96 7.17 15.55
CA SER E 201 -18.76 6.37 14.65
C SER E 201 -20.21 6.53 15.02
N ARG E 202 -20.99 7.12 14.11
CA ARG E 202 -22.41 7.43 14.25
C ARG E 202 -22.76 8.18 15.53
N PRO E 203 -22.42 9.47 15.69
CA PRO E 203 -22.87 10.19 16.87
C PRO E 203 -24.37 10.39 16.99
N THR E 204 -25.07 10.66 15.89
CA THR E 204 -26.50 10.96 15.97
C THR E 204 -27.35 9.73 16.24
N GLU E 205 -27.00 8.59 15.63
CA GLU E 205 -27.73 7.36 15.94
C GLU E 205 -27.47 6.91 17.35
N LYS E 206 -26.28 7.19 17.88
CA LYS E 206 -26.05 6.91 19.28
C LYS E 206 -26.69 7.95 20.17
N THR E 207 -27.02 9.12 19.63
CA THR E 207 -27.66 10.15 20.45
C THR E 207 -29.10 9.80 20.74
N ILE E 208 -29.82 9.27 19.75
CA ILE E 208 -31.25 9.02 19.92
C ILE E 208 -31.50 7.88 20.88
N PHE E 209 -30.66 6.85 20.83
CA PHE E 209 -30.85 5.73 21.74
C PHE E 209 -30.36 6.04 23.14
N ILE E 210 -29.57 7.10 23.31
CA ILE E 210 -29.21 7.52 24.67
C ILE E 210 -30.41 8.17 25.33
N ILE E 211 -31.13 9.02 24.59
CA ILE E 211 -32.27 9.73 25.14
C ILE E 211 -33.42 8.79 25.42
N PHE E 212 -33.55 7.72 24.64
CA PHE E 212 -34.53 6.68 24.96
C PHE E 212 -34.13 5.94 26.23
N MET E 213 -32.84 5.74 26.43
CA MET E 213 -32.41 5.09 27.65
C MET E 213 -32.45 6.06 28.82
N LEU E 214 -32.50 7.36 28.57
CA LEU E 214 -32.74 8.29 29.66
C LEU E 214 -34.22 8.37 30.01
N VAL E 215 -35.08 8.41 28.99
CA VAL E 215 -36.51 8.59 29.20
C VAL E 215 -37.12 7.34 29.83
N VAL E 216 -36.76 6.17 29.31
CA VAL E 216 -37.36 4.93 29.80
C VAL E 216 -36.82 4.60 31.19
N SER E 217 -35.61 5.05 31.52
CA SER E 217 -35.15 4.92 32.88
C SER E 217 -35.83 5.92 33.80
N LEU E 218 -36.12 7.12 33.28
CA LEU E 218 -36.75 8.14 34.12
C LEU E 218 -38.20 7.83 34.39
N VAL E 219 -38.90 7.25 33.40
CA VAL E 219 -40.28 6.84 33.64
C VAL E 219 -40.31 5.60 34.53
N SER E 220 -39.20 4.85 34.55
CA SER E 220 -39.08 3.77 35.53
C SER E 220 -38.90 4.33 36.92
N LEU E 221 -38.12 5.40 37.05
CA LEU E 221 -37.81 5.95 38.36
C LEU E 221 -39.04 6.58 39.00
N ALA E 222 -39.85 7.27 38.20
CA ALA E 222 -41.08 7.85 38.73
C ALA E 222 -42.12 6.78 39.03
N LEU E 223 -42.07 5.66 38.30
CA LEU E 223 -43.07 4.63 38.51
C LEU E 223 -42.78 3.81 39.75
N ASN E 224 -41.55 3.88 40.27
CA ASN E 224 -41.28 3.22 41.54
C ASN E 224 -41.57 4.15 42.71
N ILE E 225 -41.40 5.46 42.49
CA ILE E 225 -41.65 6.45 43.53
C ILE E 225 -43.13 6.48 43.89
N ILE E 226 -43.99 6.34 42.89
CA ILE E 226 -45.42 6.40 43.10
C ILE E 226 -45.90 5.18 43.88
N GLU E 227 -45.21 4.07 43.74
CA GLU E 227 -45.47 2.93 44.62
C GLU E 227 -45.02 3.23 46.03
N LEU E 228 -43.91 3.96 46.16
CA LEU E 228 -43.30 4.16 47.47
C LEU E 228 -44.15 5.08 48.34
N PHE E 229 -44.90 5.99 47.71
CA PHE E 229 -45.84 6.80 48.48
C PHE E 229 -47.02 5.97 48.92
N TYR E 230 -47.44 5.02 48.08
CA TYR E 230 -48.67 4.27 48.33
C TYR E 230 -48.50 3.30 49.49
N VAL E 231 -47.29 2.77 49.67
CA VAL E 231 -47.06 1.82 50.76
C VAL E 231 -46.95 2.57 52.09
N PHE E 232 -46.42 3.79 52.07
CA PHE E 232 -46.33 4.57 53.31
C PHE E 232 -47.68 5.16 53.68
N PHE E 233 -48.41 5.71 52.71
CA PHE E 233 -49.68 6.38 52.97
C PHE E 233 -50.82 5.42 53.26
N LYS E 234 -50.59 4.11 53.16
CA LYS E 234 -51.59 3.15 53.62
C LYS E 234 -51.70 3.17 55.13
N GLY E 235 -50.61 3.57 55.80
CA GLY E 235 -50.59 3.66 57.25
C GLY E 235 -49.22 3.38 57.83
N GLY F 2 -46.82 -31.35 36.52
CA GLY F 2 -47.23 -31.91 37.80
C GLY F 2 -46.15 -32.77 38.44
N ASP F 3 -45.12 -33.09 37.66
CA ASP F 3 -44.01 -33.89 38.12
C ASP F 3 -42.91 -33.07 38.75
N TRP F 4 -43.23 -31.86 39.21
CA TRP F 4 -42.32 -31.04 40.00
C TRP F 4 -42.41 -31.36 41.48
N SER F 5 -43.33 -32.23 41.87
CA SER F 5 -43.48 -32.60 43.27
C SER F 5 -42.33 -33.46 43.73
N ALA F 6 -41.80 -34.30 42.83
CA ALA F 6 -40.62 -35.08 43.17
C ALA F 6 -39.37 -34.21 43.18
N LEU F 7 -39.36 -33.17 42.36
CA LEU F 7 -38.22 -32.25 42.35
C LEU F 7 -38.20 -31.40 43.61
N GLY F 8 -39.36 -31.24 44.25
CA GLY F 8 -39.42 -30.49 45.50
C GLY F 8 -38.73 -31.20 46.63
N LYS F 9 -38.72 -32.54 46.59
CA LYS F 9 -38.03 -33.30 47.62
C LYS F 9 -36.52 -33.25 47.41
N LEU F 10 -36.09 -33.15 46.15
CA LEU F 10 -34.66 -33.14 45.87
C LEU F 10 -34.03 -31.80 46.21
N LEU F 11 -34.76 -30.71 45.99
CA LEU F 11 -34.20 -29.39 46.29
C LEU F 11 -34.32 -29.08 47.78
N ASP F 12 -35.10 -29.87 48.52
CA ASP F 12 -35.14 -29.69 49.96
C ASP F 12 -33.97 -30.39 50.64
N LYS F 13 -33.63 -31.59 50.19
CA LYS F 13 -32.63 -32.38 50.91
C LYS F 13 -31.21 -31.91 50.60
N VAL F 14 -31.02 -31.21 49.47
CA VAL F 14 -29.68 -30.74 49.13
C VAL F 14 -29.30 -29.54 50.01
N GLN F 15 -30.29 -28.76 50.43
CA GLN F 15 -30.04 -27.55 51.22
C GLN F 15 -30.63 -27.65 52.61
N ALA F 16 -30.67 -28.85 53.19
CA ALA F 16 -31.22 -29.00 54.53
C ALA F 16 -30.23 -28.56 55.59
N TYR F 17 -28.96 -28.44 55.25
CA TYR F 17 -27.93 -28.03 56.20
C TYR F 17 -27.53 -26.57 56.04
N SER F 18 -28.05 -25.87 55.05
CA SER F 18 -27.64 -24.50 54.80
C SER F 18 -28.57 -23.52 55.52
N THR F 19 -28.10 -22.29 55.65
CA THR F 19 -28.87 -21.26 56.33
C THR F 19 -29.95 -20.70 55.40
N ALA F 20 -30.76 -19.81 55.97
CA ALA F 20 -31.82 -19.17 55.19
C ALA F 20 -31.30 -18.02 54.34
N GLY F 21 -30.04 -17.62 54.54
CA GLY F 21 -29.50 -16.49 53.83
C GLY F 21 -28.55 -16.81 52.71
N GLY F 22 -28.01 -18.03 52.67
CA GLY F 22 -27.05 -18.39 51.65
C GLY F 22 -27.70 -18.88 50.38
N LYS F 23 -28.83 -19.59 50.52
CA LYS F 23 -29.51 -20.11 49.35
C LYS F 23 -30.25 -19.03 48.56
N VAL F 24 -30.41 -17.84 49.12
CA VAL F 24 -31.08 -16.75 48.43
C VAL F 24 -30.06 -15.77 47.88
N TRP F 25 -28.89 -15.71 48.50
CA TRP F 25 -27.89 -14.75 48.07
C TRP F 25 -26.91 -15.37 47.09
N LEU F 26 -26.49 -16.62 47.33
CA LEU F 26 -25.55 -17.25 46.42
C LEU F 26 -26.19 -17.69 45.11
N SER F 27 -27.42 -18.19 45.15
CA SER F 27 -28.14 -18.57 43.94
C SER F 27 -28.38 -17.39 43.02
N VAL F 28 -28.64 -16.22 43.57
CA VAL F 28 -28.70 -15.03 42.74
C VAL F 28 -27.30 -14.62 42.30
N LEU F 29 -26.29 -14.87 43.13
CA LEU F 29 -24.92 -14.53 42.74
C LEU F 29 -24.42 -15.44 41.63
N PHE F 30 -24.94 -16.66 41.54
CA PHE F 30 -24.57 -17.50 40.41
C PHE F 30 -25.23 -17.01 39.12
N ILE F 31 -26.47 -16.53 39.23
CA ILE F 31 -27.16 -15.98 38.07
C ILE F 31 -26.54 -14.65 37.67
N PHE F 32 -26.04 -13.90 38.64
CA PHE F 32 -25.42 -12.61 38.33
C PHE F 32 -24.11 -12.78 37.60
N ARG F 33 -23.26 -13.71 38.06
CA ARG F 33 -21.94 -13.87 37.47
C ARG F 33 -22.01 -14.43 36.06
N ILE F 34 -22.99 -15.29 35.78
CA ILE F 34 -23.19 -15.78 34.42
C ILE F 34 -23.65 -14.65 33.51
N LEU F 35 -24.62 -13.85 33.98
CA LEU F 35 -25.21 -12.83 33.13
C LEU F 35 -24.25 -11.68 32.88
N LEU F 36 -23.33 -11.44 33.81
CA LEU F 36 -22.31 -10.44 33.56
C LEU F 36 -21.28 -10.97 32.56
N LEU F 37 -20.99 -12.27 32.62
CA LEU F 37 -19.89 -12.82 31.84
C LEU F 37 -20.25 -13.01 30.38
N GLY F 38 -21.39 -13.63 30.10
CA GLY F 38 -21.69 -14.06 28.75
C GLY F 38 -22.41 -13.03 27.92
N THR F 39 -22.82 -11.93 28.54
CA THR F 39 -23.61 -10.92 27.84
C THR F 39 -22.89 -9.58 27.75
N ALA F 40 -22.31 -9.11 28.84
CA ALA F 40 -21.68 -7.80 28.84
C ALA F 40 -20.21 -7.87 28.45
N VAL F 41 -19.42 -8.68 29.15
CA VAL F 41 -17.97 -8.61 29.03
C VAL F 41 -17.39 -9.54 27.98
N GLU F 42 -18.17 -10.47 27.44
CA GLU F 42 -17.68 -11.31 26.37
C GLU F 42 -17.45 -10.54 25.09
N SER F 43 -18.38 -9.66 24.73
CA SER F 43 -18.20 -8.79 23.57
C SER F 43 -17.10 -7.75 23.77
N ALA F 44 -16.74 -7.43 25.02
CA ALA F 44 -15.70 -6.44 25.25
C ALA F 44 -14.32 -6.97 24.90
N TRP F 45 -14.09 -8.25 25.12
CA TRP F 45 -12.81 -8.86 24.78
C TRP F 45 -12.82 -9.49 23.40
N GLY F 46 -13.63 -8.99 22.49
CA GLY F 46 -13.71 -9.57 21.16
C GLY F 46 -12.48 -9.30 20.35
N ASP F 47 -12.08 -8.04 20.26
CA ASP F 47 -10.88 -7.67 19.52
C ASP F 47 -9.69 -7.49 20.46
N GLU F 48 -9.36 -8.57 21.18
CA GLU F 48 -8.19 -8.50 22.04
C GLU F 48 -6.91 -8.61 21.25
N GLN F 49 -6.94 -9.20 20.05
CA GLN F 49 -5.76 -9.31 19.23
C GLN F 49 -5.80 -8.43 17.99
N SER F 50 -6.97 -8.22 17.41
CA SER F 50 -7.05 -7.49 16.15
C SER F 50 -6.81 -6.00 16.30
N ALA F 51 -6.77 -5.47 17.53
CA ALA F 51 -6.48 -4.06 17.74
C ALA F 51 -5.11 -3.85 18.37
N PHE F 52 -4.46 -4.91 18.80
CA PHE F 52 -3.16 -4.83 19.45
C PHE F 52 -2.10 -4.44 18.43
N ARG F 53 -1.68 -3.19 18.43
CA ARG F 53 -0.69 -2.73 17.48
C ARG F 53 0.62 -2.40 18.19
N CYS F 54 1.72 -2.73 17.52
CA CYS F 54 3.04 -2.47 18.07
C CYS F 54 3.77 -1.53 17.14
N ASN F 55 4.84 -0.93 17.66
CA ASN F 55 5.55 0.12 16.96
C ASN F 55 6.80 -0.41 16.26
N THR F 56 6.60 -1.33 15.32
CA THR F 56 7.75 -1.88 14.60
C THR F 56 7.34 -2.37 13.23
N GLN F 57 8.35 -2.66 12.42
CA GLN F 57 8.19 -3.26 11.11
C GLN F 57 8.57 -4.73 11.10
N GLN F 58 9.07 -5.25 12.20
CA GLN F 58 9.56 -6.62 12.25
C GLN F 58 8.38 -7.57 12.17
N PRO F 59 8.31 -8.41 11.14
CA PRO F 59 7.12 -9.25 10.94
C PRO F 59 7.03 -10.33 12.00
N GLY F 60 5.86 -10.49 12.59
CA GLY F 60 5.66 -11.42 13.66
C GLY F 60 5.97 -10.88 15.03
N CYS F 61 6.54 -9.68 15.13
CA CYS F 61 6.83 -9.09 16.45
C CYS F 61 5.56 -8.80 17.21
N GLU F 62 4.44 -8.54 16.52
CA GLU F 62 3.18 -8.36 17.22
C GLU F 62 2.60 -9.68 17.66
N ASN F 63 3.04 -10.79 17.07
CA ASN F 63 2.54 -12.09 17.49
C ASN F 63 3.20 -12.54 18.78
N VAL F 64 4.52 -12.33 18.91
CA VAL F 64 5.21 -12.83 20.08
C VAL F 64 5.14 -11.83 21.22
N CYS F 65 4.85 -10.57 20.95
CA CYS F 65 4.74 -9.61 22.04
C CYS F 65 3.36 -9.62 22.67
N TYR F 66 2.34 -9.95 21.89
CA TYR F 66 0.99 -10.03 22.45
C TYR F 66 0.90 -11.16 23.46
N ASP F 67 1.63 -12.24 23.21
CA ASP F 67 1.54 -13.40 24.08
C ASP F 67 2.15 -13.13 25.44
N LYS F 68 3.24 -12.37 25.49
CA LYS F 68 3.88 -12.08 26.76
C LYS F 68 2.99 -11.22 27.62
N SER F 69 2.17 -10.37 27.01
CA SER F 69 1.23 -9.56 27.78
C SER F 69 0.05 -10.40 28.25
N PHE F 70 -0.42 -11.32 27.42
CA PHE F 70 -1.59 -12.13 27.73
C PHE F 70 -1.27 -13.61 27.53
N PRO F 71 -0.70 -14.29 28.51
CA PRO F 71 -0.61 -15.75 28.41
C PRO F 71 -1.96 -16.41 28.40
N ILE F 72 -2.92 -15.89 29.13
CA ILE F 72 -4.29 -16.38 29.05
C ILE F 72 -5.22 -15.21 29.31
N SER F 73 -6.17 -15.00 28.41
CA SER F 73 -7.01 -13.83 28.50
C SER F 73 -7.97 -13.94 29.68
N HIS F 74 -8.45 -12.78 30.13
CA HIS F 74 -9.25 -12.74 31.35
C HIS F 74 -10.60 -13.42 31.16
N VAL F 75 -11.13 -13.42 29.94
CA VAL F 75 -12.44 -14.03 29.69
C VAL F 75 -12.37 -15.54 29.79
N ARG F 76 -11.39 -16.16 29.14
CA ARG F 76 -11.21 -17.59 29.29
C ARG F 76 -10.65 -17.96 30.64
N PHE F 77 -10.15 -16.99 31.39
CA PHE F 77 -9.83 -17.23 32.80
C PHE F 77 -11.09 -17.35 33.63
N TRP F 78 -12.00 -16.38 33.49
CA TRP F 78 -13.17 -16.35 34.35
C TRP F 78 -14.16 -17.45 34.00
N VAL F 79 -14.15 -17.90 32.75
CA VAL F 79 -14.94 -19.09 32.40
C VAL F 79 -14.29 -20.33 33.01
N LEU F 80 -12.96 -20.37 33.06
CA LEU F 80 -12.27 -21.48 33.72
C LEU F 80 -12.52 -21.47 35.21
N GLN F 81 -12.71 -20.29 35.79
CA GLN F 81 -12.95 -20.20 37.23
C GLN F 81 -14.35 -20.66 37.57
N ILE F 82 -15.34 -20.24 36.78
CA ILE F 82 -16.73 -20.41 37.18
C ILE F 82 -17.17 -21.86 37.12
N ILE F 83 -16.54 -22.67 36.25
CA ILE F 83 -16.88 -24.10 36.25
C ILE F 83 -16.29 -24.76 37.48
N PHE F 84 -15.10 -24.33 37.90
CA PHE F 84 -14.47 -24.95 39.05
C PHE F 84 -15.15 -24.60 40.36
N VAL F 85 -15.81 -23.45 40.45
CA VAL F 85 -16.58 -23.14 41.65
C VAL F 85 -17.95 -23.80 41.59
N SER F 86 -18.46 -24.09 40.40
CA SER F 86 -19.77 -24.71 40.30
C SER F 86 -19.69 -26.22 40.42
N VAL F 87 -18.55 -26.83 40.03
CA VAL F 87 -18.45 -28.29 40.01
C VAL F 87 -18.56 -28.98 41.36
N PRO F 88 -18.15 -28.39 42.52
CA PRO F 88 -18.44 -29.13 43.77
C PRO F 88 -19.91 -29.11 44.13
N THR F 89 -20.66 -28.11 43.67
CA THR F 89 -22.10 -28.12 43.91
C THR F 89 -22.78 -29.12 43.00
N LEU F 90 -22.31 -29.23 41.76
CA LEU F 90 -22.89 -30.18 40.83
C LEU F 90 -22.61 -31.61 41.23
N LEU F 91 -21.41 -31.85 41.77
CA LEU F 91 -21.04 -33.20 42.19
C LEU F 91 -21.84 -33.61 43.41
N TYR F 92 -22.12 -32.66 44.30
CA TYR F 92 -22.96 -32.98 45.45
C TYR F 92 -24.41 -33.17 45.03
N LEU F 93 -24.82 -32.52 43.93
CA LEU F 93 -26.18 -32.67 43.46
C LEU F 93 -26.38 -34.03 42.82
N ALA F 94 -25.39 -34.51 42.07
CA ALA F 94 -25.53 -35.80 41.41
C ALA F 94 -25.44 -36.94 42.41
N HIS F 95 -24.67 -36.75 43.48
CA HIS F 95 -24.55 -37.81 44.48
C HIS F 95 -25.82 -37.94 45.30
N VAL F 96 -26.45 -36.81 45.64
CA VAL F 96 -27.61 -36.85 46.52
C VAL F 96 -28.83 -37.36 45.77
N PHE F 97 -28.80 -37.31 44.44
CA PHE F 97 -29.91 -37.86 43.68
C PHE F 97 -29.90 -39.38 43.73
N TYR F 98 -28.73 -39.99 43.53
CA TYR F 98 -28.65 -41.45 43.55
C TYR F 98 -28.82 -42.00 44.96
N VAL F 99 -28.43 -41.21 45.97
CA VAL F 99 -28.68 -41.61 47.35
C VAL F 99 -30.18 -41.63 47.63
N MET F 100 -30.90 -40.64 47.10
CA MET F 100 -32.35 -40.61 47.26
C MET F 100 -33.03 -41.74 46.52
N ARG F 101 -32.50 -42.10 45.34
CA ARG F 101 -33.09 -43.20 44.58
C ARG F 101 -32.86 -44.54 45.25
N LYS F 102 -31.72 -44.69 45.94
CA LYS F 102 -31.43 -45.94 46.66
C LYS F 102 -32.40 -46.15 47.81
N GLU F 103 -32.83 -45.06 48.45
CA GLU F 103 -33.74 -45.21 49.56
C GLU F 103 -35.19 -45.31 49.12
N GLU F 104 -35.50 -44.90 47.88
CA GLU F 104 -36.87 -45.07 47.40
C GLU F 104 -37.15 -46.52 47.05
N LYS F 105 -36.11 -47.28 46.69
CA LYS F 105 -36.24 -48.70 46.42
C LYS F 105 -35.96 -49.56 47.66
N LEU F 106 -36.14 -48.99 48.85
CA LEU F 106 -36.00 -49.73 50.09
C LEU F 106 -37.25 -49.78 50.93
N ASN F 107 -38.01 -48.67 50.99
CA ASN F 107 -39.16 -48.57 51.87
C ASN F 107 -40.45 -49.05 51.21
N LYS F 108 -40.38 -49.57 50.00
CA LYS F 108 -41.54 -50.15 49.35
C LYS F 108 -41.45 -51.66 49.21
N LYS F 109 -40.38 -52.27 49.73
CA LYS F 109 -40.17 -53.71 49.63
C LYS F 109 -39.19 -54.19 50.70
N ARG F 148 -26.89 -41.52 60.21
CA ARG F 148 -26.46 -40.19 60.63
C ARG F 148 -24.97 -39.98 60.36
N GLY F 149 -24.67 -38.90 59.63
CA GLY F 149 -23.31 -38.51 59.34
C GLY F 149 -22.79 -38.90 57.98
N GLY F 150 -23.55 -39.69 57.22
CA GLY F 150 -23.07 -40.18 55.94
C GLY F 150 -23.14 -39.13 54.84
N LEU F 151 -24.22 -38.35 54.85
CA LEU F 151 -24.43 -37.31 53.86
C LEU F 151 -23.70 -36.03 54.22
N LEU F 152 -23.41 -35.81 55.50
CA LEU F 152 -22.96 -34.51 55.98
C LEU F 152 -21.51 -34.23 55.66
N ARG F 153 -20.67 -35.27 55.62
CA ARG F 153 -19.24 -35.08 55.40
C ARG F 153 -18.96 -34.52 54.02
N THR F 154 -19.61 -35.07 53.00
CA THR F 154 -19.39 -34.57 51.65
C THR F 154 -20.05 -33.23 51.44
N TYR F 155 -21.02 -32.86 52.26
CA TYR F 155 -21.56 -31.51 52.20
C TYR F 155 -20.54 -30.50 52.71
N ILE F 156 -19.75 -30.89 53.72
CA ILE F 156 -18.71 -30.01 54.22
C ILE F 156 -17.62 -29.85 53.20
N ILE F 157 -17.18 -30.97 52.60
CA ILE F 157 -16.11 -30.97 51.60
C ILE F 157 -16.52 -30.18 50.36
N SER F 158 -17.82 -30.16 50.06
CA SER F 158 -18.30 -29.47 48.87
C SER F 158 -18.18 -27.95 49.02
N ILE F 159 -18.21 -27.44 50.24
CA ILE F 159 -18.06 -26.00 50.42
C ILE F 159 -16.59 -25.63 50.59
N LEU F 160 -15.76 -26.58 51.05
CA LEU F 160 -14.33 -26.29 51.20
C LEU F 160 -13.69 -26.06 49.84
N PHE F 161 -13.97 -26.95 48.88
CA PHE F 161 -13.33 -26.83 47.58
C PHE F 161 -13.93 -25.69 46.76
N LYS F 162 -15.09 -25.18 47.18
CA LYS F 162 -15.60 -23.96 46.57
C LYS F 162 -14.72 -22.77 46.93
N SER F 163 -14.34 -22.65 48.20
CA SER F 163 -13.47 -21.55 48.57
C SER F 163 -12.02 -21.79 48.16
N ILE F 164 -11.55 -23.04 48.26
CA ILE F 164 -10.14 -23.33 48.08
C ILE F 164 -9.72 -23.11 46.63
N PHE F 165 -10.59 -23.49 45.69
CA PHE F 165 -10.36 -23.15 44.29
C PHE F 165 -10.51 -21.66 44.05
N GLU F 166 -11.32 -20.98 44.86
CA GLU F 166 -11.56 -19.56 44.64
C GLU F 166 -10.37 -18.72 45.10
N VAL F 167 -9.76 -19.10 46.22
CA VAL F 167 -8.53 -18.44 46.66
C VAL F 167 -7.40 -18.75 45.70
N ALA F 168 -7.41 -19.95 45.12
CA ALA F 168 -6.34 -20.36 44.23
C ALA F 168 -6.35 -19.57 42.93
N PHE F 169 -7.53 -19.24 42.42
CA PHE F 169 -7.58 -18.52 41.16
C PHE F 169 -7.33 -17.03 41.36
N LEU F 170 -7.56 -16.54 42.57
CA LEU F 170 -7.33 -15.11 42.82
C LEU F 170 -5.84 -14.79 42.85
N LEU F 171 -5.07 -15.57 43.60
CA LEU F 171 -3.66 -15.26 43.81
C LEU F 171 -2.85 -15.49 42.55
N ILE F 172 -3.33 -16.37 41.68
CA ILE F 172 -2.71 -16.57 40.37
C ILE F 172 -2.83 -15.30 39.54
N GLN F 173 -3.98 -14.64 39.63
CA GLN F 173 -4.18 -13.39 38.91
C GLN F 173 -3.30 -12.28 39.48
N TRP F 174 -3.11 -12.28 40.80
CA TRP F 174 -2.19 -11.34 41.41
C TRP F 174 -0.76 -11.68 41.05
N TYR F 175 -0.44 -12.97 40.93
CA TYR F 175 0.91 -13.34 40.55
C TYR F 175 1.21 -13.01 39.09
N ILE F 176 0.19 -12.96 38.24
CA ILE F 176 0.41 -12.78 36.81
C ILE F 176 -0.01 -11.40 36.35
N TYR F 177 -1.30 -11.08 36.47
CA TYR F 177 -1.85 -9.90 35.82
C TYR F 177 -2.02 -8.73 36.77
N GLY F 178 -2.12 -8.99 38.07
CA GLY F 178 -2.40 -7.92 39.01
C GLY F 178 -3.88 -7.66 39.06
N PHE F 179 -4.28 -6.40 39.19
CA PHE F 179 -5.69 -6.07 39.11
C PHE F 179 -5.92 -4.80 38.34
N SER F 180 -5.18 -4.62 37.26
CA SER F 180 -5.24 -3.40 36.46
C SER F 180 -4.69 -3.71 35.09
N LEU F 181 -4.67 -2.70 34.23
CA LEU F 181 -4.05 -2.82 32.93
C LEU F 181 -3.46 -1.48 32.53
N SER F 182 -2.19 -1.49 32.16
CA SER F 182 -1.52 -0.28 31.74
C SER F 182 -1.70 -0.10 30.24
N ALA F 183 -1.73 1.17 29.81
CA ALA F 183 -2.09 1.46 28.43
C ALA F 183 -0.90 1.33 27.49
N VAL F 184 0.30 1.12 28.00
CA VAL F 184 1.48 0.92 27.18
C VAL F 184 2.25 -0.26 27.75
N TYR F 185 2.54 -1.24 26.91
CA TYR F 185 3.39 -2.36 27.29
C TYR F 185 4.71 -2.26 26.54
N THR F 186 5.80 -2.46 27.27
CA THR F 186 7.14 -2.51 26.70
C THR F 186 7.53 -3.98 26.58
N CYS F 187 7.88 -4.41 25.39
CA CYS F 187 8.10 -5.81 25.08
C CYS F 187 9.56 -6.05 24.75
N LYS F 188 10.11 -7.15 25.25
CA LYS F 188 11.51 -7.50 25.02
C LYS F 188 11.67 -8.98 24.73
N ARG F 189 10.84 -9.51 23.83
CA ARG F 189 10.96 -10.89 23.42
C ARG F 189 11.64 -10.96 22.06
N ASP F 190 11.87 -12.16 21.59
CA ASP F 190 12.48 -12.40 20.30
C ASP F 190 11.43 -12.81 19.28
N PRO F 191 11.59 -12.45 17.99
CA PRO F 191 12.70 -11.80 17.30
C PRO F 191 12.55 -10.31 17.10
N CYS F 192 11.94 -9.62 18.05
CA CYS F 192 11.88 -8.18 17.97
C CYS F 192 13.26 -7.59 18.22
N PRO F 193 13.49 -6.33 17.84
CA PRO F 193 14.71 -5.63 18.27
C PRO F 193 14.69 -5.26 19.75
N HIS F 194 15.64 -4.40 20.16
CA HIS F 194 15.95 -4.10 21.56
C HIS F 194 14.75 -3.92 22.48
N GLN F 195 13.90 -2.95 22.20
CA GLN F 195 12.66 -2.81 22.95
C GLN F 195 11.62 -2.14 22.07
N VAL F 196 10.41 -2.69 22.06
CA VAL F 196 9.32 -2.16 21.25
C VAL F 196 8.17 -1.77 22.16
N ASP F 197 7.38 -0.81 21.70
CA ASP F 197 6.22 -0.32 22.42
C ASP F 197 4.96 -0.92 21.82
N CYS F 198 4.18 -1.63 22.63
CA CYS F 198 2.94 -2.20 22.17
C CYS F 198 1.78 -1.63 22.97
N PHE F 199 0.76 -1.17 22.26
CA PHE F 199 -0.38 -0.48 22.85
C PHE F 199 -1.57 -1.42 22.89
N LEU F 200 -2.14 -1.61 24.07
CA LEU F 200 -3.22 -2.55 24.25
C LEU F 200 -4.52 -2.05 23.63
N SER F 201 -5.56 -2.86 23.73
CA SER F 201 -6.88 -2.51 23.24
C SER F 201 -7.82 -2.35 24.42
N ARG F 202 -8.30 -1.14 24.63
CA ARG F 202 -9.16 -0.70 25.72
C ARG F 202 -8.67 -1.12 27.10
N PRO F 203 -7.62 -0.51 27.65
CA PRO F 203 -7.23 -0.83 29.03
C PRO F 203 -8.23 -0.44 30.09
N THR F 204 -8.90 0.70 29.98
CA THR F 204 -9.79 1.17 31.04
C THR F 204 -11.10 0.39 31.07
N GLU F 205 -11.66 0.05 29.91
CA GLU F 205 -12.86 -0.78 29.89
C GLU F 205 -12.56 -2.19 30.39
N LYS F 206 -11.35 -2.67 30.14
CA LYS F 206 -10.98 -3.95 30.72
C LYS F 206 -10.63 -3.81 32.20
N THR F 207 -10.35 -2.59 32.66
CA THR F 207 -10.02 -2.41 34.06
C THR F 207 -11.27 -2.53 34.94
N ILE F 208 -12.38 -1.95 34.48
CA ILE F 208 -13.59 -1.90 35.31
C ILE F 208 -14.20 -3.28 35.46
N PHE F 209 -14.16 -4.08 34.40
CA PHE F 209 -14.74 -5.41 34.51
C PHE F 209 -13.82 -6.38 35.23
N ILE F 210 -12.55 -6.02 35.41
CA ILE F 210 -11.69 -6.85 36.25
C ILE F 210 -12.06 -6.67 37.71
N ILE F 211 -12.30 -5.42 38.11
CA ILE F 211 -12.61 -5.11 39.50
C ILE F 211 -13.99 -5.65 39.88
N PHE F 212 -14.92 -5.70 38.92
CA PHE F 212 -16.19 -6.37 39.16
C PHE F 212 -15.99 -7.87 39.33
N MET F 213 -15.07 -8.44 38.58
CA MET F 213 -14.80 -9.85 38.75
C MET F 213 -13.97 -10.12 39.99
N LEU F 214 -13.31 -9.09 40.54
CA LEU F 214 -12.66 -9.27 41.83
C LEU F 214 -13.67 -9.13 42.96
N VAL F 215 -14.57 -8.15 42.87
CA VAL F 215 -15.52 -7.88 43.95
C VAL F 215 -16.55 -8.99 44.06
N VAL F 216 -17.10 -9.41 42.92
CA VAL F 216 -18.15 -10.42 42.93
C VAL F 216 -17.58 -11.79 43.30
N SER F 217 -16.30 -12.03 43.02
CA SER F 217 -15.67 -13.24 43.52
C SER F 217 -15.38 -13.13 45.01
N LEU F 218 -15.03 -11.93 45.48
CA LEU F 218 -14.70 -11.77 46.89
C LEU F 218 -15.95 -11.82 47.76
N VAL F 219 -17.06 -11.30 47.27
CA VAL F 219 -18.30 -11.41 48.03
C VAL F 219 -18.83 -12.84 47.95
N SER F 220 -18.41 -13.58 46.93
CA SER F 220 -18.70 -15.01 46.91
C SER F 220 -17.88 -15.74 47.95
N LEU F 221 -16.62 -15.36 48.11
CA LEU F 221 -15.71 -16.05 49.01
C LEU F 221 -16.14 -15.84 50.47
N ALA F 222 -16.56 -14.63 50.81
CA ALA F 222 -17.03 -14.38 52.17
C ALA F 222 -18.38 -15.04 52.43
N LEU F 223 -19.18 -15.20 51.37
CA LEU F 223 -20.51 -15.77 51.55
C LEU F 223 -20.45 -17.29 51.73
N ASN F 224 -19.33 -17.91 51.36
CA ASN F 224 -19.18 -19.33 51.65
C ASN F 224 -18.56 -19.55 53.01
N ILE F 225 -17.72 -18.61 53.45
CA ILE F 225 -17.06 -18.71 54.74
C ILE F 225 -18.09 -18.61 55.86
N ILE F 226 -19.09 -17.75 55.69
CA ILE F 226 -20.10 -17.54 56.72
C ILE F 226 -20.98 -18.78 56.85
N GLU F 227 -21.14 -19.54 55.77
CA GLU F 227 -21.78 -20.84 55.89
C GLU F 227 -20.90 -21.81 56.63
N LEU F 228 -19.59 -21.70 56.43
CA LEU F 228 -18.67 -22.69 56.98
C LEU F 228 -18.56 -22.57 58.49
N PHE F 229 -18.76 -21.37 59.03
CA PHE F 229 -18.81 -21.21 60.47
C PHE F 229 -20.10 -21.79 61.03
N TYR F 230 -21.19 -21.66 60.26
CA TYR F 230 -22.51 -22.02 60.77
C TYR F 230 -22.65 -23.54 60.88
N VAL F 231 -21.99 -24.29 60.00
CA VAL F 231 -22.08 -25.74 60.05
C VAL F 231 -21.23 -26.29 61.18
N PHE F 232 -20.11 -25.63 61.48
CA PHE F 232 -19.27 -26.08 62.59
C PHE F 232 -19.86 -25.69 63.94
N PHE F 233 -20.35 -24.45 64.05
CA PHE F 233 -20.87 -23.93 65.32
C PHE F 233 -22.23 -24.48 65.68
N LYS F 234 -22.86 -25.28 64.81
CA LYS F 234 -24.06 -25.99 65.19
C LYS F 234 -23.75 -27.08 66.20
N GLY F 235 -22.51 -27.58 66.17
CA GLY F 235 -22.07 -28.61 67.10
C GLY F 235 -21.03 -29.54 66.49
N GLY G 2 45.44 34.68 -35.36
CA GLY G 2 45.82 35.32 -36.60
C GLY G 2 45.52 34.46 -37.82
N ASP G 3 45.24 33.19 -37.57
CA ASP G 3 44.92 32.25 -38.63
C ASP G 3 43.44 32.23 -38.98
N TRP G 4 42.72 33.31 -38.68
CA TRP G 4 41.36 33.50 -39.13
C TRP G 4 41.29 34.15 -40.50
N SER G 5 42.44 34.54 -41.05
CA SER G 5 42.47 35.17 -42.35
C SER G 5 42.18 34.16 -43.46
N ALA G 6 42.59 32.91 -43.25
CA ALA G 6 42.25 31.87 -44.22
C ALA G 6 40.79 31.46 -44.06
N LEU G 7 40.25 31.57 -42.85
CA LEU G 7 38.85 31.25 -42.65
C LEU G 7 37.95 32.31 -43.27
N GLY G 8 38.49 33.52 -43.44
CA GLY G 8 37.72 34.58 -44.08
C GLY G 8 37.48 34.31 -45.55
N LYS G 9 38.40 33.60 -46.20
CA LYS G 9 38.21 33.25 -47.60
C LYS G 9 37.20 32.13 -47.75
N LEU G 10 37.13 31.25 -46.76
CA LEU G 10 36.20 30.12 -46.85
C LEU G 10 34.77 30.55 -46.60
N LEU G 11 34.57 31.50 -45.69
CA LEU G 11 33.20 31.94 -45.41
C LEU G 11 32.72 32.94 -46.46
N ASP G 12 33.62 33.45 -47.28
CA ASP G 12 33.19 34.30 -48.38
C ASP G 12 32.72 33.48 -49.57
N LYS G 13 33.43 32.40 -49.89
CA LYS G 13 33.13 31.67 -51.11
C LYS G 13 31.90 30.78 -50.95
N VAL G 14 31.55 30.42 -49.71
CA VAL G 14 30.38 29.58 -49.50
C VAL G 14 29.10 30.37 -49.71
N GLN G 15 29.13 31.67 -49.43
CA GLN G 15 27.95 32.52 -49.52
C GLN G 15 28.09 33.58 -50.59
N ALA G 16 28.82 33.29 -51.67
CA ALA G 16 28.99 34.28 -52.73
C ALA G 16 27.76 34.37 -53.62
N TYR G 17 26.88 33.37 -53.57
CA TYR G 17 25.68 33.36 -54.38
C TYR G 17 24.43 33.74 -53.62
N SER G 18 24.53 33.95 -52.31
CA SER G 18 23.36 34.26 -51.51
C SER G 18 23.16 35.76 -51.39
N THR G 19 21.95 36.14 -50.98
CA THR G 19 21.61 37.54 -50.83
C THR G 19 22.16 38.10 -49.54
N ALA G 20 21.99 39.41 -49.36
CA ALA G 20 22.44 40.07 -48.14
C ALA G 20 21.48 39.87 -46.98
N GLY G 21 20.31 39.32 -47.23
CA GLY G 21 19.31 39.15 -46.18
C GLY G 21 19.15 37.76 -45.65
N GLY G 22 19.64 36.75 -46.36
CA GLY G 22 19.46 35.37 -45.92
C GLY G 22 20.54 34.93 -44.97
N LYS G 23 21.76 35.40 -45.18
CA LYS G 23 22.87 35.01 -44.32
C LYS G 23 22.80 35.68 -42.95
N VAL G 24 21.96 36.69 -42.77
CA VAL G 24 21.83 37.36 -41.47
C VAL G 24 20.58 36.88 -40.76
N TRP G 25 19.60 36.41 -41.53
CA TRP G 25 18.35 35.99 -40.91
C TRP G 25 18.33 34.50 -40.65
N LEU G 26 18.86 33.70 -41.58
CA LEU G 26 18.85 32.25 -41.37
C LEU G 26 19.89 31.81 -40.35
N SER G 27 21.08 32.42 -40.35
CA SER G 27 22.11 32.10 -39.37
C SER G 27 21.68 32.41 -37.95
N VAL G 28 20.91 33.47 -37.76
CA VAL G 28 20.33 33.71 -36.45
C VAL G 28 19.19 32.72 -36.19
N LEU G 29 18.47 32.31 -37.25
CA LEU G 29 17.40 31.35 -37.08
C LEU G 29 17.93 29.96 -36.74
N PHE G 30 19.16 29.65 -37.16
CA PHE G 30 19.75 28.39 -36.73
C PHE G 30 20.16 28.45 -35.27
N ILE G 31 20.65 29.59 -34.82
CA ILE G 31 21.01 29.77 -33.42
C ILE G 31 19.75 29.80 -32.55
N PHE G 32 18.66 30.35 -33.09
CA PHE G 32 17.42 30.43 -32.34
C PHE G 32 16.81 29.05 -32.12
N ARG G 33 16.79 28.23 -33.17
CA ARG G 33 16.12 26.93 -33.08
C ARG G 33 16.88 25.97 -32.18
N ILE G 34 18.21 26.07 -32.15
CA ILE G 34 19.00 25.27 -31.21
C ILE G 34 18.74 25.71 -29.79
N LEU G 35 18.74 27.02 -29.54
CA LEU G 35 18.64 27.52 -28.18
C LEU G 35 17.25 27.32 -27.62
N LEU G 36 16.23 27.29 -28.48
CA LEU G 36 14.90 26.95 -28.00
C LEU G 36 14.79 25.47 -27.68
N LEU G 37 15.48 24.63 -28.46
CA LEU G 37 15.28 23.19 -28.35
C LEU G 37 16.01 22.60 -27.15
N GLY G 38 17.28 22.93 -26.97
CA GLY G 38 18.09 22.22 -26.00
C GLY G 38 18.07 22.83 -24.62
N THR G 39 17.44 23.99 -24.48
CA THR G 39 17.43 24.69 -23.21
C THR G 39 16.04 24.83 -22.61
N ALA G 40 15.07 25.23 -23.42
CA ALA G 40 13.73 25.47 -22.90
C ALA G 40 12.87 24.22 -22.95
N VAL G 41 12.73 23.62 -24.14
CA VAL G 41 11.71 22.59 -24.33
C VAL G 41 12.20 21.18 -24.08
N GLU G 42 13.50 20.97 -23.92
CA GLU G 42 14.00 19.64 -23.57
C GLU G 42 13.60 19.24 -22.16
N SER G 43 13.70 20.14 -21.20
CA SER G 43 13.25 19.88 -19.85
C SER G 43 11.73 19.76 -19.74
N ALA G 44 10.98 20.29 -20.69
CA ALA G 44 9.53 20.21 -20.63
C ALA G 44 9.04 18.81 -20.92
N TRP G 45 9.71 18.09 -21.82
CA TRP G 45 9.34 16.72 -22.14
C TRP G 45 10.10 15.71 -21.32
N GLY G 46 10.52 16.07 -20.11
CA GLY G 46 11.28 15.15 -19.30
C GLY G 46 10.44 14.01 -18.77
N ASP G 47 9.31 14.34 -18.15
CA ASP G 47 8.41 13.34 -17.62
C ASP G 47 7.27 13.08 -18.60
N GLU G 48 7.61 12.66 -19.81
CA GLU G 48 6.57 12.33 -20.77
C GLU G 48 5.94 10.98 -20.46
N GLN G 49 6.65 10.10 -19.78
CA GLN G 49 6.11 8.80 -19.42
C GLN G 49 5.82 8.64 -17.94
N SER G 50 6.60 9.27 -17.07
CA SER G 50 6.45 9.06 -15.64
C SER G 50 5.21 9.73 -15.06
N ALA G 51 4.54 10.60 -15.81
CA ALA G 51 3.31 11.23 -15.35
C ALA G 51 2.09 10.72 -16.09
N PHE G 52 2.27 9.93 -17.13
CA PHE G 52 1.18 9.41 -17.94
C PHE G 52 0.42 8.36 -17.15
N ARG G 53 -0.73 8.72 -16.60
CA ARG G 53 -1.51 7.78 -15.82
C ARG G 53 -2.78 7.40 -16.54
N CYS G 54 -3.17 6.14 -16.41
CA CYS G 54 -4.37 5.64 -17.04
C CYS G 54 -5.31 5.14 -15.97
N ASN G 55 -6.57 4.98 -16.35
CA ASN G 55 -7.63 4.66 -15.40
C ASN G 55 -7.95 3.18 -15.38
N THR G 56 -6.97 2.36 -15.02
CA THR G 56 -7.19 0.92 -14.97
C THR G 56 -6.26 0.25 -13.98
N GLN G 57 -6.57 -1.01 -13.71
CA GLN G 57 -5.73 -1.87 -12.88
C GLN G 57 -4.99 -2.90 -13.71
N GLN G 58 -5.22 -2.94 -15.00
CA GLN G 58 -4.62 -3.96 -15.85
C GLN G 58 -3.13 -3.67 -15.99
N PRO G 59 -2.26 -4.58 -15.55
CA PRO G 59 -0.82 -4.29 -15.53
C PRO G 59 -0.26 -4.25 -16.94
N GLY G 60 0.50 -3.22 -17.23
CA GLY G 60 1.04 -3.01 -18.55
C GLY G 60 0.14 -2.26 -19.49
N CYS G 61 -1.10 -1.97 -19.10
CA CYS G 61 -2.01 -1.21 -19.95
C CYS G 61 -1.52 0.22 -20.14
N GLU G 62 -0.77 0.76 -19.18
CA GLU G 62 -0.21 2.09 -19.37
C GLU G 62 1.01 2.04 -20.27
N ASN G 63 1.61 0.86 -20.44
CA ASN G 63 2.76 0.75 -21.34
C ASN G 63 2.31 0.72 -22.79
N VAL G 64 1.24 0.00 -23.09
CA VAL G 64 0.84 -0.15 -24.49
C VAL G 64 -0.06 0.99 -24.91
N CYS G 65 -0.66 1.71 -23.96
CA CYS G 65 -1.51 2.82 -24.36
C CYS G 65 -0.70 4.09 -24.56
N TYR G 66 0.41 4.24 -23.84
CA TYR G 66 1.24 5.41 -24.04
C TYR G 66 1.86 5.41 -25.43
N ASP G 67 2.15 4.22 -25.93
CA ASP G 67 2.82 4.13 -27.22
C ASP G 67 1.91 4.54 -28.35
N LYS G 68 0.63 4.20 -28.27
CA LYS G 68 -0.31 4.55 -29.33
C LYS G 68 -0.51 6.06 -29.40
N SER G 69 -0.39 6.74 -28.27
CA SER G 69 -0.47 8.20 -28.27
C SER G 69 0.80 8.83 -28.80
N PHE G 70 1.95 8.25 -28.48
CA PHE G 70 3.24 8.80 -28.88
C PHE G 70 4.10 7.72 -29.53
N PRO G 71 3.94 7.48 -30.83
CA PRO G 71 4.92 6.62 -31.51
C PRO G 71 6.31 7.20 -31.52
N ILE G 72 6.43 8.52 -31.64
CA ILE G 72 7.73 9.16 -31.50
C ILE G 72 7.49 10.53 -30.90
N SER G 73 8.20 10.84 -29.84
CA SER G 73 7.95 12.07 -29.11
C SER G 73 8.40 13.27 -29.92
N HIS G 74 7.83 14.43 -29.60
CA HIS G 74 8.07 15.62 -30.40
C HIS G 74 9.50 16.12 -30.27
N VAL G 75 10.15 15.87 -29.13
CA VAL G 75 11.51 16.33 -28.93
C VAL G 75 12.49 15.55 -29.79
N ARG G 76 12.41 14.23 -29.80
CA ARG G 76 13.24 13.45 -30.69
C ARG G 76 12.80 13.55 -32.13
N PHE G 77 11.61 14.10 -32.38
CA PHE G 77 11.24 14.46 -33.74
C PHE G 77 11.97 15.70 -34.20
N TRP G 78 11.98 16.75 -33.37
CA TRP G 78 12.55 18.02 -33.81
C TRP G 78 14.07 17.95 -33.84
N VAL G 79 14.67 17.09 -33.03
CA VAL G 79 16.10 16.83 -33.16
C VAL G 79 16.38 16.07 -34.45
N LEU G 80 15.48 15.15 -34.83
CA LEU G 80 15.64 14.44 -36.09
C LEU G 80 15.45 15.37 -37.27
N GLN G 81 14.63 16.41 -37.10
CA GLN G 81 14.40 17.35 -38.19
C GLN G 81 15.60 18.27 -38.38
N ILE G 82 16.17 18.76 -37.28
CA ILE G 82 17.15 19.84 -37.37
C ILE G 82 18.47 19.36 -37.96
N ILE G 83 18.79 18.07 -37.81
CA ILE G 83 20.00 17.57 -38.44
C ILE G 83 19.79 17.44 -39.94
N PHE G 84 18.57 17.06 -40.35
CA PHE G 84 18.30 16.90 -41.76
C PHE G 84 18.23 18.21 -42.51
N VAL G 85 17.86 19.31 -41.84
CA VAL G 85 17.90 20.60 -42.51
C VAL G 85 19.31 21.19 -42.47
N SER G 86 20.13 20.77 -41.51
CA SER G 86 21.48 21.32 -41.43
C SER G 86 22.45 20.55 -42.32
N VAL G 87 22.17 19.26 -42.57
CA VAL G 87 23.11 18.43 -43.32
C VAL G 87 23.36 18.84 -44.77
N PRO G 88 22.40 19.44 -45.53
CA PRO G 88 22.83 19.90 -46.87
C PRO G 88 23.73 21.11 -46.81
N THR G 89 23.66 21.91 -45.76
CA THR G 89 24.59 23.03 -45.61
C THR G 89 25.96 22.53 -45.21
N LEU G 90 25.99 21.50 -44.36
CA LEU G 90 27.28 20.94 -43.91
C LEU G 90 27.97 20.22 -45.06
N LEU G 91 27.20 19.53 -45.90
CA LEU G 91 27.78 18.81 -47.02
C LEU G 91 28.33 19.77 -48.05
N TYR G 92 27.67 20.91 -48.24
CA TYR G 92 28.19 21.92 -49.16
C TYR G 92 29.41 22.60 -48.56
N LEU G 93 29.48 22.65 -47.24
CA LEU G 93 30.63 23.27 -46.60
C LEU G 93 31.86 22.39 -46.72
N ALA G 94 31.69 21.08 -46.57
CA ALA G 94 32.83 20.18 -46.65
C ALA G 94 33.32 20.03 -48.08
N HIS G 95 32.42 20.15 -49.05
CA HIS G 95 32.84 20.03 -50.44
C HIS G 95 33.61 21.26 -50.89
N VAL G 96 33.18 22.44 -50.45
CA VAL G 96 33.80 23.67 -50.93
C VAL G 96 35.15 23.88 -50.28
N PHE G 97 35.41 23.19 -49.17
CA PHE G 97 36.73 23.30 -48.55
C PHE G 97 37.76 22.54 -49.36
N TYR G 98 37.43 21.32 -49.78
CA TYR G 98 38.38 20.53 -50.55
C TYR G 98 38.54 21.08 -51.97
N VAL G 99 37.51 21.73 -52.49
CA VAL G 99 37.64 22.40 -53.79
C VAL G 99 38.61 23.57 -53.68
N MET G 100 38.54 24.31 -52.57
CA MET G 100 39.47 25.41 -52.34
C MET G 100 40.90 24.90 -52.14
N ARG G 101 41.05 23.76 -51.48
CA ARG G 101 42.38 23.22 -51.26
C ARG G 101 43.00 22.72 -52.55
N LYS G 102 42.17 22.21 -53.47
CA LYS G 102 42.67 21.73 -54.76
C LYS G 102 43.21 22.88 -55.60
N GLU G 103 42.61 24.06 -55.48
CA GLU G 103 43.07 25.18 -56.26
C GLU G 103 44.23 25.90 -55.60
N GLU G 104 44.46 25.69 -54.30
CA GLU G 104 45.61 26.31 -53.67
C GLU G 104 46.89 25.57 -54.05
N LYS G 105 46.79 24.29 -54.38
CA LYS G 105 47.92 23.52 -54.85
C LYS G 105 48.04 23.52 -56.37
N LEU G 106 47.51 24.53 -57.04
CA LEU G 106 47.62 24.69 -58.47
C LEU G 106 48.32 25.96 -58.90
N ASN G 107 48.07 27.08 -58.21
CA ASN G 107 48.57 28.38 -58.62
C ASN G 107 49.94 28.70 -58.02
N LYS G 108 50.53 27.75 -57.29
CA LYS G 108 51.88 27.93 -56.77
C LYS G 108 52.89 27.01 -57.45
N LYS G 109 52.46 26.23 -58.44
CA LYS G 109 53.33 25.30 -59.13
C LYS G 109 52.76 24.92 -60.49
N ARG G 148 33.38 27.76 -64.82
CA ARG G 148 32.07 28.36 -64.59
C ARG G 148 30.96 27.31 -64.60
N GLY G 149 30.18 27.27 -63.52
CA GLY G 149 29.03 26.39 -63.42
C GLY G 149 29.28 25.14 -62.60
N GLY G 150 30.51 24.87 -62.18
CA GLY G 150 30.81 23.63 -61.49
C GLY G 150 30.40 23.66 -60.04
N LEU G 151 30.60 24.80 -59.39
CA LEU G 151 30.24 24.99 -57.99
C LEU G 151 28.78 25.32 -57.80
N LEU G 152 28.14 25.88 -58.82
CA LEU G 152 26.82 26.49 -58.67
C LEU G 152 25.70 25.46 -58.59
N ARG G 153 25.85 24.33 -59.28
CA ARG G 153 24.79 23.34 -59.35
C ARG G 153 24.54 22.71 -57.98
N THR G 154 25.61 22.37 -57.26
CA THR G 154 25.42 21.78 -55.95
C THR G 154 24.98 22.82 -54.93
N TYR G 155 25.21 24.11 -55.20
CA TYR G 155 24.64 25.14 -54.33
C TYR G 155 23.13 25.21 -54.49
N ILE G 156 22.64 24.98 -55.71
CA ILE G 156 21.20 24.96 -55.92
C ILE G 156 20.58 23.76 -55.24
N ILE G 157 21.19 22.59 -55.42
CA ILE G 157 20.70 21.34 -54.84
C ILE G 157 20.72 21.40 -53.32
N SER G 158 21.66 22.15 -52.75
CA SER G 158 21.77 22.23 -51.30
C SER G 158 20.61 23.00 -50.68
N ILE G 159 19.99 23.91 -51.42
CA ILE G 159 18.86 24.63 -50.88
C ILE G 159 17.55 23.89 -51.18
N LEU G 160 17.54 23.07 -52.24
CA LEU G 160 16.34 22.30 -52.54
C LEU G 160 16.04 21.29 -51.46
N PHE G 161 17.06 20.53 -51.04
CA PHE G 161 16.86 19.50 -50.05
C PHE G 161 16.67 20.07 -48.66
N LYS G 162 17.01 21.34 -48.47
CA LYS G 162 16.65 22.02 -47.23
C LYS G 162 15.15 22.21 -47.13
N SER G 163 14.51 22.66 -48.20
CA SER G 163 13.07 22.80 -48.16
C SER G 163 12.35 21.47 -48.27
N ILE G 164 12.86 20.56 -49.10
CA ILE G 164 12.13 19.34 -49.43
C ILE G 164 12.03 18.43 -48.22
N PHE G 165 13.11 18.35 -47.43
CA PHE G 165 13.03 17.65 -46.16
C PHE G 165 12.16 18.40 -45.16
N GLU G 166 12.06 19.72 -45.30
CA GLU G 166 11.29 20.49 -44.33
C GLU G 166 9.79 20.34 -44.57
N VAL G 167 9.37 20.30 -45.84
CA VAL G 167 7.98 20.01 -46.15
C VAL G 167 7.65 18.58 -45.78
N ALA G 168 8.62 17.68 -45.91
CA ALA G 168 8.38 16.27 -45.63
C ALA G 168 8.13 16.03 -44.15
N PHE G 169 8.83 16.75 -43.27
CA PHE G 169 8.66 16.51 -41.85
C PHE G 169 7.41 17.20 -41.32
N LEU G 170 6.95 18.23 -42.01
CA LEU G 170 5.74 18.93 -41.55
C LEU G 170 4.50 18.09 -41.77
N LEU G 171 4.33 17.54 -42.97
CA LEU G 171 3.11 16.83 -43.30
C LEU G 171 3.00 15.50 -42.57
N ILE G 172 4.15 14.94 -42.18
CA ILE G 172 4.15 13.75 -41.35
C ILE G 172 3.55 14.05 -39.99
N GLN G 173 3.85 15.23 -39.45
CA GLN G 173 3.30 15.64 -38.17
C GLN G 173 1.79 15.90 -38.29
N TRP G 174 1.37 16.44 -39.43
CA TRP G 174 -0.06 16.60 -39.67
C TRP G 174 -0.71 15.25 -39.88
N TYR G 175 -0.01 14.31 -40.50
CA TYR G 175 -0.59 12.99 -40.70
C TYR G 175 -0.69 12.22 -39.39
N ILE G 176 0.18 12.51 -38.42
CA ILE G 176 0.22 11.71 -37.21
C ILE G 176 -0.34 12.48 -36.01
N TYR G 177 0.30 13.59 -35.66
CA TYR G 177 0.01 14.25 -34.39
C TYR G 177 -0.91 15.46 -34.55
N GLY G 178 -0.95 16.05 -35.73
CA GLY G 178 -1.72 17.26 -35.89
C GLY G 178 -0.90 18.45 -35.46
N PHE G 179 -1.53 19.44 -34.83
CA PHE G 179 -0.77 20.55 -34.27
C PHE G 179 -1.31 20.96 -32.93
N SER G 180 -1.70 19.99 -32.11
CA SER G 180 -2.32 20.26 -30.82
C SER G 180 -2.16 19.01 -29.97
N LEU G 181 -2.68 19.08 -28.75
CA LEU G 181 -2.71 17.92 -27.88
C LEU G 181 -3.96 18.01 -27.00
N SER G 182 -4.73 16.94 -27.01
CA SER G 182 -5.93 16.88 -26.19
C SER G 182 -5.59 16.33 -24.81
N ALA G 183 -6.34 16.79 -23.81
CA ALA G 183 -5.98 16.48 -22.44
C ALA G 183 -6.48 15.11 -21.99
N VAL G 184 -7.27 14.43 -22.81
CA VAL G 184 -7.75 13.10 -22.50
C VAL G 184 -7.59 12.25 -23.76
N TYR G 185 -6.92 11.12 -23.63
CA TYR G 185 -6.82 10.15 -24.71
C TYR G 185 -7.62 8.91 -24.34
N THR G 186 -8.40 8.43 -25.30
CA THR G 186 -9.15 7.19 -25.18
C THR G 186 -8.37 6.11 -25.91
N CYS G 187 -8.04 5.03 -25.22
CA CYS G 187 -7.15 4.00 -25.74
C CYS G 187 -7.90 2.70 -25.92
N LYS G 188 -7.63 2.01 -27.03
CA LYS G 188 -8.30 0.75 -27.34
C LYS G 188 -7.30 -0.26 -27.89
N ARG G 189 -6.17 -0.43 -27.22
CA ARG G 189 -5.19 -1.43 -27.61
C ARG G 189 -5.31 -2.63 -26.68
N ASP G 190 -4.52 -3.65 -26.95
CA ASP G 190 -4.49 -4.84 -26.14
C ASP G 190 -3.24 -4.85 -25.26
N PRO G 191 -3.30 -5.43 -24.05
CA PRO G 191 -4.35 -6.21 -23.40
C PRO G 191 -5.23 -5.44 -22.45
N CYS G 192 -5.51 -4.19 -22.74
CA CYS G 192 -6.45 -3.45 -21.93
C CYS G 192 -7.86 -3.97 -22.16
N PRO G 193 -8.80 -3.68 -21.26
CA PRO G 193 -10.22 -3.95 -21.54
C PRO G 193 -10.80 -2.99 -22.57
N HIS G 194 -12.13 -2.99 -22.71
CA HIS G 194 -12.89 -2.34 -23.79
C HIS G 194 -12.41 -0.95 -24.18
N GLN G 195 -12.43 -0.01 -23.25
CA GLN G 195 -11.85 1.30 -23.51
C GLN G 195 -11.40 1.91 -22.19
N VAL G 196 -10.19 2.47 -22.19
CA VAL G 196 -9.62 3.07 -21.00
C VAL G 196 -9.31 4.54 -21.29
N ASP G 197 -9.33 5.34 -20.22
CA ASP G 197 -9.03 6.76 -20.31
C ASP G 197 -7.62 7.02 -19.81
N CYS G 198 -6.79 7.61 -20.66
CA CYS G 198 -5.43 7.93 -20.27
C CYS G 198 -5.23 9.43 -20.38
N PHE G 199 -4.68 10.02 -19.32
CA PHE G 199 -4.51 11.45 -19.20
C PHE G 199 -3.06 11.82 -19.43
N LEU G 200 -2.81 12.72 -20.37
CA LEU G 200 -1.46 13.07 -20.74
C LEU G 200 -0.78 13.91 -19.67
N SER G 201 0.47 14.26 -19.93
CA SER G 201 1.25 15.10 -19.03
C SER G 201 1.50 16.42 -19.71
N ARG G 202 0.94 17.50 -19.15
CA ARG G 202 0.99 18.87 -19.64
C ARG G 202 0.62 19.03 -21.10
N PRO G 203 -0.66 18.89 -21.50
CA PRO G 203 -1.02 19.16 -22.89
C PRO G 203 -0.84 20.59 -23.34
N THR G 204 -1.16 21.59 -22.51
CA THR G 204 -1.11 22.98 -22.94
C THR G 204 0.32 23.50 -23.06
N GLU G 205 1.21 23.12 -22.14
CA GLU G 205 2.60 23.52 -22.26
C GLU G 205 3.25 22.84 -23.46
N LYS G 206 2.82 21.63 -23.78
CA LYS G 206 3.31 21.01 -25.00
C LYS G 206 2.64 21.59 -26.23
N THR G 207 1.50 22.26 -26.06
CA THR G 207 0.83 22.85 -27.22
C THR G 207 1.55 24.09 -27.70
N ILE G 208 2.03 24.92 -26.78
CA ILE G 208 2.62 26.20 -27.15
C ILE G 208 3.96 26.00 -27.83
N PHE G 209 4.74 25.01 -27.37
CA PHE G 209 6.02 24.79 -27.99
C PHE G 209 5.89 24.03 -29.31
N ILE G 210 4.74 23.43 -29.58
CA ILE G 210 4.53 22.83 -30.89
C ILE G 210 4.32 23.93 -31.93
N ILE G 211 3.52 24.93 -31.56
CA ILE G 211 3.20 26.02 -32.49
C ILE G 211 4.42 26.89 -32.75
N PHE G 212 5.31 27.01 -31.76
CA PHE G 212 6.60 27.67 -32.01
C PHE G 212 7.47 26.85 -32.95
N MET G 213 7.40 25.54 -32.83
CA MET G 213 8.16 24.71 -33.76
C MET G 213 7.49 24.64 -35.11
N LEU G 214 6.20 24.98 -35.21
CA LEU G 214 5.58 25.11 -36.51
C LEU G 214 5.92 26.45 -37.16
N VAL G 215 5.87 27.53 -36.36
CA VAL G 215 6.08 28.87 -36.90
C VAL G 215 7.53 29.07 -37.31
N VAL G 216 8.46 28.65 -36.46
CA VAL G 216 9.88 28.88 -36.74
C VAL G 216 10.35 27.97 -37.87
N SER G 217 9.70 26.81 -38.05
CA SER G 217 9.99 26.01 -39.22
C SER G 217 9.37 26.62 -40.48
N LEU G 218 8.19 27.24 -40.33
CA LEU G 218 7.54 27.81 -41.51
C LEU G 218 8.22 29.08 -41.96
N VAL G 219 8.73 29.88 -41.02
CA VAL G 219 9.48 31.06 -41.43
C VAL G 219 10.84 30.65 -41.96
N SER G 220 11.31 29.47 -41.59
CA SER G 220 12.50 28.92 -42.23
C SER G 220 12.21 28.51 -43.66
N LEU G 221 11.04 27.92 -43.88
CA LEU G 221 10.70 27.41 -45.20
C LEU G 221 10.51 28.53 -46.21
N ALA G 222 9.88 29.63 -45.77
CA ALA G 222 9.71 30.77 -46.66
C ALA G 222 11.03 31.49 -46.88
N LEU G 223 11.93 31.43 -45.91
CA LEU G 223 13.19 32.15 -46.05
C LEU G 223 14.16 31.42 -46.98
N ASN G 224 13.91 30.14 -47.24
CA ASN G 224 14.73 29.46 -48.24
C ASN G 224 14.14 29.60 -49.63
N ILE G 225 12.81 29.73 -49.70
CA ILE G 225 12.13 29.89 -50.99
C ILE G 225 12.50 31.22 -51.62
N ILE G 226 12.64 32.26 -50.81
CA ILE G 226 12.95 33.59 -51.32
C ILE G 226 14.38 33.63 -51.85
N GLU G 227 15.25 32.81 -51.30
CA GLU G 227 16.57 32.64 -51.90
C GLU G 227 16.46 31.91 -53.23
N LEU G 228 15.54 30.96 -53.32
CA LEU G 228 15.47 30.10 -54.50
C LEU G 228 14.96 30.85 -55.71
N PHE G 229 14.14 31.88 -55.49
CA PHE G 229 13.74 32.73 -56.60
C PHE G 229 14.89 33.60 -57.05
N TYR G 230 15.72 34.04 -56.10
CA TYR G 230 16.75 35.02 -56.40
C TYR G 230 17.88 34.40 -57.22
N VAL G 231 18.14 33.11 -57.03
CA VAL G 231 19.21 32.46 -57.78
C VAL G 231 18.74 32.16 -59.21
N PHE G 232 17.45 31.87 -59.39
CA PHE G 232 16.92 31.63 -60.73
C PHE G 232 16.75 32.92 -61.50
N PHE G 233 16.19 33.96 -60.85
CA PHE G 233 15.91 35.22 -61.52
C PHE G 233 17.13 36.07 -61.78
N LYS G 234 18.31 35.65 -61.31
CA LYS G 234 19.55 36.31 -61.71
C LYS G 234 19.85 36.04 -63.18
N GLY G 235 19.36 34.92 -63.69
CA GLY G 235 19.55 34.56 -65.09
C GLY G 235 19.62 33.07 -65.30
N GLY H 2 48.08 30.10 -36.10
CA GLY H 2 48.97 30.08 -37.25
C GLY H 2 49.67 28.75 -37.43
N ASP H 3 49.59 27.91 -36.39
CA ASP H 3 50.20 26.59 -36.41
C ASP H 3 49.29 25.54 -36.99
N TRP H 4 48.31 25.93 -37.80
CA TRP H 4 47.49 25.01 -38.56
C TRP H 4 48.11 24.67 -39.90
N SER H 5 49.23 25.31 -40.23
CA SER H 5 49.90 25.03 -41.50
C SER H 5 50.57 23.67 -41.49
N ALA H 6 51.06 23.24 -40.32
CA ALA H 6 51.60 21.91 -40.22
C ALA H 6 50.50 20.86 -40.18
N LEU H 7 49.33 21.24 -39.67
CA LEU H 7 48.20 20.31 -39.67
C LEU H 7 47.65 20.12 -41.07
N GLY H 8 47.89 21.10 -41.95
CA GLY H 8 47.44 20.97 -43.32
C GLY H 8 48.20 19.91 -44.09
N LYS H 9 49.46 19.68 -43.70
CA LYS H 9 50.24 18.64 -44.35
C LYS H 9 49.81 17.26 -43.86
N LEU H 10 49.36 17.18 -42.61
CA LEU H 10 48.98 15.88 -42.05
C LEU H 10 47.63 15.43 -42.60
N LEU H 11 46.70 16.37 -42.79
CA LEU H 11 45.39 15.99 -43.31
C LEU H 11 45.42 15.78 -44.81
N ASP H 12 46.50 16.20 -45.48
CA ASP H 12 46.63 15.92 -46.90
C ASP H 12 47.17 14.51 -47.14
N LYS H 13 48.15 14.09 -46.33
CA LYS H 13 48.82 12.83 -46.61
C LYS H 13 47.99 11.64 -46.16
N VAL H 14 47.05 11.85 -45.22
CA VAL H 14 46.23 10.74 -44.75
C VAL H 14 45.19 10.37 -45.81
N GLN H 15 44.75 11.34 -46.60
CA GLN H 15 43.71 11.11 -47.60
C GLN H 15 44.22 11.31 -49.01
N ALA H 16 45.50 11.01 -49.26
CA ALA H 16 46.03 11.16 -50.60
C ALA H 16 45.60 10.04 -51.53
N TYR H 17 45.13 8.93 -50.97
CA TYR H 17 44.71 7.79 -51.77
C TYR H 17 43.19 7.69 -51.91
N SER H 18 42.44 8.56 -51.25
CA SER H 18 40.99 8.46 -51.28
C SER H 18 40.42 9.34 -52.39
N THR H 19 39.17 9.07 -52.73
CA THR H 19 38.49 9.81 -53.78
C THR H 19 38.01 11.16 -53.27
N ALA H 20 37.47 11.96 -54.19
CA ALA H 20 36.94 13.26 -53.83
C ALA H 20 35.56 13.17 -53.21
N GLY H 21 34.93 12.00 -53.24
CA GLY H 21 33.58 11.86 -52.74
C GLY H 21 33.45 11.17 -51.41
N GLY H 22 34.48 10.46 -50.96
CA GLY H 22 34.39 9.73 -49.71
C GLY H 22 34.75 10.58 -48.51
N LYS H 23 35.70 11.50 -48.69
CA LYS H 23 36.12 12.34 -47.59
C LYS H 23 35.09 13.43 -47.26
N VAL H 24 34.11 13.66 -48.13
CA VAL H 24 33.08 14.66 -47.89
C VAL H 24 31.80 13.99 -47.40
N TRP H 25 31.62 12.72 -47.77
CA TRP H 25 30.39 12.04 -47.40
C TRP H 25 30.55 11.24 -46.12
N LEU H 26 31.70 10.57 -45.96
CA LEU H 26 31.90 9.79 -44.74
C LEU H 26 32.19 10.66 -43.53
N SER H 27 32.95 11.73 -43.68
CA SER H 27 33.23 12.64 -42.58
C SER H 27 31.97 13.31 -42.05
N VAL H 28 31.03 13.63 -42.93
CA VAL H 28 29.73 14.09 -42.46
C VAL H 28 28.94 12.94 -41.86
N LEU H 29 29.12 11.72 -42.38
CA LEU H 29 28.42 10.57 -41.82
C LEU H 29 28.94 10.21 -40.44
N PHE H 30 30.19 10.52 -40.15
CA PHE H 30 30.68 10.30 -38.80
C PHE H 30 30.10 11.34 -37.84
N ILE H 31 29.94 12.57 -38.30
CA ILE H 31 29.34 13.62 -37.48
C ILE H 31 27.85 13.35 -37.31
N PHE H 32 27.21 12.76 -38.32
CA PHE H 32 25.79 12.47 -38.23
C PHE H 32 25.51 11.36 -37.23
N ARG H 33 26.30 10.29 -37.26
CA ARG H 33 26.03 9.15 -36.40
C ARG H 33 26.30 9.46 -34.93
N ILE H 34 27.28 10.33 -34.65
CA ILE H 34 27.50 10.76 -33.28
C ILE H 34 26.35 11.63 -32.79
N LEU H 35 25.89 12.57 -33.63
CA LEU H 35 24.88 13.52 -33.20
C LEU H 35 23.52 12.87 -33.07
N LEU H 36 23.28 11.80 -33.82
CA LEU H 36 22.05 11.05 -33.62
C LEU H 36 22.11 10.23 -32.35
N LEU H 37 23.29 9.72 -32.01
CA LEU H 37 23.40 8.76 -30.92
C LEU H 37 23.37 9.45 -29.56
N GLY H 38 24.17 10.50 -29.37
CA GLY H 38 24.37 11.04 -28.04
C GLY H 38 23.38 12.12 -27.66
N THR H 39 22.55 12.54 -28.60
CA THR H 39 21.62 13.63 -28.35
C THR H 39 20.16 13.20 -28.45
N ALA H 40 19.81 12.45 -29.50
CA ALA H 40 18.42 12.08 -29.70
C ALA H 40 18.07 10.76 -29.02
N VAL H 41 18.82 9.70 -29.32
CA VAL H 41 18.39 8.36 -28.93
C VAL H 41 18.93 7.91 -27.59
N GLU H 42 19.89 8.63 -27.01
CA GLU H 42 20.36 8.27 -25.67
C GLU H 42 19.30 8.51 -24.61
N SER H 43 18.59 9.63 -24.68
CA SER H 43 17.50 9.90 -23.77
C SER H 43 16.29 8.98 -24.00
N ALA H 44 16.18 8.37 -25.18
CA ALA H 44 15.04 7.50 -25.44
C ALA H 44 15.16 6.19 -24.69
N TRP H 45 16.37 5.68 -24.54
CA TRP H 45 16.60 4.45 -23.79
C TRP H 45 16.92 4.70 -22.34
N GLY H 46 16.44 5.79 -21.77
CA GLY H 46 16.74 6.09 -20.38
C GLY H 46 16.04 5.16 -19.43
N ASP H 47 14.73 5.02 -19.59
CA ASP H 47 13.95 4.12 -18.74
C ASP H 47 13.71 2.78 -19.44
N GLU H 48 14.80 2.11 -19.78
CA GLU H 48 14.66 0.79 -20.37
C GLU H 48 14.31 -0.25 -19.34
N GLN H 49 14.63 -0.03 -18.07
CA GLN H 49 14.30 -0.97 -17.02
C GLN H 49 13.22 -0.49 -16.08
N SER H 50 13.16 0.82 -15.81
CA SER H 50 12.22 1.34 -14.82
C SER H 50 10.78 1.32 -15.29
N ALA H 51 10.52 1.08 -16.57
CA ALA H 51 9.16 0.99 -17.07
C ALA H 51 8.77 -0.44 -17.45
N PHE H 52 9.73 -1.35 -17.46
CA PHE H 52 9.50 -2.75 -17.84
C PHE H 52 8.68 -3.43 -16.75
N ARG H 53 7.39 -3.61 -16.98
CA ARG H 53 6.54 -4.24 -16.00
C ARG H 53 6.08 -5.61 -16.49
N CYS H 54 6.00 -6.55 -15.56
CA CYS H 54 5.57 -7.90 -15.87
C CYS H 54 4.32 -8.21 -15.08
N ASN H 55 3.62 -9.26 -15.51
CA ASN H 55 2.30 -9.58 -14.98
C ASN H 55 2.40 -10.68 -13.93
N THR H 56 3.12 -10.42 -12.84
CA THR H 56 3.24 -11.42 -11.79
C THR H 56 3.51 -10.78 -10.45
N GLN H 57 3.40 -11.60 -9.41
CA GLN H 57 3.74 -11.22 -8.05
C GLN H 57 5.04 -11.83 -7.59
N GLN H 58 5.66 -12.67 -8.41
CA GLN H 58 6.86 -13.38 -8.02
C GLN H 58 8.02 -12.40 -7.93
N PRO H 59 8.62 -12.23 -6.76
CA PRO H 59 9.65 -11.19 -6.60
C PRO H 59 10.91 -11.55 -7.34
N GLY H 60 11.44 -10.61 -8.10
CA GLY H 60 12.60 -10.84 -8.92
C GLY H 60 12.31 -11.39 -10.29
N CYS H 61 11.05 -11.75 -10.58
CA CYS H 61 10.70 -12.24 -11.90
C CYS H 61 10.85 -11.17 -12.97
N GLU H 62 10.73 -9.90 -12.60
CA GLU H 62 10.97 -8.84 -13.57
C GLU H 62 12.46 -8.61 -13.77
N ASN H 63 13.29 -9.09 -12.84
CA ASN H 63 14.73 -8.94 -13.01
C ASN H 63 15.28 -9.96 -13.98
N VAL H 64 14.79 -11.21 -13.89
CA VAL H 64 15.37 -12.25 -14.74
C VAL H 64 14.66 -12.30 -16.08
N CYS H 65 13.47 -11.72 -16.20
CA CYS H 65 12.82 -11.73 -17.50
C CYS H 65 13.26 -10.58 -18.36
N TYR H 66 13.64 -9.46 -17.76
CA TYR H 66 14.13 -8.34 -18.53
C TYR H 66 15.44 -8.69 -19.22
N ASP H 67 16.25 -9.51 -18.57
CA ASP H 67 17.55 -9.84 -19.11
C ASP H 67 17.44 -10.70 -20.35
N LYS H 68 16.48 -11.64 -20.37
CA LYS H 68 16.32 -12.51 -21.52
C LYS H 68 15.87 -11.72 -22.74
N SER H 69 15.12 -10.64 -22.53
CA SER H 69 14.73 -9.80 -23.65
C SER H 69 15.89 -8.94 -24.12
N PHE H 70 16.70 -8.44 -23.19
CA PHE H 70 17.79 -7.55 -23.52
C PHE H 70 19.09 -8.05 -22.90
N PRO H 71 19.81 -8.96 -23.54
CA PRO H 71 21.16 -9.26 -23.06
C PRO H 71 22.10 -8.09 -23.15
N ILE H 72 21.96 -7.26 -24.17
CA ILE H 72 22.73 -6.01 -24.25
C ILE H 72 21.87 -5.00 -24.98
N SER H 73 21.70 -3.83 -24.37
CA SER H 73 20.79 -2.84 -24.91
C SER H 73 21.36 -2.26 -26.19
N HIS H 74 20.46 -1.71 -27.01
CA HIS H 74 20.85 -1.25 -28.34
C HIS H 74 21.75 -0.02 -28.26
N VAL H 75 21.63 0.79 -27.21
CA VAL H 75 22.44 1.98 -27.08
C VAL H 75 23.89 1.64 -26.78
N ARG H 76 24.12 0.77 -25.81
CA ARG H 76 25.48 0.32 -25.56
C ARG H 76 25.99 -0.63 -26.63
N PHE H 77 25.10 -1.13 -27.49
CA PHE H 77 25.55 -1.82 -28.69
C PHE H 77 26.11 -0.85 -29.71
N TRP H 78 25.38 0.23 -30.00
CA TRP H 78 25.79 1.14 -31.06
C TRP H 78 26.98 1.98 -30.65
N VAL H 79 27.15 2.20 -29.35
CA VAL H 79 28.38 2.83 -28.88
C VAL H 79 29.55 1.85 -29.02
N LEU H 80 29.30 0.56 -28.79
CA LEU H 80 30.33 -0.44 -28.99
C LEU H 80 30.69 -0.59 -30.45
N GLN H 81 29.72 -0.33 -31.33
CA GLN H 81 29.99 -0.45 -32.76
C GLN H 81 30.81 0.73 -33.27
N ILE H 82 30.47 1.94 -32.81
CA ILE H 82 31.03 3.13 -33.43
C ILE H 82 32.50 3.32 -33.09
N ILE H 83 32.95 2.79 -31.95
CA ILE H 83 34.38 2.87 -31.66
C ILE H 83 35.14 1.89 -32.53
N PHE H 84 34.54 0.72 -32.80
CA PHE H 84 35.23 -0.27 -33.60
C PHE H 84 35.32 0.12 -35.07
N VAL H 85 34.39 0.92 -35.57
CA VAL H 85 34.52 1.41 -36.95
C VAL H 85 35.44 2.62 -37.00
N SER H 86 35.59 3.34 -35.89
CA SER H 86 36.45 4.52 -35.91
C SER H 86 37.90 4.15 -35.62
N VAL H 87 38.13 3.06 -34.89
CA VAL H 87 39.50 2.71 -34.47
C VAL H 87 40.46 2.37 -35.60
N PRO H 88 40.05 1.79 -36.77
CA PRO H 88 41.06 1.64 -37.82
C PRO H 88 41.46 2.95 -38.46
N THR H 89 40.58 3.95 -38.43
CA THR H 89 40.96 5.26 -38.95
C THR H 89 41.87 5.96 -37.97
N LEU H 90 41.62 5.79 -36.67
CA LEU H 90 42.46 6.42 -35.67
C LEU H 90 43.84 5.81 -35.64
N LEU H 91 43.91 4.49 -35.83
CA LEU H 91 45.20 3.81 -35.83
C LEU H 91 46.04 4.19 -37.04
N TYR H 92 45.37 4.41 -38.17
CA TYR H 92 46.09 4.87 -39.35
C TYR H 92 46.51 6.32 -39.20
N LEU H 93 45.76 7.08 -38.41
CA LEU H 93 46.11 8.48 -38.19
C LEU H 93 47.33 8.60 -37.28
N ALA H 94 47.41 7.74 -36.26
CA ALA H 94 48.54 7.83 -35.34
C ALA H 94 49.80 7.30 -35.97
N HIS H 95 49.68 6.33 -36.88
CA HIS H 95 50.86 5.79 -37.53
C HIS H 95 51.43 6.77 -38.53
N VAL H 96 50.57 7.48 -39.26
CA VAL H 96 51.05 8.36 -40.33
C VAL H 96 51.65 9.63 -39.73
N PHE H 97 51.33 9.93 -38.48
CA PHE H 97 51.95 11.08 -37.84
C PHE H 97 53.40 10.81 -37.50
N TYR H 98 53.69 9.64 -36.93
CA TYR H 98 55.05 9.30 -36.56
C TYR H 98 55.91 9.02 -37.79
N VAL H 99 55.29 8.54 -38.87
CA VAL H 99 56.00 8.37 -40.13
C VAL H 99 56.41 9.72 -40.69
N MET H 100 55.52 10.71 -40.59
CA MET H 100 55.85 12.06 -41.04
C MET H 100 56.93 12.69 -40.18
N ARG H 101 56.91 12.42 -38.87
CA ARG H 101 57.93 12.98 -37.99
C ARG H 101 59.29 12.37 -38.25
N LYS H 102 59.32 11.08 -38.63
CA LYS H 102 60.59 10.42 -38.93
C LYS H 102 61.25 11.02 -40.17
N GLU H 103 60.44 11.45 -41.13
CA GLU H 103 61.02 12.02 -42.33
C GLU H 103 61.34 13.50 -42.18
N GLU H 104 60.78 14.17 -41.17
CA GLU H 104 61.14 15.56 -40.95
C GLU H 104 62.52 15.66 -40.31
N LYS H 105 62.93 14.64 -39.57
CA LYS H 105 64.26 14.59 -38.99
C LYS H 105 65.27 13.88 -39.88
N LEU H 106 65.01 13.84 -41.18
CA LEU H 106 65.94 13.27 -42.15
C LEU H 106 66.43 14.26 -43.19
N ASN H 107 65.57 15.15 -43.67
CA ASN H 107 65.91 16.05 -44.76
C ASN H 107 66.53 17.36 -44.28
N LYS H 108 66.75 17.50 -42.98
CA LYS H 108 67.44 18.67 -42.46
C LYS H 108 68.82 18.35 -41.93
N LYS H 109 69.27 17.10 -42.06
CA LYS H 109 70.57 16.68 -41.55
C LYS H 109 71.03 15.40 -42.24
N ARG H 148 58.15 3.48 -51.97
CA ARG H 148 56.87 3.20 -52.61
C ARG H 148 56.28 1.88 -52.11
N GLY H 149 55.03 1.95 -51.62
CA GLY H 149 54.30 0.79 -51.19
C GLY H 149 54.28 0.58 -49.69
N GLY H 150 55.04 1.35 -48.93
CA GLY H 150 55.13 1.12 -47.49
C GLY H 150 53.93 1.65 -46.73
N LEU H 151 53.44 2.81 -47.15
CA LEU H 151 52.28 3.43 -46.52
C LEU H 151 50.97 2.87 -47.03
N LEU H 152 50.96 2.31 -48.24
CA LEU H 152 49.73 2.00 -48.93
C LEU H 152 49.06 0.74 -48.41
N ARG H 153 49.85 -0.24 -47.94
CA ARG H 153 49.30 -1.51 -47.50
C ARG H 153 48.42 -1.34 -46.27
N THR H 154 48.89 -0.56 -45.30
CA THR H 154 48.09 -0.35 -44.10
C THR H 154 46.90 0.56 -44.37
N TYR H 155 46.95 1.34 -45.45
CA TYR H 155 45.76 2.10 -45.83
C TYR H 155 44.69 1.17 -46.36
N ILE H 156 45.09 0.12 -47.06
CA ILE H 156 44.12 -0.86 -47.55
C ILE H 156 43.51 -1.62 -46.40
N ILE H 157 44.35 -2.07 -45.46
CA ILE H 157 43.91 -2.85 -44.30
C ILE H 157 43.00 -2.01 -43.41
N SER H 158 43.21 -0.69 -43.38
CA SER H 158 42.41 0.19 -42.53
C SER H 158 40.97 0.28 -43.03
N ILE H 159 40.74 0.09 -44.32
CA ILE H 159 39.36 0.16 -44.82
C ILE H 159 38.72 -1.22 -44.79
N LEU H 160 39.53 -2.29 -44.82
CA LEU H 160 38.97 -3.65 -44.73
C LEU H 160 38.33 -3.88 -43.39
N PHE H 161 39.04 -3.53 -42.31
CA PHE H 161 38.51 -3.79 -40.98
C PHE H 161 37.40 -2.83 -40.61
N LYS H 162 37.25 -1.73 -41.36
CA LYS H 162 36.08 -0.89 -41.20
C LYS H 162 34.83 -1.60 -41.67
N SER H 163 34.89 -2.26 -42.82
CA SER H 163 33.72 -3.00 -43.27
C SER H 163 33.54 -4.30 -42.53
N ILE H 164 34.64 -5.00 -42.22
CA ILE H 164 34.56 -6.36 -41.69
C ILE H 164 33.97 -6.35 -40.29
N PHE H 165 34.32 -5.36 -39.48
CA PHE H 165 33.66 -5.18 -38.20
C PHE H 165 32.23 -4.72 -38.37
N GLU H 166 31.93 -4.03 -39.48
CA GLU H 166 30.59 -3.51 -39.66
C GLU H 166 29.62 -4.61 -40.08
N VAL H 167 30.06 -5.54 -40.93
CA VAL H 167 29.25 -6.70 -41.26
C VAL H 167 29.10 -7.59 -40.04
N ALA H 168 30.13 -7.64 -39.19
CA ALA H 168 30.10 -8.52 -38.03
C ALA H 168 29.07 -8.05 -37.01
N PHE H 169 28.93 -6.74 -36.84
CA PHE H 169 27.98 -6.25 -35.83
C PHE H 169 26.56 -6.28 -36.34
N LEU H 170 26.38 -6.28 -37.66
CA LEU H 170 25.03 -6.32 -38.20
C LEU H 170 24.39 -7.69 -38.02
N LEU H 171 25.11 -8.75 -38.39
CA LEU H 171 24.55 -10.09 -38.38
C LEU H 171 24.32 -10.58 -36.96
N ILE H 172 25.10 -10.06 -36.01
CA ILE H 172 24.87 -10.37 -34.60
C ILE H 172 23.52 -9.83 -34.16
N GLN H 173 23.16 -8.65 -34.64
CA GLN H 173 21.87 -8.06 -34.31
C GLN H 173 20.73 -8.85 -34.95
N TRP H 174 20.97 -9.35 -36.17
CA TRP H 174 19.99 -10.22 -36.79
C TRP H 174 19.92 -11.56 -36.08
N TYR H 175 21.04 -12.05 -35.57
CA TYR H 175 21.02 -13.31 -34.85
C TYR H 175 20.34 -13.18 -33.50
N ILE H 176 20.35 -11.98 -32.91
CA ILE H 176 19.83 -11.82 -31.56
C ILE H 176 18.51 -11.06 -31.55
N TYR H 177 18.52 -9.81 -32.00
CA TYR H 177 17.39 -8.92 -31.80
C TYR H 177 16.52 -8.79 -33.03
N GLY H 178 17.05 -9.06 -34.21
CA GLY H 178 16.29 -8.85 -35.42
C GLY H 178 16.38 -7.40 -35.84
N PHE H 179 15.30 -6.83 -36.35
CA PHE H 179 15.29 -5.41 -36.65
C PHE H 179 13.97 -4.78 -36.28
N SER H 180 13.40 -5.19 -35.15
CA SER H 180 12.09 -4.73 -34.72
C SER H 180 11.99 -4.97 -33.23
N LEU H 181 10.84 -4.61 -32.66
CA LEU H 181 10.55 -4.89 -31.28
C LEU H 181 9.06 -5.12 -31.13
N SER H 182 8.71 -6.24 -30.52
CA SER H 182 7.31 -6.56 -30.29
C SER H 182 6.86 -6.00 -28.94
N ALA H 183 5.59 -5.64 -28.87
CA ALA H 183 5.10 -4.91 -27.71
C ALA H 183 4.78 -5.82 -26.54
N VAL H 184 4.82 -7.13 -26.73
CA VAL H 184 4.57 -8.09 -25.65
C VAL H 184 5.63 -9.16 -25.75
N TYR H 185 6.33 -9.40 -24.65
CA TYR H 185 7.28 -10.50 -24.56
C TYR H 185 6.73 -11.56 -23.61
N THR H 186 6.82 -12.81 -24.04
CA THR H 186 6.46 -13.96 -23.21
C THR H 186 7.74 -14.55 -22.66
N CYS H 187 7.83 -14.66 -21.34
CA CYS H 187 9.06 -15.04 -20.66
C CYS H 187 8.89 -16.39 -19.99
N LYS H 188 9.92 -17.23 -20.08
CA LYS H 188 9.88 -18.56 -19.49
C LYS H 188 11.20 -18.89 -18.81
N ARG H 189 11.70 -17.98 -18.00
CA ARG H 189 12.91 -18.23 -17.23
C ARG H 189 12.54 -18.54 -15.79
N ASP H 190 13.54 -18.86 -14.99
CA ASP H 190 13.36 -19.17 -13.59
C ASP H 190 13.78 -17.98 -12.73
N PRO H 191 13.14 -17.75 -11.57
CA PRO H 191 12.13 -18.52 -10.86
C PRO H 191 10.71 -18.07 -11.07
N CYS H 192 10.37 -17.61 -12.27
CA CYS H 192 9.00 -17.28 -12.57
C CYS H 192 8.17 -18.57 -12.67
N PRO H 193 6.84 -18.47 -12.59
CA PRO H 193 6.00 -19.62 -12.92
C PRO H 193 5.95 -19.90 -14.42
N HIS H 194 5.01 -20.75 -14.84
CA HIS H 194 4.93 -21.36 -16.17
C HIS H 194 5.23 -20.42 -17.33
N GLN H 195 4.43 -19.37 -17.48
CA GLN H 195 4.72 -18.35 -18.48
C GLN H 195 4.15 -17.02 -18.01
N VAL H 196 4.94 -15.96 -18.12
CA VAL H 196 4.52 -14.63 -17.71
C VAL H 196 4.60 -13.69 -18.90
N ASP H 197 3.75 -12.66 -18.86
CA ASP H 197 3.71 -11.64 -19.90
C ASP H 197 4.43 -10.39 -19.43
N CYS H 198 5.45 -9.97 -20.17
CA CYS H 198 6.19 -8.77 -19.84
C CYS H 198 6.06 -7.77 -20.98
N PHE H 199 5.71 -6.54 -20.63
CA PHE H 199 5.43 -5.48 -21.58
C PHE H 199 6.60 -4.52 -21.63
N LEU H 200 7.14 -4.30 -22.82
CA LEU H 200 8.33 -3.47 -22.96
C LEU H 200 8.01 -2.00 -22.76
N SER H 201 9.04 -1.18 -22.87
CA SER H 201 8.90 0.27 -22.76
C SER H 201 9.21 0.89 -24.10
N ARG H 202 8.19 1.51 -24.70
CA ARG H 202 8.20 2.14 -26.02
C ARG H 202 8.77 1.25 -27.13
N PRO H 203 8.07 0.22 -27.58
CA PRO H 203 8.57 -0.55 -28.72
C PRO H 203 8.64 0.22 -30.04
N THR H 204 7.68 1.08 -30.35
CA THR H 204 7.66 1.74 -31.64
C THR H 204 8.70 2.85 -31.75
N GLU H 205 8.91 3.61 -30.68
CA GLU H 205 9.97 4.62 -30.68
C GLU H 205 11.34 3.97 -30.75
N LYS H 206 11.47 2.80 -30.15
CA LYS H 206 12.73 2.07 -30.30
C LYS H 206 12.82 1.40 -31.66
N THR H 207 11.68 1.23 -32.35
CA THR H 207 11.74 0.60 -33.66
C THR H 207 12.31 1.55 -34.70
N ILE H 208 11.92 2.83 -34.64
CA ILE H 208 12.31 3.78 -35.68
C ILE H 208 13.78 4.09 -35.60
N PHE H 209 14.33 4.18 -34.39
CA PHE H 209 15.74 4.48 -34.27
C PHE H 209 16.61 3.25 -34.53
N ILE H 210 16.02 2.05 -34.53
CA ILE H 210 16.79 0.88 -34.94
C ILE H 210 16.99 0.90 -36.45
N ILE H 211 15.94 1.24 -37.19
CA ILE H 211 16.00 1.25 -38.65
C ILE H 211 16.90 2.38 -39.15
N PHE H 212 16.96 3.49 -38.42
CA PHE H 212 17.94 4.53 -38.73
C PHE H 212 19.36 4.04 -38.47
N MET H 213 19.53 3.26 -37.43
CA MET H 213 20.86 2.72 -37.19
C MET H 213 21.18 1.57 -38.12
N LEU H 214 20.17 0.98 -38.77
CA LEU H 214 20.46 0.02 -39.82
C LEU H 214 20.79 0.72 -41.12
N VAL H 215 20.03 1.76 -41.47
CA VAL H 215 20.21 2.44 -42.74
C VAL H 215 21.52 3.21 -42.78
N VAL H 216 21.81 3.94 -41.71
CA VAL H 216 23.02 4.77 -41.68
C VAL H 216 24.27 3.90 -41.57
N SER H 217 24.14 2.72 -40.98
CA SER H 217 25.26 1.78 -41.02
C SER H 217 25.39 1.15 -42.40
N LEU H 218 24.27 0.91 -43.08
CA LEU H 218 24.33 0.27 -44.38
C LEU H 218 24.85 1.23 -45.45
N VAL H 219 24.50 2.51 -45.35
CA VAL H 219 25.04 3.48 -46.29
C VAL H 219 26.49 3.76 -45.95
N SER H 220 26.90 3.49 -44.71
CA SER H 220 28.33 3.52 -44.39
C SER H 220 29.05 2.36 -45.03
N LEU H 221 28.42 1.18 -45.02
CA LEU H 221 29.08 -0.02 -45.52
C LEU H 221 29.28 0.06 -47.03
N ALA H 222 28.28 0.59 -47.75
CA ALA H 222 28.43 0.73 -49.19
C ALA H 222 29.41 1.85 -49.54
N LEU H 223 29.53 2.85 -48.67
CA LEU H 223 30.42 3.97 -48.97
C LEU H 223 31.87 3.60 -48.73
N ASN H 224 32.14 2.52 -48.00
CA ASN H 224 33.52 2.07 -47.88
C ASN H 224 33.87 1.09 -49.00
N ILE H 225 32.87 0.35 -49.48
CA ILE H 225 33.09 -0.61 -50.55
C ILE H 225 33.45 0.09 -51.85
N ILE H 226 32.83 1.25 -52.09
CA ILE H 226 33.06 1.99 -53.32
C ILE H 226 34.47 2.59 -53.31
N GLU H 227 35.00 2.88 -52.13
CA GLU H 227 36.41 3.24 -52.05
C GLU H 227 37.29 2.04 -52.33
N LEU H 228 36.86 0.86 -51.91
CA LEU H 228 37.70 -0.32 -52.00
C LEU H 228 37.87 -0.78 -53.43
N PHE H 229 36.87 -0.52 -54.28
CA PHE H 229 37.04 -0.80 -55.69
C PHE H 229 38.00 0.19 -56.33
N TYR H 230 37.96 1.45 -55.87
CA TYR H 230 38.72 2.51 -56.52
C TYR H 230 40.20 2.37 -56.27
N VAL H 231 40.59 1.82 -55.11
CA VAL H 231 42.01 1.65 -54.81
C VAL H 231 42.57 0.45 -55.58
N PHE H 232 41.75 -0.58 -55.81
CA PHE H 232 42.22 -1.73 -56.57
C PHE H 232 42.25 -1.42 -58.06
N PHE H 233 41.21 -0.78 -58.59
CA PHE H 233 41.09 -0.51 -60.02
C PHE H 233 42.00 0.61 -60.50
N LYS H 234 42.71 1.28 -59.60
CA LYS H 234 43.75 2.22 -60.02
C LYS H 234 44.92 1.48 -60.64
N GLY H 235 45.12 0.22 -60.23
CA GLY H 235 46.18 -0.60 -60.77
C GLY H 235 46.70 -1.60 -59.75
N GLY I 2 51.69 28.37 -32.33
CA GLY I 2 53.06 28.29 -32.79
C GLY I 2 54.00 27.78 -31.72
N ASP I 3 53.52 27.76 -30.49
CA ASP I 3 54.30 27.29 -29.35
C ASP I 3 54.19 25.79 -29.15
N TRP I 4 53.84 25.04 -30.18
CA TRP I 4 53.88 23.59 -30.17
C TRP I 4 55.24 23.05 -30.57
N SER I 5 56.15 23.93 -30.96
CA SER I 5 57.48 23.50 -31.36
C SER I 5 58.30 23.07 -30.16
N ALA I 6 58.07 23.69 -29.01
CA ALA I 6 58.73 23.23 -27.80
C ALA I 6 58.10 21.96 -27.29
N LEU I 7 56.81 21.76 -27.55
CA LEU I 7 56.16 20.52 -27.14
C LEU I 7 56.62 19.35 -27.99
N GLY I 8 57.10 19.65 -29.20
CA GLY I 8 57.62 18.59 -30.06
C GLY I 8 58.90 17.99 -29.53
N LYS I 9 59.68 18.79 -28.81
CA LYS I 9 60.91 18.27 -28.21
C LYS I 9 60.60 17.41 -26.99
N LEU I 10 59.52 17.73 -26.29
CA LEU I 10 59.19 17.00 -25.08
C LEU I 10 58.59 15.65 -25.41
N LEU I 11 57.78 15.57 -26.47
CA LEU I 11 57.18 14.30 -26.84
C LEU I 11 58.14 13.41 -27.59
N ASP I 12 59.27 13.96 -28.04
CA ASP I 12 60.30 13.14 -28.66
C ASP I 12 61.16 12.46 -27.61
N LYS I 13 61.54 13.19 -26.55
CA LYS I 13 62.51 12.65 -25.60
C LYS I 13 61.86 11.67 -24.64
N VAL I 14 60.54 11.72 -24.47
CA VAL I 14 59.88 10.79 -23.56
C VAL I 14 59.81 9.41 -24.19
N GLN I 15 59.72 9.33 -25.51
CA GLN I 15 59.57 8.06 -26.22
C GLN I 15 60.77 7.76 -27.10
N ALA I 16 61.97 8.19 -26.70
CA ALA I 16 63.14 7.92 -27.51
C ALA I 16 63.64 6.49 -27.33
N TYR I 17 63.19 5.81 -26.28
CA TYR I 17 63.60 4.44 -26.02
C TYR I 17 62.55 3.41 -26.41
N SER I 18 61.38 3.85 -26.85
CA SER I 18 60.31 2.92 -27.17
C SER I 18 60.34 2.55 -28.65
N THR I 19 59.64 1.46 -28.97
CA THR I 19 59.59 0.99 -30.34
C THR I 19 58.60 1.80 -31.16
N ALA I 20 58.56 1.51 -32.46
CA ALA I 20 57.63 2.19 -33.35
C ALA I 20 56.21 1.63 -33.26
N GLY I 21 56.02 0.52 -32.57
CA GLY I 21 54.72 -0.10 -32.49
C GLY I 21 53.99 0.08 -31.19
N GLY I 22 54.66 0.48 -30.13
CA GLY I 22 54.02 0.63 -28.84
C GLY I 22 53.37 1.99 -28.66
N LYS I 23 54.01 3.02 -29.22
CA LYS I 23 53.46 4.36 -29.07
C LYS I 23 52.23 4.59 -29.94
N VAL I 24 51.95 3.71 -30.89
CA VAL I 24 50.79 3.85 -31.75
C VAL I 24 49.68 2.93 -31.29
N TRP I 25 50.04 1.85 -30.61
CA TRP I 25 49.03 0.89 -30.19
C TRP I 25 48.57 1.15 -28.76
N LEU I 26 49.50 1.50 -27.87
CA LEU I 26 49.12 1.75 -26.48
C LEU I 26 48.40 3.08 -26.32
N SER I 27 48.84 4.12 -27.03
CA SER I 27 48.18 5.43 -26.98
C SER I 27 46.75 5.38 -27.47
N VAL I 28 46.47 4.56 -28.48
CA VAL I 28 45.09 4.33 -28.87
C VAL I 28 44.39 3.46 -27.84
N LEU I 29 45.12 2.54 -27.20
CA LEU I 29 44.51 1.70 -26.18
C LEU I 29 44.16 2.49 -24.93
N PHE I 30 44.88 3.57 -24.66
CA PHE I 30 44.49 4.44 -23.56
C PHE I 30 43.23 5.23 -23.89
N ILE I 31 43.11 5.66 -25.14
CA ILE I 31 41.91 6.37 -25.57
C ILE I 31 40.72 5.42 -25.65
N PHE I 32 40.99 4.16 -25.99
CA PHE I 32 39.91 3.18 -26.08
C PHE I 32 39.34 2.85 -24.70
N ARG I 33 40.22 2.64 -23.72
CA ARG I 33 39.75 2.21 -22.41
C ARG I 33 39.00 3.32 -21.69
N ILE I 34 39.38 4.58 -21.91
CA ILE I 34 38.64 5.69 -21.34
C ILE I 34 37.26 5.79 -21.99
N LEU I 35 37.21 5.69 -23.32
CA LEU I 35 35.95 5.90 -24.02
C LEU I 35 34.98 4.76 -23.80
N LEU I 36 35.48 3.56 -23.53
CA LEU I 36 34.60 2.48 -23.16
C LEU I 36 34.07 2.67 -21.74
N LEU I 37 34.89 3.22 -20.86
CA LEU I 37 34.54 3.26 -19.45
C LEU I 37 33.55 4.36 -19.13
N GLY I 38 33.80 5.58 -19.60
CA GLY I 38 33.03 6.72 -19.15
C GLY I 38 31.80 7.00 -19.97
N THR I 39 31.63 6.29 -21.08
CA THR I 39 30.52 6.54 -21.98
C THR I 39 29.56 5.36 -22.09
N ALA I 40 30.08 4.16 -22.26
CA ALA I 40 29.23 3.01 -22.45
C ALA I 40 28.85 2.33 -21.14
N VAL I 41 29.84 1.96 -20.33
CA VAL I 41 29.60 1.08 -19.20
C VAL I 41 29.31 1.81 -17.90
N GLU I 42 29.53 3.12 -17.84
CA GLU I 42 29.17 3.87 -16.64
C GLU I 42 27.66 3.94 -16.44
N SER I 43 26.90 4.19 -17.50
CA SER I 43 25.45 4.17 -17.43
C SER I 43 24.88 2.77 -17.18
N ALA I 44 25.64 1.72 -17.48
CA ALA I 44 25.12 0.37 -17.28
C ALA I 44 25.07 0.02 -15.81
N TRP I 45 26.02 0.50 -15.02
CA TRP I 45 26.03 0.25 -13.58
C TRP I 45 25.35 1.34 -12.80
N GLY I 46 24.38 2.04 -13.40
CA GLY I 46 23.72 3.11 -12.70
C GLY I 46 22.82 2.61 -11.59
N ASP I 47 21.95 1.67 -11.91
CA ASP I 47 21.04 1.10 -10.93
C ASP I 47 21.58 -0.23 -10.41
N GLU I 48 22.78 -0.18 -9.84
CA GLU I 48 23.33 -1.40 -9.25
C GLU I 48 22.67 -1.72 -7.92
N GLN I 49 22.11 -0.73 -7.23
CA GLN I 49 21.44 -0.98 -5.96
C GLN I 49 19.94 -0.81 -6.04
N SER I 50 19.43 0.10 -6.87
CA SER I 50 18.00 0.38 -6.89
C SER I 50 17.18 -0.73 -7.53
N ALA I 51 17.80 -1.70 -8.19
CA ALA I 51 17.08 -2.81 -8.77
C ALA I 51 17.34 -4.13 -8.04
N PHE I 52 18.29 -4.13 -7.11
CA PHE I 52 18.65 -5.32 -6.36
C PHE I 52 17.54 -5.67 -5.39
N ARG I 53 16.73 -6.66 -5.73
CA ARG I 53 15.63 -7.06 -4.87
C ARG I 53 15.88 -8.42 -4.26
N CYS I 54 15.47 -8.57 -3.00
CA CYS I 54 15.64 -9.82 -2.30
C CYS I 54 14.29 -10.35 -1.90
N ASN I 55 14.24 -11.63 -1.55
CA ASN I 55 12.99 -12.33 -1.32
C ASN I 55 12.68 -12.42 0.17
N THR I 56 12.52 -11.27 0.83
CA THR I 56 12.21 -11.28 2.25
C THR I 56 11.47 -10.02 2.65
N GLN I 57 10.95 -10.06 3.88
CA GLN I 57 10.31 -8.92 4.51
C GLN I 57 11.17 -8.30 5.58
N GLN I 58 12.32 -8.88 5.87
CA GLN I 58 13.17 -8.40 6.94
C GLN I 58 13.78 -7.08 6.55
N PRO I 59 13.51 -6.00 7.29
CA PRO I 59 13.94 -4.67 6.87
C PRO I 59 15.46 -4.53 7.02
N GLY I 60 16.10 -4.03 5.97
CA GLY I 60 17.54 -3.91 5.95
C GLY I 60 18.25 -5.14 5.45
N CYS I 61 17.55 -6.25 5.22
CA CYS I 61 18.18 -7.45 4.69
C CYS I 61 18.70 -7.24 3.28
N GLU I 62 18.09 -6.34 2.51
CA GLU I 62 18.62 -6.03 1.20
C GLU I 62 19.83 -5.11 1.28
N ASN I 63 20.01 -4.44 2.41
CA ASN I 63 21.18 -3.58 2.57
C ASN I 63 22.41 -4.40 2.88
N VAL I 64 22.28 -5.41 3.74
CA VAL I 64 23.47 -6.16 4.15
C VAL I 64 23.75 -7.30 3.19
N CYS I 65 22.77 -7.71 2.38
CA CYS I 65 23.04 -8.78 1.43
C CYS I 65 23.63 -8.25 0.15
N TYR I 66 23.31 -7.01 -0.22
CA TYR I 66 23.91 -6.42 -1.42
C TYR I 66 25.39 -6.24 -1.23
N ASP I 67 25.81 -5.92 -0.01
CA ASP I 67 27.22 -5.64 0.23
C ASP I 67 28.07 -6.88 0.10
N LYS I 68 27.56 -8.03 0.55
CA LYS I 68 28.33 -9.27 0.46
C LYS I 68 28.54 -9.67 -0.99
N SER I 69 27.59 -9.34 -1.87
CA SER I 69 27.77 -9.63 -3.28
C SER I 69 28.74 -8.65 -3.92
N PHE I 70 28.69 -7.38 -3.52
CA PHE I 70 29.52 -6.35 -4.12
C PHE I 70 30.26 -5.57 -3.04
N PRO I 71 31.40 -6.05 -2.55
CA PRO I 71 32.22 -5.20 -1.69
C PRO I 71 32.72 -3.96 -2.39
N ILE I 72 33.05 -4.05 -3.67
CA ILE I 72 33.40 -2.87 -4.45
C ILE I 72 32.94 -3.12 -5.87
N SER I 73 32.18 -2.18 -6.42
CA SER I 73 31.58 -2.38 -7.73
C SER I 73 32.65 -2.34 -8.81
N HIS I 74 32.32 -2.97 -9.95
CA HIS I 74 33.32 -3.13 -11.00
C HIS I 74 33.69 -1.79 -11.64
N VAL I 75 32.76 -0.83 -11.64
CA VAL I 75 33.04 0.47 -12.26
C VAL I 75 34.05 1.26 -11.45
N ARG I 76 33.85 1.36 -10.14
CA ARG I 76 34.83 2.01 -9.30
C ARG I 76 36.09 1.17 -9.12
N PHE I 77 36.05 -0.11 -9.50
CA PHE I 77 37.26 -0.89 -9.59
C PHE I 77 38.08 -0.49 -10.80
N TRP I 78 37.44 -0.41 -11.97
CA TRP I 78 38.19 -0.15 -13.20
C TRP I 78 38.66 1.29 -13.27
N VAL I 79 37.97 2.21 -12.60
CA VAL I 79 38.49 3.56 -12.48
C VAL I 79 39.68 3.57 -11.53
N LEU I 80 39.65 2.74 -10.48
CA LEU I 80 40.79 2.64 -9.59
C LEU I 80 41.98 1.99 -10.29
N GLN I 81 41.71 1.12 -11.26
CA GLN I 81 42.80 0.47 -11.98
C GLN I 81 43.45 1.42 -12.96
N ILE I 82 42.65 2.21 -13.68
CA ILE I 82 43.17 2.96 -14.82
C ILE I 82 44.06 4.12 -14.36
N ILE I 83 43.83 4.65 -13.16
CA ILE I 83 44.73 5.68 -12.68
C ILE I 83 46.07 5.08 -12.28
N PHE I 84 46.04 3.86 -11.72
CA PHE I 84 47.28 3.23 -11.30
C PHE I 84 48.14 2.77 -12.46
N VAL I 85 47.55 2.46 -13.61
CA VAL I 85 48.35 2.13 -14.77
C VAL I 85 48.81 3.39 -15.48
N SER I 86 48.10 4.51 -15.31
CA SER I 86 48.51 5.73 -15.98
C SER I 86 49.53 6.51 -15.17
N VAL I 87 49.51 6.35 -13.83
CA VAL I 87 50.39 7.16 -12.98
C VAL I 87 51.89 6.92 -13.17
N PRO I 88 52.40 5.72 -13.54
CA PRO I 88 53.84 5.69 -13.81
C PRO I 88 54.23 6.40 -15.08
N THR I 89 53.32 6.51 -16.04
CA THR I 89 53.61 7.28 -17.24
C THR I 89 53.57 8.77 -16.95
N LEU I 90 52.64 9.19 -16.09
CA LEU I 90 52.53 10.59 -15.74
C LEU I 90 53.71 11.04 -14.90
N LEU I 91 54.18 10.16 -14.01
CA LEU I 91 55.33 10.50 -13.17
C LEU I 91 56.60 10.60 -13.99
N TYR I 92 56.73 9.76 -15.02
CA TYR I 92 57.88 9.86 -15.90
C TYR I 92 57.78 11.09 -16.78
N LEU I 93 56.55 11.53 -17.07
CA LEU I 93 56.38 12.71 -17.88
C LEU I 93 56.73 13.98 -17.11
N ALA I 94 56.38 14.03 -15.83
CA ALA I 94 56.66 15.21 -15.04
C ALA I 94 58.14 15.30 -14.71
N HIS I 95 58.81 14.15 -14.57
CA HIS I 95 60.23 14.18 -14.26
C HIS I 95 61.05 14.61 -15.46
N VAL I 96 60.66 14.17 -16.66
CA VAL I 96 61.46 14.45 -17.85
C VAL I 96 61.28 15.89 -18.28
N PHE I 97 60.22 16.55 -17.82
CA PHE I 97 60.04 17.96 -18.14
C PHE I 97 61.01 18.81 -17.36
N TYR I 98 61.16 18.55 -16.06
CA TYR I 98 62.06 19.34 -15.25
C TYR I 98 63.51 19.03 -15.56
N VAL I 99 63.80 17.81 -16.02
CA VAL I 99 65.14 17.47 -16.47
C VAL I 99 65.48 18.27 -17.72
N MET I 100 64.52 18.40 -18.64
CA MET I 100 64.73 19.20 -19.83
C MET I 100 64.90 20.68 -19.51
N ARG I 101 64.16 21.18 -18.51
CA ARG I 101 64.28 22.57 -18.14
C ARG I 101 65.62 22.87 -17.49
N LYS I 102 66.17 21.89 -16.75
CA LYS I 102 67.48 22.07 -16.12
C LYS I 102 68.58 22.19 -17.15
N GLU I 103 68.44 21.49 -18.27
CA GLU I 103 69.48 21.56 -19.29
C GLU I 103 69.29 22.75 -20.21
N GLU I 104 68.10 23.35 -20.25
CA GLU I 104 67.94 24.55 -21.07
C GLU I 104 68.58 25.75 -20.41
N LYS I 105 68.69 25.73 -19.07
CA LYS I 105 69.36 26.79 -18.34
C LYS I 105 70.84 26.48 -18.10
N LEU I 106 71.44 25.63 -18.93
CA LEU I 106 72.85 25.32 -18.85
C LEU I 106 73.63 25.69 -20.10
N ASN I 107 73.06 25.49 -21.28
CA ASN I 107 73.77 25.68 -22.54
C ASN I 107 73.65 27.11 -23.07
N LYS I 108 73.01 28.01 -22.33
CA LYS I 108 72.95 29.41 -22.72
C LYS I 108 73.77 30.29 -21.80
N LYS I 109 74.47 29.72 -20.83
CA LYS I 109 75.27 30.49 -19.87
C LYS I 109 76.32 29.61 -19.23
N ARG I 148 75.01 9.59 -19.49
CA ARG I 148 74.49 8.32 -19.99
C ARG I 148 74.02 7.42 -18.85
N GLY I 149 72.77 6.98 -18.93
CA GLY I 149 72.20 6.06 -17.98
C GLY I 149 71.34 6.68 -16.91
N GLY I 150 71.28 8.01 -16.83
CA GLY I 150 70.55 8.65 -15.76
C GLY I 150 69.06 8.67 -15.99
N LEU I 151 68.66 8.88 -17.24
CA LEU I 151 67.26 8.91 -17.62
C LEU I 151 66.68 7.52 -17.84
N LEU I 152 67.52 6.56 -18.16
CA LEU I 152 67.07 5.26 -18.67
C LEU I 152 66.52 4.37 -17.57
N ARG I 153 67.08 4.47 -16.36
CA ARG I 153 66.69 3.58 -15.27
C ARG I 153 65.24 3.80 -14.88
N THR I 154 64.84 5.07 -14.74
CA THR I 154 63.45 5.34 -14.37
C THR I 154 62.50 5.07 -15.52
N TYR I 155 63.00 5.03 -16.75
CA TYR I 155 62.15 4.60 -17.85
C TYR I 155 61.86 3.11 -17.76
N ILE I 156 62.83 2.34 -17.29
CA ILE I 156 62.60 0.90 -17.11
C ILE I 156 61.61 0.67 -15.99
N ILE I 157 61.80 1.37 -14.86
CA ILE I 157 60.94 1.23 -13.69
C ILE I 157 59.51 1.66 -14.00
N SER I 158 59.36 2.62 -14.92
CA SER I 158 58.03 3.12 -15.26
C SER I 158 57.21 2.09 -16.00
N ILE I 159 57.85 1.17 -16.72
CA ILE I 159 57.08 0.14 -17.41
C ILE I 159 56.89 -1.08 -16.52
N LEU I 160 57.77 -1.28 -15.53
CA LEU I 160 57.60 -2.41 -14.61
C LEU I 160 56.35 -2.24 -13.78
N PHE I 161 56.16 -1.04 -13.20
CA PHE I 161 55.02 -0.83 -12.32
C PHE I 161 53.73 -0.69 -13.11
N LYS I 162 53.82 -0.48 -14.42
CA LYS I 162 52.63 -0.57 -15.25
C LYS I 162 52.11 -2.00 -15.32
N SER I 163 53.00 -2.97 -15.52
CA SER I 163 52.55 -4.35 -15.53
C SER I 163 52.27 -4.88 -14.14
N ILE I 164 53.07 -4.50 -13.16
CA ILE I 164 53.01 -5.12 -11.83
C ILE I 164 51.71 -4.74 -11.14
N PHE I 165 51.28 -3.49 -11.30
CA PHE I 165 49.95 -3.11 -10.81
C PHE I 165 48.85 -3.77 -11.63
N GLU I 166 49.13 -4.07 -12.89
CA GLU I 166 48.09 -4.65 -13.74
C GLU I 166 47.85 -6.11 -13.42
N VAL I 167 48.92 -6.86 -13.13
CA VAL I 167 48.76 -8.23 -12.66
C VAL I 167 48.11 -8.25 -11.29
N ALA I 168 48.40 -7.24 -10.48
CA ALA I 168 47.88 -7.20 -9.12
C ALA I 168 46.37 -6.98 -9.10
N PHE I 169 45.86 -6.17 -10.02
CA PHE I 169 44.44 -5.90 -10.01
C PHE I 169 43.65 -7.02 -10.67
N LEU I 170 44.31 -7.82 -11.51
CA LEU I 170 43.60 -8.92 -12.16
C LEU I 170 43.32 -10.04 -11.19
N LEU I 171 44.33 -10.46 -10.43
CA LEU I 171 44.19 -11.63 -9.57
C LEU I 171 43.30 -11.34 -8.38
N ILE I 172 43.19 -10.06 -8.00
CA ILE I 172 42.24 -9.66 -6.96
C ILE I 172 40.82 -9.89 -7.44
N GLN I 173 40.56 -9.62 -8.71
CA GLN I 173 39.24 -9.85 -9.28
C GLN I 173 38.94 -11.34 -9.37
N TRP I 174 39.96 -12.14 -9.67
CA TRP I 174 39.78 -13.58 -9.66
C TRP I 174 39.61 -14.08 -8.23
N TYR I 175 40.28 -13.46 -7.27
CA TYR I 175 40.11 -13.88 -5.88
C TYR I 175 38.74 -13.50 -5.33
N ILE I 176 38.13 -12.44 -5.87
CA ILE I 176 36.88 -11.96 -5.30
C ILE I 176 35.69 -12.26 -6.20
N TYR I 177 35.69 -11.71 -7.41
CA TYR I 177 34.49 -11.72 -8.25
C TYR I 177 34.53 -12.79 -9.32
N GLY I 178 35.72 -13.25 -9.69
CA GLY I 178 35.81 -14.20 -10.79
C GLY I 178 35.79 -13.45 -12.10
N PHE I 179 35.14 -14.01 -13.12
CA PHE I 179 34.99 -13.29 -14.37
C PHE I 179 33.61 -13.48 -14.95
N SER I 180 32.60 -13.49 -14.10
CA SER I 180 31.23 -13.75 -14.52
C SER I 180 30.31 -13.19 -13.45
N LEU I 181 29.01 -13.35 -13.67
CA LEU I 181 28.01 -12.98 -12.69
C LEU I 181 26.84 -13.93 -12.80
N SER I 182 26.46 -14.52 -11.68
CA SER I 182 25.32 -15.42 -11.65
C SER I 182 24.05 -14.63 -11.37
N ALA I 183 22.95 -15.12 -11.92
CA ALA I 183 21.71 -14.36 -11.88
C ALA I 183 20.96 -14.51 -10.56
N VAL I 184 21.40 -15.41 -9.69
CA VAL I 184 20.79 -15.58 -8.38
C VAL I 184 21.92 -15.68 -7.36
N TYR I 185 21.84 -14.85 -6.33
CA TYR I 185 22.76 -14.93 -5.21
C TYR I 185 22.01 -15.41 -3.98
N THR I 186 22.63 -16.35 -3.27
CA THR I 186 22.12 -16.85 -2.00
C THR I 186 22.90 -16.18 -0.89
N CYS I 187 22.20 -15.52 0.02
CA CYS I 187 22.82 -14.67 1.03
C CYS I 187 22.59 -15.26 2.41
N LYS I 188 23.63 -15.22 3.24
CA LYS I 188 23.56 -15.77 4.59
C LYS I 188 24.23 -14.84 5.59
N ARG I 189 23.92 -13.56 5.53
CA ARG I 189 24.45 -12.61 6.50
C ARG I 189 23.37 -12.28 7.51
N ASP I 190 23.73 -11.47 8.50
CA ASP I 190 22.81 -11.05 9.53
C ASP I 190 22.35 -9.61 9.28
N PRO I 191 21.11 -9.26 9.65
CA PRO I 191 20.08 -9.95 10.40
C PRO I 191 19.02 -10.63 9.57
N CYS I 192 19.39 -11.15 8.41
CA CYS I 192 18.44 -11.92 7.64
C CYS I 192 18.17 -13.25 8.32
N PRO I 193 17.07 -13.93 7.97
CA PRO I 193 16.89 -15.32 8.41
C PRO I 193 17.81 -16.29 7.70
N HIS I 194 17.53 -17.60 7.84
CA HIS I 194 18.41 -18.71 7.46
C HIS I 194 19.11 -18.55 6.12
N GLN I 195 18.35 -18.45 5.04
CA GLN I 195 18.95 -18.15 3.73
C GLN I 195 17.93 -17.44 2.88
N VAL I 196 18.35 -16.35 2.22
CA VAL I 196 17.48 -15.57 1.37
C VAL I 196 18.03 -15.56 -0.05
N ASP I 197 17.13 -15.39 -1.01
CA ASP I 197 17.49 -15.33 -2.42
C ASP I 197 17.48 -13.88 -2.88
N CYS I 198 18.60 -13.41 -3.39
CA CYS I 198 18.69 -12.05 -3.91
C CYS I 198 19.06 -12.10 -5.38
N PHE I 199 18.29 -11.36 -6.18
CA PHE I 199 18.41 -11.36 -7.63
C PHE I 199 19.11 -10.09 -8.08
N LEU I 200 20.20 -10.25 -8.83
CA LEU I 200 21.00 -9.11 -9.24
C LEU I 200 20.30 -8.29 -10.30
N SER I 201 20.98 -7.22 -10.72
CA SER I 201 20.47 -6.35 -11.76
C SER I 201 21.36 -6.47 -12.98
N ARG I 202 20.80 -7.00 -14.07
CA ARG I 202 21.46 -7.28 -15.35
C ARG I 202 22.76 -8.08 -15.21
N PRO I 203 22.73 -9.37 -14.89
CA PRO I 203 23.98 -10.14 -14.89
C PRO I 203 24.64 -10.29 -16.24
N THR I 204 23.90 -10.49 -17.32
CA THR I 204 24.51 -10.76 -18.62
C THR I 204 25.11 -9.52 -19.25
N GLU I 205 24.45 -8.36 -19.12
CA GLU I 205 25.05 -7.12 -19.61
C GLU I 205 26.28 -6.75 -18.81
N LYS I 206 26.30 -7.09 -17.52
CA LYS I 206 27.51 -6.87 -16.76
C LYS I 206 28.55 -7.94 -17.06
N THR I 207 28.14 -9.06 -17.64
CA THR I 207 29.11 -10.11 -17.96
C THR I 207 29.95 -9.73 -19.16
N ILE I 208 29.32 -9.13 -20.18
CA ILE I 208 30.03 -8.85 -21.42
C ILE I 208 31.04 -7.74 -21.23
N PHE I 209 30.71 -6.74 -20.43
CA PHE I 209 31.66 -5.65 -20.21
C PHE I 209 32.76 -6.04 -19.24
N ILE I 210 32.58 -7.13 -18.49
CA ILE I 210 33.68 -7.62 -17.67
C ILE I 210 34.74 -8.26 -18.55
N ILE I 211 34.30 -9.05 -19.53
CA ILE I 211 35.22 -9.76 -20.41
C ILE I 211 35.95 -8.79 -21.33
N PHE I 212 35.31 -7.68 -21.70
CA PHE I 212 36.00 -6.63 -22.42
C PHE I 212 37.05 -5.97 -21.54
N MET I 213 36.74 -5.81 -20.26
CA MET I 213 37.73 -5.23 -19.38
C MET I 213 38.79 -6.25 -19.01
N LEU I 214 38.54 -7.54 -19.21
CA LEU I 214 39.62 -8.51 -19.05
C LEU I 214 40.50 -8.55 -20.30
N VAL I 215 39.88 -8.53 -21.48
CA VAL I 215 40.63 -8.67 -22.73
C VAL I 215 41.47 -7.43 -22.99
N VAL I 216 40.89 -6.24 -22.81
CA VAL I 216 41.61 -5.01 -23.12
C VAL I 216 42.70 -4.75 -22.08
N SER I 217 42.52 -5.26 -20.85
CA SER I 217 43.61 -5.20 -19.90
C SER I 217 44.69 -6.22 -20.23
N LEU I 218 44.29 -7.39 -20.76
CA LEU I 218 45.27 -8.43 -21.05
C LEU I 218 46.08 -8.08 -22.29
N VAL I 219 45.46 -7.44 -23.28
CA VAL I 219 46.22 -7.00 -24.45
C VAL I 219 47.07 -5.80 -24.07
N SER I 220 46.70 -5.08 -23.01
CA SER I 220 47.59 -4.05 -22.48
C SER I 220 48.80 -4.69 -21.81
N LEU I 221 48.58 -5.78 -21.08
CA LEU I 221 49.65 -6.41 -20.33
C LEU I 221 50.70 -7.01 -21.25
N ALA I 222 50.25 -7.65 -22.34
CA ALA I 222 51.20 -8.21 -23.30
C ALA I 222 51.89 -7.12 -24.09
N LEU I 223 51.24 -5.98 -24.28
CA LEU I 223 51.84 -4.92 -25.07
C LEU I 223 52.90 -4.16 -24.29
N ASN I 224 52.91 -4.30 -22.97
CA ASN I 224 54.00 -3.70 -22.20
C ASN I 224 55.16 -4.68 -22.06
N ILE I 225 54.85 -5.98 -22.05
CA ILE I 225 55.89 -7.00 -21.92
C ILE I 225 56.78 -7.01 -23.17
N ILE I 226 56.19 -6.79 -24.34
CA ILE I 226 56.93 -6.83 -25.58
C ILE I 226 57.87 -5.63 -25.67
N GLU I 227 57.51 -4.53 -25.03
CA GLU I 227 58.45 -3.42 -24.89
C GLU I 227 59.57 -3.80 -23.94
N LEU I 228 59.25 -4.57 -22.91
CA LEU I 228 60.22 -4.85 -21.86
C LEU I 228 61.32 -5.77 -22.35
N PHE I 229 61.00 -6.63 -23.31
CA PHE I 229 62.04 -7.45 -23.92
C PHE I 229 62.93 -6.59 -24.81
N TYR I 230 62.35 -5.60 -25.48
CA TYR I 230 63.07 -4.83 -26.48
C TYR I 230 64.09 -3.91 -25.84
N VAL I 231 63.81 -3.42 -24.63
CA VAL I 231 64.76 -2.54 -23.97
C VAL I 231 65.93 -3.35 -23.39
N PHE I 232 65.68 -4.59 -22.96
CA PHE I 232 66.75 -5.42 -22.45
C PHE I 232 67.60 -5.99 -23.58
N PHE I 233 66.97 -6.46 -24.64
CA PHE I 233 67.67 -7.10 -25.75
C PHE I 233 68.41 -6.13 -26.65
N LYS I 234 68.26 -4.83 -26.42
CA LYS I 234 69.09 -3.85 -27.13
C LYS I 234 70.53 -3.94 -26.65
N GLY I 235 70.73 -4.39 -25.41
CA GLY I 235 72.05 -4.56 -24.84
C GLY I 235 72.07 -4.33 -23.35
N GLY J 2 52.52 31.08 -28.03
CA GLY J 2 53.88 31.60 -27.90
C GLY J 2 54.06 32.40 -26.63
N ASP J 3 52.96 32.74 -25.98
CA ASP J 3 52.97 33.50 -24.74
C ASP J 3 53.11 32.62 -23.51
N TRP J 4 53.63 31.41 -23.68
CA TRP J 4 53.99 30.54 -22.56
C TRP J 4 55.39 30.81 -22.05
N SER J 5 56.13 31.69 -22.72
CA SER J 5 57.49 32.00 -22.31
C SER J 5 57.49 32.83 -21.04
N ALA J 6 56.48 33.68 -20.87
CA ALA J 6 56.35 34.43 -19.63
C ALA J 6 55.86 33.54 -18.50
N LEU J 7 55.07 32.51 -18.85
CA LEU J 7 54.60 31.58 -17.82
C LEU J 7 55.73 30.68 -17.35
N GLY J 8 56.77 30.52 -18.18
CA GLY J 8 57.92 29.73 -17.78
C GLY J 8 58.72 30.39 -16.68
N LYS J 9 58.71 31.73 -16.64
CA LYS J 9 59.40 32.44 -15.58
C LYS J 9 58.63 32.36 -14.28
N LEU J 10 57.30 32.29 -14.37
CA LEU J 10 56.49 32.26 -13.15
C LEU J 10 56.53 30.89 -12.49
N LEU J 11 56.58 29.82 -13.29
CA LEU J 11 56.62 28.48 -12.70
C LEU J 11 58.02 28.13 -12.24
N ASP J 12 59.03 28.91 -12.65
CA ASP J 12 60.36 28.68 -12.14
C ASP J 12 60.56 29.33 -10.77
N LYS J 13 60.04 30.54 -10.59
CA LYS J 13 60.33 31.28 -9.36
C LYS J 13 59.49 30.78 -8.20
N VAL J 14 58.37 30.12 -8.48
CA VAL J 14 57.52 29.62 -7.39
C VAL J 14 58.15 28.40 -6.74
N GLN J 15 58.91 27.62 -7.52
CA GLN J 15 59.51 26.38 -7.02
C GLN J 15 61.02 26.45 -7.02
N ALA J 16 61.60 27.63 -6.81
CA ALA J 16 63.05 27.74 -6.79
C ALA J 16 63.64 27.23 -5.48
N TYR J 17 62.83 27.10 -4.45
CA TYR J 17 63.30 26.64 -3.15
C TYR J 17 62.97 25.18 -2.88
N SER J 18 62.23 24.52 -3.78
CA SER J 18 61.82 23.15 -3.54
C SER J 18 62.81 22.17 -4.16
N THR J 19 62.73 20.92 -3.71
CA THR J 19 63.62 19.89 -4.20
C THR J 19 63.17 19.39 -5.56
N ALA J 20 63.98 18.50 -6.13
CA ALA J 20 63.66 17.91 -7.42
C ALA J 20 62.65 16.78 -7.31
N GLY J 21 62.34 16.34 -6.10
CA GLY J 21 61.44 15.22 -5.90
C GLY J 21 60.05 15.57 -5.45
N GLY J 22 59.84 16.77 -4.93
CA GLY J 22 58.53 17.14 -4.43
C GLY J 22 57.62 17.70 -5.50
N LYS J 23 58.20 18.42 -6.45
CA LYS J 23 57.39 19.00 -7.52
C LYS J 23 56.93 17.97 -8.53
N VAL J 24 57.49 16.76 -8.52
CA VAL J 24 57.08 15.72 -9.44
C VAL J 24 56.16 14.73 -8.75
N TRP J 25 56.28 14.63 -7.43
CA TRP J 25 55.47 13.65 -6.70
C TRP J 25 54.20 14.29 -6.15
N LEU J 26 54.29 15.52 -5.64
CA LEU J 26 53.10 16.16 -5.09
C LEU J 26 52.16 16.64 -6.17
N SER J 27 52.68 17.17 -7.28
CA SER J 27 51.85 17.62 -8.38
C SER J 27 51.07 16.48 -9.02
N VAL J 28 51.66 15.29 -9.08
CA VAL J 28 50.88 14.13 -9.50
C VAL J 28 49.92 13.71 -8.40
N LEU J 29 50.30 13.90 -7.12
CA LEU J 29 49.41 13.55 -6.03
C LEU J 29 48.21 14.48 -5.95
N PHE J 30 48.35 15.72 -6.43
CA PHE J 30 47.19 16.59 -6.50
C PHE J 30 46.25 16.16 -7.62
N ILE J 31 46.81 15.71 -8.74
CA ILE J 31 46.00 15.22 -9.84
C ILE J 31 45.35 13.89 -9.47
N PHE J 32 46.05 13.08 -8.66
CA PHE J 32 45.49 11.79 -8.25
C PHE J 32 44.30 11.97 -7.31
N ARG J 33 44.43 12.86 -6.33
CA ARG J 33 43.38 13.01 -5.33
C ARG J 33 42.13 13.62 -5.91
N ILE J 34 42.26 14.51 -6.90
CA ILE J 34 41.10 15.05 -7.59
C ILE J 34 40.41 13.97 -8.41
N LEU J 35 41.20 13.17 -9.15
CA LEU J 35 40.61 12.20 -10.06
C LEU J 35 39.99 11.04 -9.31
N LEU J 36 40.49 10.74 -8.11
CA LEU J 36 39.83 9.73 -7.29
C LEU J 36 38.54 10.27 -6.71
N LEU J 37 38.50 11.55 -6.37
CA LEU J 37 37.37 12.10 -5.64
C LEU J 37 36.17 12.36 -6.53
N GLY J 38 36.37 13.01 -7.67
CA GLY J 38 35.25 13.50 -8.46
C GLY J 38 34.73 12.52 -9.48
N THR J 39 35.44 11.41 -9.65
CA THR J 39 35.07 10.44 -10.67
C THR J 39 34.67 9.09 -10.09
N ALA J 40 35.46 8.57 -9.16
CA ALA J 40 35.18 7.24 -8.63
C ALA J 40 34.25 7.29 -7.41
N VAL J 41 34.62 8.06 -6.39
CA VAL J 41 33.94 7.96 -5.10
C VAL J 41 32.78 8.91 -4.94
N GLU J 42 32.61 9.88 -5.83
CA GLU J 42 31.44 10.74 -5.76
C GLU J 42 30.16 10.00 -6.07
N SER J 43 30.15 9.16 -7.10
CA SER J 43 29.00 8.33 -7.41
C SER J 43 28.74 7.26 -6.36
N ALA J 44 29.74 6.90 -5.55
CA ALA J 44 29.53 5.87 -4.54
C ALA J 44 28.68 6.38 -3.39
N TRP J 45 28.82 7.65 -3.04
CA TRP J 45 28.03 8.24 -1.98
C TRP J 45 26.78 8.91 -2.49
N GLY J 46 26.24 8.47 -3.62
CA GLY J 46 25.07 9.09 -4.18
C GLY J 46 23.83 8.83 -3.36
N ASP J 47 23.57 7.57 -3.07
CA ASP J 47 22.41 7.18 -2.27
C ASP J 47 22.81 6.96 -0.81
N GLU J 48 23.37 7.99 -0.20
CA GLU J 48 23.71 7.87 1.21
C GLU J 48 22.49 7.98 2.10
N GLN J 49 21.42 8.61 1.62
CA GLN J 49 20.20 8.72 2.40
C GLN J 49 19.06 7.89 1.86
N SER J 50 18.96 7.73 0.55
CA SER J 50 17.81 7.04 -0.04
C SER J 50 17.82 5.54 0.19
N ALA J 51 18.92 4.96 0.68
CA ALA J 51 18.98 3.55 0.99
C ALA J 51 19.03 3.27 2.48
N PHE J 52 19.20 4.31 3.29
CA PHE J 52 19.30 4.18 4.74
C PHE J 52 17.93 3.80 5.30
N ARG J 53 17.75 2.54 5.64
CA ARG J 53 16.48 2.09 6.17
C ARG J 53 16.61 1.72 7.64
N CYS J 54 15.59 2.03 8.42
CA CYS J 54 15.57 1.73 9.83
C CYS J 54 14.41 0.81 10.12
N ASN J 55 14.46 0.16 11.28
CA ASN J 55 13.52 -0.88 11.64
C ASN J 55 12.41 -0.35 12.53
N THR J 56 11.64 0.60 12.02
CA THR J 56 10.54 1.16 12.81
C THR J 56 9.45 1.70 11.92
N GLN J 57 8.31 2.00 12.56
CA GLN J 57 7.19 2.64 11.92
C GLN J 57 7.06 4.10 12.32
N GLN J 58 7.90 4.56 13.23
CA GLN J 58 7.79 5.92 13.74
C GLN J 58 8.18 6.91 12.66
N PRO J 59 7.29 7.79 12.22
CA PRO J 59 7.58 8.66 11.08
C PRO J 59 8.61 9.71 11.45
N GLY J 60 9.61 9.86 10.59
CA GLY J 60 10.71 10.76 10.86
C GLY J 60 11.83 10.17 11.66
N CYS J 61 11.69 8.95 12.18
CA CYS J 61 12.76 8.32 12.92
C CYS J 61 13.96 8.01 12.04
N GLU J 62 13.75 7.82 10.74
CA GLU J 62 14.88 7.63 9.84
C GLU J 62 15.55 8.96 9.51
N ASN J 63 14.84 10.08 9.75
CA ASN J 63 15.46 11.38 9.49
C ASN J 63 16.40 11.76 10.61
N VAL J 64 16.00 11.52 11.86
CA VAL J 64 16.83 11.96 12.96
C VAL J 64 17.90 10.93 13.31
N CYS J 65 17.72 9.68 12.88
CA CYS J 65 18.75 8.69 13.18
C CYS J 65 19.86 8.71 12.15
N TYR J 66 19.55 9.09 10.91
CA TYR J 66 20.59 9.18 9.90
C TYR J 66 21.58 10.27 10.24
N ASP J 67 21.08 11.33 10.85
CA ASP J 67 21.94 12.47 11.15
C ASP J 67 22.97 12.14 12.22
N LYS J 68 22.56 11.35 13.22
CA LYS J 68 23.48 11.00 14.29
C LYS J 68 24.62 10.14 13.78
N SER J 69 24.34 9.32 12.75
CA SER J 69 25.39 8.51 12.15
C SER J 69 26.30 9.37 11.28
N PHE J 70 25.73 10.32 10.55
CA PHE J 70 26.50 11.15 9.62
C PHE J 70 26.23 12.62 9.89
N PRO J 71 26.92 13.26 10.82
CA PRO J 71 26.83 14.71 10.92
C PRO J 71 27.35 15.41 9.69
N ILE J 72 28.40 14.89 9.05
CA ILE J 72 28.86 15.41 7.78
C ILE J 72 29.43 14.25 7.00
N SER J 73 28.97 14.10 5.77
CA SER J 73 29.34 12.95 4.97
C SER J 73 30.80 13.03 4.55
N HIS J 74 31.37 11.87 4.25
CA HIS J 74 32.81 11.81 3.98
C HIS J 74 33.17 12.52 2.68
N VAL J 75 32.25 12.58 1.72
CA VAL J 75 32.53 13.22 0.45
C VAL J 75 32.64 14.72 0.60
N ARG J 76 31.68 15.34 1.26
CA ARG J 76 31.78 16.76 1.53
C ARG J 76 32.81 17.08 2.60
N PHE J 77 33.30 16.06 3.32
CA PHE J 77 34.46 16.26 4.16
C PHE J 77 35.73 16.37 3.32
N TRP J 78 35.93 15.43 2.39
CA TRP J 78 37.18 15.40 1.64
C TRP J 78 37.25 16.53 0.63
N VAL J 79 36.11 17.04 0.17
CA VAL J 79 36.13 18.24 -0.64
C VAL J 79 36.47 19.44 0.23
N LEU J 80 36.00 19.45 1.47
CA LEU J 80 36.36 20.52 2.39
C LEU J 80 37.83 20.47 2.75
N GLN J 81 38.41 19.27 2.76
CA GLN J 81 39.83 19.14 3.08
C GLN J 81 40.70 19.61 1.94
N ILE J 82 40.34 19.25 0.70
CA ILE J 82 41.26 19.42 -0.42
C ILE J 82 41.39 20.90 -0.80
N ILE J 83 40.38 21.72 -0.52
CA ILE J 83 40.54 23.15 -0.78
C ILE J 83 41.45 23.77 0.26
N PHE J 84 41.37 23.29 1.50
CA PHE J 84 42.21 23.85 2.56
C PHE J 84 43.68 23.47 2.41
N VAL J 85 43.98 22.34 1.80
CA VAL J 85 45.37 22.00 1.54
C VAL J 85 45.87 22.69 0.28
N SER J 86 44.97 23.04 -0.64
CA SER J 86 45.40 23.70 -1.87
C SER J 86 45.52 25.20 -1.70
N VAL J 87 44.74 25.79 -0.77
CA VAL J 87 44.71 27.25 -0.63
C VAL J 87 46.02 27.89 -0.19
N PRO J 88 46.91 27.26 0.62
CA PRO J 88 48.19 27.95 0.84
C PRO J 88 49.09 27.96 -0.37
N THR J 89 48.94 26.99 -1.27
CA THR J 89 49.71 27.02 -2.50
C THR J 89 49.16 28.07 -3.45
N LEU J 90 47.83 28.21 -3.48
CA LEU J 90 47.22 29.20 -4.35
C LEU J 90 47.52 30.61 -3.88
N LEU J 91 47.55 30.82 -2.56
CA LEU J 91 47.84 32.14 -2.01
C LEU J 91 49.29 32.52 -2.27
N TYR J 92 50.20 31.55 -2.22
CA TYR J 92 51.58 31.84 -2.54
C TYR J 92 51.75 32.08 -4.03
N LEU J 93 50.89 31.48 -4.84
CA LEU J 93 50.98 31.67 -6.28
C LEU J 93 50.50 33.07 -6.66
N ALA J 94 49.45 33.55 -6.02
CA ALA J 94 48.92 34.86 -6.36
C ALA J 94 49.83 35.96 -5.85
N HIS J 95 50.52 35.72 -4.74
CA HIS J 95 51.41 36.74 -4.20
C HIS J 95 52.66 36.88 -5.05
N VAL J 96 53.19 35.75 -5.54
CA VAL J 96 54.45 35.78 -6.27
C VAL J 96 54.25 36.34 -7.67
N PHE J 97 53.00 36.34 -8.15
CA PHE J 97 52.74 36.94 -9.45
C PHE J 97 52.81 38.46 -9.37
N TYR J 98 52.20 39.05 -8.35
CA TYR J 98 52.23 40.50 -8.22
C TYR J 98 53.60 41.00 -7.81
N VAL J 99 54.37 40.18 -7.10
CA VAL J 99 55.75 40.54 -6.78
C VAL J 99 56.58 40.58 -8.05
N MET J 100 56.36 39.62 -8.95
CA MET J 100 57.07 39.62 -10.23
C MET J 100 56.66 40.80 -11.10
N ARG J 101 55.38 41.18 -11.05
CA ARG J 101 54.92 42.31 -11.86
C ARG J 101 55.50 43.63 -11.34
N LYS J 102 55.70 43.72 -10.01
CA LYS J 102 56.27 44.93 -9.44
C LYS J 102 57.71 45.14 -9.88
N GLU J 103 58.44 44.04 -10.05
CA GLU J 103 59.82 44.16 -10.47
C GLU J 103 59.97 44.31 -11.97
N GLU J 104 58.95 43.96 -12.75
CA GLU J 104 59.04 44.18 -14.19
C GLU J 104 58.86 45.65 -14.53
N LYS J 105 58.13 46.39 -13.68
CA LYS J 105 57.98 47.83 -13.86
C LYS J 105 59.02 48.63 -13.10
N LEU J 106 60.18 48.04 -12.83
CA LEU J 106 61.29 48.71 -12.18
C LEU J 106 62.55 48.76 -13.02
N ASN J 107 62.88 47.68 -13.73
CA ASN J 107 64.13 47.56 -14.46
C ASN J 107 64.03 48.10 -15.89
N LYS J 108 62.89 48.66 -16.28
CA LYS J 108 62.75 49.28 -17.58
C LYS J 108 62.63 50.80 -17.47
N LYS J 109 62.71 51.37 -16.28
CA LYS J 109 62.57 52.80 -16.07
C LYS J 109 63.19 53.22 -14.75
N ARG J 148 66.91 39.95 -0.17
CA ARG J 148 67.10 38.60 0.34
C ARG J 148 66.27 38.36 1.60
N GLY J 149 65.45 37.30 1.56
CA GLY J 149 64.66 36.89 2.70
C GLY J 149 63.21 37.32 2.66
N GLY J 150 62.82 38.14 1.69
CA GLY J 150 61.47 38.66 1.67
C GLY J 150 60.46 37.67 1.14
N LEU J 151 60.85 36.92 0.12
CA LEU J 151 60.01 35.92 -0.50
C LEU J 151 60.02 34.59 0.27
N LEU J 152 61.08 34.34 1.02
CA LEU J 152 61.33 33.02 1.57
C LEU J 152 60.46 32.71 2.77
N ARG J 153 60.12 33.72 3.58
CA ARG J 153 59.37 33.50 4.81
C ARG J 153 57.97 32.99 4.51
N THR J 154 57.30 33.59 3.53
CA THR J 154 55.95 33.14 3.20
C THR J 154 55.98 31.81 2.46
N TYR J 155 57.12 31.44 1.87
CA TYR J 155 57.23 30.10 1.31
C TYR J 155 57.29 29.06 2.41
N ILE J 156 57.92 29.40 3.53
CA ILE J 156 57.97 28.47 4.66
C ILE J 156 56.58 28.33 5.27
N ILE J 157 55.89 29.45 5.48
CA ILE J 157 54.56 29.47 6.08
C ILE J 157 53.56 28.73 5.20
N SER J 158 53.77 28.75 3.88
CA SER J 158 52.85 28.10 2.95
C SER J 158 52.90 26.59 3.08
N ILE J 159 54.03 26.03 3.50
CA ILE J 159 54.11 24.58 3.67
C ILE J 159 53.69 24.17 5.06
N LEU J 160 53.81 25.09 6.05
CA LEU J 160 53.39 24.77 7.41
C LEU J 160 51.88 24.57 7.48
N PHE J 161 51.13 25.49 6.88
CA PHE J 161 49.68 25.40 6.95
C PHE J 161 49.14 24.32 6.05
N LYS J 162 49.95 23.81 5.12
CA LYS J 162 49.56 22.62 4.37
C LYS J 162 49.53 21.40 5.27
N SER J 163 50.55 21.23 6.12
CA SER J 163 50.52 20.10 7.03
C SER J 163 49.59 20.33 8.20
N ILE J 164 49.53 21.55 8.71
CA ILE J 164 48.83 21.82 9.97
C ILE J 164 47.33 21.64 9.78
N PHE J 165 46.80 22.07 8.64
CA PHE J 165 45.42 21.77 8.30
C PHE J 165 45.22 20.30 8.02
N GLU J 166 46.25 19.61 7.56
CA GLU J 166 46.11 18.21 7.21
C GLU J 166 46.06 17.32 8.45
N VAL J 167 46.88 17.65 9.46
CA VAL J 167 46.79 16.94 10.73
C VAL J 167 45.46 17.26 11.42
N ALA J 168 44.97 18.49 11.22
CA ALA J 168 43.74 18.90 11.88
C ALA J 168 42.53 18.15 11.36
N PHE J 169 42.51 17.87 10.05
CA PHE J 169 41.34 17.20 9.49
C PHE J 169 41.40 15.70 9.75
N LEU J 170 42.59 15.17 9.99
CA LEU J 170 42.69 13.73 10.24
C LEU J 170 42.14 13.37 11.62
N LEU J 171 42.56 14.10 12.65
CA LEU J 171 42.20 13.75 14.01
C LEU J 171 40.73 14.01 14.29
N ILE J 172 40.13 14.94 13.53
CA ILE J 172 38.69 15.16 13.62
C ILE J 172 37.94 13.92 13.15
N GLN J 173 38.45 13.29 12.09
CA GLN J 173 37.83 12.06 11.59
C GLN J 173 37.99 10.92 12.58
N TRP J 174 39.14 10.87 13.25
CA TRP J 174 39.32 9.89 14.31
C TRP J 174 38.45 10.21 15.51
N TYR J 175 38.23 11.49 15.79
CA TYR J 175 37.38 11.85 16.91
C TYR J 175 35.91 11.56 16.61
N ILE J 176 35.52 11.57 15.34
CA ILE J 176 34.11 11.43 14.99
C ILE J 176 33.81 10.07 14.38
N TYR J 177 34.42 9.78 13.22
CA TYR J 177 34.01 8.64 12.43
C TYR J 177 34.92 7.44 12.59
N GLY J 178 36.17 7.67 13.01
CA GLY J 178 37.10 6.57 13.08
C GLY J 178 37.72 6.34 11.72
N PHE J 179 37.96 5.08 11.36
CA PHE J 179 38.44 4.79 10.02
C PHE J 179 37.77 3.56 9.45
N SER J 180 36.48 3.39 9.72
CA SER J 180 35.76 2.20 9.32
C SER J 180 34.28 2.55 9.32
N LEU J 181 33.46 1.57 8.96
CA LEU J 181 32.02 1.72 9.03
C LEU J 181 31.39 0.38 9.38
N SER J 182 30.57 0.37 10.41
CA SER J 182 29.89 -0.84 10.82
C SER J 182 28.56 -0.97 10.08
N ALA J 183 28.16 -2.21 9.83
CA ALA J 183 27.02 -2.45 8.96
C ALA J 183 25.70 -2.31 9.69
N VAL J 184 25.70 -2.14 11.00
CA VAL J 184 24.49 -1.93 11.78
C VAL J 184 24.75 -0.80 12.75
N TYR J 185 23.89 0.20 12.73
CA TYR J 185 23.94 1.28 13.71
C TYR J 185 22.73 1.18 14.63
N THR J 186 22.99 1.33 15.93
CA THR J 186 21.94 1.37 16.94
C THR J 186 21.73 2.83 17.31
N CYS J 187 20.50 3.29 17.18
CA CYS J 187 20.16 4.71 17.31
C CYS J 187 19.30 4.92 18.54
N LYS J 188 19.57 5.99 19.28
CA LYS J 188 18.83 6.31 20.49
C LYS J 188 18.53 7.81 20.57
N ARG J 189 18.04 8.37 19.49
CA ARG J 189 17.65 9.78 19.49
C ARG J 189 16.13 9.87 19.59
N ASP J 190 15.64 11.09 19.66
CA ASP J 190 14.21 11.35 19.74
C ASP J 190 13.68 11.82 18.39
N PRO J 191 12.43 11.51 18.04
CA PRO J 191 11.35 10.85 18.77
C PRO J 191 11.20 9.38 18.49
N CYS J 192 12.28 8.66 18.28
CA CYS J 192 12.19 7.23 18.14
C CYS J 192 11.88 6.60 19.50
N PRO J 193 11.41 5.35 19.52
CA PRO J 193 11.32 4.62 20.79
C PRO J 193 12.68 4.19 21.32
N HIS J 194 12.69 3.30 22.32
CA HIS J 194 13.84 2.94 23.14
C HIS J 194 15.14 2.75 22.38
N GLN J 195 15.20 1.81 21.46
CA GLN J 195 16.37 1.67 20.60
C GLN J 195 15.93 1.06 19.28
N VAL J 196 16.41 1.64 18.18
CA VAL J 196 16.07 1.17 16.84
C VAL J 196 17.35 0.77 16.11
N ASP J 197 17.20 -0.16 15.18
CA ASP J 197 18.31 -0.64 14.37
C ASP J 197 18.25 0.01 12.99
N CYS J 198 19.32 0.70 12.61
CA CYS J 198 19.38 1.32 11.31
C CYS J 198 20.56 0.75 10.53
N PHE J 199 20.29 0.33 9.30
CA PHE J 199 21.25 -0.34 8.45
C PHE J 199 21.78 0.61 7.40
N LEU J 200 23.09 0.77 7.34
CA LEU J 200 23.69 1.74 6.44
C LEU J 200 23.61 1.29 4.99
N SER J 201 24.13 2.12 4.11
CA SER J 201 24.17 1.81 2.69
C SER J 201 25.62 1.64 2.27
N ARG J 202 25.97 0.42 1.86
CA ARG J 202 27.30 -0.02 1.47
C ARG J 202 28.40 0.33 2.47
N PRO J 203 28.48 -0.32 3.63
CA PRO J 203 29.60 -0.06 4.54
C PRO J 203 30.97 -0.46 4.00
N THR J 204 31.09 -1.59 3.30
CA THR J 204 32.40 -2.06 2.87
C THR J 204 32.96 -1.26 1.70
N GLU J 205 32.11 -0.86 0.75
CA GLU J 205 32.58 0.00 -0.33
C GLU J 205 32.95 1.36 0.18
N LYS J 206 32.27 1.83 1.22
CA LYS J 206 32.69 3.08 1.83
C LYS J 206 33.91 2.89 2.72
N THR J 207 34.20 1.64 3.12
CA THR J 207 35.37 1.41 3.95
C THR J 207 36.65 1.52 3.14
N ILE J 208 36.65 1.00 1.92
CA ILE J 208 37.88 0.93 1.13
C ILE J 208 38.29 2.32 0.66
N PHE J 209 37.31 3.16 0.33
CA PHE J 209 37.67 4.50 -0.13
C PHE J 209 38.00 5.42 1.03
N ILE J 210 37.67 5.02 2.26
CA ILE J 210 38.12 5.80 3.41
C ILE J 210 39.62 5.57 3.62
N ILE J 211 40.05 4.31 3.52
CA ILE J 211 41.45 3.97 3.75
C ILE J 211 42.33 4.53 2.65
N PHE J 212 41.81 4.63 1.43
CA PHE J 212 42.54 5.33 0.37
C PHE J 212 42.65 6.81 0.66
N MET J 213 41.62 7.39 1.25
CA MET J 213 41.70 8.79 1.60
C MET J 213 42.54 8.99 2.86
N LEU J 214 42.76 7.93 3.64
CA LEU J 214 43.70 8.04 4.74
C LEU J 214 45.13 7.90 4.24
N VAL J 215 45.37 6.94 3.35
CA VAL J 215 46.73 6.65 2.89
C VAL J 215 47.25 7.78 2.01
N VAL J 216 46.42 8.25 1.08
CA VAL J 216 46.88 9.28 0.16
C VAL J 216 47.03 10.62 0.86
N SER J 217 46.27 10.85 1.94
CA SER J 217 46.52 12.02 2.76
C SER J 217 47.77 11.86 3.60
N LEU J 218 48.05 10.62 4.06
CA LEU J 218 49.22 10.41 4.90
C LEU J 218 50.50 10.47 4.10
N VAL J 219 50.47 9.98 2.85
CA VAL J 219 51.65 10.09 2.01
C VAL J 219 51.82 11.54 1.54
N SER J 220 50.73 12.32 1.57
CA SER J 220 50.86 13.74 1.33
C SER J 220 51.51 14.42 2.52
N LEU J 221 51.16 13.99 3.73
CA LEU J 221 51.67 14.64 4.93
C LEU J 221 53.17 14.40 5.10
N ALA J 222 53.62 13.18 4.80
CA ALA J 222 55.05 12.89 4.88
C ALA J 222 55.81 13.56 3.75
N LEU J 223 55.16 13.79 2.62
CA LEU J 223 55.86 14.39 1.49
C LEU J 223 56.03 15.88 1.66
N ASN J 224 55.27 16.49 2.57
CA ASN J 224 55.51 17.90 2.86
C ASN J 224 56.53 18.06 3.98
N ILE J 225 56.59 17.09 4.89
CA ILE J 225 57.54 17.12 5.99
C ILE J 225 58.97 17.01 5.48
N ILE J 226 59.16 16.18 4.45
CA ILE J 226 60.50 15.96 3.90
C ILE J 226 60.99 17.21 3.18
N GLU J 227 60.08 18.01 2.65
CA GLU J 227 60.46 19.32 2.16
C GLU J 227 60.84 20.24 3.29
N LEU J 228 60.14 20.12 4.42
CA LEU J 228 60.31 21.06 5.51
C LEU J 228 61.67 20.89 6.19
N PHE J 229 62.21 19.67 6.17
CA PHE J 229 63.55 19.47 6.67
C PHE J 229 64.57 20.05 5.72
N TYR J 230 64.29 19.98 4.42
CA TYR J 230 65.27 20.35 3.41
C TYR J 230 65.47 21.86 3.37
N VAL J 231 64.41 22.62 3.67
CA VAL J 231 64.54 24.08 3.65
C VAL J 231 65.26 24.57 4.90
N PHE J 232 65.09 23.88 6.03
CA PHE J 232 65.80 24.27 7.24
C PHE J 232 67.26 23.84 7.19
N PHE J 233 67.53 22.61 6.75
CA PHE J 233 68.88 22.06 6.74
C PHE J 233 69.75 22.63 5.64
N LYS J 234 69.21 23.47 4.76
CA LYS J 234 70.05 24.20 3.82
C LYS J 234 70.88 25.25 4.54
N GLY J 235 70.39 25.72 5.68
CA GLY J 235 71.10 26.70 6.49
C GLY J 235 70.16 27.62 7.23
N GLY K 2 49.94 36.14 -27.10
CA GLY K 2 50.77 37.33 -27.07
C GLY K 2 49.97 38.59 -26.84
N ASP K 3 48.65 38.47 -26.97
CA ASP K 3 47.75 39.60 -26.78
C ASP K 3 47.32 39.76 -25.33
N TRP K 4 48.09 39.23 -24.39
CA TRP K 4 47.90 39.47 -22.97
C TRP K 4 48.60 40.73 -22.51
N SER K 5 49.37 41.37 -23.38
CA SER K 5 50.09 42.58 -23.02
C SER K 5 49.14 43.74 -22.86
N ALA K 6 48.07 43.76 -23.64
CA ALA K 6 47.06 44.79 -23.47
C ALA K 6 46.20 44.52 -22.24
N LEU K 7 46.05 43.25 -21.89
CA LEU K 7 45.29 42.91 -20.68
C LEU K 7 46.09 43.26 -19.44
N GLY K 8 47.40 43.35 -19.56
CA GLY K 8 48.23 43.74 -18.43
C GLY K 8 48.03 45.19 -18.04
N LYS K 9 47.69 46.03 -19.02
CA LYS K 9 47.43 47.43 -18.72
C LYS K 9 46.06 47.59 -18.06
N LEU K 10 45.12 46.73 -18.40
CA LEU K 10 43.78 46.85 -17.86
C LEU K 10 43.72 46.36 -16.41
N LEU K 11 44.48 45.31 -16.08
CA LEU K 11 44.47 44.80 -14.72
C LEU K 11 45.35 45.65 -13.80
N ASP K 12 46.19 46.51 -14.38
CA ASP K 12 46.97 47.43 -13.56
C ASP K 12 46.14 48.64 -13.16
N LYS K 13 45.35 49.18 -14.08
CA LYS K 13 44.67 50.44 -13.81
C LYS K 13 43.43 50.24 -12.93
N VAL K 14 42.89 49.02 -12.91
CA VAL K 14 41.71 48.78 -12.08
C VAL K 14 42.10 48.71 -10.60
N GLN K 15 43.31 48.28 -10.31
CA GLN K 15 43.77 48.10 -8.92
C GLN K 15 44.91 49.04 -8.59
N ALA K 16 44.94 50.23 -9.19
CA ALA K 16 46.02 51.17 -8.89
C ALA K 16 45.81 51.87 -7.56
N TYR K 17 44.60 51.84 -7.03
CA TYR K 17 44.28 52.49 -5.77
C TYR K 17 44.20 51.52 -4.60
N SER K 18 44.33 50.23 -4.85
CA SER K 18 44.19 49.25 -3.78
C SER K 18 45.55 48.91 -3.18
N THR K 19 45.50 48.31 -1.99
CA THR K 19 46.72 47.94 -1.29
C THR K 19 47.31 46.66 -1.86
N ALA K 20 48.48 46.30 -1.34
CA ALA K 20 49.14 45.08 -1.77
C ALA K 20 48.56 43.83 -1.12
N GLY K 21 47.69 43.99 -0.13
CA GLY K 21 47.16 42.86 0.59
C GLY K 21 45.73 42.50 0.26
N GLY K 22 44.97 43.39 -0.38
CA GLY K 22 43.59 43.11 -0.67
C GLY K 22 43.41 42.36 -1.98
N LYS K 23 44.26 42.67 -2.96
CA LYS K 23 44.14 42.01 -4.25
C LYS K 23 44.63 40.57 -4.22
N VAL K 24 45.33 40.16 -3.17
CA VAL K 24 45.81 38.79 -3.05
C VAL K 24 44.93 37.99 -2.12
N TRP K 25 44.24 38.67 -1.22
CA TRP K 25 43.42 37.97 -0.25
C TRP K 25 41.96 37.89 -0.70
N LEU K 26 41.44 38.98 -1.29
CA LEU K 26 40.06 38.95 -1.74
C LEU K 26 39.87 38.14 -3.00
N SER K 27 40.81 38.22 -3.94
CA SER K 27 40.74 37.43 -5.17
C SER K 27 40.77 35.94 -4.90
N VAL K 28 41.53 35.51 -3.91
CA VAL K 28 41.47 34.12 -3.49
C VAL K 28 40.16 33.85 -2.75
N LEU K 29 39.65 34.85 -2.02
CA LEU K 29 38.39 34.68 -1.31
C LEU K 29 37.22 34.58 -2.27
N PHE K 30 37.33 35.20 -3.44
CA PHE K 30 36.28 35.01 -4.43
C PHE K 30 36.32 33.62 -5.04
N ILE K 31 37.54 33.09 -5.25
CA ILE K 31 37.68 31.74 -5.76
C ILE K 31 37.27 30.72 -4.70
N PHE K 32 37.50 31.03 -3.43
CA PHE K 32 37.13 30.12 -2.35
C PHE K 32 35.62 30.01 -2.22
N ARG K 33 34.92 31.15 -2.25
CA ARG K 33 33.48 31.13 -2.01
C ARG K 33 32.72 30.47 -3.16
N ILE K 34 33.22 30.60 -4.39
CA ILE K 34 32.62 29.89 -5.51
C ILE K 34 32.83 28.40 -5.37
N LEU K 35 34.06 27.99 -5.04
CA LEU K 35 34.38 26.56 -5.01
C LEU K 35 33.73 25.86 -3.84
N LEU K 36 33.45 26.58 -2.76
CA LEU K 36 32.70 25.98 -1.67
C LEU K 36 31.23 25.86 -2.05
N LEU K 37 30.71 26.81 -2.82
CA LEU K 37 29.28 26.86 -3.06
C LEU K 37 28.83 25.85 -4.11
N GLY K 38 29.51 25.80 -5.25
CA GLY K 38 29.02 25.04 -6.37
C GLY K 38 29.46 23.59 -6.40
N THR K 39 30.37 23.23 -5.49
CA THR K 39 30.92 21.88 -5.49
C THR K 39 30.58 21.11 -4.23
N ALA K 40 30.73 21.72 -3.07
CA ALA K 40 30.51 21.01 -1.82
C ALA K 40 29.06 21.11 -1.35
N VAL K 41 28.55 22.34 -1.21
CA VAL K 41 27.28 22.53 -0.51
C VAL K 41 26.07 22.52 -1.42
N GLU K 42 26.25 22.56 -2.74
CA GLU K 42 25.12 22.45 -3.64
C GLU K 42 24.49 21.08 -3.60
N SER K 43 25.30 20.02 -3.61
CA SER K 43 24.80 18.66 -3.46
C SER K 43 24.21 18.38 -2.08
N ALA K 44 24.58 19.15 -1.07
CA ALA K 44 24.05 18.92 0.27
C ALA K 44 22.59 19.32 0.37
N TRP K 45 22.19 20.38 -0.32
CA TRP K 45 20.81 20.82 -0.31
C TRP K 45 20.00 20.24 -1.46
N GLY K 46 20.37 19.07 -1.95
CA GLY K 46 19.67 18.47 -3.07
C GLY K 46 18.28 18.01 -2.69
N ASP K 47 18.21 17.20 -1.63
CA ASP K 47 16.92 16.70 -1.14
C ASP K 47 16.42 17.54 0.02
N GLU K 48 16.23 18.84 -0.23
CA GLU K 48 15.68 19.69 0.81
C GLU K 48 14.18 19.48 0.97
N GLN K 49 13.51 19.01 -0.08
CA GLN K 49 12.08 18.75 0.01
C GLN K 49 11.71 17.28 0.00
N SER K 50 12.47 16.44 -0.70
CA SER K 50 12.11 15.04 -0.84
C SER K 50 12.32 14.23 0.43
N ALA K 51 13.00 14.77 1.44
CA ALA K 51 13.19 14.08 2.70
C ALA K 51 12.39 14.71 3.82
N PHE K 52 11.80 15.87 3.60
CA PHE K 52 11.03 16.58 4.60
C PHE K 52 9.74 15.84 4.89
N ARG K 53 9.68 15.12 5.99
CA ARG K 53 8.49 14.36 6.33
C ARG K 53 7.81 14.96 7.54
N CYS K 54 6.48 14.94 7.52
CA CYS K 54 5.69 15.48 8.61
C CYS K 54 4.84 14.36 9.18
N ASN K 55 4.33 14.59 10.38
CA ASN K 55 3.63 13.56 11.14
C ASN K 55 2.12 13.70 11.01
N THR K 56 1.61 13.58 9.79
CA THR K 56 0.18 13.68 9.59
C THR K 56 -0.25 12.92 8.35
N GLN K 57 -1.57 12.76 8.23
CA GLN K 57 -2.20 12.18 7.06
C GLN K 57 -2.88 13.22 6.19
N GLN K 58 -2.88 14.47 6.61
CA GLN K 58 -3.59 15.50 5.89
C GLN K 58 -2.85 15.80 4.59
N PRO K 59 -3.50 15.59 3.43
CA PRO K 59 -2.78 15.72 2.15
C PRO K 59 -2.45 17.17 1.86
N GLY K 60 -1.21 17.43 1.48
CA GLY K 60 -0.74 18.77 1.25
C GLY K 60 -0.22 19.48 2.47
N CYS K 61 -0.37 18.89 3.66
CA CYS K 61 0.16 19.52 4.87
C CYS K 61 1.67 19.58 4.85
N GLU K 62 2.34 18.67 4.16
CA GLU K 62 3.78 18.75 4.03
C GLU K 62 4.19 19.80 3.00
N ASN K 63 3.25 20.20 2.13
CA ASN K 63 3.58 21.24 1.16
C ASN K 63 3.54 22.62 1.80
N VAL K 64 2.55 22.87 2.65
CA VAL K 64 2.41 24.21 3.21
C VAL K 64 3.26 24.36 4.46
N CYS K 65 3.67 23.26 5.09
CA CYS K 65 4.51 23.40 6.28
C CYS K 65 5.97 23.54 5.92
N TYR K 66 6.38 22.96 4.79
CA TYR K 66 7.77 23.11 4.37
C TYR K 66 8.07 24.55 4.02
N ASP K 67 7.08 25.24 3.47
CA ASP K 67 7.30 26.60 3.02
C ASP K 67 7.51 27.55 4.19
N LYS K 68 6.79 27.34 5.28
CA LYS K 68 6.94 28.22 6.43
C LYS K 68 8.31 28.07 7.06
N SER K 69 8.91 26.88 6.97
CA SER K 69 10.25 26.69 7.47
C SER K 69 11.27 27.31 6.53
N PHE K 70 11.05 27.20 5.24
CA PHE K 70 12.01 27.69 4.24
C PHE K 70 11.31 28.58 3.23
N PRO K 71 11.13 29.86 3.51
CA PRO K 71 10.67 30.76 2.45
C PRO K 71 11.64 30.88 1.31
N ILE K 72 12.94 30.85 1.58
CA ILE K 72 13.93 30.80 0.53
C ILE K 72 15.11 30.00 1.06
N SER K 73 15.54 29.00 0.30
CA SER K 73 16.56 28.09 0.77
C SER K 73 17.91 28.80 0.82
N HIS K 74 18.79 28.26 1.64
CA HIS K 74 20.07 28.93 1.89
C HIS K 74 20.97 28.92 0.65
N VAL K 75 20.82 27.91 -0.21
CA VAL K 75 21.67 27.83 -1.40
C VAL K 75 21.30 28.91 -2.40
N ARG K 76 20.02 29.07 -2.70
CA ARG K 76 19.61 30.15 -3.58
C ARG K 76 19.70 31.51 -2.89
N PHE K 77 19.87 31.52 -1.58
CA PHE K 77 20.21 32.77 -0.90
C PHE K 77 21.66 33.16 -1.17
N TRP K 78 22.58 32.20 -0.99
CA TRP K 78 24.00 32.54 -1.11
C TRP K 78 24.41 32.77 -2.55
N VAL K 79 23.69 32.17 -3.50
CA VAL K 79 23.90 32.52 -4.89
C VAL K 79 23.37 33.92 -5.18
N LEU K 80 22.26 34.29 -4.53
CA LEU K 80 21.74 35.64 -4.68
C LEU K 80 22.66 36.65 -4.04
N GLN K 81 23.39 36.26 -3.00
CA GLN K 81 24.29 37.17 -2.34
C GLN K 81 25.55 37.40 -3.17
N ILE K 82 26.10 36.32 -3.74
CA ILE K 82 27.43 36.40 -4.34
C ILE K 82 27.41 37.21 -5.63
N ILE K 83 26.29 37.27 -6.33
CA ILE K 83 26.23 38.11 -7.52
C ILE K 83 26.18 39.57 -7.11
N PHE K 84 25.47 39.87 -6.01
CA PHE K 84 25.36 41.24 -5.57
C PHE K 84 26.64 41.81 -5.01
N VAL K 85 27.52 40.96 -4.46
CA VAL K 85 28.81 41.44 -4.01
C VAL K 85 29.79 41.52 -5.17
N SER K 86 29.56 40.73 -6.22
CA SER K 86 30.48 40.76 -7.35
C SER K 86 30.12 41.85 -8.35
N VAL K 87 28.84 42.23 -8.41
CA VAL K 87 28.40 43.20 -9.43
C VAL K 87 28.99 44.60 -9.30
N PRO K 88 29.33 45.15 -8.11
CA PRO K 88 30.01 46.46 -8.16
C PRO K 88 31.43 46.36 -8.68
N THR K 89 32.07 45.21 -8.55
CA THR K 89 33.40 45.05 -9.13
C THR K 89 33.31 44.89 -10.63
N LEU K 90 32.28 44.19 -11.10
CA LEU K 90 32.10 43.99 -12.53
C LEU K 90 31.72 45.30 -13.22
N LEU K 91 30.91 46.12 -12.55
CA LEU K 91 30.50 47.39 -13.13
C LEU K 91 31.66 48.35 -13.20
N TYR K 92 32.56 48.30 -12.22
CA TYR K 92 33.74 49.14 -12.27
C TYR K 92 34.71 48.63 -13.32
N LEU K 93 34.68 47.32 -13.60
CA LEU K 93 35.56 46.76 -14.60
C LEU K 93 35.11 47.15 -16.00
N ALA K 94 33.80 47.15 -16.23
CA ALA K 94 33.30 47.49 -17.56
C ALA K 94 33.44 48.97 -17.85
N HIS K 95 33.35 49.80 -16.80
CA HIS K 95 33.48 51.23 -17.01
C HIS K 95 34.92 51.62 -17.30
N VAL K 96 35.88 50.98 -16.63
CA VAL K 96 37.27 51.38 -16.78
C VAL K 96 37.83 50.88 -18.11
N PHE K 97 37.16 49.90 -18.73
CA PHE K 97 37.60 49.45 -20.03
C PHE K 97 37.27 50.48 -21.10
N TYR K 98 36.04 51.01 -21.07
CA TYR K 98 35.65 52.01 -22.07
C TYR K 98 36.34 53.34 -21.84
N VAL K 99 36.69 53.64 -20.60
CA VAL K 99 37.47 54.84 -20.32
C VAL K 99 38.86 54.70 -20.91
N MET K 100 39.46 53.51 -20.80
CA MET K 100 40.76 53.27 -21.41
C MET K 100 40.70 53.32 -22.93
N ARG K 101 39.61 52.83 -23.51
CA ARG K 101 39.48 52.85 -24.96
C ARG K 101 39.30 54.28 -25.48
N LYS K 102 38.64 55.14 -24.69
CA LYS K 102 38.45 56.52 -25.10
C LYS K 102 39.77 57.27 -25.14
N GLU K 103 40.69 56.93 -24.25
CA GLU K 103 41.97 57.61 -24.24
C GLU K 103 42.95 57.01 -25.24
N GLU K 104 42.72 55.80 -25.71
CA GLU K 104 43.60 55.24 -26.73
C GLU K 104 43.33 55.88 -28.09
N LYS K 105 42.10 56.35 -28.31
CA LYS K 105 41.74 57.06 -29.53
C LYS K 105 41.92 58.57 -29.40
N LEU K 106 42.76 59.02 -28.48
CA LEU K 106 43.07 60.44 -28.32
C LEU K 106 44.54 60.77 -28.55
N ASN K 107 45.45 59.93 -28.09
CA ASN K 107 46.88 60.22 -28.14
C ASN K 107 47.54 59.76 -29.43
N LYS K 108 46.76 59.25 -30.37
CA LYS K 108 47.30 58.88 -31.68
C LYS K 108 46.80 59.80 -32.78
N LYS K 109 46.00 60.82 -32.45
CA LYS K 109 45.45 61.73 -33.43
C LYS K 109 45.02 63.05 -32.78
N ARG K 148 42.19 64.46 -12.97
CA ARG K 148 42.34 63.98 -11.59
C ARG K 148 41.00 63.99 -10.85
N GLY K 149 40.65 62.84 -10.30
CA GLY K 149 39.45 62.69 -9.49
C GLY K 149 38.27 62.09 -10.21
N GLY K 150 38.36 61.87 -11.52
CA GLY K 150 37.22 61.38 -12.27
C GLY K 150 36.99 59.90 -12.11
N LEU K 151 38.08 59.13 -12.07
CA LEU K 151 38.03 57.70 -11.91
C LEU K 151 37.89 57.28 -10.46
N LEU K 152 38.31 58.13 -9.53
CA LEU K 152 38.47 57.72 -8.14
C LEU K 152 37.15 57.64 -7.39
N ARG K 153 36.18 58.49 -7.74
CA ARG K 153 34.92 58.54 -7.02
C ARG K 153 34.14 57.24 -7.18
N THR K 154 34.07 56.72 -8.40
CA THR K 154 33.35 55.47 -8.61
C THR K 154 34.11 54.28 -8.06
N TYR K 155 35.43 54.42 -7.85
CA TYR K 155 36.16 53.36 -7.17
C TYR K 155 35.78 53.32 -5.70
N ILE K 156 35.51 54.47 -5.11
CA ILE K 156 35.09 54.51 -3.71
C ILE K 156 33.70 53.91 -3.59
N ILE K 157 32.79 54.31 -4.47
CA ILE K 157 31.40 53.84 -4.45
C ILE K 157 31.33 52.33 -4.70
N SER K 158 32.28 51.80 -5.48
CA SER K 158 32.28 50.38 -5.79
C SER K 158 32.60 49.52 -4.57
N ILE K 159 33.34 50.06 -3.60
CA ILE K 159 33.63 49.29 -2.40
C ILE K 159 32.56 49.51 -1.34
N LEU K 160 31.86 50.65 -1.39
CA LEU K 160 30.79 50.90 -0.43
C LEU K 160 29.64 49.93 -0.63
N PHE K 161 29.21 49.75 -1.87
CA PHE K 161 28.08 48.88 -2.12
C PHE K 161 28.45 47.41 -2.02
N LYS K 162 29.75 47.11 -2.00
CA LYS K 162 30.17 45.75 -1.66
C LYS K 162 29.89 45.43 -0.20
N SER K 163 30.20 46.36 0.70
CA SER K 163 29.90 46.11 2.09
C SER K 163 28.43 46.29 2.40
N ILE K 164 27.80 47.30 1.80
CA ILE K 164 26.44 47.68 2.18
C ILE K 164 25.45 46.60 1.82
N PHE K 165 25.63 45.96 0.66
CA PHE K 165 24.84 44.79 0.32
C PHE K 165 25.20 43.60 1.20
N GLU K 166 26.43 43.56 1.70
CA GLU K 166 26.85 42.41 2.50
C GLU K 166 26.27 42.47 3.90
N VAL K 167 26.21 43.67 4.49
CA VAL K 167 25.54 43.83 5.78
C VAL K 167 24.05 43.61 5.61
N ALA K 168 23.50 43.98 4.45
CA ALA K 168 22.07 43.85 4.23
C ALA K 168 21.63 42.39 4.16
N PHE K 169 22.46 41.53 3.57
CA PHE K 169 22.07 40.14 3.43
C PHE K 169 22.30 39.37 4.71
N LEU K 170 23.19 39.87 5.57
CA LEU K 170 23.44 39.17 6.83
C LEU K 170 22.28 39.33 7.80
N LEU K 171 21.82 40.56 7.98
CA LEU K 171 20.79 40.83 9.00
C LEU K 171 19.45 40.26 8.59
N ILE K 172 19.23 40.10 7.29
CA ILE K 172 18.03 39.43 6.80
C ILE K 172 18.02 37.98 7.25
N GLN K 173 19.18 37.34 7.21
CA GLN K 173 19.29 35.96 7.65
C GLN K 173 19.09 35.85 9.16
N TRP K 174 19.58 36.84 9.91
CA TRP K 174 19.31 36.88 11.33
C TRP K 174 17.84 37.18 11.60
N TYR K 175 17.22 37.99 10.76
CA TYR K 175 15.81 38.28 10.96
C TYR K 175 14.93 37.08 10.61
N ILE K 176 15.39 36.21 9.73
CA ILE K 176 14.55 35.11 9.27
C ILE K 176 15.00 33.78 9.82
N TYR K 177 16.22 33.36 9.49
CA TYR K 177 16.66 31.99 9.75
C TYR K 177 17.55 31.87 10.98
N GLY K 178 18.19 32.95 11.39
CA GLY K 178 19.11 32.86 12.49
C GLY K 178 20.46 32.38 11.99
N PHE K 179 21.15 31.56 12.77
CA PHE K 179 22.39 30.97 12.28
C PHE K 179 22.50 29.52 12.69
N SER K 180 21.39 28.80 12.65
CA SER K 180 21.34 27.41 13.11
C SER K 180 20.15 26.76 12.46
N LEU K 181 19.95 25.48 12.77
CA LEU K 181 18.76 24.76 12.33
C LEU K 181 18.39 23.74 13.38
N SER K 182 17.14 23.77 13.82
CA SER K 182 16.65 22.83 14.79
C SER K 182 16.12 21.59 14.09
N ALA K 183 16.24 20.45 14.78
CA ALA K 183 15.94 19.18 14.13
C ALA K 183 14.46 18.86 14.13
N VAL K 184 13.64 19.65 14.82
CA VAL K 184 12.19 19.46 14.82
C VAL K 184 11.55 20.81 14.64
N TYR K 185 10.67 20.93 13.65
CA TYR K 185 9.87 22.12 13.46
C TYR K 185 8.42 21.83 13.79
N THR K 186 7.80 22.73 14.54
CA THR K 186 6.39 22.67 14.87
C THR K 186 5.67 23.63 13.95
N CYS K 187 4.68 23.12 13.21
CA CYS K 187 4.03 23.88 12.15
C CYS K 187 2.58 24.13 12.52
N LYS K 188 2.10 25.35 12.25
CA LYS K 188 0.72 25.73 12.56
C LYS K 188 0.11 26.53 11.41
N ARG K 189 0.24 26.04 10.20
CA ARG K 189 -0.38 26.67 9.05
C ARG K 189 -1.63 25.90 8.66
N ASP K 190 -2.33 26.40 7.67
CA ASP K 190 -3.52 25.75 7.16
C ASP K 190 -3.23 25.05 5.84
N PRO K 191 -3.90 23.93 5.53
CA PRO K 191 -5.01 23.26 6.20
C PRO K 191 -4.63 22.10 7.09
N CYS K 192 -3.50 22.20 7.77
CA CYS K 192 -3.15 21.18 8.74
C CYS K 192 -4.06 21.30 9.96
N PRO K 193 -4.15 20.25 10.78
CA PRO K 193 -4.81 20.39 12.09
C PRO K 193 -3.99 21.20 13.08
N HIS K 194 -4.37 21.16 14.36
CA HIS K 194 -3.91 22.04 15.43
C HIS K 194 -2.41 22.31 15.44
N GLN K 195 -1.60 21.27 15.59
CA GLN K 195 -0.15 21.44 15.47
C GLN K 195 0.46 20.13 15.00
N VAL K 196 1.35 20.20 14.02
CA VAL K 196 1.99 19.02 13.46
C VAL K 196 3.50 19.15 13.64
N ASP K 197 4.16 18.01 13.72
CA ASP K 197 5.62 17.95 13.87
C ASP K 197 6.24 17.60 12.53
N CYS K 198 7.13 18.47 12.05
CA CYS K 198 7.82 18.23 10.79
C CYS K 198 9.31 18.17 11.05
N PHE K 199 9.94 17.12 10.53
CA PHE K 199 11.35 16.83 10.77
C PHE K 199 12.15 17.20 9.54
N LEU K 200 13.17 18.04 9.72
CA LEU K 200 13.94 18.54 8.60
C LEU K 200 14.85 17.46 8.03
N SER K 201 15.59 17.83 6.99
CA SER K 201 16.55 16.93 6.35
C SER K 201 17.94 17.47 6.60
N ARG K 202 18.74 16.70 7.35
CA ARG K 202 20.10 17.01 7.79
C ARG K 202 20.25 18.39 8.42
N PRO K 203 19.77 18.63 9.65
CA PRO K 203 20.03 19.92 10.28
C PRO K 203 21.49 20.20 10.60
N THR K 204 22.26 19.21 11.05
CA THR K 204 23.63 19.47 11.47
C THR K 204 24.57 19.70 10.30
N GLU K 205 24.40 18.95 9.20
CA GLU K 205 25.22 19.21 8.02
C GLU K 205 24.87 20.55 7.41
N LYS K 206 23.62 20.98 7.51
CA LYS K 206 23.29 22.31 7.06
C LYS K 206 23.74 23.36 8.06
N THR K 207 24.00 22.97 9.32
CA THR K 207 24.46 23.94 10.30
C THR K 207 25.90 24.35 10.05
N ILE K 208 26.75 23.40 9.70
CA ILE K 208 28.17 23.67 9.57
C ILE K 208 28.45 24.54 8.35
N PHE K 209 27.72 24.31 7.27
CA PHE K 209 27.94 25.12 6.08
C PHE K 209 27.30 26.49 6.20
N ILE K 210 26.39 26.68 7.15
CA ILE K 210 25.88 28.02 7.39
C ILE K 210 26.94 28.87 8.07
N ILE K 211 27.63 28.29 9.05
CA ILE K 211 28.63 29.01 9.82
C ILE K 211 29.86 29.32 8.95
N PHE K 212 30.16 28.45 7.99
CA PHE K 212 31.20 28.78 7.01
C PHE K 212 30.76 29.91 6.12
N MET K 213 29.48 29.96 5.77
CA MET K 213 29.02 31.07 4.97
C MET K 213 28.85 32.33 5.80
N LEU K 214 28.79 32.21 7.13
CA LEU K 214 28.84 33.40 7.96
C LEU K 214 30.26 33.90 8.13
N VAL K 215 31.20 32.98 8.36
CA VAL K 215 32.58 33.36 8.64
C VAL K 215 33.25 33.92 7.39
N VAL K 216 33.07 33.26 6.25
CA VAL K 216 33.74 33.69 5.03
C VAL K 216 33.11 34.98 4.50
N SER K 217 31.84 35.22 4.81
CA SER K 217 31.26 36.52 4.49
C SER K 217 31.75 37.59 5.46
N LEU K 218 31.97 37.22 6.72
CA LEU K 218 32.41 38.21 7.70
C LEU K 218 33.87 38.59 7.49
N VAL K 219 34.70 37.62 7.08
CA VAL K 219 36.08 37.97 6.78
C VAL K 219 36.15 38.72 5.46
N SER K 220 35.14 38.57 4.62
CA SER K 220 35.03 39.41 3.44
C SER K 220 34.68 40.83 3.83
N LEU K 221 33.78 40.98 4.79
CA LEU K 221 33.30 42.31 5.19
C LEU K 221 34.39 43.12 5.85
N ALA K 222 35.21 42.48 6.69
CA ALA K 222 36.32 43.19 7.32
C ALA K 222 37.43 43.48 6.32
N LEU K 223 37.56 42.64 5.29
CA LEU K 223 38.63 42.85 4.33
C LEU K 223 38.31 43.98 3.36
N ASN K 224 37.04 44.37 3.26
CA ASN K 224 36.73 45.54 2.46
C ASN K 224 36.80 46.82 3.28
N ILE K 225 36.53 46.71 4.58
CA ILE K 225 36.59 47.86 5.47
C ILE K 225 38.00 48.37 5.61
N ILE K 226 38.97 47.44 5.65
CA ILE K 226 40.37 47.81 5.82
C ILE K 226 40.90 48.52 4.58
N GLU K 227 40.32 48.19 3.41
CA GLU K 227 40.62 48.98 2.23
C GLU K 227 40.01 50.37 2.33
N LEU K 228 38.83 50.45 2.94
CA LEU K 228 38.10 51.71 2.94
C LEU K 228 38.76 52.74 3.84
N PHE K 229 39.46 52.28 4.87
CA PHE K 229 40.23 53.22 5.68
C PHE K 229 41.46 53.69 4.92
N TYR K 230 42.05 52.81 4.10
CA TYR K 230 43.32 53.12 3.46
C TYR K 230 43.14 54.14 2.35
N VAL K 231 41.98 54.15 1.70
CA VAL K 231 41.74 55.12 0.63
C VAL K 231 41.43 56.50 1.21
N PHE K 232 40.79 56.54 2.38
CA PHE K 232 40.52 57.82 3.01
C PHE K 232 41.76 58.39 3.68
N PHE K 233 42.52 57.56 4.40
CA PHE K 233 43.68 58.02 5.15
C PHE K 233 44.88 58.32 4.27
N LYS K 234 44.80 58.07 2.96
CA LYS K 234 45.84 58.53 2.05
C LYS K 234 45.80 60.05 1.92
N GLY K 235 44.63 60.63 2.14
CA GLY K 235 44.47 62.07 2.09
C GLY K 235 43.08 62.49 1.61
N GLY L 2 46.05 37.84 -30.95
CA GLY L 2 46.39 39.08 -31.62
C GLY L 2 45.34 39.52 -32.63
N ASP L 3 44.44 38.60 -32.95
CA ASP L 3 43.37 38.86 -33.90
C ASP L 3 42.13 39.45 -33.24
N TRP L 4 42.29 40.07 -32.08
CA TRP L 4 41.24 40.84 -31.44
C TRP L 4 41.21 42.28 -31.91
N SER L 5 42.18 42.67 -32.73
CA SER L 5 42.23 44.04 -33.24
C SER L 5 41.13 44.29 -34.25
N ALA L 6 40.78 43.27 -35.03
CA ALA L 6 39.66 43.39 -35.95
C ALA L 6 38.34 43.36 -35.20
N LEU L 7 38.29 42.65 -34.07
CA LEU L 7 37.07 42.62 -33.27
C LEU L 7 36.85 43.95 -32.57
N GLY L 8 37.92 44.73 -32.38
CA GLY L 8 37.79 46.04 -31.77
C GLY L 8 37.07 47.02 -32.66
N LYS L 9 37.20 46.84 -33.98
CA LYS L 9 36.49 47.71 -34.91
C LYS L 9 35.01 47.34 -34.97
N LEU L 10 34.69 46.07 -34.77
CA LEU L 10 33.30 45.64 -34.86
C LEU L 10 32.52 46.06 -33.63
N LEU L 11 33.15 46.01 -32.45
CA LEU L 11 32.44 46.40 -31.24
C LEU L 11 32.38 47.91 -31.08
N ASP L 12 33.16 48.64 -31.88
CA ASP L 12 33.04 50.09 -31.86
C ASP L 12 31.89 50.57 -32.72
N LYS L 13 31.72 49.97 -33.90
CA LYS L 13 30.75 50.49 -34.85
C LYS L 13 29.32 50.08 -34.47
N VAL L 14 29.17 49.02 -33.69
CA VAL L 14 27.83 48.60 -33.29
C VAL L 14 27.25 49.55 -32.24
N GLN L 15 28.10 50.15 -31.42
CA GLN L 15 27.66 51.02 -30.34
C GLN L 15 28.13 52.46 -30.54
N ALA L 16 28.24 52.90 -31.79
CA ALA L 16 28.67 54.28 -32.04
C ALA L 16 27.55 55.27 -31.81
N TYR L 17 26.31 54.81 -31.76
CA TYR L 17 25.16 55.68 -31.55
C TYR L 17 24.63 55.64 -30.13
N SER L 18 25.17 54.78 -29.28
CA SER L 18 24.65 54.64 -27.94
C SER L 18 25.41 55.54 -26.96
N THR L 19 24.81 55.75 -25.80
CA THR L 19 25.39 56.60 -24.78
C THR L 19 26.49 55.85 -24.03
N ALA L 20 27.16 56.59 -23.15
CA ALA L 20 28.21 55.99 -22.34
C ALA L 20 27.66 55.22 -21.15
N GLY L 21 26.37 55.32 -20.88
CA GLY L 21 25.77 54.67 -19.73
C GLY L 21 24.97 53.43 -20.02
N GLY L 22 24.57 53.22 -21.26
CA GLY L 22 23.75 52.07 -21.59
C GLY L 22 24.55 50.83 -21.88
N LYS L 23 25.73 51.01 -22.48
CA LYS L 23 26.56 49.87 -22.81
C LYS L 23 27.26 49.28 -21.59
N VAL L 24 27.25 49.97 -20.46
CA VAL L 24 27.87 49.47 -19.24
C VAL L 24 26.82 48.93 -18.31
N TRP L 25 25.59 49.42 -18.43
CA TRP L 25 24.54 48.99 -17.52
C TRP L 25 23.72 47.86 -18.11
N LEU L 26 23.42 47.92 -19.41
CA LEU L 26 22.63 46.86 -20.02
C LEU L 26 23.43 45.59 -20.23
N SER L 27 24.70 45.71 -20.63
CA SER L 27 25.55 44.54 -20.81
C SER L 27 25.77 43.77 -19.52
N VAL L 28 25.85 44.47 -18.39
CA VAL L 28 25.88 43.78 -17.12
C VAL L 28 24.49 43.23 -16.79
N LEU L 29 23.43 43.92 -17.22
CA LEU L 29 22.08 43.44 -16.98
C LEU L 29 21.77 42.19 -17.79
N PHE L 30 22.42 42.03 -18.94
CA PHE L 30 22.25 40.78 -19.68
C PHE L 30 22.97 39.64 -18.99
N ILE L 31 24.14 39.92 -18.42
CA ILE L 31 24.88 38.90 -17.68
C ILE L 31 24.16 38.56 -16.38
N PHE L 32 23.51 39.55 -15.78
CA PHE L 32 22.79 39.32 -14.53
C PHE L 32 21.57 38.44 -14.75
N ARG L 33 20.79 38.71 -15.79
CA ARG L 33 19.55 37.98 -16.00
C ARG L 33 19.81 36.53 -16.40
N ILE L 34 20.89 36.27 -17.12
CA ILE L 34 21.27 34.89 -17.43
C ILE L 34 21.70 34.16 -16.17
N LEU L 35 22.53 34.80 -15.35
CA LEU L 35 23.09 34.12 -14.19
C LEU L 35 22.05 33.90 -13.11
N LEU L 36 21.03 34.75 -13.05
CA LEU L 36 19.94 34.49 -12.14
C LEU L 36 19.06 33.35 -12.64
N LEU L 37 18.90 33.25 -13.96
CA LEU L 37 17.94 32.30 -14.51
C LEU L 37 18.45 30.87 -14.51
N GLY L 38 19.68 30.66 -14.99
CA GLY L 38 20.14 29.31 -15.24
C GLY L 38 20.84 28.66 -14.06
N THR L 39 21.07 29.43 -13.00
CA THR L 39 21.80 28.92 -11.86
C THR L 39 20.96 28.88 -10.59
N ALA L 40 20.25 29.96 -10.29
CA ALA L 40 19.49 30.03 -9.05
C ALA L 40 18.08 29.48 -9.21
N VAL L 41 17.31 30.01 -10.17
CA VAL L 41 15.88 29.74 -10.21
C VAL L 41 15.50 28.55 -11.07
N GLU L 42 16.42 28.01 -11.86
CA GLU L 42 16.11 26.81 -12.62
C GLU L 42 15.92 25.61 -11.72
N SER L 43 16.79 25.42 -10.72
CA SER L 43 16.63 24.36 -9.76
C SER L 43 15.42 24.54 -8.84
N ALA L 44 14.92 25.77 -8.71
CA ALA L 44 13.77 26.00 -7.84
C ALA L 44 12.49 25.45 -8.45
N TRP L 45 12.36 25.51 -9.77
CA TRP L 45 11.19 24.98 -10.45
C TRP L 45 11.39 23.55 -10.92
N GLY L 46 12.24 22.78 -10.25
CA GLY L 46 12.50 21.43 -10.67
C GLY L 46 11.32 20.52 -10.42
N ASP L 47 10.81 20.52 -9.20
CA ASP L 47 9.65 19.70 -8.85
C ASP L 47 8.37 20.53 -8.90
N GLU L 48 8.09 21.09 -10.06
CA GLU L 48 6.84 21.83 -10.20
C GLU L 48 5.65 20.91 -10.33
N GLN L 49 5.85 19.67 -10.79
CA GLN L 49 4.77 18.71 -10.91
C GLN L 49 4.84 17.59 -9.90
N SER L 50 6.03 17.15 -9.52
CA SER L 50 6.16 15.99 -8.65
C SER L 50 5.74 16.27 -7.21
N ALA L 51 5.54 17.52 -6.83
CA ALA L 51 5.09 17.85 -5.49
C ALA L 51 3.66 18.36 -5.46
N PHE L 52 3.08 18.60 -6.62
CA PHE L 52 1.72 19.12 -6.74
C PHE L 52 0.73 18.05 -6.34
N ARG L 53 0.19 18.13 -5.14
CA ARG L 53 -0.75 17.12 -4.66
C ARG L 53 -2.15 17.73 -4.54
N CYS L 54 -3.14 16.92 -4.88
CA CYS L 54 -4.52 17.35 -4.80
C CYS L 54 -5.26 16.46 -3.84
N ASN L 55 -6.42 16.92 -3.41
CA ASN L 55 -7.18 16.26 -2.34
C ASN L 55 -8.28 15.39 -2.91
N THR L 56 -7.91 14.38 -3.69
CA THR L 56 -8.92 13.49 -4.26
C THR L 56 -8.34 12.12 -4.55
N GLN L 57 -9.24 11.19 -4.84
CA GLN L 57 -8.89 9.85 -5.28
C GLN L 57 -9.12 9.65 -6.76
N GLN L 58 -9.67 10.64 -7.44
CA GLN L 58 -10.02 10.50 -8.84
C GLN L 58 -8.75 10.44 -9.68
N PRO L 59 -8.49 9.35 -10.38
CA PRO L 59 -7.22 9.18 -11.08
C PRO L 59 -7.12 10.13 -12.27
N GLY L 60 -6.00 10.82 -12.37
CA GLY L 60 -5.80 11.81 -13.41
C GLY L 60 -6.30 13.19 -13.05
N CYS L 61 -6.99 13.35 -11.93
CA CYS L 61 -7.46 14.67 -11.52
C CYS L 61 -6.30 15.60 -11.19
N GLU L 62 -5.16 15.06 -10.77
CA GLU L 62 -4.00 15.90 -10.55
C GLU L 62 -3.32 16.26 -11.86
N ASN L 63 -3.61 15.52 -12.93
CA ASN L 63 -3.02 15.85 -14.22
C ASN L 63 -3.74 17.01 -14.87
N VAL L 64 -5.07 17.03 -14.78
CA VAL L 64 -5.82 18.06 -15.47
C VAL L 64 -5.95 19.30 -14.62
N CYS L 65 -5.76 19.18 -13.30
CA CYS L 65 -5.86 20.38 -12.47
C CYS L 65 -4.56 21.14 -12.42
N TYR L 66 -3.42 20.44 -12.57
CA TYR L 66 -2.15 21.13 -12.58
C TYR L 66 -2.04 22.02 -13.81
N ASP L 67 -2.63 21.59 -14.92
CA ASP L 67 -2.50 22.33 -16.15
C ASP L 67 -3.26 23.65 -16.09
N LYS L 68 -4.42 23.66 -15.45
CA LYS L 68 -5.21 24.88 -15.36
C LYS L 68 -4.49 25.92 -14.52
N SER L 69 -3.71 25.49 -13.53
CA SER L 69 -2.92 26.43 -12.74
C SER L 69 -1.72 26.92 -13.52
N PHE L 70 -1.08 26.06 -14.29
CA PHE L 70 0.13 26.40 -15.02
C PHE L 70 -0.01 26.03 -16.49
N PRO L 71 -0.61 26.87 -17.33
CA PRO L 71 -0.54 26.61 -18.76
C PRO L 71 0.86 26.67 -19.30
N ILE L 72 1.70 27.55 -18.78
CA ILE L 72 3.11 27.56 -19.14
C ILE L 72 3.88 28.03 -17.92
N SER L 73 4.89 27.27 -17.53
CA SER L 73 5.60 27.55 -16.31
C SER L 73 6.45 28.81 -16.46
N HIS L 74 6.77 29.43 -15.32
CA HIS L 74 7.44 30.72 -15.35
C HIS L 74 8.86 30.61 -15.87
N VAL L 75 9.51 29.45 -15.68
CA VAL L 75 10.88 29.28 -16.14
C VAL L 75 10.96 29.21 -17.65
N ARG L 76 10.12 28.40 -18.28
CA ARG L 76 10.07 28.39 -19.73
C ARG L 76 9.42 29.63 -20.31
N PHE L 77 8.75 30.42 -19.47
CA PHE L 77 8.33 31.75 -19.90
C PHE L 77 9.50 32.70 -19.98
N TRP L 78 10.33 32.75 -18.94
CA TRP L 78 11.41 33.74 -18.90
C TRP L 78 12.53 33.38 -19.85
N VAL L 79 12.68 32.09 -20.17
CA VAL L 79 13.61 31.71 -21.23
C VAL L 79 13.04 32.12 -22.58
N LEU L 80 11.72 32.02 -22.74
CA LEU L 80 11.09 32.48 -23.98
C LEU L 80 11.19 33.99 -24.11
N GLN L 81 11.21 34.71 -22.99
CA GLN L 81 11.30 36.16 -23.05
C GLN L 81 12.72 36.61 -23.40
N ILE L 82 13.73 35.96 -22.82
CA ILE L 82 15.08 36.49 -22.90
C ILE L 82 15.66 36.31 -24.30
N ILE L 83 15.21 35.32 -25.06
CA ILE L 83 15.68 35.20 -26.44
C ILE L 83 15.05 36.28 -27.30
N PHE L 84 13.79 36.62 -27.02
CA PHE L 84 13.11 37.64 -27.81
C PHE L 84 13.64 39.04 -27.55
N VAL L 85 14.17 39.31 -26.37
CA VAL L 85 14.78 40.62 -26.13
C VAL L 85 16.22 40.63 -26.64
N SER L 86 16.86 39.47 -26.76
CA SER L 86 18.23 39.45 -27.24
C SER L 86 18.29 39.40 -28.76
N VAL L 87 17.26 38.84 -29.41
CA VAL L 87 17.31 38.66 -30.87
C VAL L 87 17.36 39.94 -31.68
N PRO L 88 16.78 41.10 -31.28
CA PRO L 88 17.04 42.29 -32.12
C PRO L 88 18.46 42.80 -32.01
N THR L 89 19.14 42.53 -30.90
CA THR L 89 20.54 42.91 -30.79
C THR L 89 21.41 41.98 -31.62
N LEU L 90 21.06 40.69 -31.64
CA LEU L 90 21.83 39.73 -32.42
C LEU L 90 21.64 39.96 -33.91
N LEU L 91 20.43 40.33 -34.32
CA LEU L 91 20.16 40.59 -35.74
C LEU L 91 20.89 41.83 -36.21
N TYR L 92 20.99 42.84 -35.34
CA TYR L 92 21.74 44.03 -35.70
C TYR L 92 23.23 43.74 -35.72
N LEU L 93 23.67 42.77 -34.91
CA LEU L 93 25.08 42.43 -34.89
C LEU L 93 25.48 41.68 -36.15
N ALA L 94 24.62 40.79 -36.63
CA ALA L 94 24.94 40.02 -37.82
C ALA L 94 24.88 40.87 -39.06
N HIS L 95 24.00 41.88 -39.07
CA HIS L 95 23.89 42.73 -40.24
C HIS L 95 25.08 43.67 -40.34
N VAL L 96 25.56 44.19 -39.21
CA VAL L 96 26.63 45.17 -39.24
C VAL L 96 27.96 44.51 -39.54
N PHE L 97 28.05 43.19 -39.36
CA PHE L 97 29.27 42.50 -39.71
C PHE L 97 29.42 42.40 -41.22
N TYR L 98 28.34 42.02 -41.91
CA TYR L 98 28.41 41.88 -43.36
C TYR L 98 28.49 43.23 -44.05
N VAL L 99 27.94 44.28 -43.42
CA VAL L 99 28.10 45.62 -43.95
C VAL L 99 29.56 46.06 -43.86
N MET L 100 30.22 45.72 -42.76
CA MET L 100 31.64 46.02 -42.62
C MET L 100 32.50 45.23 -43.60
N ARG L 101 32.12 43.98 -43.86
CA ARG L 101 32.88 43.17 -44.80
C ARG L 101 32.73 43.68 -46.22
N LYS L 102 31.56 44.23 -46.56
CA LYS L 102 31.32 44.78 -47.89
C LYS L 102 32.19 46.00 -48.15
N GLU L 103 32.45 46.78 -47.11
CA GLU L 103 33.26 47.97 -47.30
C GLU L 103 34.76 47.67 -47.21
N GLU L 104 35.13 46.52 -46.65
CA GLU L 104 36.55 46.18 -46.64
C GLU L 104 37.01 45.71 -48.02
N LYS L 105 36.09 45.17 -48.81
CA LYS L 105 36.39 44.77 -50.18
C LYS L 105 36.09 45.87 -51.19
N LEU L 106 36.09 47.13 -50.75
CA LEU L 106 35.90 48.27 -51.62
C LEU L 106 37.08 49.22 -51.65
N ASN L 107 37.71 49.47 -50.50
CA ASN L 107 38.76 50.47 -50.39
C ASN L 107 40.15 49.91 -50.68
N LYS L 108 40.24 48.64 -51.06
CA LYS L 108 41.51 48.06 -51.46
C LYS L 108 41.57 47.76 -52.95
N LYS L 109 40.53 48.11 -53.70
CA LYS L 109 40.49 47.84 -55.13
C LYS L 109 39.48 48.74 -55.82
N ARG L 148 25.11 58.17 -45.45
CA ARG L 148 24.52 58.68 -44.22
C ARG L 148 23.04 58.27 -44.11
N GLY L 149 22.70 57.63 -43.00
CA GLY L 149 21.33 57.25 -42.70
C GLY L 149 21.00 55.81 -42.98
N GLY L 150 21.90 55.05 -43.60
CA GLY L 150 21.58 53.69 -43.98
C GLY L 150 21.66 52.72 -42.83
N LEU L 151 22.64 52.91 -41.97
CA LEU L 151 22.85 52.06 -40.80
C LEU L 151 21.96 52.47 -39.63
N LEU L 152 21.53 53.72 -39.59
CA LEU L 152 20.91 54.29 -38.40
C LEU L 152 19.48 53.84 -38.21
N ARG L 153 18.75 53.62 -39.31
CA ARG L 153 17.33 53.27 -39.22
C ARG L 153 17.14 51.93 -38.54
N THR L 154 17.93 50.94 -38.92
CA THR L 154 17.78 49.63 -38.30
C THR L 154 18.32 49.63 -36.88
N TYR L 155 19.17 50.59 -36.52
CA TYR L 155 19.57 50.71 -35.12
C TYR L 155 18.41 51.22 -34.29
N ILE L 156 17.58 52.10 -34.86
CA ILE L 156 16.41 52.57 -34.14
C ILE L 156 15.41 51.45 -33.95
N ILE L 157 15.15 50.71 -35.03
CA ILE L 157 14.19 49.61 -35.03
C ILE L 157 14.62 48.51 -34.06
N SER L 158 15.94 48.33 -33.89
CA SER L 158 16.45 47.28 -33.03
C SER L 158 16.16 47.57 -31.56
N ILE L 159 16.03 48.84 -31.19
CA ILE L 159 15.71 49.15 -29.79
C ILE L 159 14.21 49.20 -29.58
N LEU L 160 13.44 49.48 -30.65
CA LEU L 160 11.99 49.50 -30.51
C LEU L 160 11.45 48.12 -30.19
N PHE L 161 11.90 47.11 -30.92
CA PHE L 161 11.38 45.77 -30.72
C PHE L 161 11.94 45.14 -29.46
N LYS L 162 13.00 45.72 -28.89
CA LYS L 162 13.43 45.29 -27.57
C LYS L 162 12.42 45.68 -26.51
N SER L 163 11.90 46.91 -26.57
CA SER L 163 10.90 47.30 -25.60
C SER L 163 9.54 46.71 -25.92
N ILE L 164 9.19 46.64 -27.20
CA ILE L 164 7.83 46.29 -27.61
C ILE L 164 7.53 44.83 -27.27
N PHE L 165 8.52 43.95 -27.45
CA PHE L 165 8.37 42.58 -26.98
C PHE L 165 8.39 42.50 -25.46
N GLU L 166 9.06 43.46 -24.81
CA GLU L 166 9.17 43.41 -23.36
C GLU L 166 7.86 43.83 -22.69
N VAL L 167 7.20 44.85 -23.25
CA VAL L 167 5.87 45.21 -22.75
C VAL L 167 4.87 44.11 -23.05
N ALA L 168 5.06 43.43 -24.18
CA ALA L 168 4.13 42.38 -24.58
C ALA L 168 4.17 41.19 -23.64
N PHE L 169 5.36 40.83 -23.16
CA PHE L 169 5.45 39.67 -22.31
C PHE L 169 5.04 39.99 -20.88
N LEU L 170 5.10 41.26 -20.50
CA LEU L 170 4.71 41.63 -19.14
C LEU L 170 3.20 41.54 -18.96
N LEU L 171 2.44 42.12 -19.88
CA LEU L 171 1.00 42.21 -19.72
C LEU L 171 0.33 40.85 -19.88
N ILE L 172 0.98 39.95 -20.62
CA ILE L 172 0.50 38.58 -20.72
C ILE L 172 0.57 37.90 -19.36
N GLN L 173 1.64 38.17 -18.61
CA GLN L 173 1.77 37.61 -17.27
C GLN L 173 0.74 38.20 -16.33
N TRP L 174 0.44 39.48 -16.49
CA TRP L 174 -0.63 40.08 -15.71
C TRP L 174 -1.98 39.54 -16.14
N TYR L 175 -2.15 39.25 -17.43
CA TYR L 175 -3.42 38.70 -17.88
C TYR L 175 -3.61 37.27 -17.41
N ILE L 176 -2.52 36.53 -17.18
CA ILE L 176 -2.64 35.12 -16.86
C ILE L 176 -2.32 34.84 -15.40
N TYR L 177 -1.09 35.13 -14.99
CA TYR L 177 -0.59 34.67 -13.70
C TYR L 177 -0.63 35.75 -12.62
N GLY L 178 -0.62 37.02 -13.03
CA GLY L 178 -0.56 38.08 -12.04
C GLY L 178 0.89 38.30 -11.65
N PHE L 179 1.15 38.61 -10.39
CA PHE L 179 2.52 38.71 -9.93
C PHE L 179 2.69 38.09 -8.56
N SER L 180 2.05 36.97 -8.33
CA SER L 180 2.05 36.32 -7.03
C SER L 180 1.66 34.87 -7.24
N LEU L 181 1.63 34.12 -6.14
CA LEU L 181 1.14 32.75 -6.16
C LEU L 181 0.46 32.44 -4.85
N SER L 182 -0.76 31.94 -4.93
CA SER L 182 -1.51 31.57 -3.74
C SER L 182 -1.21 30.12 -3.38
N ALA L 183 -1.26 29.84 -2.08
CA ALA L 183 -0.81 28.54 -1.61
C ALA L 183 -1.87 27.46 -1.73
N VAL L 184 -3.10 27.83 -2.11
CA VAL L 184 -4.16 26.87 -2.33
C VAL L 184 -4.87 27.24 -3.62
N TYR L 185 -4.97 26.27 -4.53
CA TYR L 185 -5.75 26.45 -5.75
C TYR L 185 -6.99 25.59 -5.68
N THR L 186 -8.13 26.17 -6.06
CA THR L 186 -9.39 25.46 -6.18
C THR L 186 -9.62 25.16 -7.64
N CYS L 187 -9.81 23.89 -7.97
CA CYS L 187 -9.85 23.43 -9.35
C CYS L 187 -11.25 22.92 -9.68
N LYS L 188 -11.73 23.24 -10.87
CA LYS L 188 -13.06 22.84 -11.32
C LYS L 188 -13.03 22.38 -12.76
N ARG L 189 -12.09 21.53 -13.11
CA ARG L 189 -12.03 20.97 -14.46
C ARG L 189 -12.56 19.55 -14.42
N ASP L 190 -12.63 18.93 -15.59
CA ASP L 190 -13.09 17.56 -15.72
C ASP L 190 -11.91 16.62 -15.92
N PRO L 191 -11.99 15.38 -15.45
CA PRO L 191 -13.08 14.64 -14.82
C PRO L 191 -13.06 14.61 -13.31
N CYS L 192 -12.62 15.68 -12.68
CA CYS L 192 -12.70 15.76 -11.24
C CYS L 192 -14.15 15.92 -10.81
N PRO L 193 -14.47 15.64 -9.54
CA PRO L 193 -15.79 16.01 -9.01
C PRO L 193 -15.94 17.51 -8.80
N HIS L 194 -17.00 17.92 -8.09
CA HIS L 194 -17.48 19.30 -7.97
C HIS L 194 -16.39 20.36 -7.79
N GLN L 195 -15.62 20.26 -6.72
CA GLN L 195 -14.48 21.15 -6.54
C GLN L 195 -13.43 20.45 -5.70
N VAL L 196 -12.18 20.52 -6.13
CA VAL L 196 -11.08 19.88 -5.42
C VAL L 196 -10.06 20.95 -5.03
N ASP L 197 -9.33 20.67 -3.95
CA ASP L 197 -8.30 21.56 -3.45
C ASP L 197 -6.93 21.02 -3.86
N CYS L 198 -6.17 21.83 -4.58
CA CYS L 198 -4.83 21.44 -5.00
C CYS L 198 -3.82 22.42 -4.40
N PHE L 199 -2.80 21.87 -3.78
CA PHE L 199 -1.78 22.64 -3.06
C PHE L 199 -0.52 22.71 -3.89
N LEU L 200 -0.04 23.91 -4.16
CA LEU L 200 1.11 24.11 -5.01
C LEU L 200 2.40 23.67 -4.32
N SER L 201 3.50 23.81 -5.05
CA SER L 201 4.82 23.50 -4.53
C SER L 201 5.62 24.78 -4.42
N ARG L 202 5.96 25.15 -3.19
CA ARG L 202 6.67 26.37 -2.81
C ARG L 202 6.09 27.65 -3.42
N PRO L 203 4.94 28.14 -2.97
CA PRO L 203 4.45 29.42 -3.48
C PRO L 203 5.32 30.63 -3.13
N THR L 204 5.87 30.69 -1.91
CA THR L 204 6.60 31.89 -1.50
C THR L 204 7.98 31.98 -2.15
N GLU L 205 8.68 30.85 -2.31
CA GLU L 205 9.95 30.87 -3.02
C GLU L 205 9.75 31.18 -4.49
N LYS L 206 8.62 30.77 -5.05
CA LYS L 206 8.33 31.17 -6.42
C LYS L 206 7.84 32.61 -6.47
N THR L 207 7.38 33.16 -5.35
CA THR L 207 6.92 34.54 -5.35
C THR L 207 8.08 35.52 -5.45
N ILE L 208 9.16 35.24 -4.74
CA ILE L 208 10.27 36.19 -4.66
C ILE L 208 11.01 36.26 -5.99
N PHE L 209 11.15 35.12 -6.66
CA PHE L 209 11.85 35.16 -7.94
C PHE L 209 10.97 35.68 -9.07
N ILE L 210 9.66 35.76 -8.85
CA ILE L 210 8.80 36.41 -9.84
C ILE L 210 9.02 37.92 -9.79
N ILE L 211 9.09 38.47 -8.57
CA ILE L 211 9.24 39.91 -8.39
C ILE L 211 10.62 40.37 -8.84
N PHE L 212 11.64 39.52 -8.70
CA PHE L 212 12.94 39.82 -9.28
C PHE L 212 12.88 39.82 -10.80
N MET L 213 12.09 38.91 -11.36
CA MET L 213 11.96 38.91 -12.80
C MET L 213 11.05 40.03 -13.28
N LEU L 214 10.24 40.60 -12.39
CA LEU L 214 9.49 41.80 -12.77
C LEU L 214 10.38 43.04 -12.67
N VAL L 215 11.17 43.14 -11.60
CA VAL L 215 11.97 44.33 -11.37
C VAL L 215 13.10 44.43 -12.38
N VAL L 216 13.80 43.32 -12.64
CA VAL L 216 14.94 43.35 -13.54
C VAL L 216 14.49 43.51 -14.98
N SER L 217 13.27 43.07 -15.29
CA SER L 217 12.71 43.37 -16.61
C SER L 217 12.27 44.82 -16.70
N LEU L 218 11.76 45.38 -15.59
CA LEU L 218 11.29 46.76 -15.62
C LEU L 218 12.45 47.74 -15.66
N VAL L 219 13.55 47.43 -14.98
CA VAL L 219 14.71 48.30 -15.07
C VAL L 219 15.38 48.13 -16.42
N SER L 220 15.14 47.00 -17.09
CA SER L 220 15.57 46.86 -18.46
C SER L 220 14.74 47.73 -19.38
N LEU L 221 13.44 47.79 -19.13
CA LEU L 221 12.53 48.53 -19.99
C LEU L 221 12.79 50.03 -19.92
N ALA L 222 13.06 50.54 -18.72
CA ALA L 222 13.36 51.95 -18.59
C ALA L 222 14.75 52.28 -19.14
N LEU L 223 15.66 51.30 -19.11
CA LEU L 223 17.00 51.57 -19.58
C LEU L 223 17.08 51.58 -21.10
N ASN L 224 16.07 51.02 -21.77
CA ASN L 224 16.04 51.15 -23.23
C ASN L 224 15.32 52.42 -23.65
N ILE L 225 14.35 52.86 -22.85
CA ILE L 225 13.59 54.07 -23.15
C ILE L 225 14.49 55.29 -23.08
N ILE L 226 15.42 55.31 -22.13
CA ILE L 226 16.30 56.45 -21.94
C ILE L 226 17.29 56.55 -23.10
N GLU L 227 17.62 55.42 -23.71
CA GLU L 227 18.38 55.47 -24.96
C GLU L 227 17.53 56.02 -26.09
N LEU L 228 16.24 55.69 -26.08
CA LEU L 228 15.37 56.05 -27.20
C LEU L 228 15.12 57.54 -27.25
N PHE L 229 15.14 58.21 -26.10
CA PHE L 229 15.04 59.66 -26.11
C PHE L 229 16.33 60.28 -26.63
N TYR L 230 17.46 59.66 -26.31
CA TYR L 230 18.75 60.26 -26.61
C TYR L 230 19.05 60.23 -28.11
N VAL L 231 18.54 59.21 -28.81
CA VAL L 231 18.78 59.12 -30.24
C VAL L 231 17.88 60.10 -31.00
N PHE L 232 16.67 60.35 -30.48
CA PHE L 232 15.79 61.30 -31.12
C PHE L 232 16.21 62.75 -30.82
N PHE L 233 16.55 63.04 -29.57
CA PHE L 233 16.89 64.39 -29.15
C PHE L 233 18.27 64.84 -29.62
N LYS L 234 19.05 63.96 -30.25
CA LYS L 234 20.29 64.40 -30.89
C LYS L 234 19.98 65.24 -32.12
N GLY L 235 18.82 65.03 -32.72
CA GLY L 235 18.40 65.81 -33.87
C GLY L 235 17.53 65.00 -34.81
C01 C14 M . -8.15 -40.50 13.52
C02 C14 M . -8.39 -39.07 13.05
C03 C14 M . -7.13 -38.24 13.31
C04 C14 M . -5.99 -38.77 12.46
C05 C14 M . -5.00 -37.62 12.22
C06 C14 M . -3.86 -38.11 11.34
C07 C14 M . -3.04 -36.94 10.87
C08 C14 M . -1.94 -37.49 9.97
C09 C14 M . -1.23 -36.35 9.27
C10 C14 M . -0.17 -36.92 8.34
C11 C14 M . 0.61 -35.79 7.69
C12 C14 M . 1.86 -36.36 7.03
C13 C14 M . 2.69 -35.21 6.49
C14 C14 M . 1.87 -34.42 5.48
C01 C14 N . -6.93 -48.38 15.73
C02 C14 N . -6.98 -46.89 15.36
C03 C14 N . -6.45 -46.69 13.94
C04 C14 N . -6.44 -45.20 13.62
C05 C14 N . -5.77 -44.97 12.26
C06 C14 N . -5.18 -43.57 12.23
C07 C14 N . -4.20 -43.46 11.07
C08 C14 N . -3.26 -42.29 11.33
C09 C14 N . -2.03 -42.42 10.41
C10 C14 N . -1.06 -41.29 10.70
C11 C14 N . 0.22 -41.49 9.89
C12 C14 N . -0.12 -41.49 8.40
C13 C14 N . 1.08 -42.02 7.62
C14 C14 N . 0.61 -42.45 6.23
C01 C14 O . -27.49 -56.70 18.99
C02 C14 O . -26.43 -55.66 18.67
C03 C14 O . -26.23 -54.73 19.87
C04 C14 O . -25.14 -53.69 19.56
C05 C14 O . -24.93 -52.80 20.77
C06 C14 O . -23.66 -51.98 20.60
C07 C14 O . -22.44 -52.79 21.00
C08 C14 O . -21.23 -51.88 21.21
C09 C14 O . -20.76 -51.29 19.89
C10 C14 O . -19.44 -50.58 20.11
C11 C14 O . -18.84 -50.10 18.80
C12 C14 O . -17.39 -49.73 19.07
C13 C14 O . -16.71 -49.27 17.77
C14 C14 O . -17.15 -47.85 17.45
C01 C14 P . -23.50 -58.85 21.33
C02 C14 P . -23.34 -57.81 20.22
C03 C14 P . -21.94 -57.95 19.63
C04 C14 P . -21.63 -56.71 18.79
C05 C14 P . -20.31 -56.93 18.09
C06 C14 P . -19.64 -55.60 17.78
C07 C14 P . -18.14 -55.75 17.96
C08 C14 P . -17.44 -54.54 17.38
C09 C14 P . -17.49 -54.63 15.86
C10 C14 P . -16.90 -53.37 15.25
C11 C14 P . -15.45 -53.21 15.68
C12 C14 P . -14.69 -52.39 14.64
C13 C14 P . -15.34 -51.02 14.48
C14 C14 P . -14.37 -50.11 13.74
C01 C14 Q . -24.58 -37.54 23.71
C02 C14 Q . -23.29 -37.32 22.93
C03 C14 Q . -23.20 -35.86 22.48
C04 C14 Q . -21.79 -35.59 21.96
C05 C14 Q . -21.68 -34.14 21.50
C06 C14 Q . -20.21 -33.81 21.27
C07 C14 Q . -20.09 -32.64 20.31
C08 C14 Q . -20.57 -31.37 21.00
C09 C14 Q . -19.60 -30.24 20.70
C10 C14 Q . -19.98 -28.99 21.49
C11 C14 Q . -19.78 -27.75 20.64
C12 C14 Q . -18.32 -27.63 20.20
C13 C14 Q . -18.21 -26.52 19.16
C14 C14 Q . -16.92 -26.71 18.38
C01 C14 R . -40.13 -40.28 40.11
C02 C14 R . -38.62 -40.16 40.27
C03 C14 R . -37.95 -40.63 38.99
C04 C14 R . -37.60 -39.42 38.13
C05 C14 R . -36.32 -39.72 37.36
C06 C14 R . -35.82 -38.44 36.70
C07 C14 R . -34.30 -38.46 36.66
C08 C14 R . -33.83 -38.90 35.27
C09 C14 R . -33.31 -37.68 34.51
C10 C14 R . -31.79 -37.67 34.55
C11 C14 R . -31.24 -36.87 33.37
C12 C14 R . -31.50 -35.39 33.59
C13 C14 R . -30.58 -34.56 32.70
C14 C14 R . -30.64 -33.10 33.15
C01 C14 S . -38.87 -43.96 27.23
C02 C14 S . -37.50 -43.36 26.97
C03 C14 S . -37.64 -42.18 26.01
C04 C14 S . -36.33 -41.41 25.95
C05 C14 S . -35.23 -42.28 25.36
C06 C14 S . -34.27 -41.42 24.55
C07 C14 S . -33.12 -42.27 23.98
C08 C14 S . -33.71 -43.45 23.20
C09 C14 S . -32.64 -44.03 22.28
C10 C14 S . -32.33 -43.05 21.16
C11 C14 S . -32.44 -43.74 19.80
C12 C14 S . -33.84 -44.32 19.62
C13 C14 S . -34.27 -44.20 18.17
C14 C14 S . -35.46 -43.26 18.08
C01 C14 T . -4.40 -28.44 36.87
C02 C14 T . -3.30 -28.49 35.81
C03 C14 T . -2.86 -27.08 35.45
C04 C14 T . -2.17 -27.08 34.09
C05 C14 T . -1.56 -25.72 33.85
C06 C14 T . -0.38 -25.87 32.92
C07 C14 T . 0.39 -24.56 32.87
C08 C14 T . 1.52 -24.69 31.86
C09 C14 T . 2.19 -23.33 31.71
C10 C14 T . 3.24 -23.40 30.62
C11 C14 T . 3.97 -22.06 30.62
C12 C14 T . 5.11 -22.13 29.62
C13 C14 T . 6.01 -20.92 29.83
C14 C14 T . 7.16 -20.98 28.83
C01 C14 U . -3.29 -33.91 38.47
C02 C14 U . -2.15 -32.89 38.56
C03 C14 U . -1.74 -32.45 37.16
C04 C14 U . -0.95 -31.15 37.23
C05 C14 U . -0.38 -30.83 35.84
C06 C14 U . 0.48 -29.58 35.94
C07 C14 U . 1.95 -29.99 35.85
C08 C14 U . 2.52 -29.57 34.50
C09 C14 U . 3.26 -28.25 34.64
C10 C14 U . 4.04 -28.00 33.36
C11 C14 U . 5.18 -27.02 33.61
C12 C14 U . 6.06 -26.96 32.36
C13 C14 U . 7.09 -25.83 32.52
C14 C14 U . 8.11 -26.23 33.59
C01 C14 V . -4.92 -39.33 38.25
C02 C14 V . -3.67 -39.20 37.39
C03 C14 V . -3.59 -37.80 36.79
C04 C14 V . -2.24 -37.59 36.10
C05 C14 V . -2.23 -36.22 35.43
C06 C14 V . -0.81 -35.78 35.14
C07 C14 V . -0.28 -36.48 33.89
C08 C14 V . 1.00 -35.79 33.44
C09 C14 V . 0.70 -34.37 32.96
C10 C14 V . 1.99 -33.58 32.80
C11 C14 V . 2.41 -33.51 31.33
C12 C14 V . 3.38 -32.35 31.15
C13 C14 V . 3.88 -32.30 29.71
C14 C14 V . 4.83 -31.12 29.54
C01 C14 W . -10.74 -44.46 10.56
C02 C14 W . -10.20 -43.96 9.23
C03 C14 W . -9.13 -42.90 9.48
C04 C14 W . -8.95 -42.05 8.23
C05 C14 W . -7.74 -41.15 8.42
C06 C14 W . -7.16 -40.83 7.06
C07 C14 W . -5.82 -40.13 7.25
C08 C14 W . -5.27 -39.74 5.89
C09 C14 W . -4.01 -38.92 6.10
C10 C14 W . -3.50 -38.40 4.77
C11 C14 W . -2.17 -37.72 5.02
C12 C14 W . -1.59 -37.28 3.68
C13 C14 W . -0.13 -36.88 3.90
C14 C14 W . 0.47 -36.44 2.57
C01 C14 X . -12.69 -49.34 8.07
C02 C14 X . -11.20 -49.02 7.97
C03 C14 X . -10.97 -47.80 7.08
C04 C14 X . -9.59 -47.21 7.33
C05 C14 X . -9.31 -46.12 6.31
C06 C14 X . -7.89 -45.60 6.49
C07 C14 X . -7.02 -46.13 5.36
C08 C14 X . -6.69 -44.98 4.40
C09 C14 X . -5.31 -44.43 4.72
C10 C14 X . -4.89 -43.50 3.59
C11 C14 X . -3.38 -43.34 3.57
C12 C14 X . -2.97 -42.56 2.32
C13 C14 X . -1.49 -42.22 2.38
C14 C14 X . -0.67 -43.49 2.24
C01 C14 Y . -17.17 -52.19 6.11
C02 C14 Y . -16.34 -51.76 4.91
C03 C14 Y . -15.62 -50.45 5.21
C04 C14 Y . -14.64 -50.12 4.08
C05 C14 Y . -14.00 -48.75 4.37
C06 C14 Y . -12.72 -48.60 3.57
C07 C14 Y . -13.04 -48.21 2.14
C08 C14 Y . -11.77 -47.73 1.44
C09 C14 Y . -11.30 -46.42 2.06
C10 C14 Y . -9.87 -46.11 1.61
C11 C14 Y . -9.89 -45.06 0.49
C12 C14 Y . -8.51 -44.43 0.39
C13 C14 Y . -8.45 -43.44 -0.78
C14 C14 Y . -7.08 -42.78 -0.83
C01 C14 Z . -26.63 -33.34 -7.83
C02 C14 Z . -26.08 -32.05 -7.24
C03 C14 Z . -24.56 -32.02 -7.40
C04 C14 Z . -24.21 -31.97 -8.89
C05 C14 Z . -22.85 -31.30 -9.03
C06 C14 Z . -22.49 -31.21 -10.51
C07 C14 Z . -21.28 -30.31 -10.69
C08 C14 Z . -21.00 -30.23 -12.18
C09 C14 Z . -19.95 -29.16 -12.44
C10 C14 Z . -19.73 -29.06 -13.95
C11 C14 Z . -18.62 -28.05 -14.23
C12 C14 Z . -18.17 -28.20 -15.68
C13 C14 Z . -16.99 -27.26 -15.92
C14 C14 Z . -17.40 -25.82 -15.63
C01 C14 AA . -29.80 -40.15 -11.28
C02 C14 AA . -29.04 -38.94 -10.72
C03 C14 AA . -28.89 -37.88 -11.79
C04 C14 AA . -28.07 -36.71 -11.23
C05 C14 AA . -27.77 -35.70 -12.34
C06 C14 AA . -26.49 -34.95 -11.99
C07 C14 AA . -25.98 -34.24 -13.23
C08 C14 AA . -24.50 -33.92 -13.05
C09 C14 AA . -23.88 -33.60 -14.40
C10 C14 AA . -22.39 -33.33 -14.22
C11 C14 AA . -21.73 -33.14 -15.59
C12 C14 AA . -22.36 -31.94 -16.29
C13 C14 AA . -21.97 -31.95 -17.77
C14 C14 AA . -22.93 -31.07 -18.55
C01 C14 BA . -49.61 -43.05 -1.21
C02 C14 BA . -48.26 -42.40 -1.51
C03 C14 BA . -47.26 -42.77 -0.42
C04 C14 BA . -45.89 -42.15 -0.74
C05 C14 BA . -44.89 -42.57 0.33
C06 C14 BA . -43.47 -42.20 -0.11
C07 C14 BA . -42.92 -43.29 -1.01
C08 C14 BA . -41.40 -43.18 -1.15
C09 C14 BA . -41.03 -41.92 -1.93
C10 C14 BA . -39.54 -41.95 -2.21
C11 C14 BA . -39.13 -40.81 -3.14
C12 C14 BA . -37.73 -41.10 -3.66
C13 C14 BA . -37.28 -40.00 -4.61
C14 C14 BA . -36.85 -38.78 -3.80
C01 C14 CA . -47.23 -47.04 -3.29
C02 C14 CA . -46.79 -45.61 -3.54
C03 C14 CA . -45.93 -45.57 -4.80
C04 C14 CA . -45.18 -44.25 -4.86
C05 C14 CA . -44.48 -44.16 -6.21
C06 C14 CA . -43.26 -43.25 -6.12
C07 C14 CA . -42.16 -43.83 -6.98
C08 C14 CA . -41.05 -42.80 -7.13
C09 C14 CA . -41.54 -41.71 -8.07
C10 C14 CA . -40.49 -40.60 -8.15
C11 C14 CA . -39.18 -41.16 -8.68
C12 C14 CA . -38.37 -40.05 -9.35
C13 C14 CA . -38.10 -38.94 -8.35
C14 C14 CA . -37.01 -38.03 -8.91
C01 C14 DA . -34.84 -35.40 9.80
C02 C14 DA . -33.91 -34.98 8.66
C03 C14 DA . -33.10 -33.76 9.08
C04 C14 DA . -31.99 -33.53 8.06
C05 C14 DA . -31.17 -32.30 8.46
C06 C14 DA . -29.91 -32.26 7.61
C07 C14 DA . -29.36 -30.84 7.55
C08 C14 DA . -28.81 -30.47 8.92
C09 C14 DA . -27.46 -29.77 8.73
C10 C14 DA . -26.83 -29.50 10.09
C11 C14 DA . -26.14 -28.14 10.09
C12 C14 DA . -25.07 -28.07 9.01
C13 C14 DA . -24.59 -26.63 8.88
C14 C14 DA . -23.91 -26.45 7.53
C01 C14 EA . -44.17 -45.87 27.75
C02 C14 EA . -42.90 -46.25 26.99
C03 C14 EA . -42.98 -45.74 25.56
C04 C14 EA . -42.23 -44.43 25.45
C05 C14 EA . -41.63 -44.33 24.06
C06 C14 EA . -40.66 -43.16 24.00
C07 C14 EA . -39.51 -43.47 23.06
C08 C14 EA . -39.76 -42.82 21.71
C09 C14 EA . -38.85 -41.61 21.56
C10 C14 EA . -37.66 -41.98 20.67
C11 C14 EA . -37.07 -40.74 20.03
C12 C14 EA . -36.34 -39.91 21.09
C13 C14 EA . -35.37 -38.95 20.42
C14 C14 EA . -34.44 -38.36 21.48
C01 C14 FA . -48.79 -38.84 17.24
C02 C14 FA . -47.44 -38.58 16.58
C03 C14 FA . -47.11 -37.10 16.67
C04 C14 FA . -45.66 -36.87 16.25
C05 C14 FA . -45.48 -37.23 14.79
C06 C14 FA . -44.44 -36.31 14.16
C07 C14 FA . -44.21 -36.67 12.69
C08 C14 FA . -45.55 -36.69 11.95
C09 C14 FA . -45.31 -36.61 10.45
C10 C14 FA . -44.77 -35.22 10.09
C11 C14 FA . -45.61 -34.61 8.97
C12 C14 FA . -47.07 -34.53 9.40
C13 C14 FA . -47.71 -33.26 8.82
C14 C14 FA . -48.09 -32.33 9.96
C01 C14 GA . -31.71 -32.98 -10.11
C02 C14 GA . -31.33 -31.78 -10.99
C03 C14 GA . -29.82 -31.56 -10.94
C04 C14 GA . -29.50 -30.14 -11.37
C05 C14 GA . -27.99 -30.00 -11.52
C06 C14 GA . -27.70 -28.91 -12.53
C07 C14 GA . -26.22 -28.93 -12.87
C08 C14 GA . -25.91 -27.79 -13.82
C09 C14 GA . -24.41 -27.73 -14.02
C10 C14 GA . -24.05 -26.52 -14.87
C11 C14 GA . -22.57 -26.60 -15.18
C12 C14 GA . -22.20 -25.46 -16.11
C13 C14 GA . -20.81 -25.71 -16.65
C14 C14 GA . -20.42 -24.57 -17.59
C01 C14 HA . -36.72 -33.68 -12.98
C02 C14 HA . -35.41 -33.75 -13.77
C03 C14 HA . -34.74 -32.37 -13.81
C04 C14 HA . -33.27 -32.51 -14.20
C05 C14 HA . -32.67 -31.13 -14.42
C06 C14 HA . -31.24 -31.27 -14.89
C07 C14 HA . -31.18 -30.95 -16.38
C08 C14 HA . -30.49 -29.60 -16.57
C09 C14 HA . -29.02 -29.81 -16.93
C10 C14 HA . -28.44 -28.48 -17.38
C11 C14 HA . -27.18 -28.71 -18.23
C12 C14 HA . -26.74 -27.39 -18.83
C13 C14 HA . -25.39 -27.56 -19.51
C14 C14 HA . -25.54 -28.43 -20.75
C01 C14 IA . -42.33 -32.94 -12.95
C02 C14 IA . -41.74 -31.95 -13.96
C03 C14 IA . -40.35 -31.53 -13.52
C04 C14 IA . -39.67 -30.71 -14.63
C05 C14 IA . -38.31 -30.24 -14.13
C06 C14 IA . -37.44 -29.83 -15.31
C07 C14 IA . -37.83 -28.43 -15.80
C08 C14 IA . -36.75 -27.91 -16.74
C09 C14 IA . -35.45 -27.67 -15.97
C10 C14 IA . -34.29 -27.46 -16.94
C11 C14 IA . -33.97 -25.97 -17.07
C12 C14 IA . -32.56 -25.81 -17.63
C13 C14 IA . -32.23 -24.34 -17.87
C14 C14 IA . -30.81 -24.21 -18.38
C01 C14 JA . -42.10 -8.79 -6.06
C02 C14 JA . -40.77 -8.55 -5.37
C03 C14 JA . -39.64 -8.74 -6.36
C04 C14 JA . -39.70 -7.69 -7.45
C05 C14 JA . -38.31 -7.47 -8.02
C06 C14 JA . -38.36 -6.39 -9.08
C07 C14 JA . -36.94 -5.97 -9.45
C08 C14 JA . -37.06 -4.87 -10.49
C09 C14 JA . -35.69 -4.25 -10.72
C10 C14 JA . -35.85 -3.11 -11.73
C11 C14 JA . -34.48 -2.51 -12.04
C12 C14 JA . -34.59 -1.63 -13.27
C13 C14 JA . -33.20 -1.14 -13.64
C14 C14 JA . -32.60 -0.36 -12.48
C01 C14 KA . -49.41 -9.74 -9.81
C02 C14 KA . -47.98 -9.57 -9.29
C03 C14 KA . -47.51 -8.14 -9.50
C04 C14 KA . -46.06 -8.01 -9.03
C05 C14 KA . -45.52 -6.63 -9.37
C06 C14 KA . -44.00 -6.71 -9.53
C07 C14 KA . -43.51 -5.45 -10.23
C08 C14 KA . -42.14 -5.73 -10.83
C09 C14 KA . -41.82 -4.65 -11.88
C10 C14 KA . -40.47 -4.95 -12.52
C11 C14 KA . -40.20 -3.97 -13.65
C12 C14 KA . -40.17 -2.56 -13.08
C13 C14 KA . -40.25 -1.54 -14.23
C14 C14 KA . -40.67 -0.18 -13.68
C01 C14 LA . -63.77 -14.57 6.72
C02 C14 LA . -62.43 -14.25 6.05
C03 C14 LA . -61.60 -15.52 5.92
C04 C14 LA . -60.26 -15.21 5.24
C05 C14 LA . -59.47 -16.50 5.09
C06 C14 LA . -58.27 -16.26 4.15
C07 C14 LA . -58.72 -16.39 2.70
C08 C14 LA . -57.52 -16.56 1.77
C09 C14 LA . -56.69 -15.27 1.72
C10 C14 LA . -55.64 -15.42 0.64
C11 C14 LA . -54.90 -14.10 0.43
C12 C14 LA . -54.12 -14.23 -0.89
C13 C14 LA . -53.37 -12.93 -1.17
C14 C14 LA . -52.12 -12.86 -0.30
C01 C14 MA . -64.82 -16.04 1.95
C02 C14 MA . -63.70 -15.07 2.26
C03 C14 MA . -63.34 -14.29 1.01
C04 C14 MA . -62.00 -13.58 1.21
C05 C14 MA . -61.76 -12.69 0.01
C06 C14 MA . -60.26 -12.47 -0.19
C07 C14 MA . -59.98 -12.43 -1.69
C08 C14 MA . -58.56 -11.93 -1.91
C09 C14 MA . -58.54 -10.43 -1.63
C10 C14 MA . -57.10 -9.92 -1.72
C11 C14 MA . -56.56 -10.17 -3.13
C12 C14 MA . -55.46 -9.16 -3.45
C13 C14 MA . -54.33 -9.28 -2.42
C14 C14 MA . -53.11 -8.55 -2.94
C01 C14 NA . -45.12 -21.39 8.57
C02 C14 NA . -44.46 -20.49 7.54
C03 C14 NA . -43.01 -20.23 7.94
C04 C14 NA . -42.27 -19.57 6.78
C05 C14 NA . -40.83 -19.29 7.16
C06 C14 NA . -40.05 -18.91 5.90
C07 C14 NA . -38.81 -18.11 6.28
C08 C14 NA . -37.82 -19.03 6.98
C09 C14 NA . -36.42 -18.75 6.43
C10 C14 NA . -35.42 -19.75 7.01
C11 C14 NA . -34.10 -19.06 7.31
C12 C14 NA . -33.52 -18.43 6.04
C13 C14 NA . -32.34 -17.55 6.42
C14 C14 NA . -32.06 -16.58 5.28
C01 C14 OA . -53.85 -39.22 19.73
C02 C14 OA . -53.29 -39.19 18.32
C03 C14 OA . -53.42 -37.77 17.76
C04 C14 OA . -52.10 -37.04 17.92
C05 C14 OA . -51.93 -36.08 16.75
C06 C14 OA . -50.52 -35.53 16.75
C07 C14 OA . -50.06 -35.28 15.32
C08 C14 OA . -50.21 -33.80 14.98
C09 C14 OA . -48.84 -33.14 14.97
C10 C14 OA . -48.38 -32.99 13.53
C11 C14 OA . -47.34 -31.86 13.42
C12 C14 OA . -46.04 -32.31 14.05
C13 C14 OA . -44.89 -31.43 13.57
C14 C14 OA . -43.56 -32.06 13.96
C01 C14 PA . -55.92 -26.24 19.83
C02 C14 PA . -54.91 -25.88 18.75
C03 C14 PA . -53.76 -25.11 19.37
C04 C14 PA . -52.62 -24.98 18.36
C05 C14 PA . -53.07 -24.15 17.18
C06 C14 PA . -51.89 -23.34 16.64
C07 C14 PA . -52.31 -22.51 15.42
C08 C14 PA . -53.53 -21.66 15.77
C09 C14 PA . -53.69 -20.54 14.75
C10 C14 PA . -52.56 -19.53 14.92
C11 C14 PA . -53.12 -18.12 15.06
C12 C14 PA . -54.09 -18.05 16.25
C13 C14 PA . -53.97 -16.69 16.94
C14 C14 PA . -53.42 -16.89 18.34
C01 C14 QA . -46.38 -5.70 -4.24
C02 C14 QA . -45.61 -4.38 -4.39
C03 C14 QA . -44.31 -4.62 -5.15
C04 C14 QA . -43.33 -3.48 -4.86
C05 C14 QA . -42.14 -3.64 -5.78
C06 C14 QA . -41.54 -2.26 -6.01
C07 C14 QA . -40.50 -2.36 -7.12
C08 C14 QA . -39.83 -1.01 -7.30
C09 C14 QA . -38.69 -1.16 -8.29
C10 C14 QA . -37.93 0.15 -8.39
C11 C14 QA . -36.90 -0.01 -9.50
C12 C14 QA . -36.20 1.32 -9.71
C13 C14 QA . -35.40 1.25 -11.01
C14 C14 QA . -34.68 2.58 -11.23
C01 C14 RA . -51.37 -2.85 -3.36
C02 C14 RA . -50.61 -2.59 -4.67
C03 C14 RA . -49.31 -1.87 -4.39
C04 C14 RA . -48.36 -2.00 -5.58
C05 C14 RA . -47.14 -1.11 -5.35
C06 C14 RA . -46.24 -1.17 -6.58
C07 C14 RA . -46.38 0.13 -7.36
C08 C14 RA . -45.11 0.97 -7.19
C09 C14 RA . -44.20 0.76 -8.39
C10 C14 RA . -43.09 1.80 -8.32
C11 C14 RA . -42.48 2.00 -9.71
C12 C14 RA . -41.51 3.19 -9.66
C13 C14 RA . -40.74 3.28 -10.98
C14 C14 RA . -41.69 3.70 -12.09
C01 C14 SA . -55.24 -1.14 0.39
C02 C14 SA . -54.48 0.10 -0.07
C03 C14 SA . -53.05 -0.29 -0.42
C04 C14 SA . -52.33 0.90 -1.07
C05 C14 SA . -50.88 0.53 -1.34
C06 C14 SA . -50.27 1.46 -2.38
C07 C14 SA . -49.88 2.77 -1.72
C08 C14 SA . -48.98 3.57 -2.67
C09 C14 SA . -47.64 2.85 -2.85
C10 C14 SA . -46.87 3.43 -4.03
C11 C14 SA . -45.79 4.39 -3.52
C12 C14 SA . -44.76 4.59 -4.64
C13 C14 SA . -43.70 5.60 -4.21
C14 C14 SA . -42.66 5.75 -5.32
C01 C14 TA . -39.09 8.41 17.13
C02 C14 TA . -37.74 7.73 16.88
C03 C14 TA . -37.24 8.10 15.48
C04 C14 TA . -36.96 9.59 15.41
C05 C14 TA . -35.90 9.83 14.34
C06 C14 TA . -35.59 11.31 14.27
C07 C14 TA . -34.36 11.54 13.41
C08 C14 TA . -34.05 13.02 13.42
C09 C14 TA . -32.71 13.28 12.78
C10 C14 TA . -32.42 14.77 12.85
C11 C14 TA . -31.10 15.07 12.14
C12 C14 TA . -30.98 16.57 11.91
C13 C14 TA . -29.72 16.84 11.09
C14 C14 TA . -28.50 16.30 11.84
C01 C14 UA . -46.21 12.28 18.78
C02 C14 UA . -44.88 11.67 18.31
C03 C14 UA . -43.73 12.61 18.65
C04 C14 UA . -42.42 12.01 18.11
C05 C14 UA . -41.27 13.01 18.30
C06 C14 UA . -40.21 12.73 17.24
C07 C14 UA . -39.26 13.92 17.17
C08 C14 UA . -38.54 13.90 15.83
C09 C14 UA . -37.93 15.27 15.56
C10 C14 UA . -37.23 15.26 14.20
C11 C14 UA . -36.74 16.66 13.86
C12 C14 UA . -35.73 17.11 14.92
C13 C14 UA . -35.50 18.62 14.79
C14 C14 UA . -34.88 19.14 16.07
C01 C14 VA . -55.77 0.11 34.99
C02 C14 VA . -54.73 0.51 33.94
C03 C14 VA . -54.88 -0.37 32.71
C04 C14 VA . -53.85 0.03 31.65
C05 C14 VA . -54.04 -0.83 30.41
C06 C14 VA . -53.23 -0.26 29.25
C07 C14 VA . -54.02 0.85 28.56
C08 C14 VA . -53.44 1.18 27.19
C09 C14 VA . -52.06 1.82 27.33
C10 C14 VA . -51.62 2.31 25.96
C11 C14 VA . -50.33 3.12 26.05
C12 C14 VA . -50.15 3.85 24.73
C13 C14 VA . -48.89 4.71 24.77
C14 C14 VA . -47.67 3.82 24.58
C01 C14 WA . -58.68 3.02 31.96
C02 C14 WA . -57.16 3.13 31.99
C03 C14 WA . -56.75 4.48 31.41
C04 C14 WA . -55.26 4.46 31.08
C05 C14 WA . -54.85 5.87 30.67
C06 C14 WA . -53.63 5.81 29.76
C07 C14 WA . -53.78 6.89 28.70
C08 C14 WA . -52.45 7.05 27.97
C09 C14 WA . -51.48 7.77 28.89
C10 C14 WA . -50.11 7.83 28.23
C11 C14 WA . -50.20 8.60 26.92
C12 C14 WA . -48.84 9.22 26.59
C13 C14 WA . -47.79 8.13 26.48
C14 C14 WA . -46.55 8.71 25.80
C01 C14 XA . -45.05 -9.73 21.36
C02 C14 XA . -44.28 -8.54 20.79
C03 C14 XA . -42.91 -9.01 20.30
C04 C14 XA . -42.26 -7.89 19.49
C05 C14 XA . -40.89 -8.33 18.98
C06 C14 XA . -40.40 -7.33 17.95
C07 C14 XA . -38.88 -7.39 17.84
C08 C14 XA . -38.48 -8.71 17.20
C09 C14 XA . -37.40 -8.43 16.16
C10 C14 XA . -37.07 -9.72 15.40
C11 C14 XA . -35.57 -9.82 15.14
C12 C14 XA . -35.08 -8.61 14.34
C13 C14 XA . -33.56 -8.61 14.31
C14 C14 XA . -33.07 -7.22 13.95
C01 C14 YA . -59.37 -27.21 24.20
C02 C14 YA . -59.28 -26.25 23.03
C03 C14 YA . -58.70 -24.92 23.50
C04 C14 YA . -57.21 -24.89 23.16
C05 C14 YA . -56.82 -23.44 22.86
C06 C14 YA . -55.41 -23.43 22.29
C07 C14 YA . -55.29 -22.30 21.26
C08 C14 YA . -54.61 -21.10 21.91
C09 C14 YA . -53.18 -20.98 21.42
C10 C14 YA . -53.11 -19.91 20.34
C11 C14 YA . -51.68 -19.36 20.23
C12 C14 YA . -50.78 -20.42 19.61
C13 C14 YA . -49.51 -19.76 19.07
C14 C14 YA . -48.77 -20.75 18.18
C01 C14 ZA . -55.35 -21.26 36.64
C02 C14 ZA . -55.01 -19.80 36.38
C03 C14 ZA . -53.65 -19.46 36.99
C04 C14 ZA . -52.59 -19.53 35.91
C05 C14 ZA . -51.51 -18.50 36.22
C06 C14 ZA . -50.57 -18.38 35.03
C07 C14 ZA . -50.07 -16.96 34.92
C08 C14 ZA . -48.68 -16.85 35.53
C09 C14 ZA . -47.64 -16.73 34.42
C10 C14 ZA . -47.23 -15.28 34.27
C11 C14 ZA . -45.84 -15.19 33.63
C12 C14 ZA . -45.94 -15.57 32.15
C13 C14 ZA . -44.72 -15.05 31.40
C14 C14 ZA . -44.97 -15.17 29.91
C01 C14 AB . -53.26 -18.16 32.40
C02 C14 AB . -52.56 -17.35 31.32
C03 C14 AB . -51.06 -17.61 31.39
C04 C14 AB . -50.38 -17.04 30.16
C05 C14 AB . -50.52 -15.52 30.15
C06 C14 AB . -49.28 -14.89 29.52
C07 C14 AB . -49.42 -13.37 29.46
C08 C14 AB . -49.77 -12.82 30.85
C09 C14 AB . -49.47 -11.33 30.91
C10 C14 AB . -47.97 -11.10 30.85
C11 C14 AB . -47.52 -10.20 32.01
C12 C14 AB . -47.92 -10.83 33.35
C13 C14 AB . -46.84 -10.53 34.38
C14 C14 AB . -46.18 -11.84 34.81
C01 C14 BB . -40.07 9.92 22.41
C02 C14 BB . -38.74 10.68 22.54
C03 C14 BB . -38.08 10.80 21.17
C04 C14 BB . -36.59 11.08 21.34
C05 C14 BB . -36.00 11.40 19.98
C06 C14 BB . -34.79 12.29 20.19
C07 C14 BB . -34.33 12.83 18.84
C08 C14 BB . -33.07 13.65 19.02
C09 C14 BB . -32.55 14.05 17.66
C10 C14 BB . -31.21 14.77 17.81
C11 C14 BB . -30.82 15.27 16.43
C12 C14 BB . -29.54 16.09 16.56
C13 C14 BB . -29.31 16.84 15.26
C14 C14 BB . -28.03 17.67 15.38
C01 C14 CB . -41.97 12.16 27.42
C02 C14 CB . -41.58 13.12 26.31
C03 C14 CB . -40.07 13.07 26.07
C04 C14 CB . -39.74 13.67 24.71
C05 C14 CB . -38.22 13.78 24.56
C06 C14 CB . -37.88 14.46 23.25
C07 C14 CB . -37.42 15.88 23.53
C08 C14 CB . -35.91 15.99 23.30
C09 C14 CB . -35.65 16.56 21.91
C10 C14 CB . -34.17 16.91 21.81
C11 C14 CB . -33.94 17.92 20.71
C12 C14 CB . -32.50 18.41 20.76
C13 C14 CB . -32.19 19.28 19.55
C14 C14 CB . -32.95 20.60 19.66
C01 C14 DB . -42.95 11.28 32.93
C02 C14 DB . -41.76 12.22 32.83
C03 C14 DB . -40.98 11.92 31.55
C04 C14 DB . -39.90 12.98 31.34
C05 C14 DB . -39.08 12.63 30.10
C06 C14 DB . -38.33 13.85 29.59
C07 C14 DB . -37.08 14.08 30.43
C08 C14 DB . -36.17 15.08 29.71
C09 C14 DB . -35.62 14.46 28.43
C10 C14 DB . -34.99 15.54 27.56
C11 C14 DB . -33.47 15.52 27.70
C12 C14 DB . -32.85 16.24 26.50
C13 C14 DB . -31.34 16.31 26.66
C14 C14 DB . -30.74 17.00 25.42
C01 C14 EB . -20.52 1.41 38.42
C02 C14 EB . -19.96 0.88 37.10
C03 C14 EB . -19.72 2.04 36.15
C04 C14 EB . -18.63 2.95 36.70
C05 C14 EB . -17.96 3.66 35.52
C06 C14 EB . -16.86 4.55 36.06
C07 C14 EB . -16.01 5.06 34.90
C08 C14 EB . -14.89 5.91 35.50
C09 C14 EB . -13.88 6.23 34.42
C10 C14 EB . -12.74 7.04 35.05
C11 C14 EB . -11.74 7.46 33.98
C12 C14 EB . -10.82 8.52 34.55
C13 C14 EB . -9.91 9.01 33.42
C14 C14 EB . -9.10 7.84 32.87
C01 C14 FB . -23.22 4.19 45.72
C02 C14 FB . -22.70 3.86 44.33
C03 C14 FB . -21.17 3.92 44.30
C04 C14 FB . -20.67 3.66 42.89
C05 C14 FB . -19.16 3.87 42.82
C06 C14 FB . -18.78 4.25 41.39
C07 C14 FB . -17.36 4.82 41.38
C08 C14 FB . -17.17 5.66 40.12
C09 C14 FB . -15.96 6.56 40.30
C10 C14 FB . -15.79 7.43 39.05
C11 C14 FB . -14.66 8.43 39.26
C12 C14 FB . -13.36 7.68 39.53
C13 C14 FB . -12.32 8.65 40.08
C14 C14 FB . -11.20 7.86 40.76
C01 C14 GB . -33.60 -13.33 55.09
C02 C14 GB . -32.84 -12.53 54.03
C03 C14 GB . -33.79 -12.12 52.91
C04 C14 GB . -33.03 -11.31 51.85
C05 C14 GB . -34.02 -10.86 50.77
C06 C14 GB . -33.35 -9.82 49.87
C07 C14 GB . -33.46 -8.43 50.51
C08 C14 GB . -33.18 -7.34 49.48
C09 C14 GB . -31.72 -7.36 49.08
C10 C14 GB . -31.45 -6.12 48.23
C11 C14 GB . -29.95 -5.99 47.91
C12 C14 GB . -29.72 -4.58 47.38
C13 C14 GB . -28.24 -4.38 47.09
C14 C14 GB . -27.89 -5.07 45.77
C01 C14 HB . -34.85 -8.59 56.50
C02 C14 HB . -33.63 -8.89 55.66
C03 C14 HB . -32.67 -7.72 55.76
C04 C14 HB . -31.63 -7.82 54.64
C05 C14 HB . -30.57 -6.74 54.87
C06 C14 HB . -29.92 -6.36 53.55
C07 C14 HB . -29.66 -4.86 53.55
C08 C14 HB . -28.74 -4.52 52.38
C09 C14 HB . -27.34 -5.00 52.73
C10 C14 HB . -26.42 -4.78 51.53
C11 C14 HB . -26.37 -3.29 51.18
C12 C14 HB . -25.05 -2.97 50.48
C13 C14 HB . -24.92 -3.80 49.21
C14 C14 HB . -23.82 -3.22 48.34
C01 C14 IB . -34.77 -11.60 35.25
C02 C14 IB . -33.62 -10.62 35.05
C03 C14 IB . -32.98 -10.84 33.68
C04 C14 IB . -32.03 -9.69 33.38
C05 C14 IB . -31.37 -9.90 32.01
C06 C14 IB . -30.67 -8.62 31.60
C07 C14 IB . -29.58 -8.93 30.59
C08 C14 IB . -30.22 -9.35 29.27
C09 C14 IB . -29.49 -8.64 28.12
C10 C14 IB . -30.20 -8.93 26.81
C11 C14 IB . -29.18 -9.15 25.70
C12 C14 IB . -28.31 -7.91 25.54
C13 C14 IB . -27.16 -8.24 24.60
C14 C14 IB . -26.04 -7.21 24.79
C01 C14 JB . -43.26 -23.15 42.17
C02 C14 JB . -42.52 -22.00 41.49
C03 C14 JB . -41.50 -22.56 40.51
C04 C14 JB . -40.95 -21.44 39.64
C05 C14 JB . -40.18 -20.44 40.50
C06 C14 JB . -39.02 -19.87 39.70
C07 C14 JB . -38.24 -18.84 40.53
C08 C14 JB . -37.83 -19.46 41.87
C09 C14 JB . -36.71 -18.63 42.49
C10 C14 JB . -35.44 -18.78 41.68
C11 C14 JB . -34.28 -19.18 42.58
C12 C14 JB . -34.60 -20.49 43.32
C13 C14 JB . -33.34 -21.33 43.48
C14 C14 JB . -33.50 -22.62 42.67
C01 C14 KB . -36.22 -36.23 39.71
C02 C14 KB . -35.14 -35.17 39.45
C03 C14 KB . -34.94 -35.02 37.95
C04 C14 KB . -34.08 -33.79 37.66
C05 C14 KB . -32.69 -33.99 38.25
C06 C14 KB . -31.66 -33.31 37.36
C07 C14 KB . -30.25 -33.45 37.94
C08 C14 KB . -29.95 -34.93 38.21
C09 C14 KB . -28.45 -35.14 38.35
C10 C14 KB . -27.77 -34.92 37.00
C11 C14 KB . -26.87 -36.12 36.66
C12 C14 KB . -27.71 -37.39 36.64
C13 C14 KB . -27.18 -38.33 35.55
C14 C14 KB . -28.25 -38.49 34.48
C01 C14 LB . -19.01 -1.41 42.99
C02 C14 LB . -17.52 -1.34 42.66
C03 C14 LB . -17.29 -0.38 41.50
C04 C14 LB . -15.95 -0.68 40.84
C05 C14 LB . -15.66 0.41 39.82
C06 C14 LB . -14.15 0.53 39.67
C07 C14 LB . -13.83 1.77 38.85
C08 C14 LB . -12.33 1.84 38.62
C09 C14 LB . -12.05 3.00 37.69
C10 C14 LB . -10.57 3.03 37.34
C11 C14 LB . -10.32 4.28 36.52
C12 C14 LB . -8.83 4.40 36.25
C13 C14 LB . -8.53 5.78 35.70
C14 C14 LB . -7.04 5.91 35.43
C01 C14 MB . -17.86 -3.36 48.35
C02 C14 MB . -17.26 -2.01 47.92
C03 C14 MB . -16.21 -2.21 46.84
C04 C14 MB . -15.94 -0.90 46.11
C05 C14 MB . -14.76 -1.07 45.17
C06 C14 MB . -14.44 0.27 44.52
C07 C14 MB . -13.16 0.83 45.14
C08 C14 MB . -12.02 0.72 44.14
C09 C14 MB . -11.83 2.05 43.44
C10 C14 MB . -10.52 2.01 42.66
C11 C14 MB . -10.02 3.42 42.38
C12 C14 MB . -8.62 3.34 41.78
C13 C14 MB . -8.18 4.72 41.31
C14 C14 MB . -7.96 5.63 42.52
C01 C14 NB . -17.73 -7.82 51.82
C02 C14 NB . -16.27 -7.44 51.52
C03 C14 NB . -16.18 -6.84 50.12
C04 C14 NB . -14.78 -6.27 49.89
C05 C14 NB . -14.69 -5.75 48.46
C06 C14 NB . -13.52 -4.78 48.32
C07 C14 NB . -12.21 -5.56 48.19
C08 C14 NB . -11.11 -4.62 47.72
C09 C14 NB . -11.39 -4.14 46.30
C10 C14 NB . -10.49 -2.97 45.94
C11 C14 NB . -9.31 -3.43 45.09
C12 C14 NB . -8.71 -2.23 44.36
C13 C14 NB . -7.47 -2.65 43.57
C14 C14 NB . -6.93 -1.44 42.82
C01 C14 OB . -5.08 -22.92 36.39
C02 C14 OB . -5.30 -22.40 34.98
C03 C14 OB . -4.67 -21.02 34.84
C04 C14 OB . -3.16 -21.11 35.00
C05 C14 OB . -2.53 -19.94 34.26
C06 C14 OB . -1.01 -20.04 34.38
C07 C14 OB . -0.36 -19.05 33.41
C08 C14 OB . 1.14 -19.23 33.55
C09 C14 OB . 1.84 -18.45 32.45
C10 C14 OB . 3.35 -18.68 32.59
C11 C14 OB . 4.08 -17.86 31.53
C12 C14 OB . 5.57 -17.82 31.88
C13 C14 OB . 6.26 -16.89 30.90
C14 C14 OB . 6.05 -17.39 29.47
C01 C14 PB . -3.66 -25.99 43.94
C02 C14 PB . -3.80 -25.29 42.60
C03 C14 PB . -2.60 -25.58 41.70
C04 C14 PB . -2.73 -24.81 40.40
C05 C14 PB . -1.47 -24.97 39.56
C06 C14 PB . -1.31 -23.76 38.65
C07 C14 PB . 0.11 -23.72 38.11
C08 C14 PB . 0.43 -22.30 37.64
C09 C14 PB . 1.93 -22.14 37.48
C10 C14 PB . 2.25 -20.72 37.05
C11 C14 PB . 3.76 -20.50 37.03
C12 C14 PB . 4.39 -21.46 36.04
C13 C14 PB . 5.91 -21.51 36.25
C14 C14 PB . 6.47 -22.76 35.59
C01 C14 QB . -19.52 -41.55 46.90
C02 C14 QB . -18.75 -40.44 46.19
C03 C14 QB . -19.52 -39.13 46.30
C04 C14 QB . -18.73 -38.00 45.61
C05 C14 QB . -19.50 -36.69 45.75
C06 C14 QB . -18.61 -35.52 45.34
C07 C14 QB . -17.71 -35.11 46.51
C08 C14 QB . -17.12 -33.72 46.28
C09 C14 QB . -16.11 -33.77 45.14
C10 C14 QB . -15.39 -32.43 45.08
C11 C14 QB . -14.25 -32.45 44.08
C12 C14 QB . -13.37 -31.23 44.33
C13 C14 QB . -12.19 -31.22 43.37
C14 C14 QB . -12.65 -30.75 41.99
C01 C14 RB . -17.36 -39.35 50.96
C02 C14 RB . -16.80 -39.19 49.55
C03 C14 RB . -15.34 -38.75 49.64
C04 C14 RB . -14.89 -38.23 48.29
C05 C14 RB . -13.39 -37.96 48.35
C06 C14 RB . -13.00 -36.89 47.34
C07 C14 RB . -11.91 -36.02 47.95
C08 C14 RB . -11.32 -35.15 46.86
C09 C14 RB . -10.42 -36.02 45.99
C10 C14 RB . -9.90 -35.20 44.82
C11 C14 RB . -9.07 -34.03 45.34
C12 C14 RB . -8.05 -33.61 44.29
C13 C14 RB . -8.77 -33.21 43.01
C14 C14 RB . -7.80 -32.45 42.10
C01 C14 SB . -24.46 -25.42 36.26
C02 C14 SB . -23.06 -24.92 35.95
C03 C14 SB . -23.05 -24.20 34.61
C04 C14 SB . -21.72 -23.47 34.45
C05 C14 SB . -21.69 -22.73 33.11
C06 C14 SB . -20.50 -21.78 33.11
C07 C14 SB . -20.09 -21.47 31.67
C08 C14 SB . -21.18 -20.60 31.02
C09 C14 SB . -20.49 -19.48 30.24
C10 C14 SB . -21.55 -18.52 29.70
C11 C14 SB . -21.17 -18.06 28.30
C12 C14 SB . -19.81 -17.37 28.32
C13 C14 SB . -19.35 -17.14 26.88
C14 C14 SB . -17.86 -16.90 26.86
C01 C14 TB . -45.59 -27.77 44.43
C02 C14 TB . -44.55 -26.73 44.82
C03 C14 TB . -43.15 -27.29 44.56
C04 C14 TB . -42.65 -26.77 43.22
C05 C14 TB . -41.14 -26.62 43.30
C06 C14 TB . -40.65 -25.87 42.06
C07 C14 TB . -39.45 -25.00 42.43
C08 C14 TB . -38.17 -25.71 42.04
C09 C14 TB . -37.59 -25.05 40.79
C10 C14 TB . -36.45 -24.13 41.19
C11 C14 TB . -35.50 -23.91 40.01
C12 C14 TB . -36.18 -23.02 38.98
C13 C14 TB . -35.12 -22.43 38.05
C14 C14 TB . -35.76 -21.32 37.22
C01 C14 UB . 11.08 10.10 -40.73
C02 C14 UB . 11.21 9.80 -39.23
C03 C14 UB . 9.85 10.01 -38.57
C04 C14 UB . 8.85 9.00 -39.10
C05 C14 UB . 7.78 8.77 -38.04
C06 C14 UB . 6.79 7.74 -38.54
C07 C14 UB . 5.88 7.31 -37.39
C08 C14 UB . 4.94 6.24 -37.95
C09 C14 UB . 4.19 5.59 -36.81
C10 C14 UB . 3.28 4.50 -37.38
C11 C14 UB . 2.44 3.89 -36.26
C12 C14 UB . 1.33 3.07 -36.88
C13 C14 UB . 0.43 2.55 -35.75
C14 C14 UB . 1.25 1.72 -34.78
C01 C14 VB . 10.50 11.38 -48.87
C02 C14 VB . 10.43 11.16 -47.37
C03 C14 VB . 10.00 9.73 -47.06
C04 C14 VB . 9.87 9.54 -45.55
C05 C14 VB . 9.31 8.16 -45.23
C06 C14 VB . 8.57 8.21 -43.90
C07 C14 VB . 7.70 6.98 -43.76
C08 C14 VB . 6.61 7.24 -42.73
C09 C14 VB . 5.51 6.21 -42.88
C10 C14 VB . 4.40 6.50 -41.87
C11 C14 VB . 3.22 5.56 -42.09
C12 C14 VB . 3.70 4.11 -41.90
C13 C14 VB . 2.64 3.16 -42.46
C14 C14 VB . 3.27 1.79 -42.69
C01 C14 WB . 31.43 15.87 -55.52
C02 C14 WB . 30.29 15.55 -54.56
C03 C14 WB . 29.89 16.81 -53.79
C04 C14 WB . 28.73 16.49 -52.84
C05 C14 WB . 28.32 17.76 -52.11
C06 C14 WB . 27.00 17.54 -51.38
C07 C14 WB . 25.83 17.74 -52.35
C08 C14 WB . 24.52 17.91 -51.59
C09 C14 WB . 24.12 16.61 -50.90
C10 C14 WB . 22.71 16.78 -50.34
C11 C14 WB . 22.18 15.45 -49.80
C12 C14 WB . 20.68 15.61 -49.59
C13 C14 WB . 20.09 14.31 -49.06
C14 C14 WB . 20.40 14.17 -47.58
C01 C14 XB . 27.49 17.57 -58.28
C02 C14 XB . 27.32 16.55 -57.16
C03 C14 XB . 26.00 15.82 -57.35
C04 C14 XB . 25.65 15.08 -56.06
C05 C14 XB . 24.41 14.22 -56.33
C06 C14 XB . 23.64 13.98 -55.04
C07 C14 XB . 22.15 13.99 -55.36
C08 C14 XB . 21.39 13.47 -54.16
C09 C14 XB . 21.59 11.96 -54.09
C10 C14 XB . 20.94 11.42 -52.82
C11 C14 XB . 19.44 11.72 -52.85
C12 C14 XB . 18.70 10.69 -52.00
C13 C14 XB . 19.20 10.74 -50.57
C14 C14 XB . 18.23 9.99 -49.68
C01 C14 YB . 26.12 22.15 -37.35
C02 C14 YB . 24.87 21.27 -37.17
C03 C14 YB . 24.68 20.95 -35.69
C04 C14 YB . 23.31 20.32 -35.49
C05 C14 YB . 23.08 20.00 -34.02
C06 C14 YB . 21.61 19.65 -33.82
C07 C14 YB . 21.46 18.80 -32.56
C08 C14 YB . 21.74 19.66 -31.33
C09 C14 YB . 20.68 19.38 -30.27
C10 C14 YB . 20.86 20.32 -29.09
C11 C14 YB . 20.61 19.58 -27.78
C12 C14 YB . 19.19 19.01 -27.76
C13 C14 YB . 19.06 18.08 -26.56
C14 C14 YB . 17.88 17.15 -26.78
C01 C14 ZB . 40.31 39.70 -40.37
C02 C14 ZB . 38.78 39.70 -40.41
C03 C14 ZB . 38.27 38.32 -40.81
C04 C14 ZB . 37.89 37.55 -39.55
C05 C14 ZB . 36.72 36.63 -39.89
C06 C14 ZB . 36.15 36.05 -38.60
C07 C14 ZB . 34.65 35.85 -38.74
C08 C14 ZB . 34.35 34.40 -39.08
C09 C14 ZB . 33.78 33.70 -37.84
C10 C14 ZB . 32.27 33.59 -37.98
C11 C14 ZB . 31.74 32.45 -37.12
C12 C14 ZB . 31.84 32.84 -35.64
C13 C14 ZB . 30.92 31.94 -34.81
C14 C14 ZB . 30.79 32.53 -33.41
C01 C14 AC . 40.62 26.72 -42.79
C02 C14 AC . 39.23 26.38 -42.30
C03 C14 AC . 39.34 25.55 -41.02
C04 C14 AC . 37.96 25.44 -40.36
C05 C14 AC . 37.02 24.66 -41.28
C06 C14 AC . 36.04 23.84 -40.42
C07 C14 AC . 35.06 23.08 -41.32
C08 C14 AC . 35.82 22.25 -42.34
C09 C14 AC . 34.91 21.18 -42.93
C10 C14 AC . 34.61 20.13 -41.85
C11 C14 AC . 34.92 18.73 -42.38
C12 C14 AC . 36.38 18.64 -42.81
C13 C14 AC . 36.93 17.26 -42.50
C14 C14 AC . 38.02 17.37 -41.44
C01 C14 BC . 3.71 34.07 -31.93
C02 C14 BC . 2.72 32.91 -31.96
C03 C14 BC . 2.17 32.65 -30.56
C04 C14 BC . 1.62 31.23 -30.48
C05 C14 BC . 0.90 31.07 -29.15
C06 C14 BC . -0.18 30.01 -29.31
C07 C14 BC . -1.06 30.01 -28.08
C08 C14 BC . -2.08 28.90 -28.19
C09 C14 BC . -2.85 28.81 -26.89
C10 C14 BC . -3.80 27.62 -26.93
C11 C14 BC . -4.64 27.67 -25.66
C12 C14 BC . -5.68 26.56 -25.74
C13 C14 BC . -6.72 26.79 -24.64
C14 C14 BC . -7.75 25.68 -24.69
C01 C14 CC . 3.00 34.99 -37.62
C02 C14 CC . 1.77 35.06 -36.73
C03 C14 CC . 1.44 33.68 -36.17
C04 C14 CC . 0.52 33.80 -34.96
C05 C14 CC . 0.06 32.41 -34.54
C06 C14 CC . -0.94 32.53 -33.39
C07 C14 CC . -2.34 32.26 -33.92
C08 C14 CC . -2.81 30.90 -33.41
C09 C14 CC . -3.70 31.10 -32.19
C10 C14 CC . -4.37 29.77 -31.87
C11 C14 CC . -5.63 30.00 -31.03
C12 C14 CC . -6.40 28.68 -30.90
C13 C14 CC . -7.54 28.85 -29.91
C14 C14 CC . -8.60 29.77 -30.50
C01 C14 DC . 5.18 34.39 -42.82
C02 C14 DC . 4.00 33.43 -42.71
C03 C14 DC . 3.85 32.96 -41.26
C04 C14 DC . 2.56 32.16 -41.09
C05 C14 DC . 2.47 31.63 -39.67
C06 C14 DC . 1.03 31.25 -39.33
C07 C14 DC . 0.71 29.88 -39.92
C08 C14 DC . -0.59 29.37 -39.31
C09 C14 DC . -0.38 29.07 -37.83
C10 C14 DC . -1.73 28.87 -37.13
C11 C14 DC . -2.00 27.38 -36.94
C12 C14 DC . -3.08 27.21 -35.86
C13 C14 DC . -3.45 25.73 -35.71
C14 C14 DC . -4.49 25.60 -34.60
C01 C14 EC . 14.34 7.04 -44.08
C02 C14 EC . 13.87 5.72 -43.49
C03 C14 EC . 12.67 5.95 -42.57
C04 C14 EC . 12.51 4.78 -41.61
C05 C14 EC . 11.21 4.94 -40.85
C06 C14 EC . 10.72 3.56 -40.44
C07 C14 EC . 9.30 3.68 -39.91
C08 C14 EC . 8.84 2.32 -39.42
C09 C14 EC . 7.49 2.49 -38.75
C10 C14 EC . 7.06 1.16 -38.13
C11 C14 EC . 5.64 1.34 -37.61
C12 C14 EC . 5.14 0.01 -37.10
C13 C14 EC . 3.64 0.11 -36.85
C14 C14 EC . 3.12 -1.22 -36.34
C01 C14 FC . 17.00 4.28 -48.45
C02 C14 FC . 15.49 4.07 -48.27
C03 C14 FC . 15.22 3.29 -46.99
C04 C14 FC . 13.77 3.45 -46.56
C05 C14 FC . 13.47 2.52 -45.39
C06 C14 FC . 12.00 2.61 -45.04
C07 C14 FC . 11.30 1.35 -45.51
C08 C14 FC . 10.93 0.47 -44.32
C09 C14 FC . 9.48 0.70 -43.93
C10 C14 FC . 9.07 -0.36 -42.92
C11 C14 FC . 7.56 -0.52 -42.90
C12 C14 FC . 7.19 -1.72 -42.04
C13 C14 FC . 5.68 -1.78 -41.84
C14 C14 FC . 5.01 -2.13 -43.17
C01 C14 GC . 21.91 2.52 -50.64
C02 C14 GC . 21.16 1.27 -50.16
C03 C14 GC . 20.28 1.64 -48.97
C04 C14 GC . 19.37 0.47 -48.60
C05 C14 GC . 18.57 0.82 -47.35
C06 C14 GC . 17.35 -0.10 -47.23
C07 C14 GC . 17.76 -1.44 -46.66
C08 C14 GC . 16.53 -2.21 -46.23
C09 C14 GC . 15.86 -1.51 -45.05
C10 C14 GC . 14.46 -2.08 -44.81
C11 C14 GC . 14.47 -3.08 -43.66
C12 C14 GC . 13.04 -3.26 -43.14
C13 C14 GC . 13.00 -4.32 -42.05
C14 C14 GC . 11.57 -4.44 -41.53
C01 C14 HC . 30.63 -8.21 -29.72
C02 C14 HC . 29.90 -7.57 -28.55
C03 C14 HC . 28.42 -7.89 -28.64
C04 C14 HC . 28.19 -9.38 -28.46
C05 C14 HC . 26.79 -9.60 -27.92
C06 C14 HC . 26.57 -11.10 -27.71
C07 C14 HC . 25.29 -11.31 -26.92
C08 C14 HC . 25.15 -12.80 -26.70
C09 C14 HC . 24.02 -13.07 -25.71
C10 C14 HC . 23.92 -14.58 -25.47
C11 C14 HC . 22.75 -14.87 -24.54
C12 C14 HC . 22.46 -16.36 -24.58
C13 C14 HC . 21.21 -16.63 -23.75
C14 C14 HC . 21.45 -16.16 -22.32
C01 C14 IC . 34.79 -11.97 -35.80
C02 C14 IC . 33.88 -11.37 -34.73
C03 C14 IC . 33.70 -12.36 -33.57
C04 C14 IC . 32.73 -11.77 -32.56
C05 C14 IC . 32.43 -12.80 -31.47
C06 C14 IC . 31.05 -12.51 -30.88
C07 C14 IC . 30.59 -13.73 -30.09
C08 C14 IC . 29.07 -13.66 -29.94
C09 C14 IC . 28.54 -15.03 -29.53
C10 C14 IC . 27.03 -14.99 -29.42
C11 C14 IC . 26.48 -16.39 -29.15
C12 C14 IC . 27.05 -16.91 -27.84
C13 C14 IC . 26.80 -18.41 -27.73
C14 C14 IC . 27.73 -19.00 -26.68
C01 C14 JC . 53.79 -0.25 -37.87
C02 C14 JC . 52.41 -0.63 -37.33
C03 C14 JC . 51.35 0.31 -37.92
C04 C14 JC . 49.97 -0.08 -37.39
C05 C14 JC . 48.92 0.85 -38.00
C06 C14 JC . 47.52 0.30 -37.73
C07 C14 JC . 47.17 -0.76 -38.76
C08 C14 JC . 45.66 -1.04 -38.78
C09 C14 JC . 45.24 -1.73 -37.48
C10 C14 JC . 43.79 -2.17 -37.62
C11 C14 JC . 43.36 -3.01 -36.43
C12 C14 JC . 42.05 -3.70 -36.80
C13 C14 JC . 41.57 -4.58 -35.65
C14 C14 JC . 40.95 -3.71 -34.56
C01 C14 KC . 52.04 -2.94 -41.83
C02 C14 KC . 51.47 -3.10 -40.43
C03 C14 KC . 50.74 -4.44 -40.34
C04 C14 KC . 49.86 -4.44 -39.09
C05 C14 KC . 49.28 -5.83 -38.92
C06 C14 KC . 47.97 -5.77 -38.16
C07 C14 KC . 47.02 -6.80 -38.74
C08 C14 KC . 45.83 -6.96 -37.80
C09 C14 KC . 46.29 -7.75 -36.58
C10 C14 KC . 45.15 -7.82 -35.57
C11 C14 KC . 43.95 -8.53 -36.19
C12 C14 KC . 43.10 -9.17 -35.10
C13 C14 KC . 42.62 -8.10 -34.12
C14 C14 KC . 41.51 -8.68 -33.27
C01 C14 LC . 37.35 9.88 -32.85
C02 C14 LC . 36.49 8.69 -32.41
C03 C14 LC . 35.53 9.14 -31.31
C04 C14 LC . 34.51 8.04 -31.08
C05 C14 LC . 33.52 8.47 -29.99
C06 C14 LC . 32.35 7.49 -29.98
C07 C14 LC . 31.66 7.53 -28.62
C08 C14 LC . 30.95 8.86 -28.43
C09 C14 LC . 29.57 8.60 -27.85
C10 C14 LC . 28.78 9.90 -27.79
C11 C14 LC . 27.96 9.97 -26.50
C12 C14 LC . 27.00 8.80 -26.42
C13 C14 LC . 26.38 8.76 -25.02
C14 C14 LC . 25.82 7.36 -24.77
C01 C14 MC . 46.02 27.59 -44.24
C02 C14 MC . 44.87 26.67 -44.66
C03 C14 MC . 45.05 25.32 -43.99
C04 C14 MC . 44.16 25.26 -42.76
C05 C14 MC . 43.69 23.82 -42.56
C06 C14 MC . 42.61 23.79 -41.48
C07 C14 MC . 41.59 22.71 -41.82
C08 C14 MC . 41.90 21.46 -41.00
C09 C14 MC . 40.88 21.33 -39.87
C10 C14 MC . 39.83 20.30 -40.25
C11 C14 MC . 39.17 19.72 -39.01
C12 C14 MC . 38.26 20.78 -38.38
C13 C14 MC . 37.27 20.10 -37.44
C14 C14 MC . 36.18 21.12 -37.06
C01 C14 NC . 50.76 18.42 -35.77
C02 C14 NC . 49.47 17.64 -35.57
C03 C14 NC . 48.97 17.85 -34.15
C04 C14 NC . 47.55 17.30 -34.01
C05 C14 NC . 47.55 15.80 -34.23
C06 C14 NC . 46.48 15.15 -33.34
C07 C14 NC . 46.44 13.65 -33.56
C08 C14 NC . 47.84 13.04 -33.37
C09 C14 NC . 47.74 11.54 -33.15
C10 C14 NC . 47.09 11.27 -31.79
C11 C14 NC . 47.97 10.30 -30.99
C12 C14 NC . 49.37 10.89 -30.81
C13 C14 NC . 49.91 10.51 -29.44
C14 C14 NC . 50.09 11.78 -28.61
C01 C14 OC . 35.84 -9.92 -28.64
C02 C14 OC . 35.43 -10.72 -27.40
C03 C14 OC . 33.90 -10.81 -27.33
C04 C14 OC . 33.48 -11.12 -25.90
C05 C14 OC . 31.98 -11.41 -25.89
C06 C14 OC . 31.68 -12.34 -24.73
C07 C14 OC . 30.24 -12.84 -24.86
C08 C14 OC . 29.90 -13.70 -23.66
C09 C14 OC . 28.43 -14.05 -23.72
C10 C14 OC . 28.03 -14.80 -22.46
C11 C14 OC . 26.59 -15.26 -22.64
C12 C14 OC . 26.21 -16.12 -21.45
C13 C14 OC . 24.89 -16.81 -21.77
C14 C14 OC . 24.48 -17.68 -20.58
C01 C14 PC . 41.13 -12.33 -28.55
C02 C14 PC . 39.92 -13.25 -28.67
C03 C14 PC . 39.13 -13.23 -27.36
C04 C14 PC . 37.71 -13.78 -27.60
C05 C14 PC . 37.00 -13.92 -26.27
C06 C14 PC . 35.64 -14.54 -26.49
C07 C14 PC . 35.67 -16.00 -26.01
C08 C14 PC . 34.88 -16.13 -24.73
C09 C14 PC . 33.48 -16.65 -25.04
C10 C14 PC . 32.81 -17.03 -23.72
C11 C14 PC . 31.67 -18.01 -23.99
C12 C14 PC . 31.15 -18.53 -22.65
C13 C14 PC . 29.88 -19.36 -22.87
C14 C14 PC . 30.25 -20.65 -23.58
C01 C14 QC . 46.62 -11.64 -27.31
C02 C14 QC . 46.03 -12.61 -26.28
C03 C14 QC . 44.56 -12.29 -26.04
C04 C14 QC . 43.92 -13.36 -25.17
C05 C14 QC . 42.47 -12.97 -24.88
C06 C14 QC . 41.67 -14.19 -24.44
C07 C14 QC . 41.96 -14.49 -22.97
C08 C14 QC . 40.92 -15.49 -22.45
C09 C14 QC . 39.55 -14.84 -22.42
C10 C14 QC . 38.46 -15.89 -22.21
C11 C14 QC . 38.00 -15.91 -20.76
C12 C14 QC . 36.64 -16.60 -20.67
C13 C14 QC . 36.19 -16.72 -19.22
C14 C14 QC . 34.81 -17.37 -19.17
C01 C14 RC . 43.24 -2.40 -4.13
C02 C14 RC . 41.83 -1.82 -4.09
C03 C14 RC . 40.82 -2.95 -4.29
C04 C14 RC . 40.88 -3.91 -3.11
C05 C14 RC . 39.53 -4.60 -2.97
C06 C14 RC . 39.57 -5.55 -1.78
C07 C14 RC . 38.16 -6.03 -1.47
C08 C14 RC . 38.27 -6.93 -0.25
C09 C14 RC . 36.87 -7.24 0.27
C10 C14 RC . 37.01 -8.11 1.52
C11 C14 RC . 35.62 -8.50 2.01
C12 C14 RC . 35.75 -9.62 3.04
C13 C14 RC . 34.35 -10.09 3.43
C14 C14 RC . 33.56 -8.92 4.01
C01 C14 SC . 50.93 -5.41 -3.96
C02 C14 SC . 49.46 -5.04 -4.00
C03 C14 SC . 48.86 -5.15 -2.60
C04 C14 SC . 47.36 -4.83 -2.66
C05 C14 SC . 46.71 -5.09 -1.31
C06 C14 SC . 45.24 -5.41 -1.51
C07 C14 SC . 44.68 -6.04 -0.24
C08 C14 SC . 43.41 -6.81 -0.57
C09 C14 SC . 43.08 -7.76 0.57
C10 C14 SC . 41.84 -8.57 0.21
C11 C14 SC . 41.58 -9.63 1.29
C12 C14 SC . 41.34 -8.93 2.62
C13 C14 SC . 41.43 -9.95 3.75
C14 C14 SC . 41.65 -9.23 5.08
C01 C14 TC . 64.06 11.99 -9.20
C02 C14 TC . 62.77 11.22 -8.93
C03 C14 TC . 62.09 10.88 -10.26
C04 C14 TC . 60.80 10.09 -10.00
C05 C14 TC . 60.16 9.72 -11.33
C06 C14 TC . 59.05 8.70 -11.11
C07 C14 TC . 59.63 7.30 -11.04
C08 C14 TC . 58.55 6.24 -11.22
C09 C14 TC . 57.62 6.23 -10.02
C10 C14 TC . 56.69 5.03 -10.15
C11 C14 TC . 55.83 4.86 -8.89
C12 C14 TC . 55.21 3.47 -8.94
C13 C14 TC . 54.35 3.24 -7.70
C14 C14 TC . 53.03 3.98 -7.84
C01 C14 UC . 65.72 7.23 -10.04
C02 C14 UC . 64.48 7.53 -9.21
C03 C14 UC . 64.16 6.32 -8.33
C04 C14 UC . 62.74 6.44 -7.80
C05 C14 UC . 62.51 5.32 -6.79
C06 C14 UC . 61.03 4.99 -6.70
C07 C14 UC . 60.89 3.48 -6.53
C08 C14 UC . 59.46 3.16 -6.14
C09 C14 UC . 59.25 3.58 -4.69
C10 C14 UC . 57.79 3.38 -4.31
C11 C14 UC . 57.41 1.92 -4.45
C12 C14 UC . 56.24 1.58 -3.52
C13 C14 UC . 55.04 2.47 -3.86
C14 C14 UC . 53.80 1.89 -3.19
C01 C14 VC . 46.14 11.17 -17.90
C02 C14 VC . 45.48 10.17 -16.96
C03 C14 VC . 43.98 10.43 -16.88
C04 C14 VC . 43.30 9.28 -16.17
C05 C14 VC . 41.80 9.52 -16.08
C06 C14 VC . 41.12 8.23 -15.65
C07 C14 VC . 39.77 8.55 -15.00
C08 C14 VC . 38.81 9.05 -16.08
C09 C14 VC . 37.46 8.38 -15.87
C10 C14 VC . 36.51 8.75 -17.02
C11 C14 VC . 35.10 8.98 -16.49
C12 C14 VC . 34.59 7.72 -15.81
C13 C14 VC . 33.29 8.06 -15.08
C14 C14 VC . 33.02 6.99 -14.02
C01 C14 WC . 55.56 21.39 -35.95
C02 C14 WC . 55.15 19.93 -35.81
C03 C14 WC . 55.18 19.52 -34.34
C04 C14 WC . 53.78 19.61 -33.76
C05 C14 WC . 53.63 18.54 -32.68
C06 C14 WC . 52.16 18.44 -32.28
C07 C14 WC . 51.83 16.99 -31.92
C08 C14 WC . 51.86 16.82 -30.41
C09 C14 WC . 50.43 16.74 -29.89
C10 C14 WC . 50.09 15.27 -29.61
C11 C14 WC . 48.96 15.17 -28.59
C12 C14 WC . 47.66 15.61 -29.22
C13 C14 WC . 46.48 15.10 -28.40
C14 C14 WC . 45.19 15.29 -29.20
C01 C14 XC . 56.16 22.61 -22.85
C02 C14 XC . 55.23 21.46 -22.48
C03 C14 XC . 53.94 22.03 -21.89
C04 C14 XC . 52.89 20.93 -21.76
C05 C14 XC . 53.37 19.89 -20.75
C06 C14 XC . 52.17 19.31 -20.00
C07 C14 XC . 52.61 18.25 -19.02
C08 C14 XC . 53.70 18.80 -18.10
C09 C14 XC . 53.83 17.93 -16.86
C10 C14 XC . 52.59 18.09 -15.99
C11 C14 XC . 52.99 18.42 -14.55
C12 C14 XC . 53.82 19.71 -14.53
C13 C14 XC . 53.50 20.51 -13.27
C14 C14 XC . 52.84 21.83 -13.68
C01 C14 YC . 46.97 0.17 -0.87
C02 C14 YC . 46.09 0.07 0.38
C03 C14 YC . 44.90 -0.85 0.10
C04 C14 YC . 43.79 -0.56 1.10
C05 C14 YC . 42.71 -1.61 0.95
C06 C14 YC . 41.99 -1.76 2.27
C07 C14 YC . 41.08 -2.98 2.20
C08 C14 YC . 40.29 -3.09 3.50
C09 C14 YC . 39.28 -4.22 3.34
C10 C14 YC . 38.40 -4.26 4.58
C11 C14 YC . 37.50 -5.50 4.44
C12 C14 YC . 36.68 -5.64 5.72
C13 C14 YC . 36.03 -7.01 5.71
C14 C14 YC . 35.20 -7.18 6.98
C01 C14 ZC . 51.53 1.84 2.32
C02 C14 ZC . 50.88 0.50 2.65
C03 C14 ZC . 49.48 0.72 3.22
C04 C14 ZC . 48.67 -0.58 3.13
C05 C14 ZC . 47.35 -0.40 3.87
C06 C14 ZC . 46.59 -1.72 3.86
C07 C14 ZC . 46.66 -2.34 5.25
C08 C14 ZC . 45.30 -2.22 5.93
C09 C14 ZC . 44.54 -3.53 5.78
C10 C14 ZC . 43.33 -3.49 6.69
C11 C14 ZC . 42.83 -4.90 6.98
C12 C14 ZC . 41.74 -4.84 8.05
C13 C14 ZC . 41.10 -6.22 8.22
C14 C14 ZC . 42.10 -7.17 8.85
C01 C14 AD . 54.82 6.14 3.98
C02 C14 AD . 53.99 5.73 5.17
C03 C14 AD . 52.64 5.18 4.70
C04 C14 AD . 51.87 4.59 5.88
C05 C14 AD . 50.50 4.14 5.40
C06 C14 AD . 49.89 3.14 6.38
C07 C14 AD . 49.30 3.87 7.57
C08 C14 AD . 48.42 2.91 8.38
C09 C14 AD . 47.19 2.52 7.56
C10 C14 AD . 46.49 1.34 8.19
C11 C14 AD . 45.26 1.81 8.98
C12 C14 AD . 44.33 0.61 9.20
C13 C14 AD . 43.14 1.03 10.07
C14 C14 AD . 42.20 -0.17 10.24
C01 C14 BD . 36.08 21.70 10.12
C02 C14 BD . 34.86 21.24 9.35
C03 C14 BD . 34.46 19.85 9.83
C04 C14 BD . 34.02 19.89 11.29
C05 C14 BD . 33.06 18.74 11.54
C06 C14 BD . 32.59 18.80 12.99
C07 C14 BD . 31.43 17.84 13.18
C08 C14 BD . 30.98 17.97 14.63
C09 C14 BD . 29.67 17.22 14.83
C10 C14 BD . 29.22 17.41 16.28
C11 C14 BD . 27.94 16.60 16.52
C12 C14 BD . 27.70 16.52 18.01
C13 C14 BD . 26.49 15.61 18.25
C14 C14 BD . 25.28 16.16 17.52
C01 C14 CD . 42.57 24.48 14.44
C02 C14 CD . 41.37 23.82 13.77
C03 C14 CD . 40.09 24.12 14.54
C04 C14 CD . 38.91 23.40 13.89
C05 C14 CD . 37.66 23.56 14.75
C06 C14 CD . 36.73 22.38 14.49
C07 C14 CD . 35.68 22.33 15.59
C08 C14 CD . 35.09 20.92 15.64
C09 C14 CD . 34.37 20.73 16.97
C10 C14 CD . 33.81 19.31 17.05
C11 C14 CD . 33.21 19.06 18.43
C12 C14 CD . 32.06 20.04 18.66
C13 C14 CD . 31.68 20.05 20.13
C14 C14 CD . 30.89 21.31 20.45
C01 C14 DD . 51.78 40.28 1.49
C02 C14 DD . 50.82 39.18 1.90
C03 C14 DD . 51.17 37.88 1.19
C04 C14 DD . 50.21 36.76 1.61
C05 C14 DD . 50.61 35.47 0.91
C06 C14 DD . 49.85 34.29 1.53
C07 C14 DD . 50.59 33.82 2.78
C08 C14 DD . 50.10 32.42 3.20
C09 C14 DD . 48.66 32.49 3.69
C10 C14 DD . 48.31 31.13 4.29
C11 C14 DD . 46.93 31.17 4.96
C12 C14 DD . 46.80 29.92 5.81
C13 C14 DD . 45.46 29.91 6.53
C14 C14 DD . 44.37 29.50 5.55
C01 C14 ED . 54.65 37.89 4.98
C02 C14 ED . 53.12 37.77 4.95
C03 C14 ED . 52.64 37.29 6.30
C04 C14 ED . 51.20 36.81 6.18
C05 C14 ED . 50.67 36.49 7.58
C06 C14 ED . 49.56 35.46 7.51
C07 C14 ED . 49.70 34.53 8.72
C08 C14 ED . 48.43 33.69 8.83
C09 C14 ED . 47.31 34.58 9.34
C10 C14 ED . 46.01 33.79 9.35
C11 C14 ED . 46.14 32.57 10.27
C12 C14 ED . 44.76 32.17 10.79
C13 C14 ED . 43.84 31.83 9.61
C14 C14 ED . 42.63 31.09 10.14
C01 C14 FD . 43.51 24.64 -7.72
C02 C14 FD . 42.67 24.13 -6.56
C03 C14 FD . 41.42 23.46 -7.10
C04 C14 FD . 40.73 22.70 -5.96
C05 C14 FD . 39.47 22.01 -6.47
C06 C14 FD . 38.98 21.04 -5.41
C07 C14 FD . 37.49 20.76 -5.60
C08 C14 FD . 37.29 19.95 -6.88
C09 C14 FD . 36.28 18.84 -6.59
C10 C14 FD . 36.17 17.92 -7.80
C11 C14 FD . 34.72 17.49 -8.02
C12 C14 FD . 34.20 16.77 -6.78
C13 C14 FD . 32.69 16.58 -6.92
C14 C14 FD . 32.09 16.31 -5.55
C01 C14 GD . 59.26 27.19 -23.98
C02 C14 GD . 59.19 26.12 -22.90
C03 C14 GD . 58.43 26.66 -21.70
C04 C14 GD . 56.98 26.18 -21.77
C05 C14 GD . 56.46 25.98 -20.34
C06 C14 GD . 55.12 25.26 -20.39
C07 C14 GD . 54.98 24.36 -19.18
C08 C14 GD . 54.13 25.05 -18.13
C09 C14 GD . 52.75 24.42 -18.10
C10 C14 GD . 52.66 23.46 -16.91
C11 C14 GD . 51.20 23.26 -16.50
C12 C14 GD . 50.48 22.42 -17.56
C13 C14 GD . 49.20 21.84 -16.96
C14 C14 GD . 48.66 20.78 -17.91
C01 C14 HD . 53.57 39.77 -20.00
C02 C14 HD . 53.11 39.61 -18.54
C03 C14 HD . 51.68 40.11 -18.41
C04 C14 HD . 50.72 38.92 -18.46
C05 C14 HD . 49.53 39.23 -17.57
C06 C14 HD . 48.69 37.96 -17.41
C07 C14 HD . 48.06 37.94 -16.03
C08 C14 HD . 46.61 38.41 -16.11
C09 C14 HD . 45.69 37.21 -15.98
C10 C14 HD . 45.13 37.17 -14.55
C11 C14 HD . 43.81 36.40 -14.52
C12 C14 HD . 44.08 34.92 -14.74
C13 C14 HD . 42.88 34.10 -14.25
C14 C14 HD . 43.28 32.63 -14.19
C01 C14 ID . 51.58 35.65 -16.67
C02 C14 ID . 50.90 34.58 -15.82
C03 C14 ID . 49.42 34.49 -16.22
C04 C14 ID . 48.80 33.25 -15.59
C05 C14 ID . 48.81 33.40 -14.06
C06 C14 ID . 47.57 32.71 -13.48
C07 C14 ID . 47.56 32.82 -11.96
C08 C14 ID . 47.72 34.27 -11.53
C09 C14 ID . 47.27 34.45 -10.09
C10 C14 ID . 45.75 34.25 -9.99
C11 C14 ID . 45.13 35.45 -9.26
C12 C14 ID . 45.45 36.74 -9.99
C13 C14 ID . 44.27 37.69 -9.90
C14 C14 ID . 43.70 37.92 -11.31
C01 C14 JD . 36.39 27.18 11.11
C02 C14 JD . 34.99 27.25 11.73
C03 C14 JD . 34.45 25.84 11.94
C04 C14 JD . 32.94 25.87 12.05
C05 C14 JD . 32.44 24.50 12.47
C06 C14 JD . 31.14 24.67 13.22
C07 C14 JD . 30.76 23.34 13.85
C08 C14 JD . 29.40 23.48 14.53
C09 C14 JD . 28.98 22.10 15.02
C10 C14 JD . 27.57 22.19 15.58
C11 C14 JD . 27.24 20.84 16.20
C12 C14 JD . 25.89 20.92 16.87
C13 C14 JD . 25.70 19.68 17.74
C14 C14 JD . 24.33 19.75 18.43
C01 C14 KD . 37.57 32.57 12.95
C02 C14 KD . 37.19 31.53 13.99
C03 C14 KD . 35.72 31.12 13.82
C04 C14 KD . 35.45 29.79 14.53
C05 C14 KD . 33.95 29.51 14.51
C06 C14 KD . 33.68 28.24 15.31
C07 C14 KD . 33.04 28.62 16.63
C08 C14 KD . 31.56 28.24 16.62
C09 C14 KD . 31.38 26.90 17.32
C10 C14 KD . 29.88 26.68 17.53
C11 C14 KD . 29.65 25.67 18.65
C12 C14 KD . 28.16 25.62 18.97
C13 C14 KD . 27.88 24.48 19.95
C14 C14 KD . 28.49 24.81 21.31
C01 C14 LD . 38.12 38.02 11.55
C02 C14 LD . 36.84 37.91 12.37
C03 C14 LD . 36.23 36.52 12.15
C04 C14 LD . 35.07 36.31 13.12
C05 C14 LD . 34.41 34.96 12.83
C06 C14 LD . 33.59 34.50 14.03
C07 C14 LD . 32.25 35.22 14.04
C08 C14 LD . 31.30 34.53 15.03
C09 C14 LD . 30.95 33.13 14.51
C10 C14 LD . 30.29 32.31 15.62
C11 C14 LD . 28.78 32.28 15.43
C12 C14 LD . 28.20 31.12 16.22
C13 C14 LD . 26.68 31.11 16.13
C14 C14 LD . 26.13 29.90 16.89
C01 C14 MD . 16.62 40.18 -0.89
C02 C14 MD . 16.24 38.77 -1.33
C03 C14 MD . 15.97 37.91 -0.10
C04 C14 MD . 14.75 38.43 0.64
C05 C14 MD . 14.13 37.28 1.41
C06 C14 MD . 12.89 37.78 2.14
C07 C14 MD . 12.10 36.60 2.68
C08 C14 MD . 10.87 37.15 3.35
C09 C14 MD . 9.91 36.02 3.70
C10 C14 MD . 8.66 36.61 4.33
C11 C14 MD . 7.73 35.48 4.76
C12 C14 MD . 6.65 36.05 5.68
C13 C14 MD . 5.80 34.89 6.20
C14 C14 MD . 5.17 34.14 5.02
C01 C14 ND . 18.35 47.95 1.34
C02 C14 ND . 17.99 46.48 1.11
C03 C14 ND . 16.47 46.32 1.03
C04 C14 ND . 16.13 44.84 0.88
C05 C14 ND . 14.62 44.63 0.96
C06 C14 ND . 14.33 43.22 1.44
C07 C14 ND . 12.88 43.13 1.89
C08 C14 ND . 12.72 41.94 2.83
C09 C14 ND . 11.41 42.07 3.60
C10 C14 ND . 11.27 40.90 4.56
C11 C14 ND . 10.03 41.10 5.44
C12 C14 ND . 8.79 41.15 4.55
C13 C14 ND . 7.62 41.69 5.36
C14 C14 ND . 6.52 42.17 4.40
C01 C14 OD . 29.54 56.59 -16.06
C02 C14 OD . 28.80 55.54 -15.23
C03 C14 OD . 29.81 54.57 -14.61
C04 C14 OD . 29.07 53.52 -13.77
C05 C14 OD . 30.09 52.60 -13.12
C06 C14 OD . 29.42 51.74 -12.05
C07 C14 OD . 29.33 52.52 -10.74
C08 C14 OD . 29.04 51.58 -9.57
C09 C14 OD . 27.62 51.02 -9.68
C10 C14 OD . 27.30 50.27 -8.40
C11 C14 OD . 25.84 49.82 -8.36
C12 C14 OD . 25.51 49.41 -6.94
C13 C14 OD . 24.06 48.98 -6.83
C14 C14 OD . 23.89 47.58 -7.41
C01 C14 PD . 30.18 58.58 -11.40
C02 C14 PD . 29.07 57.58 -11.72
C03 C14 PD . 27.98 57.70 -10.65
C04 C14 PD . 27.07 56.48 -10.74
C05 C14 PD . 25.91 56.70 -9.78
C06 C14 PD . 25.33 55.37 -9.33
C07 C14 PD . 24.92 55.48 -7.86
C08 C14 PD . 24.09 54.27 -7.50
C09 C14 PD . 22.71 54.42 -8.13
C10 C14 PD . 21.89 53.16 -7.86
C11 C14 PD . 21.72 52.96 -6.36
C12 C14 PD . 20.45 52.17 -6.09
C13 C14 PD . 20.53 50.81 -6.79
C14 C14 PD . 19.44 49.90 -6.23
C01 C14 QD . 32.33 37.23 -12.14
C02 C14 QD . 31.11 37.01 -11.26
C03 C14 QD . 30.63 35.57 -11.40
C04 C14 QD . 29.60 35.28 -10.32
C05 C14 QD . 29.10 33.85 -10.44
C06 C14 QD . 28.30 33.50 -9.18
C07 C14 QD . 27.35 32.35 -9.48
C08 C14 QD . 28.14 31.07 -9.70
C09 C14 QD . 27.46 29.94 -8.96
C10 C14 QD . 28.31 28.67 -9.04
C11 C14 QD . 27.42 27.44 -9.22
C12 C14 QD . 26.45 27.31 -8.06
C13 C14 QD . 25.43 26.24 -8.39
C14 C14 QD . 24.20 26.43 -7.50
C01 C14 RD . 41.16 43.89 -23.78
C02 C14 RD . 40.38 43.26 -22.63
C03 C14 RD . 39.52 42.13 -23.18
C04 C14 RD . 38.94 41.32 -22.03
C05 C14 RD . 38.00 42.20 -21.20
C06 C14 RD . 36.86 41.34 -20.65
C07 C14 RD . 35.92 42.18 -19.80
C08 C14 RD . 35.45 43.40 -20.58
C09 C14 RD . 34.20 43.99 -19.94
C10 C14 RD . 33.02 43.04 -20.12
C11 C14 RD . 31.83 43.78 -20.72
C12 C14 RD . 32.22 44.40 -22.06
C13 C14 RD . 31.04 44.34 -23.01
C14 C14 RD . 31.39 43.42 -24.19
C01 C14 SD . 36.04 39.30 -36.70
C02 C14 SD . 34.89 39.03 -35.72
C03 C14 SD . 34.81 37.54 -35.43
C04 C14 SD . 33.85 37.30 -34.27
C05 C14 SD . 32.44 37.72 -34.65
C06 C14 SD . 31.43 36.79 -33.97
C07 C14 SD . 30.00 37.20 -34.32
C08 C14 SD . 29.83 37.30 -35.84
C09 C14 SD . 28.36 37.27 -36.20
C10 C14 SD . 27.78 35.88 -35.90
C11 C14 SD . 27.05 35.34 -37.13
C12 C14 SD . 28.01 35.27 -38.32
C13 C14 SD . 27.69 34.05 -39.18
C14 C14 SD . 28.86 33.09 -39.12
C01 C14 TD . 14.99 44.28 -4.29
C02 C14 TD . 13.54 43.82 -4.33
C03 C14 TD . 13.33 42.73 -3.29
C04 C14 TD . 12.09 41.91 -3.64
C05 C14 TD . 11.77 40.98 -2.48
C06 C14 TD . 10.28 40.69 -2.48
C07 C14 TD . 9.92 39.97 -1.19
C08 C14 TD . 8.45 39.60 -1.22
C09 C14 TD . 8.14 38.75 -0.01
C10 C14 TD . 6.70 38.26 -0.08
C11 C14 TD . 6.39 37.54 1.22
C12 C14 TD . 4.94 37.13 1.23
C13 C14 TD . 4.55 36.70 2.64
C14 C14 TD . 3.09 36.29 2.66
C01 C14 UD . 13.56 49.28 -6.90
C02 C14 UD . 12.88 48.94 -5.58
C03 C14 UD . 11.94 47.74 -5.76
C04 C14 UD . 11.61 47.12 -4.40
C05 C14 UD . 10.55 46.04 -4.58
C06 C14 UD . 10.15 45.49 -3.21
C07 C14 UD . 8.78 46.03 -2.84
C08 C14 UD . 7.74 44.93 -2.95
C09 C14 UD . 7.49 44.34 -1.57
C10 C14 UD . 6.27 43.43 -1.65
C11 C14 UD . 5.66 43.23 -0.27
C12 C14 UD . 4.33 42.49 -0.41
C13 C14 UD . 3.80 42.11 0.97
C14 C14 UD . 3.37 43.37 1.72
C01 C14 VD . 13.56 52.29 -11.70
C02 C14 VD . 12.11 51.88 -11.42
C03 C14 VD . 12.08 50.54 -10.69
C04 C14 VD . 10.67 50.22 -10.22
C05 C14 VD . 10.64 48.84 -9.56
C06 C14 VD . 9.40 48.69 -8.70
C07 C14 VD . 8.20 48.35 -9.57
C08 C14 VD . 7.06 47.87 -8.69
C09 C14 VD . 7.41 46.52 -8.05
C10 C14 VD . 6.43 46.19 -6.93
C11 C14 VD . 5.40 45.19 -7.41
C12 C14 VD . 4.74 44.52 -6.20
C13 C14 VD . 3.64 43.57 -6.64
C14 C14 VD . 3.03 42.89 -5.41
C01 C14 WD . 3.86 34.25 -26.35
C02 C14 WD . 4.16 32.92 -25.66
C03 C14 WD . 3.41 32.86 -24.33
C04 C14 WD . 1.92 32.85 -24.57
C05 C14 WD . 1.24 32.17 -23.40
C06 C14 WD . -0.26 32.11 -23.65
C07 C14 WD . -0.92 31.20 -22.62
C08 C14 WD . -2.41 31.16 -22.94
C09 C14 WD . -3.07 30.08 -22.12
C10 C14 WD . -4.55 30.03 -22.49
C11 C14 WD . -5.27 28.99 -21.62
C12 C14 WD . -6.77 29.18 -21.76
C13 C14 WD . -7.46 28.24 -20.79
C14 C14 WD . -7.08 26.80 -21.11
C01 C14 XD . 2.05 41.25 -30.36
C02 C14 XD . 2.26 40.01 -29.50
C03 C14 XD . 1.18 38.97 -29.80
C04 C14 XD . 1.36 37.76 -28.88
C05 C14 XD . 0.19 36.79 -29.06
C06 C14 XD . 0.01 36.00 -27.78
C07 C14 XD . -1.36 35.32 -27.81
C08 C14 XD . -1.77 34.96 -26.38
C09 C14 XD . -3.26 34.67 -26.34
C10 C14 XD . -3.68 34.36 -24.90
C11 C14 XD . -5.20 34.20 -24.83
C12 C14 XD . -5.63 33.05 -25.73
C13 C14 XD . -7.15 33.10 -25.93
C14 C14 XD . -7.52 32.26 -27.15
C01 C14 YD . 19.07 44.23 -44.66
C02 C14 YD . 18.24 43.57 -43.55
C03 C14 YD . 18.87 43.89 -42.19
C04 C14 YD . 18.04 43.24 -41.08
C05 C14 YD . 18.66 43.59 -39.72
C06 C14 YD . 17.69 43.21 -38.60
C07 C14 YD . 16.66 44.32 -38.40
C08 C14 YD . 15.95 44.17 -37.06
C09 C14 YD . 15.06 42.93 -37.07
C10 C14 YD . 14.22 42.94 -35.80
C11 C14 YD . 13.18 41.82 -35.82
C12 C14 YD . 12.17 42.10 -34.72
C13 C14 YD . 11.10 41.03 -34.71
C14 C14 YD . 11.64 39.77 -34.04
C01 C14 ZD . 16.31 48.25 -43.14
C02 C14 ZD . 15.88 46.82 -42.86
C03 C14 ZD . 14.38 46.80 -42.57
C04 C14 ZD . 14.01 45.46 -41.94
C05 C14 ZD . 12.50 45.40 -41.82
C06 C14 ZD . 12.09 44.46 -40.69
C07 C14 ZD . 10.88 45.05 -39.99
C08 C14 ZD . 10.29 44.00 -39.06
C09 C14 ZD . 9.58 42.95 -39.91
C10 C14 ZD . 9.08 41.82 -39.01
C11 C14 ZD . 8.10 42.37 -37.99
C12 C14 ZD . 7.15 41.27 -37.54
C13 C14 ZD . 7.93 40.12 -36.94
C14 C14 ZD . 6.98 39.20 -36.18
C01 C14 AE . 23.33 35.86 -27.07
C02 C14 AE . 21.91 35.46 -26.66
C03 C14 AE . 21.95 34.21 -25.80
C04 C14 AE . 20.58 33.99 -25.18
C05 C14 AE . 20.60 32.74 -24.30
C06 C14 AE . 19.33 32.70 -23.48
C07 C14 AE . 19.03 31.27 -23.04
C08 C14 AE . 20.07 30.83 -22.02
C09 C14 AE . 19.36 30.10 -20.88
C10 C14 AE . 20.36 29.77 -19.77
C11 C14 AE . 20.07 28.40 -19.19
C12 C14 AE . 18.65 28.34 -18.63
C13 C14 AE . 18.32 26.90 -18.28
C14 C14 AE . 16.80 26.75 -18.19
C01 C14 BE . 43.73 45.91 -28.40
C02 C14 BE . 42.55 46.28 -27.51
C03 C14 BE . 41.26 45.82 -28.16
C04 C14 BE . 40.83 44.50 -27.55
C05 C14 BE . 39.30 44.43 -27.53
C06 C14 BE . 38.86 43.24 -26.70
C07 C14 BE . 37.55 43.57 -25.99
C08 C14 BE . 36.39 42.97 -26.76
C09 C14 BE . 35.87 41.74 -26.02
C10 C14 BE . 34.61 42.13 -25.26
C11 C14 BE . 33.75 40.89 -25.00
C12 C14 BE . 34.43 40.01 -23.95
C13 C14 BE . 33.41 39.05 -23.34
C14 C14 BE . 34.02 38.39 -22.10
#